data_7LXN
#
_entry.id   7LXN
#
loop_
_entity.id
_entity.type
_entity.pdbx_description
1 polymer 'HIV-1 Env glycoprotein gp120'
2 polymer 'HIV-1 Env glycoprotein gp41'
3 polymer 'PGT122 Fab heavy chain'
4 polymer 'PGT122 Fab light chain'
5 branched alpha-D-mannopyranose-(1-6)-alpha-D-mannopyranose-(1-3)-alpha-D-mannopyranose-(1-6)-[alpha-D-mannopyranose-(1-2)-alpha-D-mannopyranose-(1-3)]beta-D-mannopyranose-(1-4)-2-acetamido-2-deoxy-beta-D-glucopyranose-(1-4)-2-acetamido-2-deoxy-beta-D-glucopyranose
6 branched 2-acetamido-2-deoxy-beta-D-glucopyranose-(1-4)-2-acetamido-2-deoxy-beta-D-glucopyranose
7 branched alpha-D-mannopyranose-(1-2)-alpha-D-mannopyranose-(1-3)-[alpha-D-mannopyranose-(1-6)-alpha-D-mannopyranose-(1-6)]beta-D-mannopyranose-(1-4)-2-acetamido-2-deoxy-beta-D-glucopyranose-(1-4)-2-acetamido-2-deoxy-beta-D-glucopyranose
8 branched alpha-D-mannopyranose-(1-6)-beta-D-mannopyranose-(1-4)-2-acetamido-2-deoxy-beta-D-glucopyranose-(1-4)-2-acetamido-2-deoxy-beta-D-glucopyranose
9 branched alpha-D-mannopyranose-(1-2)-alpha-D-mannopyranose-(1-2)-alpha-D-mannopyranose-(1-3)-[alpha-D-mannopyranose-(1-3)-[alpha-D-mannopyranose-(1-6)]alpha-D-mannopyranose-(1-6)]beta-D-mannopyranose-(1-4)-2-acetamido-2-deoxy-beta-D-glucopyranose-(1-4)-2-acetamido-2-deoxy-beta-D-glucopyranose
10 branched beta-D-mannopyranose-(1-4)-2-acetamido-2-deoxy-beta-D-glucopyranose-(1-4)-2-acetamido-2-deoxy-beta-D-glucopyranose
11 non-polymer 2-acetamido-2-deoxy-beta-D-glucopyranose
#
loop_
_entity_poly.entity_id
_entity_poly.type
_entity_poly.pdbx_seq_one_letter_code
_entity_poly.pdbx_strand_id
1 'polypeptide(L)'
;MDAMKRGLCCVLLLCGAVFVSPSQEIHARFRRGARAENLWVTVYYGVPVWKDAETTLFCASDAKAYDTEKRNVWATHCCV
PTDPNPQEIVLENVTENFNMWKNNMVEQMHTDIISLWDQSLKPCVKLTPLCVTLNCTDVNATNNTTNNEEIKNCSFNITT
ELRDKKKKVYALFYKLDVVPIDDNNSYRLINCNTSAITQACPKVSFEPIPIHYCAPAGFAILKCNDKKFNGTGPCKNVST
VQCTHGIKPVVSTQLLLNGSLAEEEIIIRSENITNNAKTIIVQLNESVEINCTRPNNNTRKSIRIGPGQWFYATGDIIGD
IRQAHCNISRTKWNKTLQQVAKKLREHFNKTIIFNPSSGGDLEITTHSFNCGGEFFYCNTSELFNSTWNGTNNTITLPCR
IKQIINMWQRVGQAMYAPPIEGKIRCTSNITGLLLTRDGGNNNTETFRPGGGDMRDNWRSELYKYKVVKIEPLGVAPTRC
KRRVVERRRRRR
;
A,C,E
2 'polypeptide(L)'
;AVGIGAVFLGFLGAAGSTMGAASMTLTVQARNLLSGIVQQQSNLLRAPECQQHLLQLTVWGIKQLQARVLAVERYLKDQQ
LLGIWGCSGKLICCTNVPWNSSWSNKSQDEIWDNMTWMEWDKEINNYTDIIYSLIEESQNQQEKNEQELLALD
;
B,D,F
3 'polypeptide(L)'
;QVHLQESGPGLVKPSETLSLTCNVSGTLVRDNYWSWIRQPLGKQPEWIGYVHDSGDTNYNPSLKSRVHLSLDKSKNLVSL
RLTGVTAADSAIYYCATTKHGRRIYGVVAFKEWFTYFYMDVWGKGTSVTVSSASTKGPSVFPLAPSSKSTSGGTAALGCL
VKDYFPEPVTVSWNSGALTSGVHTFPAVLQSSGLYSLSSVVTVPSSSLGTQTYICNVNHKPSNTKVDKRVEPKSC
;
H,I,J
4 'polypeptide(L)'
;APTFVSVAPGQTARITCGEESLGSRSVIWYQQRPGQAPSLIIYNNNDRPSGIPDRFSGSPGSTFGTTATLTITSVEAGDE
ADYYCHIWDSRRPTNWVFGEGTTLIVLSQPKAAPSVTLFPPSSEELQANKATLVCLISDFYPGAVTVAWKADSSPVKAGV
ETTTPSKQSNNKYAASSYLSLTPEQWKSHKSYSCQVTHEGSTVEKTVAPTECS
;
L,M,N
#
loop_
_chem_comp.id
_chem_comp.type
_chem_comp.name
_chem_comp.formula
BMA D-saccharide, beta linking beta-D-mannopyranose 'C6 H12 O6'
MAN D-saccharide, alpha linking alpha-D-mannopyranose 'C6 H12 O6'
NAG D-saccharide, beta linking 2-acetamido-2-deoxy-beta-D-glucopyranose 'C8 H15 N O6'
#
# COMPACT_ATOMS: atom_id res chain seq x y z
N GLU A 37 45.43 -55.95 8.51
CA GLU A 37 45.46 -54.52 8.20
C GLU A 37 44.95 -54.30 6.80
N ASN A 38 44.20 -55.27 6.32
CA ASN A 38 43.62 -55.19 4.99
C ASN A 38 42.35 -54.37 5.06
N LEU A 39 42.56 -53.07 5.27
CA LEU A 39 41.51 -52.09 5.47
C LEU A 39 41.18 -51.28 4.23
N TRP A 40 39.89 -51.32 3.91
CA TRP A 40 39.21 -50.73 2.75
C TRP A 40 38.18 -49.70 3.13
N VAL A 41 37.92 -48.75 2.23
CA VAL A 41 36.90 -47.77 2.51
C VAL A 41 35.50 -48.33 2.50
N THR A 42 34.80 -48.05 3.60
CA THR A 42 33.40 -48.40 3.71
C THR A 42 32.63 -47.14 4.00
N VAL A 43 31.58 -46.96 3.24
CA VAL A 43 30.71 -45.83 3.33
C VAL A 43 29.58 -46.05 4.30
N TYR A 44 29.39 -45.11 5.20
CA TYR A 44 28.32 -45.21 6.15
C TYR A 44 27.32 -44.09 5.97
N TYR A 45 26.05 -44.45 6.04
CA TYR A 45 24.98 -43.49 5.99
C TYR A 45 24.02 -43.63 7.13
N GLY A 46 23.81 -42.51 7.80
CA GLY A 46 22.98 -42.46 8.98
C GLY A 46 23.88 -42.29 10.19
N VAL A 47 25.09 -41.80 9.94
CA VAL A 47 26.04 -41.61 10.99
C VAL A 47 25.58 -40.49 11.94
N PRO A 48 25.47 -40.73 13.25
CA PRO A 48 24.96 -39.79 14.23
C PRO A 48 25.94 -38.70 14.62
N VAL A 49 26.28 -37.85 13.67
CA VAL A 49 27.18 -36.71 13.94
C VAL A 49 26.57 -35.41 13.46
N TRP A 50 27.12 -34.31 13.98
CA TRP A 50 26.61 -32.99 13.64
C TRP A 50 27.60 -31.86 13.65
N LYS A 51 27.16 -30.75 13.05
CA LYS A 51 27.89 -29.50 12.99
C LYS A 51 27.02 -28.33 13.36
N ASP A 52 27.64 -27.28 13.88
CA ASP A 52 26.91 -26.09 14.24
C ASP A 52 26.24 -25.51 13.01
N ALA A 53 25.03 -24.97 13.18
CA ALA A 53 24.35 -24.44 12.02
C ALA A 53 23.41 -23.30 12.33
N GLU A 54 23.10 -22.54 11.29
CA GLU A 54 22.10 -21.51 11.40
C GLU A 54 20.97 -21.78 10.43
N THR A 55 19.79 -21.99 10.98
CA THR A 55 18.64 -22.26 10.14
C THR A 55 17.44 -21.53 10.64
N THR A 56 16.33 -21.76 9.97
CA THR A 56 15.08 -21.16 10.33
C THR A 56 14.29 -22.11 11.21
N LEU A 57 13.89 -21.66 12.37
CA LEU A 57 13.12 -22.46 13.29
C LEU A 57 11.67 -22.08 13.14
N PHE A 58 10.77 -22.93 13.55
CA PHE A 58 9.38 -22.58 13.41
C PHE A 58 8.63 -22.50 14.72
N CYS A 59 7.56 -21.73 14.66
CA CYS A 59 6.62 -21.59 15.76
C CYS A 59 5.85 -22.85 16.03
N ALA A 60 5.72 -23.14 17.29
CA ALA A 60 4.85 -24.19 17.73
C ALA A 60 4.23 -23.70 19.02
N SER A 61 3.04 -24.17 19.32
CA SER A 61 2.39 -23.75 20.55
C SER A 61 1.66 -24.88 21.23
N ASP A 62 1.88 -25.02 22.52
CA ASP A 62 1.21 -26.05 23.27
C ASP A 62 -0.20 -25.58 23.60
N ALA A 63 -0.31 -24.27 23.74
CA ALA A 63 -1.54 -23.62 24.08
C ALA A 63 -2.40 -23.29 22.86
N LYS A 64 -3.48 -24.04 22.75
CA LYS A 64 -4.50 -23.90 21.70
C LYS A 64 -5.83 -23.62 22.38
N ALA A 65 -5.73 -23.25 23.66
CA ALA A 65 -6.85 -22.95 24.56
C ALA A 65 -7.69 -21.75 24.14
N TYR A 66 -7.03 -20.76 23.55
CA TYR A 66 -7.68 -19.54 23.13
C TYR A 66 -8.30 -19.70 21.76
N ASP A 67 -9.32 -18.91 21.53
CA ASP A 67 -10.00 -18.90 20.26
C ASP A 67 -9.31 -17.96 19.27
N THR A 68 -9.91 -17.83 18.09
CA THR A 68 -9.38 -17.04 16.99
C THR A 68 -10.04 -15.67 16.92
N GLU A 69 -10.84 -15.36 17.94
CA GLU A 69 -11.57 -14.09 18.01
C GLU A 69 -10.79 -13.09 18.87
N LYS A 70 -9.97 -13.58 19.80
CA LYS A 70 -9.22 -12.69 20.69
C LYS A 70 -7.99 -12.11 19.99
N ARG A 71 -7.59 -12.73 18.90
CA ARG A 71 -6.47 -12.29 18.06
C ARG A 71 -5.16 -12.00 18.75
N ASN A 72 -4.65 -12.95 19.51
CA ASN A 72 -3.37 -12.69 20.13
C ASN A 72 -2.33 -12.52 19.04
N VAL A 73 -1.51 -11.51 19.17
CA VAL A 73 -0.49 -11.24 18.17
C VAL A 73 0.49 -12.38 17.97
N TRP A 74 0.73 -13.22 18.99
CA TRP A 74 1.67 -14.30 18.78
C TRP A 74 1.02 -15.58 18.37
N ALA A 75 -0.26 -15.56 18.18
CA ALA A 75 -0.93 -16.72 17.70
C ALA A 75 -0.96 -16.50 16.21
N THR A 76 -0.08 -17.16 15.46
CA THR A 76 -0.02 -16.82 14.05
C THR A 76 -1.17 -17.48 13.36
N HIS A 77 -1.66 -18.54 14.01
CA HIS A 77 -2.72 -19.43 13.54
C HIS A 77 -2.31 -20.13 12.26
N CYS A 78 -0.99 -20.12 12.03
CA CYS A 78 -0.34 -20.75 10.93
C CYS A 78 0.63 -21.77 11.49
N CYS A 79 0.74 -21.82 12.82
CA CYS A 79 1.68 -22.72 13.44
C CYS A 79 1.03 -23.85 14.19
N VAL A 80 1.76 -24.95 14.18
CA VAL A 80 1.39 -26.24 14.71
C VAL A 80 1.31 -26.32 16.21
N PRO A 81 0.53 -27.25 16.75
CA PRO A 81 0.49 -27.58 18.13
C PRO A 81 1.77 -28.29 18.47
N THR A 82 2.21 -28.19 19.69
CA THR A 82 3.36 -28.98 20.08
C THR A 82 2.93 -30.37 20.42
N ASP A 83 3.90 -31.26 20.48
CA ASP A 83 3.70 -32.61 20.95
C ASP A 83 3.47 -32.49 22.44
N PRO A 84 2.32 -32.90 23.00
CA PRO A 84 1.99 -32.78 24.42
C PRO A 84 2.91 -33.62 25.29
N ASN A 85 3.60 -34.58 24.70
CA ASN A 85 4.50 -35.43 25.42
C ASN A 85 5.82 -35.54 24.66
N PRO A 86 6.61 -34.47 24.60
CA PRO A 86 7.80 -34.34 23.78
C PRO A 86 8.86 -35.26 24.32
N GLN A 87 9.73 -35.71 23.45
CA GLN A 87 10.77 -36.63 23.85
C GLN A 87 12.14 -36.05 24.00
N GLU A 88 12.62 -36.03 25.23
CA GLU A 88 13.94 -35.53 25.54
C GLU A 88 14.88 -36.71 25.69
N ILE A 89 15.93 -36.69 24.88
CA ILE A 89 16.89 -37.79 24.85
C ILE A 89 18.26 -37.43 25.36
N VAL A 90 18.69 -38.11 26.39
CA VAL A 90 19.99 -37.79 26.96
C VAL A 90 21.10 -38.36 26.15
N LEU A 91 22.10 -37.55 25.82
CA LEU A 91 23.21 -38.04 25.06
C LEU A 91 24.33 -38.27 26.03
N GLU A 92 24.62 -39.51 26.29
CA GLU A 92 25.65 -39.77 27.26
C GLU A 92 26.98 -39.59 26.58
N ASN A 93 27.99 -39.28 27.36
CA ASN A 93 29.35 -39.17 26.85
C ASN A 93 29.52 -38.15 25.72
N VAL A 94 28.91 -36.99 25.84
CA VAL A 94 29.13 -35.96 24.85
C VAL A 94 29.58 -34.73 25.60
N THR A 95 30.27 -33.83 24.93
CA THR A 95 30.70 -32.57 25.51
C THR A 95 30.43 -31.45 24.53
N GLU A 96 29.28 -30.80 24.66
CA GLU A 96 28.90 -29.81 23.66
C GLU A 96 29.23 -28.39 24.10
N ASN A 97 29.90 -27.63 23.24
CA ASN A 97 30.26 -26.26 23.57
C ASN A 97 29.15 -25.26 23.23
N PHE A 98 28.60 -24.66 24.26
CA PHE A 98 27.49 -23.73 24.10
C PHE A 98 28.01 -22.31 24.22
N ASN A 99 27.34 -21.38 23.56
CA ASN A 99 27.70 -19.98 23.65
C ASN A 99 26.50 -19.07 23.48
N MET A 100 26.00 -18.50 24.58
CA MET A 100 24.80 -17.68 24.49
C MET A 100 25.03 -16.33 23.81
N TRP A 101 26.29 -15.87 23.80
CA TRP A 101 26.59 -14.54 23.30
C TRP A 101 26.71 -14.54 21.80
N LYS A 102 27.02 -15.70 21.25
CA LYS A 102 27.20 -15.87 19.82
C LYS A 102 26.11 -16.72 19.21
N ASN A 103 25.03 -16.88 19.94
CA ASN A 103 23.92 -17.71 19.51
C ASN A 103 23.19 -17.02 18.38
N ASN A 104 22.47 -17.80 17.58
CA ASN A 104 21.72 -17.23 16.48
C ASN A 104 20.22 -17.36 16.69
N MET A 105 19.84 -18.04 17.77
CA MET A 105 18.44 -18.22 18.07
C MET A 105 17.88 -16.92 18.59
N VAL A 106 18.75 -16.10 19.19
CA VAL A 106 18.36 -14.84 19.76
C VAL A 106 18.02 -13.88 18.66
N GLU A 107 18.86 -13.83 17.63
CA GLU A 107 18.62 -12.93 16.53
C GLU A 107 17.38 -13.33 15.78
N GLN A 108 17.15 -14.63 15.68
CA GLN A 108 15.98 -15.03 14.96
C GLN A 108 14.74 -14.74 15.76
N MET A 109 14.75 -14.99 17.07
CA MET A 109 13.55 -14.72 17.84
C MET A 109 13.24 -13.25 17.78
N HIS A 110 14.28 -12.41 17.91
CA HIS A 110 14.09 -10.99 17.88
C HIS A 110 13.48 -10.57 16.57
N THR A 111 14.03 -11.06 15.46
CA THR A 111 13.55 -10.67 14.17
C THR A 111 12.10 -11.06 13.97
N ASP A 112 11.74 -12.27 14.38
CA ASP A 112 10.37 -12.69 14.20
C ASP A 112 9.40 -11.92 15.06
N ILE A 113 9.80 -11.52 16.25
CA ILE A 113 8.91 -10.72 17.06
C ILE A 113 8.65 -9.41 16.38
N ILE A 114 9.68 -8.78 15.82
CA ILE A 114 9.47 -7.50 15.18
C ILE A 114 8.50 -7.71 14.03
N SER A 115 8.71 -8.76 13.26
CA SER A 115 7.87 -8.98 12.12
C SER A 115 6.42 -9.21 12.48
N LEU A 116 6.14 -10.04 13.49
CA LEU A 116 4.74 -10.29 13.80
C LEU A 116 4.07 -9.03 14.28
N TRP A 117 4.80 -8.24 15.06
CA TRP A 117 4.27 -7.02 15.59
C TRP A 117 3.81 -6.14 14.45
N ASP A 118 4.69 -5.92 13.47
CA ASP A 118 4.34 -5.04 12.37
C ASP A 118 3.22 -5.60 11.53
N GLN A 119 3.19 -6.92 11.36
CA GLN A 119 2.14 -7.47 10.54
C GLN A 119 0.77 -7.22 11.14
N SER A 120 0.64 -7.33 12.47
CA SER A 120 -0.68 -7.11 13.03
C SER A 120 -1.04 -5.64 13.13
N LEU A 121 -0.05 -4.76 13.22
CA LEU A 121 -0.30 -3.34 13.31
C LEU A 121 -0.62 -2.69 11.96
N LYS A 122 0.10 -3.10 10.93
CA LYS A 122 -0.03 -2.55 9.59
C LYS A 122 -1.43 -2.22 9.06
N PRO A 123 -2.45 -3.12 9.09
CA PRO A 123 -3.77 -2.91 8.53
C PRO A 123 -4.67 -1.90 9.25
N CYS A 124 -4.31 -1.45 10.45
CA CYS A 124 -5.23 -0.59 11.18
C CYS A 124 -5.07 0.89 10.87
N VAL A 125 -6.03 1.65 11.37
CA VAL A 125 -6.23 3.07 11.15
C VAL A 125 -5.04 3.91 11.56
N LYS A 126 -4.66 4.81 10.65
CA LYS A 126 -3.55 5.69 10.86
C LYS A 126 -4.07 6.90 11.58
N LEU A 127 -3.27 7.49 12.45
CA LEU A 127 -3.73 8.65 13.19
C LEU A 127 -3.10 9.93 12.76
N THR A 128 -2.50 9.93 11.59
CA THR A 128 -1.87 11.11 11.06
C THR A 128 -2.85 12.28 10.81
N PRO A 129 -4.17 12.05 10.57
CA PRO A 129 -5.17 13.09 10.48
C PRO A 129 -5.29 13.89 11.78
N LEU A 130 -4.74 13.39 12.89
CA LEU A 130 -4.82 14.10 14.15
C LEU A 130 -3.63 15.02 14.35
N CYS A 131 -2.71 15.07 13.40
CA CYS A 131 -1.59 15.97 13.54
C CYS A 131 -1.98 17.39 13.19
N VAL A 132 -2.68 18.00 14.11
CA VAL A 132 -3.22 19.32 14.01
C VAL A 132 -2.82 20.06 15.25
N THR A 133 -2.92 21.36 15.22
CA THR A 133 -2.68 22.07 16.45
C THR A 133 -3.75 21.69 17.44
N LEU A 134 -3.34 21.35 18.64
CA LEU A 134 -4.25 20.97 19.68
C LEU A 134 -4.46 22.15 20.59
N ASN A 135 -5.67 22.27 21.06
CA ASN A 135 -6.00 23.31 22.01
C ASN A 135 -6.17 22.68 23.38
N CYS A 136 -5.21 22.84 24.28
CA CYS A 136 -5.30 22.08 25.51
C CYS A 136 -5.26 22.94 26.76
N THR A 137 -6.02 22.50 27.73
CA THR A 137 -6.03 23.06 29.07
C THR A 137 -5.88 21.90 30.03
N ASP A 138 -5.61 22.16 31.29
CA ASP A 138 -5.46 21.08 32.26
C ASP A 138 -6.80 20.45 32.65
N VAL A 139 -6.79 19.17 33.04
CA VAL A 139 -8.00 18.58 33.63
C VAL A 139 -8.04 19.11 35.04
N ASN A 140 -9.14 18.90 35.76
CA ASN A 140 -9.24 19.43 37.11
C ASN A 140 -8.51 18.62 38.17
N ALA A 141 -7.20 18.50 37.99
CA ALA A 141 -6.31 17.83 38.93
C ALA A 141 -5.99 18.89 39.95
N THR A 142 -7.02 19.28 40.66
CA THR A 142 -7.00 20.40 41.55
C THR A 142 -7.18 20.02 42.96
N ASN A 143 -7.21 21.04 43.77
CA ASN A 143 -7.42 20.92 45.18
C ASN A 143 -8.17 19.66 45.58
N GLU A 149 -1.52 18.60 36.70
CA GLU A 149 -0.45 17.63 36.78
C GLU A 149 -0.08 17.07 35.40
N GLU A 150 -0.44 15.81 35.15
CA GLU A 150 -0.08 15.18 33.89
C GLU A 150 -1.21 14.88 32.92
N ILE A 151 -2.46 15.18 33.24
CA ILE A 151 -3.50 14.87 32.25
C ILE A 151 -4.03 16.15 31.66
N LYS A 152 -4.03 16.22 30.34
CA LYS A 152 -4.51 17.38 29.63
C LYS A 152 -5.82 17.09 28.95
N ASN A 153 -6.64 18.12 28.84
CA ASN A 153 -7.91 18.06 28.14
C ASN A 153 -7.81 18.82 26.84
N CYS A 154 -7.77 18.12 25.72
CA CYS A 154 -7.53 18.80 24.47
C CYS A 154 -8.69 18.76 23.51
N SER A 155 -8.84 19.84 22.75
CA SER A 155 -9.83 19.86 21.70
C SER A 155 -9.16 19.87 20.34
N PHE A 156 -9.87 19.30 19.39
CA PHE A 156 -9.47 19.16 18.00
C PHE A 156 -10.51 19.58 17.01
N ASN A 157 -10.06 19.96 15.83
CA ASN A 157 -10.92 20.13 14.68
C ASN A 157 -10.67 18.96 13.72
N ILE A 158 -11.61 18.03 13.57
CA ILE A 158 -11.31 16.88 12.74
C ILE A 158 -12.23 16.74 11.55
N THR A 159 -11.75 16.03 10.55
CA THR A 159 -12.51 15.74 9.34
C THR A 159 -13.57 14.69 9.64
N THR A 160 -14.77 14.89 9.14
CA THR A 160 -15.86 13.94 9.33
C THR A 160 -16.00 13.10 8.07
N GLU A 161 -16.97 12.18 8.01
CA GLU A 161 -17.06 11.31 6.83
C GLU A 161 -17.29 12.09 5.53
N LEU A 162 -17.86 13.28 5.60
CA LEU A 162 -18.01 14.09 4.41
C LEU A 162 -16.94 15.14 4.53
N ARG A 163 -16.09 15.17 3.52
CA ARG A 163 -14.88 15.97 3.48
C ARG A 163 -15.05 17.46 3.67
N ASP A 164 -16.18 18.02 3.29
CA ASP A 164 -16.33 19.45 3.46
C ASP A 164 -16.62 19.86 4.91
N LYS A 165 -16.90 18.90 5.80
CA LYS A 165 -17.24 19.25 7.17
C LYS A 165 -16.21 18.81 8.19
N LYS A 166 -16.08 19.66 9.20
CA LYS A 166 -15.23 19.38 10.34
C LYS A 166 -16.04 19.43 11.62
N LYS A 167 -15.58 18.70 12.62
CA LYS A 167 -16.23 18.65 13.90
C LYS A 167 -15.27 18.96 15.02
N LYS A 168 -15.77 19.59 16.08
CA LYS A 168 -14.96 19.85 17.24
C LYS A 168 -15.11 18.71 18.23
N VAL A 169 -14.00 18.08 18.58
CA VAL A 169 -14.06 16.94 19.50
C VAL A 169 -13.07 17.10 20.64
N TYR A 170 -13.28 16.32 21.70
CA TYR A 170 -12.37 16.32 22.85
C TYR A 170 -11.78 14.97 23.15
N ALA A 171 -10.59 14.99 23.71
CA ALA A 171 -9.90 13.79 24.17
C ALA A 171 -8.96 14.14 25.30
N LEU A 172 -8.67 13.17 26.16
CA LEU A 172 -7.68 13.46 27.17
C LEU A 172 -6.38 12.83 26.79
N PHE A 173 -5.29 13.47 27.17
CA PHE A 173 -3.97 12.96 26.92
C PHE A 173 -3.06 13.01 28.10
N TYR A 174 -2.11 12.11 28.11
CA TYR A 174 -1.10 12.12 29.14
C TYR A 174 -0.07 13.14 28.69
N LYS A 175 0.50 13.87 29.62
CA LYS A 175 1.50 14.88 29.30
C LYS A 175 2.63 14.34 28.49
N LEU A 176 3.03 13.10 28.73
CA LEU A 176 4.16 12.53 28.04
C LEU A 176 3.94 12.32 26.54
N ASP A 177 2.68 12.41 26.09
CA ASP A 177 2.36 12.24 24.68
C ASP A 177 2.12 13.57 23.95
N VAL A 178 2.14 14.69 24.68
CA VAL A 178 1.83 15.99 24.10
C VAL A 178 2.91 17.02 24.37
N VAL A 179 3.34 17.71 23.34
CA VAL A 179 4.37 18.72 23.52
C VAL A 179 3.87 20.09 23.10
N PRO A 180 4.07 21.15 23.88
CA PRO A 180 3.70 22.50 23.55
C PRO A 180 4.40 22.97 22.30
N ILE A 181 3.70 23.78 21.53
CA ILE A 181 4.24 24.39 20.34
C ILE A 181 4.63 25.81 20.70
N ASP A 182 3.67 26.48 21.33
CA ASP A 182 3.75 27.86 21.76
C ASP A 182 3.78 27.96 23.27
N ASP A 183 3.84 29.19 23.78
CA ASP A 183 3.74 29.44 25.23
C ASP A 183 2.27 29.60 25.60
N ASN A 184 1.46 29.67 24.56
CA ASN A 184 0.01 29.78 24.60
C ASN A 184 -0.54 28.37 24.57
N ASN A 185 -1.84 28.22 24.60
CA ASN A 185 -2.36 26.87 24.59
C ASN A 185 -2.46 26.33 23.17
N SER A 186 -1.30 25.98 22.66
CA SER A 186 -1.10 25.44 21.33
C SER A 186 -0.09 24.32 21.50
N TYR A 187 -0.56 23.09 21.29
CA TYR A 187 0.19 21.86 21.52
C TYR A 187 0.11 20.90 20.35
N ARG A 188 1.04 19.97 20.28
CA ARG A 188 0.94 18.94 19.25
C ARG A 188 1.21 17.56 19.82
N LEU A 189 0.79 16.55 19.09
CA LEU A 189 1.12 15.20 19.50
C LEU A 189 2.61 15.09 19.23
N ILE A 190 3.33 14.41 20.11
CA ILE A 190 4.79 14.38 19.95
C ILE A 190 5.39 13.78 18.69
N ASN A 191 4.73 12.85 18.04
CA ASN A 191 5.33 12.27 16.85
C ASN A 191 5.16 13.08 15.57
N CYS A 192 4.32 14.10 15.58
CA CYS A 192 3.98 14.69 14.30
C CYS A 192 5.11 15.39 13.57
N ASN A 193 6.14 15.83 14.26
CA ASN A 193 7.22 16.53 13.59
C ASN A 193 8.35 15.58 13.24
N THR A 194 8.12 14.29 13.41
CA THR A 194 9.13 13.32 13.07
C THR A 194 8.59 12.32 12.08
N SER A 195 7.48 11.67 12.44
CA SER A 195 6.92 10.64 11.57
C SER A 195 5.47 10.28 11.79
N ALA A 196 5.04 9.28 11.04
CA ALA A 196 3.70 8.75 11.08
C ALA A 196 3.47 7.91 12.32
N ILE A 197 2.20 7.88 12.74
CA ILE A 197 1.73 7.09 13.85
C ILE A 197 0.52 6.24 13.47
N THR A 198 0.54 4.98 13.90
CA THR A 198 -0.55 4.02 13.63
C THR A 198 -1.27 3.59 14.89
N GLN A 199 -2.60 3.52 14.85
CA GLN A 199 -3.33 3.05 16.02
C GLN A 199 -3.27 1.56 16.16
N ALA A 200 -2.99 1.09 17.36
CA ALA A 200 -2.97 -0.32 17.57
C ALA A 200 -4.33 -0.86 17.32
N CYS A 201 -4.39 -2.03 16.76
CA CYS A 201 -5.66 -2.60 16.47
C CYS A 201 -6.39 -2.87 17.78
N PRO A 202 -7.63 -2.40 17.95
CA PRO A 202 -8.43 -2.48 19.16
C PRO A 202 -8.79 -3.89 19.58
N LYS A 203 -8.65 -4.82 18.65
CA LYS A 203 -8.97 -6.20 18.92
C LYS A 203 -7.76 -7.11 19.01
N VAL A 204 -6.56 -6.56 18.98
CA VAL A 204 -5.40 -7.43 19.05
C VAL A 204 -4.85 -7.52 20.45
N SER A 205 -4.64 -8.75 20.90
CA SER A 205 -4.09 -8.94 22.22
C SER A 205 -2.60 -9.07 22.17
N PHE A 206 -1.94 -8.48 23.14
CA PHE A 206 -0.50 -8.55 23.23
C PHE A 206 -0.05 -9.31 24.45
N GLU A 207 -0.90 -10.17 24.97
CA GLU A 207 -0.53 -10.99 26.11
C GLU A 207 0.42 -12.09 25.66
N PRO A 208 1.62 -12.23 26.23
CA PRO A 208 2.57 -13.26 25.87
C PRO A 208 2.03 -14.69 26.02
N ILE A 209 2.28 -15.50 25.01
CA ILE A 209 1.96 -16.90 24.94
C ILE A 209 3.29 -17.60 24.87
N PRO A 210 3.62 -18.63 25.65
CA PRO A 210 4.89 -19.27 25.53
C PRO A 210 5.04 -19.76 24.11
N ILE A 211 6.12 -19.42 23.44
CA ILE A 211 6.30 -19.89 22.07
C ILE A 211 7.42 -20.88 22.02
N HIS A 212 7.17 -22.02 21.39
CA HIS A 212 8.17 -23.06 21.27
C HIS A 212 8.85 -22.89 19.93
N TYR A 213 10.17 -23.03 19.91
CA TYR A 213 10.91 -22.94 18.66
C TYR A 213 11.41 -24.29 18.27
N CYS A 214 10.95 -24.76 17.13
CA CYS A 214 11.28 -26.11 16.74
C CYS A 214 12.07 -26.17 15.44
N ALA A 215 12.99 -27.13 15.36
CA ALA A 215 13.83 -27.28 14.20
C ALA A 215 13.15 -28.05 13.09
N PRO A 216 13.43 -27.74 11.83
CA PRO A 216 12.99 -28.45 10.65
C PRO A 216 13.74 -29.76 10.53
N ALA A 217 13.19 -30.69 9.76
CA ALA A 217 13.87 -31.96 9.58
C ALA A 217 15.25 -31.76 9.05
N GLY A 218 16.18 -32.54 9.58
CA GLY A 218 17.58 -32.49 9.18
C GLY A 218 18.41 -31.72 10.19
N PHE A 219 17.72 -31.06 11.12
CA PHE A 219 18.32 -30.28 12.19
C PHE A 219 17.90 -30.77 13.56
N ALA A 220 18.70 -30.44 14.55
CA ALA A 220 18.38 -30.82 15.91
C ALA A 220 18.74 -29.73 16.89
N ILE A 221 17.98 -29.68 17.99
CA ILE A 221 18.27 -28.72 19.03
C ILE A 221 18.82 -29.43 20.24
N LEU A 222 19.96 -28.94 20.70
CA LEU A 222 20.61 -29.49 21.85
C LEU A 222 20.46 -28.54 23.01
N LYS A 223 20.35 -29.07 24.22
CA LYS A 223 20.29 -28.18 25.36
C LYS A 223 21.19 -28.63 26.49
N CYS A 224 21.69 -27.65 27.22
CA CYS A 224 22.57 -27.92 28.34
C CYS A 224 21.81 -28.05 29.64
N ASN A 225 22.02 -29.16 30.33
CA ASN A 225 21.32 -29.42 31.58
C ASN A 225 22.21 -29.23 32.82
N ASP A 226 23.30 -28.51 32.65
CA ASP A 226 24.22 -28.21 33.75
C ASP A 226 23.72 -27.00 34.55
N LYS A 227 23.35 -27.28 35.78
CA LYS A 227 22.72 -26.36 36.71
C LYS A 227 23.54 -25.13 37.05
N LYS A 228 24.86 -25.22 36.93
CA LYS A 228 25.73 -24.10 37.27
C LYS A 228 26.32 -23.44 36.04
N PHE A 229 25.83 -23.83 34.88
CA PHE A 229 26.41 -23.37 33.65
C PHE A 229 26.17 -21.89 33.35
N ASN A 230 27.26 -21.20 33.02
CA ASN A 230 27.22 -19.80 32.64
C ASN A 230 27.03 -19.68 31.15
N GLY A 231 27.24 -18.50 30.59
CA GLY A 231 26.95 -18.32 29.18
C GLY A 231 27.73 -19.16 28.19
N THR A 232 28.97 -19.52 28.50
CA THR A 232 29.75 -20.29 27.55
C THR A 232 30.46 -21.45 28.17
N GLY A 233 30.79 -22.44 27.35
CA GLY A 233 31.63 -23.53 27.80
C GLY A 233 31.05 -24.88 27.46
N PRO A 234 31.83 -25.95 27.66
CA PRO A 234 31.43 -27.31 27.40
C PRO A 234 30.40 -27.68 28.39
N CYS A 235 29.36 -28.35 27.95
CA CYS A 235 28.37 -28.83 28.84
C CYS A 235 28.49 -30.34 28.87
N LYS A 236 28.62 -30.87 30.08
CA LYS A 236 28.85 -32.30 30.27
C LYS A 236 27.58 -33.12 30.36
N ASN A 237 26.45 -32.45 30.36
CA ASN A 237 25.17 -33.12 30.41
C ASN A 237 24.27 -32.49 29.37
N VAL A 238 24.24 -33.10 28.20
CA VAL A 238 23.54 -32.52 27.08
C VAL A 238 22.50 -33.45 26.57
N SER A 239 21.31 -32.92 26.38
CA SER A 239 20.24 -33.71 25.83
C SER A 239 19.77 -33.11 24.54
N THR A 240 19.16 -33.93 23.71
CA THR A 240 18.59 -33.44 22.49
C THR A 240 17.10 -33.45 22.62
N VAL A 241 16.48 -32.45 22.06
CA VAL A 241 15.06 -32.34 22.15
C VAL A 241 14.44 -32.17 20.81
N GLN A 242 13.15 -32.47 20.73
CA GLN A 242 12.46 -32.23 19.50
C GLN A 242 12.43 -30.73 19.29
N CYS A 243 12.24 -30.01 20.40
CA CYS A 243 12.26 -28.56 20.39
C CYS A 243 12.31 -27.93 21.77
N THR A 244 12.39 -26.59 21.81
CA THR A 244 12.53 -25.87 23.07
C THR A 244 11.23 -25.84 23.81
N HIS A 245 11.30 -25.42 25.06
CA HIS A 245 10.12 -25.25 25.86
C HIS A 245 9.54 -23.94 25.41
N GLY A 246 8.39 -23.56 25.92
CA GLY A 246 7.87 -22.31 25.45
C GLY A 246 8.50 -21.16 26.19
N ILE A 247 8.90 -20.15 25.46
CA ILE A 247 9.41 -18.93 26.06
C ILE A 247 8.44 -17.81 25.79
N LYS A 248 7.97 -17.17 26.84
CA LYS A 248 7.05 -16.08 26.65
C LYS A 248 7.80 -14.84 26.19
N PRO A 249 7.35 -14.14 25.14
CA PRO A 249 7.93 -12.93 24.63
C PRO A 249 7.56 -11.73 25.49
N VAL A 250 8.07 -11.73 26.71
CA VAL A 250 7.78 -10.69 27.66
C VAL A 250 8.70 -9.52 27.40
N VAL A 251 8.15 -8.33 27.32
CA VAL A 251 8.95 -7.14 27.07
C VAL A 251 9.20 -6.36 28.33
N SER A 252 10.45 -6.09 28.62
CA SER A 252 10.86 -5.34 29.79
C SER A 252 12.24 -4.74 29.58
N THR A 253 12.66 -3.88 30.50
CA THR A 253 13.97 -3.24 30.42
C THR A 253 14.83 -3.52 31.63
N GLN A 254 14.71 -2.73 32.65
CA GLN A 254 15.59 -2.86 33.80
C GLN A 254 15.46 -4.18 34.55
N LEU A 255 14.25 -4.67 34.65
CA LEU A 255 14.01 -5.94 35.32
C LEU A 255 13.50 -6.93 34.33
N LEU A 256 13.84 -8.18 34.52
CA LEU A 256 13.35 -9.24 33.68
C LEU A 256 12.18 -9.90 34.36
N LEU A 257 11.04 -9.85 33.70
CA LEU A 257 9.84 -10.40 34.28
C LEU A 257 9.41 -11.68 33.62
N ASN A 258 8.76 -12.51 34.41
CA ASN A 258 8.07 -13.72 33.98
C ASN A 258 8.94 -14.69 33.20
N GLY A 259 10.20 -14.84 33.58
CA GLY A 259 11.05 -15.78 32.90
C GLY A 259 11.28 -17.00 33.77
N SER A 260 12.35 -17.72 33.47
CA SER A 260 12.68 -18.91 34.23
C SER A 260 13.64 -18.56 35.36
N LEU A 261 13.76 -19.46 36.32
CA LEU A 261 14.70 -19.27 37.41
C LEU A 261 15.90 -20.18 37.31
N ALA A 262 16.97 -19.72 37.93
CA ALA A 262 18.18 -20.51 38.08
C ALA A 262 17.80 -21.58 39.10
N GLU A 263 18.42 -22.75 39.07
CA GLU A 263 17.97 -23.75 40.04
C GLU A 263 18.73 -23.83 41.36
N GLU A 264 20.00 -23.50 41.36
CA GLU A 264 20.79 -23.65 42.58
C GLU A 264 21.23 -22.36 43.25
N GLU A 265 21.53 -21.38 42.44
CA GLU A 265 22.06 -20.12 42.93
C GLU A 265 21.81 -19.06 41.90
N ILE A 266 22.12 -17.82 42.24
CA ILE A 266 22.00 -16.76 41.27
C ILE A 266 23.14 -16.93 40.31
N ILE A 267 22.84 -16.93 39.03
CA ILE A 267 23.88 -17.11 38.05
C ILE A 267 24.05 -15.86 37.25
N ILE A 268 25.26 -15.38 37.22
CA ILE A 268 25.51 -14.14 36.55
C ILE A 268 26.22 -14.41 35.25
N ARG A 269 25.62 -13.98 34.17
CA ARG A 269 26.19 -14.27 32.88
C ARG A 269 26.59 -13.00 32.16
N SER A 270 27.82 -12.95 31.65
CA SER A 270 28.27 -11.76 30.92
C SER A 270 29.23 -12.14 29.82
N GLU A 271 29.09 -11.50 28.65
CA GLU A 271 29.97 -11.79 27.51
C GLU A 271 31.42 -11.53 27.85
N ASN A 272 31.63 -10.44 28.55
CA ASN A 272 32.93 -9.98 28.99
C ASN A 272 32.77 -9.28 30.32
N ILE A 273 33.06 -9.97 31.39
CA ILE A 273 32.79 -9.46 32.72
C ILE A 273 33.65 -8.27 33.12
N THR A 274 34.70 -8.00 32.35
CA THR A 274 35.57 -6.89 32.68
C THR A 274 35.26 -5.70 31.80
N ASN A 275 34.27 -5.83 30.92
CA ASN A 275 33.91 -4.75 30.04
C ASN A 275 32.63 -4.12 30.57
N ASN A 276 32.75 -2.92 31.11
CA ASN A 276 31.65 -2.25 31.77
C ASN A 276 30.47 -1.96 30.84
N ALA A 277 30.76 -1.93 29.53
CA ALA A 277 29.78 -1.62 28.50
C ALA A 277 28.87 -2.79 28.17
N LYS A 278 29.19 -3.97 28.68
CA LYS A 278 28.37 -5.13 28.40
C LYS A 278 27.25 -5.24 29.39
N THR A 279 26.14 -5.82 28.96
CA THR A 279 25.04 -6.05 29.85
C THR A 279 25.35 -7.27 30.67
N ILE A 280 25.15 -7.17 31.95
CA ILE A 280 25.33 -8.31 32.82
C ILE A 280 23.95 -8.84 33.10
N ILE A 281 23.74 -10.09 32.77
CA ILE A 281 22.43 -10.66 32.95
C ILE A 281 22.41 -11.48 34.20
N VAL A 282 21.55 -11.11 35.13
CA VAL A 282 21.51 -11.83 36.38
C VAL A 282 20.24 -12.64 36.48
N GLN A 283 20.40 -13.95 36.59
CA GLN A 283 19.24 -14.80 36.71
C GLN A 283 19.05 -15.21 38.14
N LEU A 284 17.88 -14.92 38.67
CA LEU A 284 17.62 -15.21 40.05
C LEU A 284 17.23 -16.64 40.24
N ASN A 285 17.49 -17.17 41.42
CA ASN A 285 17.10 -18.54 41.76
C ASN A 285 15.83 -18.55 42.62
N GLU A 286 15.23 -17.36 42.78
CA GLU A 286 13.99 -17.15 43.50
C GLU A 286 13.26 -15.97 42.87
N SER A 287 11.96 -16.10 42.65
CA SER A 287 11.20 -14.99 42.08
C SER A 287 10.76 -13.98 43.13
N VAL A 288 10.54 -12.74 42.70
CA VAL A 288 9.98 -11.71 43.58
C VAL A 288 8.68 -11.17 42.98
N GLU A 289 7.60 -11.19 43.73
CA GLU A 289 6.37 -10.69 43.13
C GLU A 289 6.33 -9.19 43.06
N ILE A 290 5.85 -8.69 41.93
CA ILE A 290 5.65 -7.28 41.73
C ILE A 290 4.19 -7.04 41.36
N ASN A 291 3.54 -6.18 42.11
CA ASN A 291 2.12 -5.89 41.87
C ASN A 291 1.90 -4.50 41.28
N CYS A 292 1.44 -4.44 40.06
CA CYS A 292 1.30 -3.13 39.45
C CYS A 292 -0.15 -2.79 39.13
N THR A 293 -0.48 -1.53 39.24
CA THR A 293 -1.83 -1.12 38.92
C THR A 293 -1.98 0.24 38.29
N ARG A 294 -3.13 0.38 37.66
CA ARG A 294 -3.60 1.60 37.05
C ARG A 294 -4.93 1.87 37.73
N PRO A 295 -4.94 2.59 38.86
CA PRO A 295 -6.07 2.78 39.75
C PRO A 295 -7.22 3.62 39.22
N ASN A 296 -7.00 4.36 38.14
CA ASN A 296 -8.04 5.20 37.61
C ASN A 296 -9.05 4.41 36.85
N ASN A 297 -10.30 4.82 36.94
CA ASN A 297 -11.33 4.21 36.13
C ASN A 297 -11.42 4.95 34.81
N ASN A 298 -10.87 4.37 33.79
CA ASN A 298 -10.81 5.06 32.53
C ASN A 298 -12.05 4.76 31.72
N THR A 299 -12.30 5.62 30.75
CA THR A 299 -13.39 5.41 29.80
C THR A 299 -12.89 5.61 28.39
N ARG A 300 -13.64 5.13 27.41
CA ARG A 300 -13.25 5.26 26.02
C ARG A 300 -14.24 6.01 25.15
N LYS A 301 -13.73 6.93 24.34
CA LYS A 301 -14.55 7.64 23.39
C LYS A 301 -14.19 7.21 21.99
N SER A 302 -15.18 6.76 21.25
CA SER A 302 -14.93 6.33 19.90
C SER A 302 -15.24 7.46 18.94
N ILE A 303 -14.21 7.94 18.26
CA ILE A 303 -14.32 9.07 17.39
C ILE A 303 -14.07 8.73 15.94
N ARG A 304 -15.02 9.06 15.10
CA ARG A 304 -14.82 8.82 13.70
C ARG A 304 -13.92 9.88 13.15
N ILE A 305 -12.89 9.48 12.42
CA ILE A 305 -11.99 10.46 11.80
C ILE A 305 -11.95 10.29 10.29
N GLY A 306 -12.89 9.50 9.78
CA GLY A 306 -12.98 9.24 8.36
C GLY A 306 -13.96 8.09 8.06
N PRO A 307 -14.06 7.67 6.80
CA PRO A 307 -14.99 6.67 6.30
C PRO A 307 -14.63 5.29 6.75
N GLY A 308 -15.05 4.97 7.98
CA GLY A 308 -14.76 3.70 8.62
C GLY A 308 -13.44 3.76 9.39
N GLN A 309 -12.96 4.97 9.59
CA GLN A 309 -11.71 5.18 10.28
C GLN A 309 -11.96 5.60 11.70
N TRP A 310 -11.81 4.68 12.64
CA TRP A 310 -12.11 5.02 14.01
C TRP A 310 -10.90 5.17 14.88
N PHE A 311 -10.94 6.21 15.68
CA PHE A 311 -9.93 6.56 16.66
C PHE A 311 -10.44 6.36 18.07
N TYR A 312 -9.63 5.74 18.90
CA TYR A 312 -10.06 5.57 20.27
C TYR A 312 -9.33 6.50 21.19
N ALA A 313 -10.10 7.43 21.72
CA ALA A 313 -9.59 8.47 22.57
C ALA A 313 -9.80 8.16 24.01
N THR A 314 -8.90 8.65 24.85
CA THR A 314 -9.11 8.52 26.26
C THR A 314 -10.31 9.36 26.59
N GLY A 315 -11.25 8.75 27.29
CA GLY A 315 -12.49 9.37 27.65
C GLY A 315 -12.39 10.04 28.99
N ASP A 316 -13.51 10.27 29.62
CA ASP A 316 -13.53 10.97 30.87
C ASP A 316 -12.94 10.12 31.98
N ILE A 317 -12.41 10.76 33.01
CA ILE A 317 -11.92 10.05 34.18
C ILE A 317 -12.99 9.97 35.23
N ILE A 318 -13.25 8.78 35.72
CA ILE A 318 -14.27 8.59 36.72
C ILE A 318 -13.68 8.34 38.07
N GLY A 319 -14.18 9.09 39.03
CA GLY A 319 -13.70 8.97 40.37
C GLY A 319 -12.46 9.79 40.59
N ASP A 320 -11.62 9.33 41.49
CA ASP A 320 -10.46 10.09 41.89
C ASP A 320 -9.41 10.02 40.84
N ILE A 321 -8.56 11.01 40.79
CA ILE A 321 -7.45 10.93 39.88
C ILE A 321 -6.29 10.46 40.72
N ARG A 322 -5.77 9.28 40.39
CA ARG A 322 -4.71 8.66 41.12
C ARG A 322 -3.54 8.27 40.24
N GLN A 323 -2.38 8.16 40.85
CA GLN A 323 -1.17 7.78 40.16
C GLN A 323 -0.94 6.27 40.08
N ALA A 324 -0.51 5.82 38.90
CA ALA A 324 -0.20 4.42 38.67
C ALA A 324 1.00 4.04 39.49
N HIS A 325 1.08 2.78 39.91
CA HIS A 325 2.20 2.36 40.74
C HIS A 325 2.47 0.86 40.79
N CYS A 326 3.68 0.52 41.24
CA CYS A 326 4.07 -0.87 41.50
C CYS A 326 4.51 -1.13 42.93
N ASN A 327 4.11 -2.28 43.46
CA ASN A 327 4.38 -2.70 44.83
C ASN A 327 5.34 -3.89 44.94
N ILE A 328 6.50 -3.64 45.56
CA ILE A 328 7.53 -4.67 45.78
C ILE A 328 7.82 -4.82 47.26
N SER A 329 7.75 -6.01 47.82
CA SER A 329 8.02 -6.10 49.25
C SER A 329 9.46 -5.69 49.52
N ARG A 330 9.68 -4.85 50.53
CA ARG A 330 11.03 -4.41 50.84
C ARG A 330 11.95 -5.53 51.27
N THR A 331 11.42 -6.48 52.03
CA THR A 331 12.26 -7.52 52.59
C THR A 331 12.76 -8.48 51.52
N LYS A 332 11.90 -8.81 50.57
CA LYS A 332 12.31 -9.72 49.51
C LYS A 332 13.29 -9.03 48.62
N TRP A 333 13.07 -7.74 48.38
CA TRP A 333 13.98 -7.01 47.53
C TRP A 333 15.34 -6.95 48.16
N ASN A 334 15.41 -6.59 49.45
CA ASN A 334 16.72 -6.49 50.04
C ASN A 334 17.40 -7.83 50.12
N LYS A 335 16.67 -8.89 50.44
CA LYS A 335 17.31 -10.18 50.53
C LYS A 335 17.91 -10.55 49.19
N THR A 336 17.16 -10.30 48.12
CA THR A 336 17.62 -10.62 46.80
C THR A 336 18.87 -9.86 46.44
N LEU A 337 18.90 -8.57 46.73
CA LEU A 337 20.04 -7.75 46.35
C LEU A 337 21.26 -8.08 47.17
N GLN A 338 21.07 -8.51 48.42
CA GLN A 338 22.20 -8.92 49.22
C GLN A 338 22.86 -10.13 48.56
N GLN A 339 22.04 -11.03 48.02
CA GLN A 339 22.57 -12.21 47.38
C GLN A 339 23.17 -11.88 46.02
N VAL A 340 22.62 -10.91 45.31
CA VAL A 340 23.21 -10.57 44.03
C VAL A 340 24.58 -9.99 44.27
N ALA A 341 24.72 -9.08 45.22
CA ALA A 341 26.04 -8.53 45.47
C ALA A 341 26.99 -9.62 45.94
N LYS A 342 26.52 -10.53 46.80
CA LYS A 342 27.37 -11.59 47.28
C LYS A 342 27.94 -12.41 46.15
N LYS A 343 27.11 -12.75 45.17
CA LYS A 343 27.57 -13.52 44.04
C LYS A 343 28.47 -12.68 43.14
N LEU A 344 28.14 -11.40 42.93
CA LEU A 344 28.98 -10.56 42.09
C LEU A 344 30.37 -10.42 42.69
N ARG A 345 30.45 -10.40 44.01
CA ARG A 345 31.72 -10.27 44.70
C ARG A 345 32.68 -11.39 44.34
N GLU A 346 32.19 -12.55 43.91
CA GLU A 346 33.06 -13.67 43.57
C GLU A 346 33.88 -13.35 42.33
N HIS A 347 33.44 -12.38 41.55
CA HIS A 347 34.14 -11.99 40.34
C HIS A 347 34.96 -10.74 40.54
N PHE A 348 34.62 -9.93 41.54
CA PHE A 348 35.34 -8.67 41.69
C PHE A 348 36.21 -8.52 42.94
N ASN A 349 35.88 -9.20 44.05
CA ASN A 349 36.59 -9.03 45.32
C ASN A 349 36.65 -7.57 45.74
N LYS A 350 35.55 -6.87 45.54
CA LYS A 350 35.39 -5.46 45.85
C LYS A 350 34.07 -5.20 46.49
N THR A 351 33.93 -4.04 47.12
CA THR A 351 32.66 -3.67 47.68
C THR A 351 31.69 -3.43 46.53
N ILE A 352 30.49 -3.96 46.63
CA ILE A 352 29.51 -3.73 45.59
C ILE A 352 28.33 -2.95 46.03
N ILE A 353 28.05 -1.90 45.26
CA ILE A 353 26.92 -1.06 45.54
C ILE A 353 26.05 -0.96 44.30
N PHE A 354 24.80 -0.60 44.50
CA PHE A 354 23.92 -0.43 43.38
C PHE A 354 23.44 0.98 43.39
N ASN A 355 23.25 1.54 42.22
CA ASN A 355 22.78 2.89 42.08
C ASN A 355 21.61 2.93 41.09
N PRO A 356 20.77 3.99 41.11
CA PRO A 356 19.68 4.26 40.20
C PRO A 356 20.17 4.45 38.79
N SER A 357 19.27 4.32 37.83
CA SER A 357 19.64 4.52 36.46
C SER A 357 20.11 5.97 36.32
N SER A 358 21.02 6.22 35.39
CA SER A 358 21.61 7.55 35.27
C SER A 358 21.05 8.55 34.26
N GLY A 359 20.34 8.12 33.24
CA GLY A 359 19.90 9.11 32.25
C GLY A 359 19.38 8.51 30.97
N GLY A 360 18.95 9.37 30.06
CA GLY A 360 18.37 8.93 28.79
C GLY A 360 16.86 9.03 28.85
N ASP A 361 16.17 8.45 27.87
CA ASP A 361 14.72 8.58 27.84
C ASP A 361 14.09 7.57 28.78
N LEU A 362 12.77 7.57 28.86
CA LEU A 362 12.08 6.69 29.78
C LEU A 362 12.34 5.23 29.51
N GLU A 363 12.57 4.86 28.26
CA GLU A 363 12.76 3.45 27.98
C GLU A 363 13.99 2.90 28.71
N ILE A 364 14.99 3.73 28.97
CA ILE A 364 16.17 3.26 29.65
C ILE A 364 16.15 3.65 31.13
N THR A 365 15.61 4.83 31.46
CA THR A 365 15.67 5.29 32.83
C THR A 365 14.66 4.64 33.73
N THR A 366 13.58 4.09 33.16
CA THR A 366 12.54 3.46 33.95
C THR A 366 12.27 2.01 33.61
N HIS A 367 11.51 1.38 34.47
CA HIS A 367 11.11 0.03 34.20
C HIS A 367 9.94 0.07 33.28
N SER A 368 10.26 -0.09 32.02
CA SER A 368 9.32 -0.04 30.94
C SER A 368 8.77 -1.41 30.67
N PHE A 369 7.46 -1.57 30.81
CA PHE A 369 6.83 -2.85 30.55
C PHE A 369 5.40 -2.69 30.13
N ASN A 370 4.86 -3.72 29.52
CA ASN A 370 3.45 -3.71 29.18
C ASN A 370 2.68 -4.61 30.08
N CYS A 371 1.54 -4.15 30.51
CA CYS A 371 0.67 -5.04 31.25
C CYS A 371 -0.78 -4.74 31.00
N GLY A 372 -1.48 -5.74 30.50
CA GLY A 372 -2.88 -5.62 30.23
C GLY A 372 -3.12 -4.84 28.96
N GLY A 373 -2.05 -4.54 28.22
CA GLY A 373 -2.16 -3.72 27.04
C GLY A 373 -1.75 -2.28 27.37
N GLU A 374 -1.61 -1.95 28.65
CA GLU A 374 -1.19 -0.59 29.00
C GLU A 374 0.33 -0.51 29.11
N PHE A 375 0.88 0.67 28.81
CA PHE A 375 2.33 0.86 28.90
C PHE A 375 2.78 1.66 30.09
N PHE A 376 3.52 0.99 30.97
CA PHE A 376 3.99 1.55 32.22
C PHE A 376 5.46 1.85 32.19
N TYR A 377 5.83 2.96 32.81
CA TYR A 377 7.20 3.39 32.96
C TYR A 377 7.45 3.68 34.42
N CYS A 378 7.91 2.69 35.15
CA CYS A 378 7.97 2.86 36.59
C CYS A 378 9.34 3.27 37.09
N ASN A 379 9.33 4.12 38.09
CA ASN A 379 10.55 4.59 38.73
C ASN A 379 11.15 3.47 39.57
N THR A 380 12.45 3.23 39.46
CA THR A 380 13.13 2.19 40.22
C THR A 380 14.18 2.75 41.18
N SER A 381 14.13 4.04 41.44
CA SER A 381 15.14 4.66 42.29
C SER A 381 15.11 4.14 43.73
N GLU A 382 13.97 3.64 44.18
CA GLU A 382 13.90 3.13 45.54
C GLU A 382 14.31 1.69 45.62
N LEU A 383 14.63 1.10 44.48
CA LEU A 383 15.04 -0.28 44.48
C LEU A 383 16.55 -0.36 44.34
N PHE A 384 17.08 0.40 43.41
CA PHE A 384 18.51 0.38 43.16
C PHE A 384 19.18 1.48 43.91
N ASN A 385 19.16 1.34 45.21
CA ASN A 385 19.68 2.35 46.11
C ASN A 385 19.77 1.82 47.53
N THR A 391 13.24 -0.98 56.89
CA THR A 391 11.96 -1.33 57.50
C THR A 391 11.34 -2.58 56.88
N ASN A 392 10.05 -2.81 57.13
CA ASN A 392 9.34 -3.98 56.63
C ASN A 392 8.11 -3.67 55.78
N ASN A 393 8.07 -2.48 55.22
CA ASN A 393 6.95 -2.06 54.39
C ASN A 393 7.11 -2.49 52.95
N THR A 394 6.16 -2.07 52.14
CA THR A 394 6.14 -2.36 50.72
C THR A 394 6.70 -1.14 50.02
N ILE A 395 7.58 -1.34 49.08
CA ILE A 395 8.10 -0.21 48.36
C ILE A 395 7.12 0.13 47.28
N THR A 396 6.65 1.37 47.28
CA THR A 396 5.70 1.76 46.26
C THR A 396 6.43 2.61 45.26
N LEU A 397 6.40 2.19 44.03
CA LEU A 397 7.06 2.91 42.98
C LEU A 397 6.04 3.65 42.18
N PRO A 398 6.15 4.95 41.98
CA PRO A 398 5.24 5.69 41.16
C PRO A 398 5.51 5.28 39.76
N CYS A 399 4.48 5.25 38.94
CA CYS A 399 4.66 4.95 37.53
C CYS A 399 4.06 5.98 36.64
N ARG A 400 4.66 6.17 35.49
CA ARG A 400 4.10 7.04 34.50
C ARG A 400 3.46 6.17 33.44
N ILE A 401 2.46 6.69 32.77
CA ILE A 401 1.83 6.00 31.66
C ILE A 401 1.82 6.82 30.42
N LYS A 402 2.10 6.18 29.30
CA LYS A 402 2.05 6.90 28.03
C LYS A 402 1.47 6.04 26.92
N GLN A 403 0.80 6.69 25.96
CA GLN A 403 0.20 6.01 24.83
C GLN A 403 0.97 6.04 23.52
N ILE A 404 1.96 6.92 23.37
CA ILE A 404 2.67 6.91 22.09
C ILE A 404 4.00 6.21 22.24
N ILE A 405 4.07 5.09 21.58
CA ILE A 405 5.13 4.14 21.70
C ILE A 405 6.00 4.01 20.46
N ASN A 406 7.31 3.91 20.67
CA ASN A 406 8.27 3.70 19.58
C ASN A 406 9.08 2.45 19.91
N MET A 407 8.50 1.31 19.57
CA MET A 407 9.06 0.03 19.97
C MET A 407 10.42 -0.24 19.33
N TRP A 408 11.28 -0.85 20.12
CA TRP A 408 12.60 -1.31 19.70
C TRP A 408 13.48 -0.26 19.09
N GLN A 409 13.40 0.96 19.61
CA GLN A 409 14.19 2.08 19.16
C GLN A 409 13.96 2.42 17.70
N ARG A 410 12.88 1.94 17.11
CA ARG A 410 12.65 2.23 15.72
C ARG A 410 11.97 3.55 15.61
N VAL A 411 12.75 4.58 15.80
CA VAL A 411 12.24 5.91 15.83
C VAL A 411 11.75 6.22 14.45
N GLY A 412 10.56 6.75 14.38
CA GLY A 412 9.92 7.06 13.12
C GLY A 412 8.76 6.12 12.83
N GLN A 413 8.60 5.09 13.64
CA GLN A 413 7.48 4.19 13.46
C GLN A 413 6.68 4.16 14.74
N ALA A 414 5.84 5.17 14.94
CA ALA A 414 5.14 5.31 16.20
C ALA A 414 3.87 4.54 16.19
N MET A 415 3.47 4.12 17.37
CA MET A 415 2.22 3.43 17.57
C MET A 415 1.42 4.06 18.68
N TYR A 416 0.12 4.12 18.50
CA TYR A 416 -0.76 4.65 19.51
C TYR A 416 -1.53 3.57 20.21
N ALA A 417 -1.37 3.51 21.51
CA ALA A 417 -2.05 2.52 22.28
C ALA A 417 -3.40 3.09 22.74
N PRO A 418 -4.53 2.53 22.34
CA PRO A 418 -5.85 3.02 22.66
C PRO A 418 -6.05 2.74 24.12
N PRO A 419 -6.95 3.46 24.78
CA PRO A 419 -7.30 3.31 26.17
C PRO A 419 -8.03 2.03 26.40
N ILE A 420 -7.89 1.53 27.60
CA ILE A 420 -8.55 0.35 28.11
C ILE A 420 -9.48 0.82 29.20
N GLU A 421 -10.75 0.46 29.11
CA GLU A 421 -11.73 0.91 30.09
C GLU A 421 -11.62 0.15 31.39
N GLY A 422 -11.98 0.83 32.48
CA GLY A 422 -11.96 0.18 33.77
C GLY A 422 -10.60 0.32 34.40
N LYS A 423 -10.26 -0.57 35.33
CA LYS A 423 -9.01 -0.49 36.06
C LYS A 423 -8.12 -1.66 35.69
N ILE A 424 -6.82 -1.49 35.89
CA ILE A 424 -5.88 -2.56 35.57
C ILE A 424 -5.13 -3.10 36.77
N ARG A 425 -5.14 -4.42 36.90
CA ARG A 425 -4.40 -5.10 37.95
C ARG A 425 -3.47 -6.13 37.37
N CYS A 426 -2.19 -6.00 37.70
CA CYS A 426 -1.16 -6.89 37.20
C CYS A 426 -0.39 -7.59 38.30
N THR A 427 -0.09 -8.86 38.08
CA THR A 427 0.79 -9.57 38.97
C THR A 427 1.90 -10.13 38.13
N SER A 428 3.14 -9.83 38.46
CA SER A 428 4.24 -10.38 37.67
C SER A 428 5.35 -10.90 38.55
N ASN A 429 6.20 -11.73 37.97
CA ASN A 429 7.33 -12.27 38.71
C ASN A 429 8.66 -11.69 38.25
N ILE A 430 9.39 -11.10 39.16
CA ILE A 430 10.70 -10.63 38.76
C ILE A 430 11.58 -11.85 38.81
N THR A 431 12.19 -12.20 37.68
CA THR A 431 13.03 -13.38 37.58
C THR A 431 14.48 -13.04 37.31
N GLY A 432 14.73 -11.77 37.02
CA GLY A 432 16.11 -11.38 36.74
C GLY A 432 16.32 -9.89 36.62
N LEU A 433 17.58 -9.52 36.46
CA LEU A 433 17.99 -8.13 36.35
C LEU A 433 18.94 -7.89 35.22
N LEU A 434 18.89 -6.70 34.62
CA LEU A 434 19.92 -6.34 33.67
C LEU A 434 20.74 -5.21 34.24
N LEU A 435 22.03 -5.45 34.43
CA LEU A 435 22.91 -4.45 35.03
C LEU A 435 24.08 -4.03 34.13
N THR A 436 24.53 -2.81 34.29
CA THR A 436 25.74 -2.35 33.59
C THR A 436 26.66 -1.78 34.64
N ARG A 437 27.93 -1.54 34.31
CA ARG A 437 28.84 -0.99 35.31
C ARG A 437 29.39 0.38 34.97
N ASP A 438 29.74 1.15 35.99
CA ASP A 438 30.34 2.44 35.74
C ASP A 438 31.85 2.32 35.61
N ASN A 442 39.17 1.90 41.71
CA ASN A 442 38.33 1.97 42.89
C ASN A 442 38.27 0.61 43.59
N ASN A 443 38.01 0.64 44.89
CA ASN A 443 37.87 -0.59 45.67
C ASN A 443 36.41 -0.99 45.81
N THR A 444 35.58 -0.24 45.10
CA THR A 444 34.14 -0.41 45.06
C THR A 444 33.67 -0.40 43.62
N GLU A 445 32.78 -1.33 43.29
CA GLU A 445 32.17 -1.42 41.98
C GLU A 445 30.76 -0.85 42.02
N THR A 446 30.36 -0.15 40.96
CA THR A 446 28.99 0.37 40.91
C THR A 446 28.20 -0.24 39.80
N PHE A 447 27.05 -0.77 40.16
CA PHE A 447 26.14 -1.36 39.21
C PHE A 447 24.88 -0.53 39.09
N ARG A 448 24.40 -0.38 37.88
CA ARG A 448 23.17 0.36 37.64
C ARG A 448 22.27 -0.46 36.72
N PRO A 449 20.96 -0.28 36.76
CA PRO A 449 20.03 -0.88 35.84
C PRO A 449 20.37 -0.56 34.39
N GLY A 450 20.25 -1.57 33.56
CA GLY A 450 20.51 -1.56 32.13
C GLY A 450 19.24 -1.68 31.30
N GLY A 451 19.29 -2.54 30.28
CA GLY A 451 18.14 -2.72 29.40
C GLY A 451 18.25 -1.90 28.14
N GLY A 452 17.12 -1.58 27.55
CA GLY A 452 17.08 -0.87 26.28
C GLY A 452 17.18 -1.81 25.08
N ASP A 453 18.26 -2.59 25.02
CA ASP A 453 18.44 -3.52 23.93
C ASP A 453 17.76 -4.84 24.24
N MET A 454 16.65 -5.05 23.57
CA MET A 454 15.75 -6.17 23.78
C MET A 454 16.34 -7.52 23.52
N ARG A 455 17.41 -7.61 22.79
CA ARG A 455 17.92 -8.94 22.52
C ARG A 455 18.39 -9.59 23.79
N ASP A 456 18.77 -8.80 24.79
CA ASP A 456 19.26 -9.35 26.02
C ASP A 456 18.18 -10.11 26.73
N ASN A 457 16.93 -9.75 26.47
CA ASN A 457 15.83 -10.37 27.16
C ASN A 457 15.60 -11.78 26.69
N TRP A 458 15.99 -12.13 25.47
CA TRP A 458 15.71 -13.49 25.10
C TRP A 458 16.97 -14.26 25.24
N ARG A 459 18.09 -13.55 25.21
CA ARG A 459 19.35 -14.21 25.40
C ARG A 459 19.35 -14.86 26.75
N SER A 460 18.72 -14.21 27.71
CA SER A 460 18.60 -14.68 29.07
C SER A 460 17.81 -15.99 29.20
N GLU A 461 17.02 -16.37 28.20
CA GLU A 461 16.23 -17.60 28.22
C GLU A 461 16.77 -18.67 27.24
N LEU A 462 17.36 -18.21 26.15
CA LEU A 462 17.87 -19.06 25.09
C LEU A 462 19.29 -19.53 25.29
N TYR A 463 19.88 -19.18 26.42
CA TYR A 463 21.25 -19.55 26.74
C TYR A 463 21.41 -21.06 26.85
N LYS A 464 20.31 -21.75 27.08
CA LYS A 464 20.32 -23.19 27.22
C LYS A 464 20.28 -23.92 25.90
N TYR A 465 20.03 -23.25 24.77
CA TYR A 465 19.86 -24.01 23.54
C TYR A 465 20.84 -23.71 22.42
N LYS A 466 21.14 -24.76 21.65
CA LYS A 466 21.99 -24.66 20.48
C LYS A 466 21.42 -25.43 19.27
N VAL A 467 21.58 -24.87 18.08
CA VAL A 467 21.11 -25.55 16.87
C VAL A 467 22.25 -26.13 16.07
N VAL A 468 22.12 -27.42 15.74
CA VAL A 468 23.11 -28.12 14.95
C VAL A 468 22.42 -28.83 13.80
N LYS A 469 23.17 -29.19 12.78
CA LYS A 469 22.62 -29.92 11.65
C LYS A 469 23.23 -31.29 11.61
N ILE A 470 22.49 -32.23 11.07
CA ILE A 470 22.96 -33.57 10.96
C ILE A 470 23.68 -33.79 9.65
N GLU A 471 24.85 -34.43 9.74
CA GLU A 471 25.64 -34.78 8.57
C GLU A 471 25.87 -36.29 8.54
N PRO A 472 24.93 -37.07 8.02
CA PRO A 472 24.84 -38.50 8.11
C PRO A 472 25.86 -39.29 7.30
N LEU A 473 26.65 -38.67 6.43
CA LEU A 473 27.62 -39.47 5.67
C LEU A 473 29.03 -39.36 6.17
N GLY A 474 29.73 -40.47 6.05
CA GLY A 474 31.15 -40.51 6.35
C GLY A 474 31.74 -41.86 6.00
N VAL A 475 33.05 -41.97 6.16
CA VAL A 475 33.75 -43.21 5.85
C VAL A 475 34.66 -43.65 6.97
N ALA A 476 34.98 -44.94 6.97
CA ALA A 476 35.91 -45.52 7.95
C ALA A 476 36.51 -46.83 7.40
N PRO A 477 37.71 -47.26 7.85
CA PRO A 477 38.38 -48.51 7.47
C PRO A 477 37.73 -49.75 8.02
N THR A 478 37.44 -50.68 7.11
CA THR A 478 36.84 -51.96 7.45
C THR A 478 37.55 -53.06 6.67
N ARG A 479 37.25 -54.33 6.96
CA ARG A 479 37.91 -55.40 6.20
C ARG A 479 37.07 -55.87 5.02
N CYS A 480 35.95 -55.19 4.81
CA CYS A 480 35.02 -55.50 3.75
C CYS A 480 35.23 -54.60 2.53
N LYS A 481 35.39 -55.20 1.37
CA LYS A 481 35.55 -54.46 0.13
C LYS A 481 34.44 -54.91 -0.79
N ARG A 482 34.10 -54.11 -1.81
CA ARG A 482 32.98 -54.48 -2.69
C ARG A 482 33.11 -55.88 -3.26
N ARG A 483 34.30 -56.24 -3.71
CA ARG A 483 34.53 -57.56 -4.25
C ARG A 483 35.50 -58.38 -3.41
N PHE B 11 16.85 -41.61 18.43
CA PHE B 11 17.61 -40.66 17.62
C PHE B 11 18.76 -40.09 18.41
N LEU B 12 19.96 -40.26 17.87
CA LEU B 12 21.22 -39.85 18.47
C LEU B 12 21.51 -40.50 19.80
N GLY B 13 20.79 -41.55 20.15
CA GLY B 13 21.02 -42.21 21.41
C GLY B 13 22.44 -42.75 21.51
N ALA B 14 22.98 -43.17 20.38
CA ALA B 14 24.31 -43.72 20.32
C ALA B 14 25.31 -42.68 19.87
N ALA B 15 24.95 -41.40 19.84
CA ALA B 15 25.86 -40.40 19.33
C ALA B 15 27.20 -40.39 20.05
N GLY B 16 27.19 -40.64 21.34
CA GLY B 16 28.41 -40.67 22.14
C GLY B 16 28.98 -42.09 22.27
N SER B 17 28.41 -43.05 21.55
CA SER B 17 28.83 -44.43 21.70
C SER B 17 29.73 -44.91 20.60
N THR B 18 30.14 -46.16 20.74
CA THR B 18 31.05 -46.85 19.85
C THR B 18 30.51 -46.89 18.44
N MET B 19 31.37 -46.60 17.47
CA MET B 19 30.92 -46.54 16.09
C MET B 19 30.33 -47.83 15.60
N GLY B 20 30.88 -48.94 16.05
CA GLY B 20 30.42 -50.25 15.67
C GLY B 20 29.01 -50.48 16.19
N ALA B 21 28.81 -50.22 17.48
CA ALA B 21 27.51 -50.41 18.11
C ALA B 21 26.45 -49.53 17.47
N ALA B 22 26.86 -48.34 17.07
CA ALA B 22 25.99 -47.33 16.48
C ALA B 22 25.49 -47.76 15.12
N SER B 23 26.06 -48.82 14.54
CA SER B 23 25.64 -49.29 13.25
C SER B 23 24.21 -49.81 13.32
N MET B 24 23.72 -50.08 14.53
CA MET B 24 22.38 -50.60 14.70
C MET B 24 21.35 -49.50 14.85
N THR B 25 21.78 -48.23 14.80
CA THR B 25 20.86 -47.11 14.95
C THR B 25 20.77 -46.33 13.66
N LEU B 26 21.36 -46.84 12.62
CA LEU B 26 21.40 -46.11 11.36
C LEU B 26 20.00 -45.93 10.80
N THR B 27 19.09 -46.86 11.08
CA THR B 27 17.74 -46.76 10.54
C THR B 27 17.06 -45.46 10.98
N VAL B 28 17.15 -45.10 12.25
CA VAL B 28 16.46 -43.89 12.68
C VAL B 28 17.18 -42.67 12.19
N GLN B 29 18.50 -42.72 12.16
CA GLN B 29 19.23 -41.55 11.76
C GLN B 29 18.97 -41.24 10.30
N ALA B 30 18.83 -42.30 9.51
CA ALA B 30 18.56 -42.17 8.09
C ALA B 30 17.10 -41.83 7.81
N ARG B 31 16.20 -42.31 8.66
CA ARG B 31 14.78 -42.12 8.44
C ARG B 31 14.22 -40.75 8.75
N ASN B 32 14.68 -40.08 9.81
CA ASN B 32 14.03 -38.83 10.17
C ASN B 32 14.65 -37.61 9.52
N LEU B 33 15.00 -37.74 8.25
CA LEU B 33 15.56 -36.65 7.49
C LEU B 33 14.49 -35.95 6.68
N LEU B 34 13.26 -36.46 6.71
CA LEU B 34 12.14 -35.89 5.96
C LEU B 34 11.02 -35.51 6.92
N GLN B 56 -0.07 -18.77 4.00
CA GLN B 56 -0.39 -17.37 3.79
C GLN B 56 0.71 -16.67 3.02
N LEU B 57 0.39 -15.60 2.29
CA LEU B 57 1.42 -14.90 1.52
C LEU B 57 2.12 -13.85 2.36
N THR B 58 2.91 -14.35 3.29
CA THR B 58 3.63 -13.54 4.25
C THR B 58 5.08 -13.93 4.24
N VAL B 59 5.92 -13.14 4.89
CA VAL B 59 7.32 -13.48 4.94
C VAL B 59 7.50 -14.70 5.82
N TRP B 60 6.66 -14.82 6.84
CA TRP B 60 6.74 -15.95 7.73
C TRP B 60 6.52 -17.22 6.91
N GLY B 61 5.49 -17.18 6.06
CA GLY B 61 5.14 -18.30 5.20
C GLY B 61 6.22 -18.64 4.18
N ILE B 62 6.85 -17.62 3.57
CA ILE B 62 7.86 -17.96 2.57
C ILE B 62 9.06 -18.57 3.25
N LYS B 63 9.42 -18.09 4.44
CA LYS B 63 10.56 -18.70 5.10
C LYS B 63 10.32 -20.16 5.37
N GLN B 64 9.10 -20.53 5.77
CA GLN B 64 8.86 -21.93 6.01
C GLN B 64 8.89 -22.75 4.74
N LEU B 65 8.43 -22.17 3.64
CA LEU B 65 8.47 -22.92 2.41
C LEU B 65 9.91 -23.12 1.96
N GLN B 66 10.73 -22.10 2.14
CA GLN B 66 12.11 -22.19 1.74
C GLN B 66 12.81 -23.28 2.54
N ALA B 67 12.47 -23.38 3.84
CA ALA B 67 13.07 -24.40 4.67
C ALA B 67 12.72 -25.79 4.17
N ARG B 68 11.48 -25.98 3.73
CA ARG B 68 11.08 -27.27 3.22
C ARG B 68 11.83 -27.62 1.95
N VAL B 69 12.02 -26.63 1.09
CA VAL B 69 12.73 -26.88 -0.14
C VAL B 69 14.16 -27.26 0.16
N LEU B 70 14.79 -26.56 1.09
CA LEU B 70 16.16 -26.89 1.43
C LEU B 70 16.26 -28.29 1.95
N ALA B 71 15.35 -28.69 2.83
CA ALA B 71 15.46 -30.03 3.36
C ALA B 71 15.44 -31.06 2.24
N VAL B 72 14.60 -30.82 1.23
CA VAL B 72 14.56 -31.75 0.12
C VAL B 72 15.87 -31.75 -0.64
N GLU B 73 16.41 -30.57 -0.90
CA GLU B 73 17.64 -30.52 -1.64
C GLU B 73 18.76 -31.22 -0.92
N ARG B 74 18.85 -31.06 0.39
CA ARG B 74 19.92 -31.72 1.11
C ARG B 74 19.76 -33.21 1.06
N TYR B 75 18.53 -33.68 1.21
CA TYR B 75 18.27 -35.09 1.16
C TYR B 75 18.73 -35.66 -0.16
N LEU B 76 18.32 -35.02 -1.24
CA LEU B 76 18.68 -35.55 -2.53
C LEU B 76 20.16 -35.52 -2.79
N LYS B 77 20.87 -34.49 -2.34
CA LYS B 77 22.30 -34.51 -2.60
C LYS B 77 22.95 -35.71 -1.97
N ASP B 78 22.53 -36.11 -0.78
CA ASP B 78 23.15 -37.28 -0.20
C ASP B 78 22.75 -38.52 -0.96
N GLN B 79 21.50 -38.59 -1.42
CA GLN B 79 21.10 -39.77 -2.16
C GLN B 79 21.83 -39.87 -3.47
N GLN B 80 22.08 -38.74 -4.13
CA GLN B 80 22.75 -38.76 -5.40
C GLN B 80 24.15 -39.26 -5.24
N LEU B 81 24.80 -38.86 -4.15
CA LEU B 81 26.15 -39.30 -3.92
C LEU B 81 26.20 -40.79 -3.63
N LEU B 82 25.25 -41.29 -2.84
CA LEU B 82 25.24 -42.72 -2.60
C LEU B 82 24.96 -43.44 -3.89
N GLY B 83 24.13 -42.85 -4.71
CA GLY B 83 23.81 -43.44 -5.98
C GLY B 83 25.04 -43.58 -6.88
N ILE B 84 25.81 -42.51 -7.04
CA ILE B 84 26.93 -42.57 -7.95
C ILE B 84 27.99 -43.54 -7.43
N TRP B 85 28.09 -43.67 -6.12
CA TRP B 85 29.03 -44.59 -5.51
C TRP B 85 28.59 -46.04 -5.58
N GLY B 86 27.35 -46.30 -6.00
CA GLY B 86 26.84 -47.66 -6.04
C GLY B 86 26.38 -48.14 -4.68
N CYS B 87 26.02 -47.20 -3.81
CA CYS B 87 25.60 -47.48 -2.46
C CYS B 87 24.15 -47.08 -2.22
N SER B 88 23.36 -46.98 -3.29
CA SER B 88 21.98 -46.51 -3.17
C SER B 88 21.05 -47.38 -2.34
N GLY B 89 21.32 -48.67 -2.29
CA GLY B 89 20.46 -49.57 -1.54
C GLY B 89 21.05 -49.93 -0.19
N LYS B 90 22.09 -49.24 0.23
CA LYS B 90 22.74 -49.67 1.45
C LYS B 90 22.94 -48.61 2.49
N LEU B 91 22.92 -48.99 3.77
CA LEU B 91 23.29 -48.03 4.80
C LEU B 91 24.79 -48.20 5.05
N ILE B 92 25.28 -49.40 4.80
CA ILE B 92 26.70 -49.68 4.91
C ILE B 92 27.15 -50.21 3.58
N CYS B 93 28.08 -49.52 2.95
CA CYS B 93 28.50 -49.90 1.62
C CYS B 93 30.00 -50.08 1.48
N CYS B 94 30.38 -51.33 1.22
CA CYS B 94 31.78 -51.67 1.11
C CYS B 94 32.25 -51.31 -0.28
N THR B 95 33.33 -50.57 -0.39
CA THR B 95 33.82 -50.18 -1.70
C THR B 95 35.27 -50.56 -1.82
N ASN B 96 35.80 -50.37 -3.00
CA ASN B 96 37.21 -50.56 -3.24
C ASN B 96 37.88 -49.28 -2.76
N VAL B 97 39.23 -49.21 -2.88
CA VAL B 97 40.11 -48.15 -2.37
C VAL B 97 40.54 -48.47 -0.93
N PRO B 98 41.79 -48.92 -0.72
CA PRO B 98 42.44 -49.20 0.54
C PRO B 98 42.64 -47.95 1.36
N TRP B 99 42.85 -48.10 2.65
CA TRP B 99 43.20 -46.99 3.52
C TRP B 99 44.63 -46.60 3.57
N ASN B 100 44.80 -45.30 3.65
CA ASN B 100 46.09 -44.64 3.78
C ASN B 100 46.49 -44.45 5.22
N SER B 101 47.79 -44.46 5.45
CA SER B 101 48.34 -44.20 6.78
C SER B 101 48.27 -42.73 7.05
N SER B 102 48.12 -41.97 5.97
CA SER B 102 48.01 -40.53 6.03
C SER B 102 46.59 -40.11 6.37
N TRP B 103 45.64 -41.07 6.33
CA TRP B 103 44.24 -40.80 6.59
C TRP B 103 43.98 -41.26 8.01
N SER B 104 44.48 -42.46 8.33
CA SER B 104 44.38 -43.02 9.67
C SER B 104 45.50 -43.98 9.94
N ASN B 105 46.06 -43.90 11.13
CA ASN B 105 47.10 -44.80 11.55
C ASN B 105 46.66 -45.67 12.71
N LYS B 106 45.37 -45.84 12.86
CA LYS B 106 44.84 -46.65 13.93
C LYS B 106 44.27 -47.96 13.43
N SER B 107 44.32 -48.97 14.28
CA SER B 107 43.76 -50.27 13.95
C SER B 107 42.27 -50.24 14.08
N GLN B 108 41.62 -51.25 13.50
CA GLN B 108 40.17 -51.38 13.52
C GLN B 108 39.65 -51.67 14.92
N ASP B 109 40.55 -52.10 15.80
CA ASP B 109 40.22 -52.45 17.16
C ASP B 109 39.99 -51.19 17.97
N GLU B 110 40.65 -50.10 17.62
CA GLU B 110 40.39 -48.89 18.35
C GLU B 110 39.20 -48.25 17.68
N ILE B 111 39.24 -48.23 16.36
CA ILE B 111 38.26 -47.51 15.58
C ILE B 111 36.85 -48.00 15.76
N TRP B 112 36.61 -49.31 15.76
CA TRP B 112 35.25 -49.80 15.90
C TRP B 112 34.89 -50.31 17.27
N ASP B 113 35.71 -50.05 18.28
CA ASP B 113 35.43 -50.57 19.62
C ASP B 113 35.54 -49.47 20.67
N ASN B 114 36.56 -48.63 20.57
CA ASN B 114 36.81 -47.62 21.56
C ASN B 114 36.32 -46.24 21.10
N MET B 115 36.44 -45.98 19.81
CA MET B 115 36.03 -44.69 19.27
C MET B 115 34.56 -44.57 18.95
N THR B 116 34.08 -43.36 19.10
CA THR B 116 32.73 -42.97 18.81
C THR B 116 32.68 -42.26 17.47
N TRP B 117 31.48 -42.04 16.92
CA TRP B 117 31.42 -41.35 15.63
C TRP B 117 31.83 -39.90 15.70
N MET B 118 31.62 -39.24 16.84
CA MET B 118 32.04 -37.86 16.89
C MET B 118 33.57 -37.83 16.86
N GLU B 119 34.20 -38.77 17.60
CA GLU B 119 35.65 -38.77 17.64
C GLU B 119 36.23 -39.13 16.30
N TRP B 120 35.59 -40.05 15.61
CA TRP B 120 36.08 -40.42 14.31
C TRP B 120 35.98 -39.25 13.36
N ASP B 121 34.85 -38.55 13.38
CA ASP B 121 34.67 -37.43 12.49
C ASP B 121 35.75 -36.40 12.71
N LYS B 122 36.16 -36.22 13.97
CA LYS B 122 37.23 -35.27 14.29
C LYS B 122 38.57 -35.60 13.65
N GLU B 123 38.79 -36.87 13.30
CA GLU B 123 40.09 -37.27 12.75
C GLU B 123 40.10 -37.39 11.25
N ILE B 124 38.97 -37.76 10.66
CA ILE B 124 38.93 -38.03 9.22
C ILE B 124 38.29 -36.88 8.44
N ASN B 125 38.05 -35.77 9.12
CA ASN B 125 37.38 -34.61 8.55
C ASN B 125 38.15 -33.95 7.43
N ASN B 126 39.45 -34.10 7.42
CA ASN B 126 40.24 -33.46 6.40
C ASN B 126 40.45 -34.33 5.17
N TYR B 127 39.87 -35.52 5.17
CA TYR B 127 40.10 -36.44 4.08
C TYR B 127 38.86 -36.78 3.29
N THR B 128 37.77 -36.11 3.60
CA THR B 128 36.51 -36.46 2.99
C THR B 128 36.48 -36.18 1.51
N ASP B 129 37.14 -35.12 1.09
CA ASP B 129 37.10 -34.78 -0.32
C ASP B 129 37.94 -35.77 -1.10
N ILE B 130 39.01 -36.21 -0.47
CA ILE B 130 39.93 -37.12 -1.11
C ILE B 130 39.24 -38.44 -1.36
N ILE B 131 38.63 -38.96 -0.33
CA ILE B 131 38.02 -40.25 -0.46
C ILE B 131 36.84 -40.21 -1.40
N TYR B 132 36.01 -39.19 -1.31
CA TYR B 132 34.84 -39.16 -2.16
C TYR B 132 35.25 -39.08 -3.61
N SER B 133 36.26 -38.28 -3.92
CA SER B 133 36.69 -38.15 -5.30
C SER B 133 37.19 -39.47 -5.85
N LEU B 134 37.99 -40.19 -5.06
CA LEU B 134 38.53 -41.43 -5.54
C LEU B 134 37.44 -42.43 -5.83
N ILE B 135 36.42 -42.48 -4.97
CA ILE B 135 35.38 -43.45 -5.19
C ILE B 135 34.58 -43.11 -6.42
N GLU B 136 34.18 -41.84 -6.56
CA GLU B 136 33.31 -41.51 -7.66
C GLU B 136 33.91 -41.83 -8.99
N GLU B 137 35.17 -41.54 -9.21
CA GLU B 137 35.63 -41.83 -10.55
C GLU B 137 35.94 -43.28 -10.77
N SER B 138 36.73 -43.84 -9.89
CA SER B 138 37.24 -45.17 -10.12
C SER B 138 36.21 -46.25 -10.07
N GLN B 139 35.37 -46.21 -9.06
CA GLN B 139 34.49 -47.32 -8.81
C GLN B 139 33.20 -47.22 -9.54
N ASN B 140 33.05 -46.14 -10.25
CA ASN B 140 31.89 -45.95 -11.04
C ASN B 140 32.24 -46.36 -12.45
N GLN B 141 33.20 -45.69 -13.05
CA GLN B 141 33.40 -45.97 -14.43
C GLN B 141 34.04 -47.32 -14.71
N GLN B 142 34.97 -47.78 -13.87
CA GLN B 142 35.59 -49.04 -14.20
C GLN B 142 34.61 -50.17 -14.07
N GLU B 143 33.80 -50.10 -13.04
CA GLU B 143 32.86 -51.16 -12.76
C GLU B 143 31.74 -51.22 -13.78
N LYS B 144 31.20 -50.06 -14.18
CA LYS B 144 30.08 -50.10 -15.10
C LYS B 144 30.54 -50.54 -16.49
N ASN B 145 31.74 -50.15 -16.88
CA ASN B 145 32.23 -50.54 -18.18
C ASN B 145 32.44 -52.05 -18.22
N GLU B 146 32.98 -52.62 -17.13
CA GLU B 146 33.18 -54.04 -17.13
C GLU B 146 31.86 -54.79 -17.18
N GLN B 147 30.83 -54.26 -16.51
CA GLN B 147 29.55 -54.94 -16.54
C GLN B 147 28.91 -54.98 -17.92
N GLU B 148 29.01 -53.90 -18.70
CA GLU B 148 28.44 -53.98 -20.06
C GLU B 148 29.19 -55.02 -20.86
N LEU B 149 30.50 -55.04 -20.68
CA LEU B 149 31.34 -55.96 -21.38
C LEU B 149 31.20 -57.34 -20.76
N GLN C 1 -17.30 21.57 78.46
CA GLN C 1 -18.07 22.49 77.63
C GLN C 1 -17.43 23.86 77.59
N VAL C 2 -17.15 24.32 76.38
CA VAL C 2 -16.58 25.65 76.21
C VAL C 2 -17.69 26.59 75.81
N HIS C 3 -17.62 27.80 76.30
CA HIS C 3 -18.57 28.81 75.90
C HIS C 3 -17.86 29.88 75.11
N LEU C 4 -18.37 30.18 73.93
CA LEU C 4 -17.75 31.19 73.10
C LEU C 4 -18.59 32.43 73.14
N GLN C 5 -18.20 33.40 73.94
CA GLN C 5 -19.05 34.56 74.05
C GLN C 5 -18.59 35.67 73.16
N GLU C 6 -19.37 35.92 72.14
CA GLU C 6 -19.00 36.91 71.18
C GLU C 6 -19.48 38.28 71.54
N SER C 7 -18.79 39.26 70.99
CA SER C 7 -19.14 40.66 71.16
C SER C 7 -18.69 41.49 69.97
N GLY C 8 -19.35 42.63 69.78
CA GLY C 8 -19.01 43.53 68.69
C GLY C 8 -19.86 44.78 68.77
N PRO C 9 -19.62 45.76 67.88
CA PRO C 9 -20.28 47.06 67.82
C PRO C 9 -21.75 47.06 67.45
N GLY C 10 -22.21 45.98 66.84
CA GLY C 10 -23.60 45.88 66.42
C GLY C 10 -23.86 46.67 65.14
N LEU C 11 -23.78 47.99 65.24
CA LEU C 11 -24.02 48.85 64.11
C LEU C 11 -22.79 49.63 63.72
N VAL C 12 -22.41 49.48 62.47
CA VAL C 12 -21.24 50.14 61.93
C VAL C 12 -21.61 50.89 60.67
N LYS C 13 -20.75 51.80 60.22
CA LYS C 13 -21.02 52.52 59.00
C LYS C 13 -20.22 51.90 57.86
N PRO C 14 -20.61 52.14 56.61
CA PRO C 14 -19.86 51.73 55.46
C PRO C 14 -18.46 52.31 55.56
N SER C 15 -17.51 51.52 55.11
CA SER C 15 -16.08 51.78 55.05
C SER C 15 -15.38 51.78 56.40
N GLU C 16 -16.09 51.45 57.46
CA GLU C 16 -15.46 51.34 58.76
C GLU C 16 -14.85 49.96 58.93
N THR C 17 -13.94 49.85 59.88
CA THR C 17 -13.38 48.54 60.20
C THR C 17 -14.23 47.90 61.28
N LEU C 18 -14.57 46.66 61.06
CA LEU C 18 -15.35 45.87 61.98
C LEU C 18 -14.44 45.03 62.81
N SER C 19 -14.57 45.10 64.12
CA SER C 19 -13.75 44.27 64.97
C SER C 19 -14.61 43.52 65.96
N LEU C 20 -14.65 42.21 65.78
CA LEU C 20 -15.44 41.33 66.59
C LEU C 20 -14.55 40.56 67.50
N THR C 21 -15.09 40.19 68.63
CA THR C 21 -14.36 39.38 69.55
C THR C 21 -15.09 38.16 69.98
N CYS C 22 -14.41 37.36 70.76
CA CYS C 22 -14.88 36.08 71.27
C CYS C 22 -14.10 35.64 72.50
N ASN C 23 -14.77 35.70 73.63
CA ASN C 23 -14.21 35.39 74.91
C ASN C 23 -14.31 33.91 75.14
N VAL C 24 -13.20 33.20 75.03
CA VAL C 24 -13.26 31.77 75.13
C VAL C 24 -13.18 31.35 76.57
N SER C 25 -14.19 30.65 77.04
CA SER C 25 -14.18 30.23 78.42
C SER C 25 -14.37 28.74 78.61
N GLY C 26 -13.41 28.13 79.31
CA GLY C 26 -13.37 26.69 79.60
C GLY C 26 -12.27 25.94 78.86
N THR C 27 -11.75 26.52 77.79
CA THR C 27 -10.65 25.97 77.01
C THR C 27 -9.69 27.09 76.72
N LEU C 28 -8.51 26.77 76.22
CA LEU C 28 -7.61 27.82 75.86
C LEU C 28 -7.70 28.11 74.39
N VAL C 29 -7.36 29.34 74.05
CA VAL C 29 -7.39 29.77 72.67
C VAL C 29 -6.42 28.96 71.81
N ARG C 30 -5.34 28.48 72.40
CA ARG C 30 -4.37 27.69 71.66
C ARG C 30 -4.67 26.21 71.62
N ASP C 31 -5.81 25.78 72.20
CA ASP C 31 -6.17 24.37 72.25
C ASP C 31 -6.72 23.81 70.95
N ASN C 32 -7.34 24.62 70.10
CA ASN C 32 -7.98 24.15 68.89
C ASN C 32 -7.89 25.15 67.78
N TYR C 33 -8.42 24.80 66.63
CA TYR C 33 -8.47 25.69 65.49
C TYR C 33 -9.66 26.58 65.65
N TRP C 34 -9.54 27.82 65.28
CA TRP C 34 -10.68 28.68 65.36
C TRP C 34 -11.13 29.09 64.01
N SER C 35 -12.42 29.27 63.87
CA SER C 35 -12.89 29.74 62.61
C SER C 35 -14.03 30.67 62.76
N TRP C 36 -14.24 31.46 61.72
CA TRP C 36 -15.34 32.35 61.72
C TRP C 36 -16.22 32.09 60.54
N ILE C 37 -17.50 32.13 60.85
CA ILE C 37 -18.60 31.89 59.94
C ILE C 37 -19.57 33.03 59.98
N ARG C 38 -20.11 33.42 58.84
CA ARG C 38 -21.15 34.44 58.91
C ARG C 38 -22.36 33.97 58.14
N GLN C 39 -23.53 34.39 58.56
CA GLN C 39 -24.75 34.04 57.87
C GLN C 39 -25.62 35.25 57.61
N PRO C 40 -25.60 35.81 56.41
CA PRO C 40 -26.39 36.94 56.00
C PRO C 40 -27.83 36.49 56.11
N LEU C 41 -28.73 37.39 56.39
CA LEU C 41 -30.11 36.97 56.48
C LEU C 41 -30.61 36.52 55.12
N GLY C 42 -31.24 35.36 55.08
CA GLY C 42 -31.78 34.85 53.83
C GLY C 42 -30.77 34.05 53.02
N LYS C 43 -29.57 33.89 53.57
CA LYS C 43 -28.52 33.17 52.90
C LYS C 43 -28.04 31.99 53.71
N GLN C 44 -27.36 31.07 53.05
CA GLN C 44 -26.76 29.97 53.76
C GLN C 44 -25.44 30.51 54.32
N PRO C 45 -24.88 29.93 55.38
CA PRO C 45 -23.63 30.36 55.97
C PRO C 45 -22.44 30.34 55.03
N GLU C 46 -21.54 31.30 55.26
CA GLU C 46 -20.28 31.50 54.57
C GLU C 46 -19.11 31.35 55.52
N TRP C 47 -18.12 30.60 55.12
CA TRP C 47 -16.94 30.37 55.94
C TRP C 47 -15.96 31.46 55.60
N ILE C 48 -15.54 32.23 56.60
CA ILE C 48 -14.68 33.38 56.37
C ILE C 48 -13.25 32.97 56.29
N GLY C 49 -12.87 32.14 57.22
CA GLY C 49 -11.50 31.72 57.32
C GLY C 49 -11.26 31.03 58.64
N TYR C 50 -10.03 30.55 58.81
CA TYR C 50 -9.69 29.92 60.05
C TYR C 50 -8.32 30.39 60.45
N VAL C 51 -8.11 30.39 61.74
CA VAL C 51 -6.87 30.83 62.34
C VAL C 51 -6.45 29.83 63.36
N HIS C 52 -5.16 29.66 63.51
CA HIS C 52 -4.69 28.64 64.40
C HIS C 52 -3.36 28.94 64.95
N ASP C 53 -3.06 28.29 66.05
CA ASP C 53 -1.75 28.45 66.56
C ASP C 53 -0.86 27.66 65.60
N SER C 54 0.44 27.69 65.84
CA SER C 54 1.42 27.00 65.00
C SER C 54 1.44 27.50 63.54
N GLY C 55 0.86 28.66 63.29
CA GLY C 55 0.84 29.29 61.98
C GLY C 55 -0.20 28.77 60.99
N ASP C 56 -1.10 27.87 61.41
CA ASP C 56 -2.02 27.32 60.41
C ASP C 56 -3.26 28.19 60.21
N THR C 57 -3.15 29.14 59.31
CA THR C 57 -4.21 30.11 59.03
C THR C 57 -4.51 30.15 57.54
N ASN C 58 -5.78 30.29 57.18
CA ASN C 58 -6.19 30.40 55.79
C ASN C 58 -7.46 31.22 55.69
N TYR C 59 -7.72 31.76 54.52
CA TYR C 59 -8.88 32.61 54.32
C TYR C 59 -9.72 32.31 53.11
N ASN C 60 -10.99 32.66 53.21
CA ASN C 60 -11.88 32.64 52.08
C ASN C 60 -11.30 33.59 51.07
N PRO C 61 -10.90 33.15 49.88
CA PRO C 61 -10.28 33.94 48.85
C PRO C 61 -11.04 35.19 48.47
N SER C 62 -12.36 35.20 48.66
CA SER C 62 -13.13 36.37 48.27
C SER C 62 -13.13 37.44 49.34
N LEU C 63 -12.71 37.10 50.54
CA LEU C 63 -12.71 38.03 51.64
C LEU C 63 -11.31 38.42 52.04
N LYS C 64 -10.37 37.52 51.83
CA LYS C 64 -8.99 37.59 52.27
C LYS C 64 -8.38 38.98 52.31
N SER C 65 -8.52 39.76 51.25
CA SER C 65 -7.84 41.04 51.16
C SER C 65 -8.28 42.07 52.20
N ARG C 66 -9.43 41.85 52.82
CA ARG C 66 -9.96 42.77 53.80
C ARG C 66 -9.98 42.18 55.21
N VAL C 67 -9.53 40.94 55.38
CA VAL C 67 -9.72 40.34 56.70
C VAL C 67 -8.50 39.71 57.34
N HIS C 68 -8.41 39.94 58.64
CA HIS C 68 -7.38 39.35 59.46
C HIS C 68 -7.96 38.73 60.71
N LEU C 69 -7.57 37.50 60.97
CA LEU C 69 -8.02 36.80 62.16
C LEU C 69 -6.87 36.69 63.12
N SER C 70 -7.17 36.65 64.41
CA SER C 70 -6.08 36.50 65.36
C SER C 70 -6.45 35.82 66.66
N LEU C 71 -5.42 35.30 67.33
CA LEU C 71 -5.57 34.66 68.62
C LEU C 71 -4.74 35.35 69.69
N ASP C 72 -5.40 35.78 70.75
CA ASP C 72 -4.74 36.46 71.86
C ASP C 72 -4.49 35.48 72.99
N LYS C 73 -3.24 35.04 73.10
CA LYS C 73 -2.86 34.01 74.06
C LYS C 73 -2.84 34.49 75.48
N SER C 74 -2.89 35.80 75.68
CA SER C 74 -2.87 36.37 77.01
C SER C 74 -4.28 36.47 77.55
N LYS C 75 -5.18 37.02 76.72
CA LYS C 75 -6.56 37.25 77.14
C LYS C 75 -7.51 36.11 76.76
N ASN C 76 -6.98 35.11 76.06
CA ASN C 76 -7.71 33.92 75.63
C ASN C 76 -8.87 34.32 74.71
N LEU C 77 -8.56 35.24 73.82
CA LEU C 77 -9.56 35.72 72.89
C LEU C 77 -9.33 35.30 71.46
N VAL C 78 -10.43 35.14 70.76
CA VAL C 78 -10.44 34.87 69.35
C VAL C 78 -11.04 36.10 68.71
N SER C 79 -10.41 36.65 67.69
CA SER C 79 -10.96 37.86 67.11
C SER C 79 -10.97 37.89 65.59
N LEU C 80 -11.81 38.79 65.07
CA LEU C 80 -11.94 39.03 63.65
C LEU C 80 -11.90 40.51 63.31
N ARG C 81 -11.03 40.86 62.36
CA ARG C 81 -10.93 42.22 61.89
C ARG C 81 -11.20 42.35 60.40
N LEU C 82 -12.28 43.04 60.06
CA LEU C 82 -12.67 43.22 58.67
C LEU C 82 -12.68 44.68 58.25
N THR C 83 -11.90 45.01 57.23
CA THR C 83 -11.82 46.40 56.81
C THR C 83 -12.73 46.62 55.63
N GLY C 84 -13.02 47.87 55.31
CA GLY C 84 -13.78 48.13 54.09
C GLY C 84 -15.21 47.61 54.19
N VAL C 85 -15.80 47.68 55.37
CA VAL C 85 -17.11 47.09 55.54
C VAL C 85 -18.20 47.73 54.71
N THR C 86 -19.01 46.90 54.08
CA THR C 86 -20.10 47.41 53.26
C THR C 86 -21.43 46.77 53.57
N ALA C 87 -22.47 47.21 52.88
CA ALA C 87 -23.82 46.72 53.16
C ALA C 87 -23.93 45.21 53.03
N ALA C 88 -23.18 44.65 52.10
CA ALA C 88 -23.16 43.23 51.79
C ALA C 88 -22.59 42.40 52.93
N ASP C 89 -21.91 43.05 53.87
CA ASP C 89 -21.30 42.34 54.96
C ASP C 89 -22.23 42.26 56.15
N SER C 90 -23.45 42.79 56.04
CA SER C 90 -24.32 42.66 57.19
C SER C 90 -24.64 41.17 57.31
N ALA C 91 -24.49 40.63 58.49
CA ALA C 91 -24.70 39.20 58.72
C ALA C 91 -24.66 38.84 60.18
N ILE C 92 -25.06 37.64 60.50
CA ILE C 92 -24.81 37.20 61.86
C ILE C 92 -23.44 36.54 61.82
N TYR C 93 -22.56 36.96 62.68
CA TYR C 93 -21.22 36.41 62.70
C TYR C 93 -21.06 35.44 63.84
N TYR C 94 -20.29 34.38 63.61
CA TYR C 94 -20.02 33.38 64.63
C TYR C 94 -18.57 33.02 64.82
N CYS C 95 -18.25 32.78 66.08
CA CYS C 95 -17.01 32.26 66.59
C CYS C 95 -17.22 30.78 66.76
N ALA C 96 -16.31 29.96 66.24
CA ALA C 96 -16.52 28.54 66.42
C ALA C 96 -15.23 27.75 66.57
N THR C 97 -15.36 26.60 67.25
CA THR C 97 -14.23 25.70 67.39
C THR C 97 -14.30 24.73 66.26
N THR C 98 -13.18 24.59 65.62
CA THR C 98 -13.03 23.73 64.48
C THR C 98 -12.22 22.50 64.81
N LYS C 99 -12.76 21.38 64.38
CA LYS C 99 -12.15 20.08 64.49
C LYS C 99 -12.00 19.54 63.11
N HIS C 100 -11.08 18.62 62.94
CA HIS C 100 -10.84 18.14 61.61
C HIS C 100 -10.44 16.71 61.57
N GLY C 101 -10.34 16.22 60.38
CA GLY C 101 -9.91 14.87 60.16
C GLY C 101 -9.36 14.77 58.77
N ARG C 102 -9.00 13.57 58.37
CA ARG C 102 -8.43 13.38 57.06
C ARG C 102 -9.12 12.27 56.37
N ARG C 103 -9.24 12.40 55.08
CA ARG C 103 -9.79 11.35 54.28
C ARG C 103 -8.77 10.89 53.28
N ILE C 104 -8.59 9.58 53.20
CA ILE C 104 -7.63 9.03 52.27
C ILE C 104 -8.36 8.38 51.15
N TYR C 105 -8.02 8.72 49.92
CA TYR C 105 -8.71 8.07 48.83
C TYR C 105 -7.77 7.19 48.03
N GLY C 106 -6.50 7.50 48.06
CA GLY C 106 -5.51 6.76 47.29
C GLY C 106 -4.33 6.41 48.15
N VAL C 107 -3.15 6.50 47.55
CA VAL C 107 -1.89 6.17 48.20
C VAL C 107 -1.42 7.34 49.04
N VAL C 108 -1.14 7.08 50.30
CA VAL C 108 -0.73 8.18 51.15
C VAL C 108 0.61 8.78 50.75
N ALA C 109 1.48 7.95 50.21
CA ALA C 109 2.80 8.35 49.77
C ALA C 109 2.78 9.34 48.62
N PHE C 110 1.67 9.40 47.90
CA PHE C 110 1.56 10.27 46.76
C PHE C 110 0.67 11.46 47.11
N LYS C 111 0.36 11.57 48.40
CA LYS C 111 -0.52 12.58 48.94
C LYS C 111 -1.93 12.50 48.38
N GLU C 112 -2.45 11.30 48.14
CA GLU C 112 -3.80 11.19 47.61
C GLU C 112 -4.85 11.22 48.72
N TRP C 113 -4.92 12.39 49.31
CA TRP C 113 -5.76 12.66 50.43
C TRP C 113 -6.03 14.11 50.66
N PHE C 114 -7.00 14.40 51.50
CA PHE C 114 -7.26 15.77 51.87
C PHE C 114 -7.80 15.94 53.26
N THR C 115 -7.63 17.13 53.78
CA THR C 115 -8.14 17.49 55.08
C THR C 115 -9.54 17.97 54.90
N TYR C 116 -10.40 17.59 55.83
CA TYR C 116 -11.75 18.11 55.82
C TYR C 116 -11.98 18.73 57.17
N PHE C 117 -12.87 19.70 57.24
CA PHE C 117 -13.16 20.35 58.49
C PHE C 117 -14.62 20.48 58.79
N TYR C 118 -14.88 20.57 60.07
CA TYR C 118 -16.22 20.82 60.57
C TYR C 118 -16.22 21.66 61.84
N MET C 119 -17.32 22.35 62.10
CA MET C 119 -17.41 23.18 63.29
C MET C 119 -18.22 22.51 64.35
N ASP C 120 -17.55 22.28 65.47
CA ASP C 120 -18.09 21.57 66.61
C ASP C 120 -18.81 22.47 67.58
N VAL C 121 -18.16 23.55 68.00
CA VAL C 121 -18.84 24.41 68.97
C VAL C 121 -19.04 25.77 68.41
N TRP C 122 -20.28 26.20 68.42
CA TRP C 122 -20.63 27.49 67.92
C TRP C 122 -21.03 28.36 69.07
N GLY C 123 -20.72 29.63 69.01
CA GLY C 123 -21.15 30.55 70.03
C GLY C 123 -22.53 31.02 69.68
N LYS C 124 -23.02 32.03 70.39
CA LYS C 124 -24.36 32.52 70.09
C LYS C 124 -24.37 33.34 68.83
N GLY C 125 -23.25 34.00 68.58
CA GLY C 125 -23.06 34.84 67.43
C GLY C 125 -23.46 36.27 67.72
N THR C 126 -23.10 37.17 66.81
CA THR C 126 -23.44 38.57 66.95
C THR C 126 -24.09 39.08 65.70
N SER C 127 -24.91 40.09 65.86
CA SER C 127 -25.56 40.68 64.72
C SER C 127 -24.86 41.93 64.28
N VAL C 128 -24.37 41.94 63.05
CA VAL C 128 -23.69 43.11 62.53
C VAL C 128 -24.45 43.73 61.37
N THR C 129 -24.83 44.98 61.56
CA THR C 129 -25.56 45.76 60.57
C THR C 129 -24.70 46.88 60.06
N VAL C 130 -24.66 47.04 58.74
CA VAL C 130 -23.88 48.13 58.18
C VAL C 130 -24.83 49.19 57.66
N SER C 131 -24.73 50.40 58.18
CA SER C 131 -25.67 51.45 57.78
C SER C 131 -25.71 51.64 56.28
N ALA D 1 -32.22 30.80 51.33
CA ALA D 1 -31.37 29.85 50.64
C ALA D 1 -31.95 28.43 50.57
N PRO D 2 -32.51 27.84 51.66
CA PRO D 2 -33.00 26.49 51.63
C PRO D 2 -34.30 26.30 50.85
N THR D 3 -34.49 25.06 50.38
CA THR D 3 -35.72 24.58 49.73
C THR D 3 -36.55 23.88 50.77
N PHE D 4 -37.67 23.26 50.38
CA PHE D 4 -38.53 22.70 51.41
C PHE D 4 -38.93 21.25 51.23
N VAL D 5 -39.00 20.53 52.35
CA VAL D 5 -39.54 19.18 52.35
C VAL D 5 -40.62 19.09 53.44
N SER D 6 -41.77 18.52 53.08
CA SER D 6 -42.89 18.36 54.01
C SER D 6 -42.99 16.94 54.54
N VAL D 7 -42.76 16.75 55.83
CA VAL D 7 -42.77 15.41 56.42
C VAL D 7 -43.70 15.34 57.64
N ALA D 8 -44.63 14.40 57.65
CA ALA D 8 -45.48 14.29 58.84
C ALA D 8 -44.62 13.72 59.94
N PRO D 9 -44.86 14.01 61.21
CA PRO D 9 -44.08 13.44 62.25
C PRO D 9 -44.22 11.96 62.16
N GLY D 10 -43.11 11.27 62.29
CA GLY D 10 -43.04 9.83 62.21
C GLY D 10 -42.64 9.37 60.81
N GLN D 11 -42.69 10.27 59.83
CA GLN D 11 -42.32 9.93 58.47
C GLN D 11 -40.87 10.27 58.29
N THR D 12 -40.25 9.69 57.28
CA THR D 12 -38.85 10.00 57.07
C THR D 12 -38.68 11.24 56.21
N ALA D 13 -37.48 11.81 56.25
CA ALA D 13 -37.13 12.93 55.38
C ALA D 13 -36.08 12.53 54.38
N ARG D 14 -36.14 13.13 53.22
CA ARG D 14 -35.08 12.97 52.24
C ARG D 14 -34.52 14.33 51.87
N ILE D 15 -33.38 14.64 52.42
CA ILE D 15 -32.75 15.91 52.21
C ILE D 15 -31.51 15.78 51.36
N THR D 16 -31.49 16.49 50.25
CA THR D 16 -30.34 16.40 49.39
C THR D 16 -29.65 17.73 49.40
N CYS D 17 -28.38 17.74 49.04
CA CYS D 17 -27.62 18.98 49.03
C CYS D 17 -26.36 18.91 48.18
N GLY D 18 -26.13 19.95 47.40
CA GLY D 18 -24.92 20.07 46.61
C GLY D 18 -24.97 19.40 45.24
N GLU D 19 -23.83 19.43 44.57
CA GLU D 19 -23.62 18.92 43.24
C GLU D 19 -23.20 17.48 43.28
N GLU D 20 -22.98 16.88 42.12
CA GLU D 20 -22.61 15.49 42.09
C GLU D 20 -21.15 15.30 42.49
N SER D 21 -20.85 14.15 43.06
CA SER D 21 -19.49 13.81 43.42
C SER D 21 -18.67 13.57 42.19
N LEU D 22 -17.43 14.03 42.21
CA LEU D 22 -16.55 13.74 41.09
C LEU D 22 -15.57 12.67 41.48
N GLY D 23 -15.23 12.65 42.75
CA GLY D 23 -14.23 11.77 43.31
C GLY D 23 -14.65 11.49 44.74
N SER D 24 -13.75 11.01 45.55
CA SER D 24 -14.14 10.70 46.90
C SER D 24 -14.62 11.95 47.57
N ARG D 25 -15.69 11.81 48.34
CA ARG D 25 -16.29 12.95 48.98
C ARG D 25 -16.44 12.85 50.47
N SER D 26 -16.39 13.99 51.12
CA SER D 26 -16.60 14.08 52.55
C SER D 26 -17.62 15.16 52.85
N VAL D 27 -18.79 14.75 53.29
CA VAL D 27 -19.87 15.67 53.52
C VAL D 27 -20.08 16.01 54.97
N ILE D 28 -20.20 17.28 55.25
CA ILE D 28 -20.49 17.68 56.61
C ILE D 28 -21.91 18.25 56.67
N TRP D 29 -22.75 17.73 57.56
CA TRP D 29 -24.12 18.22 57.67
C TRP D 29 -24.34 19.01 58.94
N TYR D 30 -25.00 20.16 58.80
CA TYR D 30 -25.33 21.04 59.92
C TYR D 30 -26.81 21.28 60.08
N GLN D 31 -27.24 21.45 61.34
CA GLN D 31 -28.63 21.68 61.68
C GLN D 31 -28.87 23.08 62.21
N GLN D 32 -29.70 23.84 61.51
CA GLN D 32 -30.04 25.18 61.93
C GLN D 32 -31.47 25.33 62.40
N ARG D 33 -31.70 25.30 63.69
CA ARG D 33 -33.07 25.50 64.13
C ARG D 33 -33.23 27.00 64.09
N PRO D 34 -34.32 27.56 63.58
CA PRO D 34 -34.49 28.98 63.49
C PRO D 34 -34.27 29.65 64.83
N GLY D 35 -33.50 30.73 64.81
CA GLY D 35 -33.20 31.51 66.00
C GLY D 35 -32.03 30.98 66.80
N GLN D 36 -31.49 29.83 66.43
CA GLN D 36 -30.40 29.22 67.18
C GLN D 36 -29.07 29.31 66.46
N ALA D 37 -27.97 29.21 67.19
CA ALA D 37 -26.72 29.06 66.46
C ALA D 37 -26.82 27.67 65.85
N PRO D 38 -26.27 27.40 64.67
CA PRO D 38 -26.24 26.10 64.03
C PRO D 38 -25.30 25.15 64.74
N SER D 39 -25.48 23.85 64.52
CA SER D 39 -24.56 22.85 65.07
C SER D 39 -24.37 21.65 64.14
N LEU D 40 -23.36 20.84 64.42
CA LEU D 40 -23.02 19.67 63.60
C LEU D 40 -23.90 18.46 63.81
N ILE D 41 -24.35 17.85 62.72
CA ILE D 41 -25.13 16.63 62.80
C ILE D 41 -24.23 15.46 62.45
N ILE D 42 -23.60 15.55 61.28
CA ILE D 42 -22.72 14.52 60.73
C ILE D 42 -21.44 15.05 60.12
N TYR D 43 -20.35 14.36 60.34
CA TYR D 43 -19.12 14.69 59.67
C TYR D 43 -18.63 13.44 58.96
N ASN D 44 -17.84 13.61 57.93
CA ASN D 44 -17.30 12.47 57.22
C ASN D 44 -18.37 11.50 56.73
N ASN D 45 -19.46 12.03 56.15
CA ASN D 45 -20.54 11.24 55.56
C ASN D 45 -21.46 10.54 56.56
N ASN D 46 -20.93 9.70 57.45
CA ASN D 46 -21.75 9.05 58.48
C ASN D 46 -21.25 9.00 59.92
N ASP D 47 -20.33 9.86 60.31
CA ASP D 47 -19.84 9.85 61.67
C ASP D 47 -20.54 10.95 62.44
N ARG D 48 -21.25 10.61 63.49
CA ARG D 48 -21.97 11.67 64.17
C ARG D 48 -21.30 11.86 65.51
N PRO D 49 -21.26 13.08 66.05
CA PRO D 49 -20.75 13.39 67.35
C PRO D 49 -21.73 12.91 68.38
N SER D 50 -21.26 12.72 69.59
CA SER D 50 -22.14 12.32 70.64
C SER D 50 -23.24 13.34 70.81
N GLY D 51 -24.45 12.85 71.07
CA GLY D 51 -25.62 13.69 71.27
C GLY D 51 -26.55 13.66 70.06
N ILE D 52 -26.04 13.21 68.93
CA ILE D 52 -26.88 13.11 67.75
C ILE D 52 -27.47 11.72 67.70
N PRO D 53 -28.80 11.56 67.56
CA PRO D 53 -29.48 10.29 67.50
C PRO D 53 -29.16 9.64 66.19
N ASP D 54 -29.28 8.33 66.15
CA ASP D 54 -28.93 7.56 64.98
C ASP D 54 -30.03 7.46 63.95
N ARG D 55 -31.03 8.32 64.11
CA ARG D 55 -32.09 8.45 63.16
C ARG D 55 -31.56 9.26 62.00
N PHE D 56 -30.39 9.90 62.20
CA PHE D 56 -29.76 10.70 61.17
C PHE D 56 -28.59 9.98 60.56
N SER D 57 -28.69 9.70 59.27
CA SER D 57 -27.65 8.99 58.55
C SER D 57 -27.66 9.45 57.11
N GLY D 58 -26.64 9.12 56.35
CA GLY D 58 -26.67 9.60 54.99
C GLY D 58 -25.88 8.77 54.00
N SER D 59 -25.74 9.35 52.84
CA SER D 59 -25.08 8.71 51.73
C SER D 59 -23.61 8.52 51.97
N PRO D 60 -23.00 7.50 51.37
CA PRO D 60 -21.60 7.20 51.38
C PRO D 60 -20.86 8.18 50.52
N GLY D 61 -19.57 8.36 50.78
CA GLY D 61 -18.73 9.23 49.95
C GLY D 61 -17.99 8.46 48.88
N SER D 62 -18.28 7.18 48.76
CA SER D 62 -17.60 6.29 47.82
C SER D 62 -18.17 6.31 46.41
N THR D 63 -19.32 6.91 46.22
CA THR D 63 -19.94 6.90 44.91
C THR D 63 -19.58 8.11 44.11
N PHE D 64 -19.81 8.04 42.81
CA PHE D 64 -19.54 9.19 41.96
C PHE D 64 -20.80 9.46 41.18
N GLY D 65 -21.09 10.73 40.87
CA GLY D 65 -22.26 11.06 40.08
C GLY D 65 -23.53 11.21 40.93
N THR D 66 -23.39 10.95 42.22
CA THR D 66 -24.45 11.00 43.20
C THR D 66 -24.34 12.30 43.98
N THR D 67 -25.38 12.66 44.71
CA THR D 67 -25.33 13.88 45.50
C THR D 67 -25.43 13.56 46.96
N ALA D 68 -25.06 14.51 47.80
CA ALA D 68 -25.12 14.22 49.22
C ALA D 68 -26.56 14.06 49.64
N THR D 69 -26.81 13.04 50.45
CA THR D 69 -28.15 12.83 50.98
C THR D 69 -28.15 12.57 52.47
N LEU D 70 -29.06 13.24 53.16
CA LEU D 70 -29.35 13.04 54.56
C LEU D 70 -30.72 12.44 54.70
N THR D 71 -30.80 11.31 55.36
CA THR D 71 -32.08 10.68 55.57
C THR D 71 -32.40 10.77 57.03
N ILE D 72 -33.60 11.22 57.33
CA ILE D 72 -33.95 11.31 58.74
C ILE D 72 -35.06 10.34 59.00
N THR D 73 -34.81 9.40 59.88
CA THR D 73 -35.76 8.38 60.23
C THR D 73 -36.75 8.93 61.23
N SER D 74 -38.02 8.65 61.04
CA SER D 74 -39.03 9.03 62.02
C SER D 74 -38.92 10.46 62.50
N VAL D 75 -39.08 11.42 61.61
CA VAL D 75 -38.89 12.83 61.94
C VAL D 75 -39.77 13.29 63.07
N GLU D 76 -39.17 14.00 64.03
CA GLU D 76 -39.83 14.53 65.20
C GLU D 76 -40.03 16.03 65.08
N ALA D 77 -40.90 16.60 65.90
CA ALA D 77 -41.11 18.05 65.88
C ALA D 77 -39.83 18.83 66.16
N GLY D 78 -38.95 18.27 66.98
CA GLY D 78 -37.72 18.96 67.35
C GLY D 78 -36.71 18.97 66.21
N ASP D 79 -37.01 18.26 65.13
CA ASP D 79 -36.12 18.19 64.00
C ASP D 79 -36.47 19.26 62.98
N GLU D 80 -37.50 20.09 63.25
CA GLU D 80 -37.75 21.15 62.29
C GLU D 80 -36.49 21.98 62.29
N ALA D 81 -35.90 22.16 61.13
CA ALA D 81 -34.63 22.91 61.02
C ALA D 81 -34.23 23.10 59.58
N ASP D 82 -33.30 24.01 59.36
CA ASP D 82 -32.69 24.12 58.06
C ASP D 82 -31.43 23.27 58.02
N TYR D 83 -31.41 22.30 57.14
CA TYR D 83 -30.30 21.40 57.04
C TYR D 83 -29.39 21.85 55.92
N TYR D 84 -28.10 21.97 56.22
CA TYR D 84 -27.14 22.43 55.22
C TYR D 84 -25.99 21.48 55.07
N CYS D 85 -25.47 21.40 53.88
CA CYS D 85 -24.28 20.62 53.70
C CYS D 85 -23.10 21.50 53.36
N HIS D 86 -21.95 21.03 53.76
CA HIS D 86 -20.68 21.63 53.41
C HIS D 86 -19.92 20.53 52.70
N ILE D 87 -19.56 20.76 51.45
CA ILE D 87 -18.95 19.69 50.68
C ILE D 87 -17.48 19.78 50.40
N TRP D 88 -16.75 18.73 50.76
CA TRP D 88 -15.37 18.64 50.40
C TRP D 88 -15.33 17.60 49.28
N ASP D 89 -14.54 17.82 48.23
CA ASP D 89 -14.46 16.89 47.10
C ASP D 89 -13.06 16.84 46.54
N SER D 90 -12.53 15.64 46.34
CA SER D 90 -11.14 15.48 45.91
C SER D 90 -10.79 16.11 44.56
N ARG D 91 -11.77 16.44 43.74
CA ARG D 91 -11.52 17.04 42.44
C ARG D 91 -12.07 18.45 42.29
N ARG D 92 -12.36 19.10 43.42
CA ARG D 92 -12.87 20.47 43.36
C ARG D 92 -12.12 21.36 44.34
N PRO D 93 -12.14 22.68 44.15
CA PRO D 93 -11.63 23.66 45.06
C PRO D 93 -12.37 23.58 46.36
N THR D 94 -11.74 24.02 47.42
CA THR D 94 -12.42 24.05 48.69
C THR D 94 -13.60 24.98 48.63
N ASN D 95 -14.71 24.48 49.11
CA ASN D 95 -15.90 25.26 49.16
C ASN D 95 -15.97 26.06 50.42
N TRP D 96 -15.92 27.35 50.27
CA TRP D 96 -15.94 28.26 51.38
C TRP D 96 -17.33 28.73 51.69
N VAL D 97 -18.26 28.27 50.90
CA VAL D 97 -19.64 28.64 51.03
C VAL D 97 -20.44 27.38 51.21
N PHE D 98 -21.36 27.39 52.15
CA PHE D 98 -22.18 26.23 52.40
C PHE D 98 -23.10 26.02 51.22
N GLY D 99 -23.56 24.81 51.02
CA GLY D 99 -24.46 24.57 49.91
C GLY D 99 -25.84 25.08 50.25
N GLU D 100 -26.75 24.94 49.31
CA GLU D 100 -28.09 25.44 49.51
C GLU D 100 -28.80 24.35 50.27
N GLY D 101 -29.39 24.67 51.41
CA GLY D 101 -29.98 23.64 52.25
C GLY D 101 -31.44 23.33 52.00
N THR D 102 -32.03 22.64 52.96
CA THR D 102 -33.42 22.26 52.94
C THR D 102 -34.07 22.53 54.28
N THR D 103 -35.25 23.09 54.28
CA THR D 103 -36.01 23.26 55.48
C THR D 103 -36.84 22.03 55.67
N LEU D 104 -36.72 21.44 56.82
CA LEU D 104 -37.52 20.30 57.15
C LEU D 104 -38.67 20.78 57.93
N ILE D 105 -39.84 20.63 57.36
CA ILE D 105 -41.07 21.07 57.95
C ILE D 105 -41.73 19.88 58.56
N VAL D 106 -42.00 19.95 59.84
CA VAL D 106 -42.66 18.83 60.47
C VAL D 106 -44.11 19.25 60.43
N LEU D 107 -44.96 18.39 59.92
CA LEU D 107 -46.35 18.80 59.68
C LEU D 107 -47.25 18.69 60.90
N SER D 108 -46.70 18.24 62.00
CA SER D 108 -47.43 18.10 63.26
C SER D 108 -48.62 19.03 63.37
N GLU E 37 24.95 -58.32 -35.57
CA GLU E 37 23.90 -57.30 -35.59
C GLU E 37 22.89 -57.59 -34.52
N ASN E 38 23.34 -58.31 -33.51
CA ASN E 38 22.49 -58.65 -32.38
C ASN E 38 22.48 -57.47 -31.43
N LEU E 39 21.81 -56.42 -31.86
CA LEU E 39 21.75 -55.14 -31.18
C LEU E 39 20.48 -54.90 -30.39
N TRP E 40 20.72 -54.58 -29.12
CA TRP E 40 19.75 -54.34 -28.05
C TRP E 40 19.80 -52.91 -27.52
N VAL E 41 18.69 -52.44 -26.97
CA VAL E 41 18.61 -51.09 -26.40
C VAL E 41 19.41 -50.90 -25.11
N THR E 42 20.22 -49.83 -25.09
CA THR E 42 20.95 -49.47 -23.88
C THR E 42 20.49 -48.12 -23.46
N VAL E 43 20.19 -47.99 -22.19
CA VAL E 43 19.81 -46.73 -21.64
C VAL E 43 21.00 -46.00 -21.07
N TYR E 44 21.17 -44.75 -21.45
CA TYR E 44 22.27 -43.97 -20.92
C TYR E 44 21.79 -42.79 -20.13
N TYR E 45 22.49 -42.52 -19.04
CA TYR E 45 22.23 -41.35 -18.23
C TYR E 45 23.46 -40.55 -17.96
N GLY E 46 23.38 -39.28 -18.33
CA GLY E 46 24.50 -38.37 -18.20
C GLY E 46 25.01 -38.06 -19.60
N VAL E 47 24.17 -38.27 -20.58
CA VAL E 47 24.53 -38.02 -21.95
C VAL E 47 24.72 -36.52 -22.19
N PRO E 48 25.87 -36.06 -22.70
CA PRO E 48 26.20 -34.66 -22.89
C PRO E 48 25.54 -34.00 -24.08
N VAL E 49 24.21 -33.89 -24.02
CA VAL E 49 23.45 -33.23 -25.07
C VAL E 49 22.54 -32.17 -24.50
N TRP E 50 22.09 -31.27 -25.38
CA TRP E 50 21.23 -30.17 -24.95
C TRP E 50 20.26 -29.66 -25.98
N LYS E 51 19.30 -28.89 -25.47
CA LYS E 51 18.29 -28.22 -26.26
C LYS E 51 18.13 -26.78 -25.84
N ASP E 52 17.75 -25.93 -26.79
CA ASP E 52 17.54 -24.53 -26.48
C ASP E 52 16.45 -24.39 -25.45
N ALA E 53 16.62 -23.48 -24.50
CA ALA E 53 15.60 -23.35 -23.49
C ALA E 53 15.53 -21.97 -22.89
N GLU E 54 14.37 -21.64 -22.34
CA GLU E 54 14.22 -20.39 -21.64
C GLU E 54 14.01 -20.63 -20.16
N THR E 55 14.89 -20.05 -19.36
CA THR E 55 14.80 -20.19 -17.92
C THR E 55 15.11 -18.90 -17.22
N THR E 56 15.09 -18.96 -15.91
CA THR E 56 15.40 -17.82 -15.08
C THR E 56 16.85 -17.87 -14.67
N LEU E 57 17.58 -16.81 -14.95
CA LEU E 57 18.98 -16.71 -14.60
C LEU E 57 19.10 -15.91 -13.33
N PHE E 58 20.21 -16.03 -12.64
CA PHE E 58 20.35 -15.26 -11.43
C PHE E 58 21.54 -14.33 -11.40
N CYS E 59 21.40 -13.31 -10.56
CA CYS E 59 22.44 -12.34 -10.27
C CYS E 59 23.62 -12.93 -9.55
N ALA E 60 24.78 -12.53 -9.99
CA ALA E 60 25.98 -12.81 -9.26
C ALA E 60 26.80 -11.54 -9.36
N SER E 61 27.52 -11.23 -8.30
CA SER E 61 28.35 -10.02 -8.33
C SER E 61 29.69 -10.18 -7.67
N ASP E 62 30.73 -9.94 -8.45
CA ASP E 62 32.12 -10.04 -8.03
C ASP E 62 32.45 -8.83 -7.19
N ALA E 63 31.73 -7.77 -7.49
CA ALA E 63 31.88 -6.48 -6.86
C ALA E 63 31.25 -6.42 -5.48
N LYS E 64 31.92 -7.09 -4.55
CA LYS E 64 31.53 -7.15 -3.14
C LYS E 64 32.25 -6.09 -2.34
N ALA E 65 32.94 -5.22 -3.08
CA ALA E 65 33.67 -4.07 -2.58
C ALA E 65 32.70 -2.97 -2.18
N TYR E 66 31.47 -3.11 -2.63
CA TYR E 66 30.41 -2.16 -2.36
C TYR E 66 29.71 -2.57 -1.08
N ASP E 67 29.60 -1.63 -0.18
CA ASP E 67 29.00 -1.82 1.12
C ASP E 67 27.49 -1.60 1.07
N THR E 68 26.86 -1.66 2.23
CA THR E 68 25.42 -1.54 2.37
C THR E 68 25.03 -0.12 2.77
N GLU E 69 26.00 0.79 2.78
CA GLU E 69 25.78 2.18 3.13
C GLU E 69 25.58 2.99 1.87
N LYS E 70 26.18 2.53 0.75
CA LYS E 70 26.09 3.23 -0.54
C LYS E 70 24.77 2.91 -1.23
N ARG E 71 24.14 1.84 -0.80
CA ARG E 71 22.82 1.42 -1.27
C ARG E 71 22.68 1.35 -2.77
N ASN E 72 23.60 0.69 -3.45
CA ASN E 72 23.50 0.59 -4.89
C ASN E 72 22.31 -0.24 -5.26
N VAL E 73 21.53 0.23 -6.22
CA VAL E 73 20.33 -0.51 -6.61
C VAL E 73 20.59 -1.85 -7.26
N TRP E 74 21.78 -2.08 -7.82
CA TRP E 74 22.00 -3.36 -8.43
C TRP E 74 22.67 -4.33 -7.48
N ALA E 75 22.90 -3.89 -6.27
CA ALA E 75 23.44 -4.77 -5.29
C ALA E 75 22.22 -5.28 -4.59
N THR E 76 21.76 -6.48 -4.91
CA THR E 76 20.47 -6.87 -4.34
C THR E 76 20.68 -7.29 -2.91
N HIS E 77 21.92 -7.66 -2.63
CA HIS E 77 22.37 -8.20 -1.35
C HIS E 77 21.60 -9.46 -1.01
N CYS E 78 21.13 -10.11 -2.07
CA CYS E 78 20.40 -11.34 -2.03
C CYS E 78 21.12 -12.26 -2.98
N CYS E 79 22.06 -11.66 -3.72
CA CYS E 79 22.80 -12.43 -4.71
C CYS E 79 24.24 -12.71 -4.31
N VAL E 80 24.67 -13.87 -4.81
CA VAL E 80 25.96 -14.49 -4.55
C VAL E 80 27.14 -13.81 -5.19
N PRO E 81 28.34 -14.03 -4.66
CA PRO E 81 29.59 -13.63 -5.24
C PRO E 81 29.84 -14.53 -6.41
N THR E 82 30.60 -14.05 -7.36
CA THR E 82 30.98 -14.88 -8.47
C THR E 82 32.15 -15.74 -8.08
N ASP E 83 32.41 -16.74 -8.88
CA ASP E 83 33.59 -17.55 -8.72
C ASP E 83 34.73 -16.69 -9.26
N PRO E 84 35.75 -16.32 -8.44
CA PRO E 84 36.84 -15.45 -8.83
C PRO E 84 37.72 -16.08 -9.91
N ASN E 85 37.60 -17.39 -10.10
CA ASN E 85 38.38 -18.09 -11.09
C ASN E 85 37.47 -19.03 -11.87
N PRO E 86 36.55 -18.51 -12.70
CA PRO E 86 35.51 -19.24 -13.37
C PRO E 86 36.13 -20.15 -14.39
N GLN E 87 35.46 -21.25 -14.66
CA GLN E 87 35.96 -22.23 -15.60
C GLN E 87 35.30 -22.23 -16.94
N GLU E 88 36.06 -21.82 -17.94
CA GLU E 88 35.59 -21.79 -19.31
C GLU E 88 36.07 -23.04 -20.02
N ILE E 89 35.14 -23.80 -20.56
CA ILE E 89 35.44 -25.06 -21.21
C ILE E 89 35.21 -25.03 -22.70
N VAL E 90 36.24 -25.22 -23.47
CA VAL E 90 36.08 -25.16 -24.91
C VAL E 90 35.49 -26.43 -25.43
N LEU E 91 34.45 -26.32 -26.24
CA LEU E 91 33.85 -27.50 -26.79
C LEU E 91 34.36 -27.67 -28.19
N GLU E 92 35.19 -28.65 -28.39
CA GLU E 92 35.74 -28.80 -29.71
C GLU E 92 34.70 -29.50 -30.54
N ASN E 93 34.76 -29.29 -31.85
CA ASN E 93 33.89 -29.97 -32.78
C ASN E 93 32.39 -29.76 -32.52
N VAL E 94 31.99 -28.54 -32.21
CA VAL E 94 30.56 -28.28 -32.07
C VAL E 94 30.26 -27.13 -32.99
N THR E 95 29.01 -27.00 -33.40
CA THR E 95 28.56 -25.89 -34.23
C THR E 95 27.25 -25.35 -33.69
N GLU E 96 27.31 -24.36 -32.82
CA GLU E 96 26.10 -23.89 -32.18
C GLU E 96 25.49 -22.72 -32.93
N ASN E 97 24.17 -22.76 -33.16
CA ASN E 97 23.51 -21.67 -33.85
C ASN E 97 23.02 -20.59 -32.89
N PHE E 98 23.61 -19.42 -32.98
CA PHE E 98 23.29 -18.32 -32.08
C PHE E 98 22.35 -17.35 -32.78
N ASN E 99 21.52 -16.69 -31.99
CA ASN E 99 20.62 -15.68 -32.52
C ASN E 99 20.36 -14.59 -31.51
N MET E 100 21.01 -13.45 -31.66
CA MET E 100 20.87 -12.39 -30.67
C MET E 100 19.51 -11.72 -30.66
N TRP E 101 18.76 -11.83 -31.76
CA TRP E 101 17.52 -11.09 -31.89
C TRP E 101 16.38 -11.80 -31.22
N LYS E 102 16.50 -13.12 -31.09
CA LYS E 102 15.45 -13.91 -30.48
C LYS E 102 15.86 -14.39 -29.09
N ASN E 103 17.00 -13.91 -28.64
CA ASN E 103 17.61 -14.28 -27.38
C ASN E 103 16.76 -13.80 -26.20
N ASN E 104 16.45 -14.71 -25.29
CA ASN E 104 15.61 -14.33 -24.15
C ASN E 104 16.38 -13.84 -22.95
N MET E 105 17.70 -13.80 -23.07
CA MET E 105 18.51 -13.30 -21.98
C MET E 105 18.31 -11.80 -21.93
N VAL E 106 18.07 -11.21 -23.10
CA VAL E 106 17.87 -9.80 -23.24
C VAL E 106 16.57 -9.39 -22.62
N GLU E 107 15.51 -10.12 -22.90
CA GLU E 107 14.24 -9.74 -22.36
C GLU E 107 14.26 -9.91 -20.87
N GLN E 108 14.91 -10.97 -20.40
CA GLN E 108 14.95 -11.16 -18.98
C GLN E 108 15.74 -10.06 -18.31
N MET E 109 16.88 -9.65 -18.89
CA MET E 109 17.66 -8.61 -18.27
C MET E 109 16.86 -7.34 -18.21
N HIS E 110 16.13 -7.03 -19.28
CA HIS E 110 15.33 -5.84 -19.31
C HIS E 110 14.32 -5.85 -18.19
N THR E 111 13.61 -6.97 -18.08
CA THR E 111 12.58 -7.07 -17.07
C THR E 111 13.14 -6.94 -15.67
N ASP E 112 14.27 -7.59 -15.39
CA ASP E 112 14.84 -7.49 -14.06
C ASP E 112 15.26 -6.09 -13.72
N ILE E 113 15.78 -5.35 -14.69
CA ILE E 113 16.16 -3.99 -14.42
C ILE E 113 14.95 -3.17 -14.05
N ILE E 114 13.85 -3.34 -14.78
CA ILE E 114 12.69 -2.54 -14.47
C ILE E 114 12.26 -2.86 -13.05
N SER E 115 12.23 -4.14 -12.72
CA SER E 115 11.78 -4.51 -11.40
C SER E 115 12.64 -3.95 -10.30
N LEU E 116 13.96 -4.04 -10.42
CA LEU E 116 14.77 -3.55 -9.33
C LEU E 116 14.61 -2.07 -9.17
N TRP E 117 14.49 -1.37 -10.28
CA TRP E 117 14.34 0.06 -10.24
C TRP E 117 13.13 0.42 -9.40
N ASP E 118 12.00 -0.20 -9.70
CA ASP E 118 10.78 0.11 -8.98
C ASP E 118 10.84 -0.31 -7.54
N GLN E 119 11.48 -1.43 -7.24
CA GLN E 119 11.53 -1.83 -5.86
C GLN E 119 12.27 -0.81 -5.04
N SER E 120 13.34 -0.25 -5.60
CA SER E 120 14.12 0.75 -4.90
C SER E 120 13.40 2.08 -4.77
N LEU E 121 12.66 2.50 -5.80
CA LEU E 121 11.96 3.77 -5.76
C LEU E 121 10.70 3.74 -4.89
N LYS E 122 9.95 2.64 -4.96
CA LYS E 122 8.68 2.50 -4.28
C LYS E 122 8.55 3.04 -2.83
N PRO E 123 9.42 2.72 -1.86
CA PRO E 123 9.28 3.13 -0.47
C PRO E 123 9.48 4.62 -0.16
N CYS E 124 9.98 5.41 -1.09
CA CYS E 124 10.27 6.79 -0.77
C CYS E 124 9.10 7.74 -0.97
N VAL E 125 9.32 8.94 -0.46
CA VAL E 125 8.37 10.04 -0.41
C VAL E 125 7.83 10.47 -1.75
N LYS E 126 6.51 10.61 -1.77
CA LYS E 126 5.78 11.02 -2.95
C LYS E 126 5.82 12.52 -3.01
N LEU E 127 5.87 13.06 -4.22
CA LEU E 127 5.89 14.51 -4.34
C LEU E 127 4.61 15.08 -4.89
N THR E 128 3.55 14.30 -4.80
CA THR E 128 2.25 14.72 -5.25
C THR E 128 1.72 15.93 -4.44
N PRO E 129 2.11 16.16 -3.17
CA PRO E 129 1.77 17.34 -2.40
C PRO E 129 2.30 18.62 -3.05
N LEU E 130 3.24 18.50 -4.00
CA LEU E 130 3.78 19.69 -4.64
C LEU E 130 2.98 20.06 -5.87
N CYS E 131 1.94 19.28 -6.21
CA CYS E 131 1.14 19.64 -7.36
C CYS E 131 0.16 20.73 -7.03
N VAL E 132 0.72 21.92 -6.94
CA VAL E 132 0.02 23.14 -6.60
C VAL E 132 0.36 24.15 -7.64
N THR E 133 -0.41 25.20 -7.72
CA THR E 133 -0.01 26.25 -8.62
C THR E 133 1.30 26.83 -8.13
N LEU E 134 2.24 26.95 -9.04
CA LEU E 134 3.53 27.50 -8.71
C LEU E 134 3.58 28.94 -9.13
N ASN E 135 4.24 29.72 -8.32
CA ASN E 135 4.44 31.12 -8.64
C ASN E 135 5.89 31.33 -9.06
N CYS E 136 6.15 31.49 -10.35
CA CYS E 136 7.55 31.50 -10.75
C CYS E 136 7.95 32.75 -11.50
N THR E 137 9.18 33.15 -11.26
CA THR E 137 9.84 34.22 -11.97
C THR E 137 11.19 33.68 -12.39
N ASP E 138 11.89 34.36 -13.26
CA ASP E 138 13.21 33.89 -13.68
C ASP E 138 14.27 34.08 -12.60
N VAL E 139 15.31 33.22 -12.60
CA VAL E 139 16.45 33.51 -11.72
C VAL E 139 17.16 34.64 -12.39
N ASN E 140 18.12 35.28 -11.71
CA ASN E 140 18.79 36.43 -12.32
C ASN E 140 19.88 36.05 -13.31
N ALA E 141 19.49 35.32 -14.35
CA ALA E 141 20.38 34.93 -15.42
C ALA E 141 20.36 36.10 -16.37
N THR E 142 20.87 37.18 -15.86
CA THR E 142 20.79 38.45 -16.51
C THR E 142 22.04 38.85 -17.14
N ASN E 143 21.94 40.00 -17.73
CA ASN E 143 23.03 40.67 -18.41
C ASN E 143 24.36 39.94 -18.27
N GLU E 149 16.73 32.51 -18.90
CA GLU E 149 17.01 31.36 -19.75
C GLU E 149 16.21 30.13 -19.31
N GLU E 150 16.89 29.17 -18.68
CA GLU E 150 16.24 27.93 -18.30
C GLU E 150 16.05 27.68 -16.81
N ILE E 151 16.50 28.55 -15.92
CA ILE E 151 16.27 28.23 -14.51
C ILE E 151 15.24 29.18 -13.95
N LYS E 152 14.22 28.61 -13.33
CA LYS E 152 13.15 29.39 -12.74
C LYS E 152 13.22 29.36 -11.24
N ASN E 153 12.78 30.44 -10.62
CA ASN E 153 12.70 30.55 -9.17
C ASN E 153 11.24 30.50 -8.75
N CYS E 154 10.81 29.41 -8.16
CA CYS E 154 9.41 29.27 -7.87
C CYS E 154 9.09 29.25 -6.39
N SER E 155 7.94 29.82 -6.06
CA SER E 155 7.47 29.75 -4.68
C SER E 155 6.23 28.85 -4.61
N PHE E 156 6.09 28.24 -3.44
CA PHE E 156 5.01 27.32 -3.11
C PHE E 156 4.34 27.58 -1.80
N ASN E 157 3.08 27.15 -1.69
CA ASN E 157 2.39 27.08 -0.42
C ASN E 157 2.37 25.65 0.08
N ILE E 158 3.20 25.35 1.07
CA ILE E 158 3.38 23.98 1.55
C ILE E 158 2.84 23.70 2.94
N THR E 159 2.08 22.62 3.05
CA THR E 159 1.52 22.18 4.32
C THR E 159 2.65 21.72 5.23
N THR E 160 2.63 22.14 6.48
CA THR E 160 3.66 21.74 7.43
C THR E 160 3.24 20.52 8.21
N GLU E 161 4.02 20.09 9.22
CA GLU E 161 3.66 18.86 9.90
C GLU E 161 2.29 18.93 10.58
N LEU E 162 1.87 20.13 10.95
CA LEU E 162 0.55 20.31 11.51
C LEU E 162 -0.29 20.81 10.38
N ARG E 163 -1.31 20.05 10.10
CA ARG E 163 -2.18 20.18 8.94
C ARG E 163 -2.93 21.50 8.82
N ASP E 164 -3.10 22.22 9.91
CA ASP E 164 -3.82 23.47 9.80
C ASP E 164 -2.96 24.62 9.28
N LYS E 165 -1.63 24.43 9.17
CA LYS E 165 -0.77 25.52 8.75
C LYS E 165 0.01 25.26 7.47
N LYS E 166 0.27 26.35 6.76
CA LYS E 166 1.08 26.33 5.55
C LYS E 166 2.18 27.36 5.63
N LYS E 167 3.26 27.09 4.93
CA LYS E 167 4.42 27.98 4.84
C LYS E 167 4.78 28.28 3.41
N LYS E 168 5.42 29.41 3.19
CA LYS E 168 5.87 29.75 1.87
C LYS E 168 7.32 29.32 1.69
N VAL E 169 7.59 28.54 0.66
CA VAL E 169 8.95 28.07 0.43
C VAL E 169 9.37 28.33 -1.00
N TYR E 170 10.68 28.30 -1.23
CA TYR E 170 11.22 28.47 -2.57
C TYR E 170 12.06 27.30 -3.03
N ALA E 171 12.07 27.10 -4.33
CA ALA E 171 12.91 26.09 -4.97
C ALA E 171 13.25 26.52 -6.37
N LEU E 172 14.36 26.04 -6.88
CA LEU E 172 14.64 26.36 -8.27
C LEU E 172 14.32 25.17 -9.13
N PHE E 173 13.90 25.44 -10.34
CA PHE E 173 13.59 24.39 -11.29
C PHE E 173 14.16 24.64 -12.65
N TYR E 174 14.41 23.56 -13.36
CA TYR E 174 14.84 23.67 -14.73
C TYR E 174 13.59 23.87 -15.54
N LYS E 175 13.66 24.66 -16.60
CA LYS E 175 12.52 24.91 -17.45
C LYS E 175 11.88 23.66 -17.96
N LEU E 176 12.67 22.65 -18.25
CA LEU E 176 12.13 21.43 -18.80
C LEU E 176 11.16 20.69 -17.88
N ASP E 177 11.20 20.99 -16.59
CA ASP E 177 10.35 20.35 -15.60
C ASP E 177 9.10 21.17 -15.24
N VAL E 178 8.99 22.39 -15.76
CA VAL E 178 7.89 23.28 -15.40
C VAL E 178 7.13 23.79 -16.61
N VAL E 179 5.82 23.68 -16.58
CA VAL E 179 5.03 24.15 -17.70
C VAL E 179 4.05 25.24 -17.25
N PRO E 180 3.93 26.36 -17.95
CA PRO E 180 2.99 27.42 -17.66
C PRO E 180 1.58 26.92 -17.72
N ILE E 181 0.75 27.48 -16.86
CA ILE E 181 -0.67 27.21 -16.84
C ILE E 181 -1.36 28.34 -17.55
N ASP E 182 -0.99 29.54 -17.13
CA ASP E 182 -1.50 30.81 -17.59
C ASP E 182 -0.45 31.58 -18.36
N ASP E 183 -0.81 32.77 -18.84
CA ASP E 183 0.13 33.68 -19.49
C ASP E 183 0.79 34.55 -18.43
N ASN E 184 0.24 34.44 -17.23
CA ASN E 184 0.65 35.12 -16.02
C ASN E 184 1.64 34.20 -15.33
N ASN E 185 2.17 34.61 -14.20
CA ASN E 185 3.11 33.73 -13.54
C ASN E 185 2.41 32.68 -12.71
N SER E 186 1.87 31.71 -13.41
CA SER E 186 1.14 30.58 -12.85
C SER E 186 1.60 29.38 -13.65
N TYR E 187 2.32 28.49 -12.96
CA TYR E 187 2.98 27.33 -13.55
C TYR E 187 2.71 26.05 -12.78
N ARG E 188 2.90 24.92 -13.41
CA ARG E 188 2.78 23.66 -12.71
C ARG E 188 3.93 22.74 -13.04
N LEU E 189 4.14 21.74 -12.21
CA LEU E 189 5.14 20.76 -12.51
C LEU E 189 4.55 19.96 -13.65
N ILE E 190 5.38 19.54 -14.59
CA ILE E 190 4.84 18.86 -15.78
C ILE E 190 4.05 17.57 -15.60
N ASN E 191 4.32 16.80 -14.57
CA ASN E 191 3.59 15.55 -14.42
C ASN E 191 2.21 15.67 -13.78
N CYS E 192 1.89 16.80 -13.20
CA CYS E 192 0.69 16.81 -12.38
C CYS E 192 -0.62 16.59 -13.10
N ASN E 193 -0.70 16.86 -14.40
CA ASN E 193 -1.96 16.68 -15.10
C ASN E 193 -2.01 15.32 -15.78
N THR E 194 -1.05 14.47 -15.47
CA THR E 194 -1.05 13.14 -16.04
C THR E 194 -1.03 12.10 -14.94
N SER E 195 -0.03 12.18 -14.06
CA SER E 195 0.12 11.18 -13.02
C SER E 195 0.96 11.56 -11.82
N ALA E 196 1.13 10.58 -10.95
CA ALA E 196 1.90 10.69 -9.73
C ALA E 196 3.39 10.68 -10.01
N ILE E 197 4.11 11.35 -9.12
CA ILE E 197 5.56 11.41 -9.13
C ILE E 197 6.16 11.03 -7.79
N THR E 198 7.22 10.22 -7.81
CA THR E 198 7.90 9.77 -6.59
C THR E 198 9.34 10.27 -6.53
N GLN E 199 9.79 10.73 -5.36
CA GLN E 199 11.16 11.17 -5.23
C GLN E 199 12.12 10.03 -5.12
N ALA E 200 13.21 10.10 -5.87
CA ALA E 200 14.20 9.06 -5.76
C ALA E 200 14.77 9.11 -4.38
N CYS E 201 15.03 7.96 -3.84
CA CYS E 201 15.55 7.90 -2.51
C CYS E 201 16.91 8.60 -2.51
N PRO E 202 17.14 9.56 -1.60
CA PRO E 202 18.32 10.42 -1.54
C PRO E 202 19.62 9.72 -1.25
N LYS E 203 19.55 8.51 -0.73
CA LYS E 203 20.75 7.77 -0.40
C LYS E 203 20.98 6.58 -1.30
N VAL E 204 20.16 6.45 -2.34
CA VAL E 204 20.29 5.32 -3.23
C VAL E 204 21.18 5.59 -4.42
N SER E 205 22.08 4.66 -4.68
CA SER E 205 23.01 4.80 -5.77
C SER E 205 22.66 4.06 -7.03
N PHE E 206 22.81 4.75 -8.13
CA PHE E 206 22.53 4.21 -9.44
C PHE E 206 23.79 4.03 -10.25
N GLU E 207 24.92 3.90 -9.58
CA GLU E 207 26.17 3.62 -10.25
C GLU E 207 26.12 2.21 -10.81
N PRO E 208 26.28 1.97 -12.11
CA PRO E 208 26.26 0.64 -12.68
C PRO E 208 27.37 -0.21 -12.08
N ILE E 209 27.03 -1.44 -11.74
CA ILE E 209 27.95 -2.44 -11.24
C ILE E 209 27.84 -3.57 -12.22
N PRO E 210 28.92 -4.14 -12.77
CA PRO E 210 28.79 -5.22 -13.72
C PRO E 210 28.02 -6.35 -13.07
N ILE E 211 26.98 -6.83 -13.72
CA ILE E 211 26.22 -7.93 -13.15
C ILE E 211 26.40 -9.16 -13.99
N HIS E 212 26.69 -10.26 -13.33
CA HIS E 212 26.88 -11.51 -14.03
C HIS E 212 25.57 -12.27 -14.00
N TYR E 213 25.19 -12.86 -15.12
CA TYR E 213 24.00 -13.69 -15.16
C TYR E 213 24.36 -15.13 -15.24
N CYS E 214 23.94 -15.88 -14.24
CA CYS E 214 24.33 -17.27 -14.14
C CYS E 214 23.15 -18.22 -14.20
N ALA E 215 23.37 -19.40 -14.77
CA ALA E 215 22.31 -20.38 -14.93
C ALA E 215 22.16 -21.29 -13.73
N PRO E 216 20.95 -21.76 -13.41
CA PRO E 216 20.62 -22.72 -12.40
C PRO E 216 21.03 -24.11 -12.84
N ALA E 217 21.14 -25.04 -11.90
CA ALA E 217 21.50 -26.40 -12.28
C ALA E 217 20.50 -26.96 -13.27
N GLY E 218 21.04 -27.69 -14.24
CA GLY E 218 20.27 -28.30 -15.30
C GLY E 218 20.41 -27.49 -16.57
N PHE E 219 20.99 -26.30 -16.44
CA PHE E 219 21.22 -25.39 -17.55
C PHE E 219 22.66 -25.03 -17.73
N ALA E 220 22.97 -24.62 -18.94
CA ALA E 220 24.31 -24.18 -19.25
C ALA E 220 24.28 -22.98 -20.17
N ILE E 221 25.28 -22.13 -20.01
CA ILE E 221 25.42 -20.97 -20.86
C ILE E 221 26.56 -21.17 -21.80
N LEU E 222 26.27 -21.03 -23.08
CA LEU E 222 27.26 -21.20 -24.10
C LEU E 222 27.60 -19.85 -24.69
N LYS E 223 28.84 -19.66 -25.10
CA LYS E 223 29.17 -18.41 -25.75
C LYS E 223 29.96 -18.60 -27.02
N CYS E 224 29.77 -17.67 -27.94
CA CYS E 224 30.47 -17.72 -29.22
C CYS E 224 31.76 -16.92 -29.16
N ASN E 225 32.87 -17.57 -29.48
CA ASN E 225 34.16 -16.93 -29.42
C ASN E 225 34.72 -16.57 -30.81
N ASP E 226 33.85 -16.55 -31.81
CA ASP E 226 34.22 -16.18 -33.17
C ASP E 226 34.26 -14.66 -33.29
N LYS E 227 35.46 -14.16 -33.52
CA LYS E 227 35.78 -12.74 -33.52
C LYS E 227 35.04 -11.93 -34.59
N LYS E 228 34.63 -12.55 -35.68
CA LYS E 228 33.93 -11.82 -36.75
C LYS E 228 32.45 -12.09 -36.75
N PHE E 229 31.97 -12.78 -35.74
CA PHE E 229 30.59 -13.20 -35.70
C PHE E 229 29.61 -12.04 -35.51
N ASN E 230 28.59 -12.01 -36.35
CA ASN E 230 27.51 -11.04 -36.29
C ASN E 230 26.36 -11.58 -35.46
N GLY E 231 25.20 -10.97 -35.52
CA GLY E 231 24.11 -11.36 -34.65
C GLY E 231 23.59 -12.79 -34.76
N THR E 232 23.63 -13.39 -35.94
CA THR E 232 23.12 -14.74 -36.06
C THR E 232 24.05 -15.64 -36.83
N GLY E 233 23.92 -16.94 -36.60
CA GLY E 233 24.64 -17.92 -37.40
C GLY E 233 25.36 -18.94 -36.57
N PRO E 234 25.90 -19.99 -37.21
CA PRO E 234 26.62 -21.05 -36.56
C PRO E 234 27.91 -20.50 -36.07
N CYS E 235 28.30 -20.89 -34.88
CA CYS E 235 29.56 -20.48 -34.35
C CYS E 235 30.43 -21.70 -34.24
N LYS E 236 31.60 -21.64 -34.83
CA LYS E 236 32.52 -22.77 -34.89
C LYS E 236 33.46 -22.85 -33.71
N ASN E 237 33.40 -21.88 -32.84
CA ASN E 237 34.22 -21.88 -31.64
C ASN E 237 33.34 -21.52 -30.46
N VAL E 238 32.86 -22.54 -29.80
CA VAL E 238 31.90 -22.32 -28.74
C VAL E 238 32.39 -22.89 -27.46
N SER E 239 32.31 -22.10 -26.42
CA SER E 239 32.72 -22.57 -25.12
C SER E 239 31.58 -22.52 -24.13
N THR E 240 31.70 -23.35 -23.12
CA THR E 240 30.75 -23.41 -22.04
C THR E 240 31.29 -22.64 -20.89
N VAL E 241 30.45 -21.84 -20.30
CA VAL E 241 30.90 -21.09 -19.15
C VAL E 241 29.98 -21.35 -18.01
N GLN E 242 30.46 -21.10 -16.80
CA GLN E 242 29.60 -21.24 -15.67
C GLN E 242 28.56 -20.15 -15.79
N CYS E 243 29.02 -18.98 -16.21
CA CYS E 243 28.18 -17.83 -16.44
C CYS E 243 28.81 -16.71 -17.22
N THR E 244 28.02 -15.66 -17.49
CA THR E 244 28.49 -14.55 -18.31
C THR E 244 29.43 -13.69 -17.52
N HIS E 245 30.10 -12.80 -18.23
CA HIS E 245 30.97 -11.84 -17.61
C HIS E 245 30.05 -10.79 -17.07
N GLY E 246 30.58 -9.82 -16.35
CA GLY E 246 29.64 -8.85 -15.84
C GLY E 246 29.31 -7.82 -16.88
N ILE E 247 28.04 -7.51 -17.01
CA ILE E 247 27.60 -6.47 -17.91
C ILE E 247 27.04 -5.32 -17.11
N LYS E 248 27.59 -4.13 -17.32
CA LYS E 248 27.09 -2.99 -16.59
C LYS E 248 25.78 -2.53 -17.19
N PRO E 249 24.74 -2.28 -16.41
CA PRO E 249 23.44 -1.80 -16.82
C PRO E 249 23.48 -0.32 -17.10
N VAL E 250 24.21 0.05 -18.14
CA VAL E 250 24.37 1.44 -18.49
C VAL E 250 23.20 1.87 -19.35
N VAL E 251 22.59 2.99 -19.01
CA VAL E 251 21.46 3.48 -19.76
C VAL E 251 21.87 4.61 -20.68
N SER E 252 21.54 4.47 -21.95
CA SER E 252 21.84 5.46 -22.96
C SER E 252 20.90 5.29 -24.13
N THR E 253 20.94 6.25 -25.07
CA THR E 253 20.09 6.20 -26.25
C THR E 253 20.88 6.21 -27.53
N GLN E 254 21.22 7.38 -28.02
CA GLN E 254 21.86 7.48 -29.32
C GLN E 254 23.24 6.83 -29.39
N LEU E 255 24.00 6.95 -28.31
CA LEU E 255 25.32 6.35 -28.24
C LEU E 255 25.32 5.30 -27.19
N LEU E 256 26.11 4.26 -27.41
CA LEU E 256 26.26 3.21 -26.43
C LEU E 256 27.52 3.47 -25.65
N LEU E 257 27.36 3.63 -24.35
CA LEU E 257 28.50 3.92 -23.51
C LEU E 257 28.90 2.76 -22.64
N ASN E 258 30.18 2.72 -22.35
CA ASN E 258 30.80 1.83 -21.38
C ASN E 258 30.53 0.36 -21.62
N GLY E 259 30.50 -0.07 -22.86
CA GLY E 259 30.30 -1.47 -23.15
C GLY E 259 31.60 -2.11 -23.58
N SER E 260 31.49 -3.25 -24.22
CA SER E 260 32.65 -3.96 -24.71
C SER E 260 32.96 -3.54 -26.13
N LEU E 261 34.16 -3.85 -26.59
CA LEU E 261 34.54 -3.55 -27.96
C LEU E 261 34.60 -4.78 -28.83
N ALA E 262 34.44 -4.53 -30.12
CA ALA E 262 34.62 -5.56 -31.13
C ALA E 262 36.12 -5.79 -31.15
N GLU E 263 36.59 -6.98 -31.52
CA GLU E 263 38.05 -7.17 -31.46
C GLU E 263 38.84 -6.91 -32.73
N GLU E 264 38.24 -7.13 -33.90
CA GLU E 264 39.02 -6.99 -35.14
C GLU E 264 38.63 -5.82 -36.01
N GLU E 265 37.36 -5.53 -36.03
CA GLU E 265 36.80 -4.51 -36.89
C GLU E 265 35.49 -4.07 -36.33
N ILE E 266 34.90 -3.05 -36.92
CA ILE E 266 33.59 -2.62 -36.51
C ILE E 266 32.61 -3.66 -36.98
N ILE E 267 31.76 -4.12 -36.09
CA ILE E 267 30.80 -5.12 -36.48
C ILE E 267 29.42 -4.55 -36.42
N ILE E 268 28.73 -4.67 -37.53
CA ILE E 268 27.43 -4.10 -37.62
C ILE E 268 26.38 -5.18 -37.54
N ARG E 269 25.50 -5.08 -36.57
CA ARG E 269 24.53 -6.11 -36.36
C ARG E 269 23.12 -5.59 -36.57
N SER E 270 22.34 -6.31 -37.36
CA SER E 270 20.97 -5.90 -37.58
C SER E 270 20.08 -7.10 -37.81
N GLU E 271 18.87 -7.09 -37.24
CA GLU E 271 17.93 -8.20 -37.40
C GLU E 271 17.60 -8.41 -38.87
N ASN E 272 17.41 -7.32 -39.56
CA ASN E 272 17.11 -7.30 -40.97
C ASN E 272 17.64 -6.01 -41.55
N ILE E 273 18.85 -6.05 -42.08
CA ILE E 273 19.54 -4.83 -42.51
C ILE E 273 18.87 -4.14 -43.69
N THR E 274 17.97 -4.82 -44.38
CA THR E 274 17.35 -4.23 -45.54
C THR E 274 16.07 -3.52 -45.12
N ASN E 275 15.75 -3.61 -43.84
CA ASN E 275 14.58 -2.97 -43.29
C ASN E 275 15.08 -1.73 -42.56
N ASN E 276 14.77 -0.56 -43.09
CA ASN E 276 15.33 0.66 -42.54
C ASN E 276 14.78 0.97 -41.14
N ALA E 277 13.67 0.31 -40.79
CA ALA E 277 12.99 0.52 -39.52
C ALA E 277 13.65 -0.24 -38.38
N LYS E 278 14.61 -1.11 -38.68
CA LYS E 278 15.28 -1.84 -37.63
C LYS E 278 16.44 -1.03 -37.10
N THR E 279 16.76 -1.23 -35.84
CA THR E 279 17.92 -0.56 -35.30
C THR E 279 19.15 -1.28 -35.77
N ILE E 280 20.11 -0.55 -36.24
CA ILE E 280 21.36 -1.12 -36.62
C ILE E 280 22.30 -0.85 -35.47
N ILE E 281 22.84 -1.91 -34.91
CA ILE E 281 23.71 -1.74 -33.76
C ILE E 281 25.13 -1.81 -34.21
N VAL E 282 25.86 -0.75 -33.97
CA VAL E 282 27.23 -0.73 -34.43
C VAL E 282 28.17 -0.83 -33.26
N GLN E 283 28.98 -1.88 -33.25
CA GLN E 283 29.93 -2.05 -32.18
C GLN E 283 31.29 -1.64 -32.66
N LEU E 284 31.90 -0.72 -31.94
CA LEU E 284 33.19 -0.21 -32.34
C LEU E 284 34.28 -1.11 -31.88
N ASN E 285 35.38 -1.10 -32.61
CA ASN E 285 36.57 -1.87 -32.24
C ASN E 285 37.61 -0.99 -31.56
N GLU E 286 37.22 0.25 -31.28
CA GLU E 286 38.01 1.26 -30.60
C GLU E 286 37.08 2.18 -29.83
N SER E 287 37.41 2.50 -28.58
CA SER E 287 36.57 3.40 -27.80
C SER E 287 36.92 4.85 -28.05
N VAL E 288 35.95 5.73 -27.83
CA VAL E 288 36.16 7.18 -27.90
C VAL E 288 35.81 7.83 -26.57
N GLU E 289 36.71 8.58 -25.98
CA GLU E 289 36.35 9.16 -24.70
C GLU E 289 35.44 10.35 -24.84
N ILE E 290 34.46 10.41 -23.96
CA ILE E 290 33.54 11.53 -23.88
C ILE E 290 33.58 12.10 -22.47
N ASN E 291 33.83 13.39 -22.37
CA ASN E 291 33.93 14.05 -21.07
C ASN E 291 32.76 14.96 -20.79
N CYS E 292 31.94 14.62 -19.81
CA CYS E 292 30.76 15.45 -19.58
C CYS E 292 30.79 16.12 -18.23
N THR E 293 30.23 17.31 -18.18
CA THR E 293 30.17 18.00 -16.92
C THR E 293 28.95 18.84 -16.67
N ARG E 294 28.75 19.11 -15.40
CA ARG E 294 27.72 19.98 -14.88
C ARG E 294 28.48 21.04 -14.09
N PRO E 295 28.89 22.14 -14.72
CA PRO E 295 29.80 23.15 -14.21
C PRO E 295 29.26 24.02 -13.08
N ASN E 296 27.96 24.01 -12.86
CA ASN E 296 27.39 24.83 -11.82
C ASN E 296 27.61 24.24 -10.45
N ASN E 297 27.84 25.10 -9.48
CA ASN E 297 27.92 24.63 -8.10
C ASN E 297 26.53 24.64 -7.50
N ASN E 298 25.93 23.48 -7.40
CA ASN E 298 24.57 23.42 -6.95
C ASN E 298 24.53 23.28 -5.45
N THR E 299 23.39 23.62 -4.88
CA THR E 299 23.15 23.44 -3.47
C THR E 299 21.83 22.74 -3.25
N ARG E 300 21.61 22.20 -2.05
CA ARG E 300 20.38 21.50 -1.74
C ARG E 300 19.60 22.07 -0.57
N LYS E 301 18.30 22.21 -0.76
CA LYS E 301 17.43 22.65 0.32
C LYS E 301 16.53 21.51 0.73
N SER E 302 16.58 21.18 2.01
CA SER E 302 15.74 20.09 2.49
C SER E 302 14.46 20.66 3.07
N ILE E 303 13.36 20.33 2.43
CA ILE E 303 12.08 20.88 2.80
C ILE E 303 11.14 19.82 3.33
N ARG E 304 10.66 20.03 4.53
CA ARG E 304 9.70 19.09 5.06
C ARG E 304 8.37 19.35 4.37
N ILE E 305 7.72 18.29 3.89
CA ILE E 305 6.41 18.44 3.27
C ILE E 305 5.37 17.59 4.01
N GLY E 306 5.76 17.09 5.18
CA GLY E 306 4.89 16.26 6.00
C GLY E 306 5.68 15.58 7.13
N PRO E 307 5.03 14.70 7.89
CA PRO E 307 5.57 14.01 9.06
C PRO E 307 6.58 12.98 8.67
N GLY E 308 7.81 13.44 8.48
CA GLY E 308 8.92 12.59 8.05
C GLY E 308 9.01 12.51 6.54
N GLN E 309 8.29 13.39 5.89
CA GLN E 309 8.23 13.43 4.45
C GLN E 309 9.13 14.51 3.93
N TRP E 310 10.31 14.15 3.46
CA TRP E 310 11.23 15.19 3.04
C TRP E 310 11.39 15.27 1.54
N PHE E 311 11.40 16.50 1.05
CA PHE E 311 11.62 16.85 -0.33
C PHE E 311 12.94 17.55 -0.53
N TYR E 312 13.66 17.13 -1.53
CA TYR E 312 14.92 17.80 -1.78
C TYR E 312 14.84 18.68 -3.00
N ALA E 313 14.91 19.97 -2.72
CA ALA E 313 14.78 20.99 -3.71
C ALA E 313 16.10 21.50 -4.17
N THR E 314 16.15 21.93 -5.42
CA THR E 314 17.34 22.58 -5.90
C THR E 314 17.46 23.86 -5.13
N GLY E 315 18.65 24.07 -4.58
CA GLY E 315 18.93 25.22 -3.76
C GLY E 315 19.50 26.33 -4.59
N ASP E 316 20.19 27.24 -3.94
CA ASP E 316 20.71 28.40 -4.63
C ASP E 316 21.85 28.02 -5.55
N ILE E 317 22.07 28.80 -6.59
CA ILE E 317 23.21 28.58 -7.47
C ILE E 317 24.37 29.44 -7.04
N ILE E 318 25.53 28.82 -6.88
CA ILE E 318 26.71 29.53 -6.46
C ILE E 318 27.68 29.73 -7.59
N GLY E 319 28.11 30.96 -7.73
CA GLY E 319 29.03 31.28 -8.78
C GLY E 319 28.30 31.57 -10.06
N ASP E 320 28.96 31.32 -11.17
CA ASP E 320 28.42 31.67 -12.46
C ASP E 320 27.37 30.69 -12.85
N ILE E 321 26.47 31.12 -13.71
CA ILE E 321 25.49 30.19 -14.22
C ILE E 321 26.02 29.76 -15.56
N ARG E 322 26.30 28.48 -15.69
CA ARG E 322 26.89 27.92 -16.88
C ARG E 322 26.09 26.75 -17.41
N GLN E 323 26.26 26.49 -18.69
CA GLN E 323 25.59 25.39 -19.36
C GLN E 323 26.35 24.07 -19.29
N ALA E 324 25.61 22.99 -19.04
CA ALA E 324 26.16 21.65 -19.00
C ALA E 324 26.62 21.26 -20.38
N HIS E 325 27.67 20.45 -20.46
CA HIS E 325 28.17 20.06 -21.77
C HIS E 325 29.03 18.80 -21.82
N CYS E 326 29.21 18.27 -23.04
CA CYS E 326 30.11 17.14 -23.28
C CYS E 326 31.20 17.42 -24.32
N ASN E 327 32.40 16.92 -24.04
CA ASN E 327 33.58 17.10 -24.88
C ASN E 327 34.03 15.84 -25.61
N ILE E 328 33.95 15.88 -26.94
CA ILE E 328 34.34 14.77 -27.81
C ILE E 328 35.44 15.21 -28.77
N SER E 329 36.59 14.55 -28.79
CA SER E 329 37.61 15.05 -29.71
C SER E 329 37.13 14.96 -31.14
N ARG E 330 37.33 16.01 -31.94
CA ARG E 330 36.88 15.97 -33.32
C ARG E 330 37.57 14.93 -34.16
N THR E 331 38.87 14.74 -33.93
CA THR E 331 39.63 13.83 -34.77
C THR E 331 39.26 12.39 -34.55
N LYS E 332 39.00 12.02 -33.30
CA LYS E 332 38.61 10.65 -33.01
C LYS E 332 37.24 10.39 -33.54
N TRP E 333 36.37 11.39 -33.43
CA TRP E 333 35.03 11.23 -33.92
C TRP E 333 35.04 11.03 -35.41
N ASN E 334 35.77 11.89 -36.14
CA ASN E 334 35.74 11.73 -37.57
C ASN E 334 36.38 10.43 -38.01
N LYS E 335 37.46 10.03 -37.35
CA LYS E 335 38.10 8.79 -37.73
C LYS E 335 37.11 7.64 -37.58
N THR E 336 36.39 7.65 -36.47
CA THR E 336 35.45 6.59 -36.19
C THR E 336 34.35 6.55 -37.21
N LEU E 337 33.81 7.70 -37.56
CA LEU E 337 32.69 7.73 -38.50
C LEU E 337 33.12 7.38 -39.90
N GLN E 338 34.35 7.69 -40.26
CA GLN E 338 34.83 7.28 -41.57
C GLN E 338 34.85 5.77 -41.64
N GLN E 339 35.25 5.12 -40.55
CA GLN E 339 35.29 3.67 -40.53
C GLN E 339 33.91 3.07 -40.46
N VAL E 340 32.98 3.73 -39.76
CA VAL E 340 31.63 3.17 -39.71
C VAL E 340 31.03 3.21 -41.09
N ALA E 341 31.16 4.33 -41.81
CA ALA E 341 30.59 4.35 -43.14
C ALA E 341 31.28 3.33 -44.03
N LYS E 342 32.60 3.19 -43.92
CA LYS E 342 33.32 2.25 -44.75
C LYS E 342 32.78 0.83 -44.58
N LYS E 343 32.53 0.44 -43.34
CA LYS E 343 32.01 -0.88 -43.08
C LYS E 343 30.54 -0.97 -43.52
N LEU E 344 29.74 0.07 -43.30
CA LEU E 344 28.35 0.02 -43.72
C LEU E 344 28.25 -0.14 -45.22
N ARG E 345 29.18 0.45 -45.96
CA ARG E 345 29.16 0.37 -47.40
C ARG E 345 29.21 -1.07 -47.89
N GLU E 346 29.75 -2.01 -47.10
CA GLU E 346 29.84 -3.39 -47.54
C GLU E 346 28.46 -4.03 -47.65
N HIS E 347 27.46 -3.42 -47.00
CA HIS E 347 26.10 -3.93 -47.05
C HIS E 347 25.24 -3.14 -48.02
N PHE E 348 25.63 -1.91 -48.34
CA PHE E 348 24.79 -1.11 -49.21
C PHE E 348 25.32 -0.78 -50.60
N ASN E 349 26.64 -0.68 -50.79
CA ASN E 349 27.23 -0.27 -52.06
C ASN E 349 26.65 1.07 -52.53
N LYS E 350 26.46 1.97 -51.58
CA LYS E 350 25.91 3.29 -51.79
C LYS E 350 26.69 4.32 -51.03
N THR E 351 26.50 5.56 -51.37
CA THR E 351 27.13 6.63 -50.63
C THR E 351 26.48 6.68 -49.26
N ILE E 352 27.29 6.79 -48.22
CA ILE E 352 26.74 6.86 -46.87
C ILE E 352 26.99 8.16 -46.18
N ILE E 353 25.90 8.76 -45.71
CA ILE E 353 25.98 10.00 -44.99
C ILE E 353 25.29 9.85 -43.65
N PHE E 354 25.61 10.72 -42.72
CA PHE E 354 24.95 10.68 -41.44
C PHE E 354 24.27 12.00 -41.24
N ASN E 355 23.13 11.96 -40.61
CA ASN E 355 22.37 13.16 -40.31
C ASN E 355 21.96 13.18 -38.84
N PRO E 356 21.62 14.35 -38.28
CA PRO E 356 21.12 14.56 -36.93
C PRO E 356 19.80 13.85 -36.71
N SER E 357 19.46 13.64 -35.46
CA SER E 357 18.20 13.01 -35.14
C SER E 357 17.11 13.92 -35.67
N SER E 358 15.97 13.33 -36.04
CA SER E 358 14.90 14.09 -36.68
C SER E 358 13.74 14.64 -35.85
N GLY E 359 13.46 14.09 -34.68
CA GLY E 359 12.28 14.59 -33.98
C GLY E 359 11.86 13.72 -32.81
N GLY E 360 10.81 14.16 -32.11
CA GLY E 360 10.31 13.44 -30.94
C GLY E 360 10.79 14.14 -29.69
N ASP E 361 10.62 13.50 -28.53
CA ASP E 361 10.99 14.16 -27.28
C ASP E 361 12.48 14.04 -27.04
N LEU E 362 12.96 14.60 -25.95
CA LEU E 362 14.39 14.59 -25.68
C LEU E 362 14.96 13.20 -25.58
N GLU E 363 14.19 12.24 -25.11
CA GLU E 363 14.74 10.91 -24.95
C GLU E 363 15.22 10.33 -26.29
N ILE E 364 14.60 10.72 -27.39
CA ILE E 364 15.01 10.20 -28.67
C ILE E 364 15.88 11.19 -29.42
N THR E 365 15.60 12.50 -29.29
CA THR E 365 16.32 13.49 -30.07
C THR E 365 17.70 13.78 -29.53
N THR E 366 17.94 13.49 -28.25
CA THR E 366 19.24 13.75 -27.65
C THR E 366 19.91 12.55 -27.04
N HIS E 367 21.17 12.74 -26.71
CA HIS E 367 21.88 11.70 -26.05
C HIS E 367 21.56 11.77 -24.60
N SER E 368 20.62 10.93 -24.23
CA SER E 368 20.11 10.84 -22.89
C SER E 368 20.88 9.83 -22.10
N PHE E 369 21.48 10.28 -21.01
CA PHE E 369 22.25 9.37 -20.17
C PHE E 369 22.30 9.86 -18.74
N ASN E 370 22.62 8.96 -17.84
CA ASN E 370 22.78 9.35 -16.46
C ASN E 370 24.22 9.36 -16.08
N CYS E 371 24.63 10.37 -15.36
CA CYS E 371 25.98 10.36 -14.83
C CYS E 371 26.06 11.02 -13.47
N GLY E 372 26.47 10.24 -12.49
CA GLY E 372 26.62 10.73 -11.16
C GLY E 372 25.28 10.86 -10.48
N GLY E 373 24.21 10.34 -11.11
CA GLY E 373 22.89 10.50 -10.59
C GLY E 373 22.17 11.64 -11.30
N GLU E 374 22.89 12.45 -12.08
CA GLU E 374 22.23 13.53 -12.79
C GLU E 374 21.80 13.07 -14.18
N PHE E 375 20.73 13.64 -14.69
CA PHE E 375 20.23 13.28 -16.02
C PHE E 375 20.51 14.31 -17.09
N PHE E 376 21.33 13.91 -18.06
CA PHE E 376 21.80 14.77 -19.13
C PHE E 376 21.15 14.42 -20.44
N TYR E 377 20.86 15.45 -21.22
CA TYR E 377 20.30 15.36 -22.55
C TYR E 377 21.14 16.15 -23.51
N CYS E 378 22.11 15.51 -24.15
CA CYS E 378 23.04 16.28 -24.94
C CYS E 378 22.70 16.33 -26.41
N ASN E 379 22.97 17.47 -26.99
CA ASN E 379 22.72 17.73 -28.41
C ASN E 379 23.86 17.20 -29.27
N THR E 380 23.56 16.20 -30.10
CA THR E 380 24.51 15.48 -30.93
C THR E 380 24.50 15.92 -32.39
N SER E 381 23.86 17.04 -32.69
CA SER E 381 23.80 17.48 -34.08
C SER E 381 25.17 17.81 -34.67
N GLU E 382 26.15 18.11 -33.83
CA GLU E 382 27.48 18.39 -34.34
C GLU E 382 28.30 17.16 -34.54
N LEU E 383 27.74 16.01 -34.18
CA LEU E 383 28.45 14.77 -34.36
C LEU E 383 27.91 14.04 -35.57
N PHE E 384 26.60 13.99 -35.68
CA PHE E 384 25.98 13.30 -36.79
C PHE E 384 25.67 14.27 -37.88
N ASN E 385 26.72 14.77 -38.47
CA ASN E 385 26.64 15.80 -39.50
C ASN E 385 27.98 16.00 -40.18
N THR E 391 38.70 20.63 -38.61
CA THR E 391 39.75 21.14 -37.74
C THR E 391 40.21 20.11 -36.72
N ASN E 392 40.94 20.56 -35.70
CA ASN E 392 41.48 19.67 -34.66
C ASN E 392 41.05 20.02 -33.24
N ASN E 393 39.92 20.70 -33.12
CA ASN E 393 39.41 21.09 -31.83
C ASN E 393 38.54 20.02 -31.22
N THR E 394 37.97 20.35 -30.07
CA THR E 394 37.09 19.46 -29.35
C THR E 394 35.68 19.88 -29.66
N ILE E 395 34.82 18.92 -29.94
CA ILE E 395 33.44 19.25 -30.20
C ILE E 395 32.75 19.39 -28.87
N THR E 396 32.09 20.51 -28.64
CA THR E 396 31.42 20.66 -27.38
C THR E 396 29.93 20.54 -27.63
N LEU E 397 29.30 19.63 -26.94
CA LEU E 397 27.88 19.47 -27.12
C LEU E 397 27.21 20.18 -25.98
N PRO E 398 26.30 21.10 -26.20
CA PRO E 398 25.58 21.71 -25.14
C PRO E 398 24.68 20.64 -24.62
N CYS E 399 24.43 20.64 -23.34
CA CYS E 399 23.51 19.68 -22.78
C CYS E 399 22.46 20.31 -21.92
N ARG E 400 21.31 19.69 -21.88
CA ARG E 400 20.27 20.13 -20.98
C ARG E 400 20.13 19.16 -19.84
N ILE E 401 19.62 19.63 -18.73
CA ILE E 401 19.38 18.81 -17.56
C ILE E 401 17.96 18.88 -17.09
N LYS E 402 17.41 17.74 -16.72
CA LYS E 402 16.07 17.74 -16.17
C LYS E 402 15.93 16.77 -15.01
N GLN E 403 15.05 17.10 -14.07
CA GLN E 403 14.81 16.27 -12.90
C GLN E 403 13.58 15.38 -12.95
N ILE E 404 12.63 15.63 -13.86
CA ILE E 404 11.46 14.76 -13.86
C ILE E 404 11.58 13.76 -14.98
N ILE E 405 11.72 12.53 -14.57
CA ILE E 405 12.04 11.42 -15.43
C ILE E 405 10.92 10.41 -15.57
N ASN E 406 10.71 9.93 -16.79
CA ASN E 406 9.73 8.88 -17.08
C ASN E 406 10.46 7.74 -17.76
N MET E 407 11.06 6.89 -16.95
CA MET E 407 11.93 5.84 -17.44
C MET E 407 11.20 4.82 -18.27
N TRP E 408 11.88 4.38 -19.33
CA TRP E 408 11.43 3.31 -20.22
C TRP E 408 10.08 3.52 -20.84
N GLN E 409 9.77 4.76 -21.17
CA GLN E 409 8.52 5.14 -21.79
C GLN E 409 7.31 4.80 -20.95
N ARG E 410 7.49 4.56 -19.67
CA ARG E 410 6.36 4.22 -18.84
C ARG E 410 5.71 5.48 -18.37
N VAL E 411 5.00 6.09 -19.28
CA VAL E 411 4.40 7.36 -19.03
C VAL E 411 3.34 7.15 -17.99
N GLY E 412 3.35 7.99 -16.99
CA GLY E 412 2.42 7.88 -15.89
C GLY E 412 3.14 7.45 -14.61
N GLN E 413 4.40 7.07 -14.72
CA GLN E 413 5.14 6.70 -13.54
C GLN E 413 6.38 7.58 -13.45
N ALA E 414 6.19 8.79 -12.94
CA ALA E 414 7.26 9.76 -12.96
C ALA E 414 8.13 9.64 -11.73
N MET E 415 9.38 10.01 -11.90
CA MET E 415 10.32 10.04 -10.83
C MET E 415 11.02 11.38 -10.75
N TYR E 416 11.25 11.84 -9.54
CA TYR E 416 11.97 13.08 -9.34
C TYR E 416 13.36 12.83 -8.85
N ALA E 417 14.32 13.34 -9.59
CA ALA E 417 15.69 13.19 -9.23
C ALA E 417 16.12 14.38 -8.39
N PRO E 418 16.49 14.20 -7.11
CA PRO E 418 16.86 15.24 -6.21
C PRO E 418 18.18 15.78 -6.68
N PRO E 419 18.53 17.00 -6.34
CA PRO E 419 19.77 17.66 -6.69
C PRO E 419 20.94 17.06 -5.97
N ILE E 420 22.08 17.15 -6.61
CA ILE E 420 23.37 16.74 -6.12
C ILE E 420 24.19 17.98 -5.90
N GLU E 421 24.73 18.15 -4.69
CA GLU E 421 25.50 19.35 -4.39
C GLU E 421 26.88 19.31 -4.99
N GLY E 422 27.41 20.49 -5.31
CA GLY E 422 28.74 20.57 -5.86
C GLY E 422 28.69 20.43 -7.37
N LYS E 423 29.80 20.04 -7.97
CA LYS E 423 29.91 19.95 -9.41
C LYS E 423 30.03 18.51 -9.85
N ILE E 424 29.68 18.23 -11.09
CA ILE E 424 29.75 16.87 -11.60
C ILE E 424 30.73 16.69 -12.74
N ARG E 425 31.58 15.68 -12.61
CA ARG E 425 32.54 15.33 -13.65
C ARG E 425 32.36 13.88 -14.05
N CYS E 426 32.22 13.65 -15.34
CA CYS E 426 32.03 12.32 -15.89
C CYS E 426 33.04 11.97 -16.96
N THR E 427 33.53 10.76 -16.93
CA THR E 427 34.36 10.27 -18.02
C THR E 427 33.71 9.01 -18.50
N SER E 428 33.38 8.93 -19.77
CA SER E 428 32.77 7.71 -20.28
C SER E 428 33.38 7.27 -21.59
N ASN E 429 33.18 6.01 -21.94
CA ASN E 429 33.68 5.49 -23.20
C ASN E 429 32.59 5.24 -24.21
N ILE E 430 32.68 5.84 -25.37
CA ILE E 430 31.70 5.52 -26.37
C ILE E 430 32.17 4.24 -26.99
N THR E 431 31.35 3.19 -26.93
CA THR E 431 31.71 1.89 -27.44
C THR E 431 30.83 1.47 -28.62
N GLY E 432 29.79 2.24 -28.88
CA GLY E 432 28.93 1.89 -30.00
C GLY E 432 27.89 2.94 -30.33
N LEU E 433 27.16 2.68 -31.39
CA LEU E 433 26.12 3.57 -31.89
C LEU E 433 24.84 2.86 -32.21
N LEU E 434 23.71 3.54 -32.05
CA LEU E 434 22.46 2.97 -32.54
C LEU E 434 21.98 3.82 -33.68
N LEU E 435 21.88 3.23 -34.87
CA LEU E 435 21.47 3.97 -36.07
C LEU E 435 20.23 3.39 -36.74
N THR E 436 19.46 4.25 -37.38
CA THR E 436 18.35 3.78 -38.21
C THR E 436 18.50 4.39 -39.58
N ARG E 437 17.79 3.87 -40.59
CA ARG E 437 17.89 4.51 -41.91
C ARG E 437 16.61 5.18 -42.35
N ASP E 438 16.74 6.19 -43.19
CA ASP E 438 15.54 6.83 -43.73
C ASP E 438 15.03 6.06 -44.93
N ASN E 442 17.31 5.57 -53.96
CA ASN E 442 18.36 6.56 -53.85
C ASN E 442 19.73 5.89 -53.98
N ASN E 443 20.74 6.68 -54.34
CA ASN E 443 22.11 6.18 -54.50
C ASN E 443 22.94 6.49 -53.26
N THR E 444 22.27 7.15 -52.32
CA THR E 444 22.82 7.53 -51.03
C THR E 444 21.90 7.05 -49.91
N GLU E 445 22.49 6.47 -48.88
CA GLU E 445 21.76 6.05 -47.70
C GLU E 445 21.95 7.07 -46.58
N THR E 446 20.87 7.34 -45.85
CA THR E 446 20.98 8.28 -44.74
C THR E 446 20.80 7.59 -43.42
N PHE E 447 21.78 7.76 -42.55
CA PHE E 447 21.74 7.18 -41.23
C PHE E 447 21.53 8.25 -40.20
N ARG E 448 20.68 7.98 -39.24
CA ARG E 448 20.43 8.91 -38.16
C ARG E 448 20.50 8.17 -36.84
N PRO E 449 20.83 8.82 -35.73
CA PRO E 449 20.81 8.26 -34.41
C PRO E 449 19.42 7.71 -34.07
N GLY E 450 19.43 6.56 -33.44
CA GLY E 450 18.26 5.81 -32.99
C GLY E 450 18.13 5.81 -31.47
N GLY E 451 17.83 4.64 -30.91
CA GLY E 451 17.64 4.53 -29.46
C GLY E 451 16.17 4.51 -29.08
N GLY E 452 15.90 4.91 -27.85
CA GLY E 452 14.55 4.84 -27.30
C GLY E 452 14.26 3.48 -26.68
N ASP E 453 14.31 2.43 -27.48
CA ASP E 453 14.06 1.11 -26.92
C ASP E 453 15.32 0.50 -26.36
N MET E 454 15.33 0.40 -25.04
CA MET E 454 16.45 -0.09 -24.26
C MET E 454 16.86 -1.50 -24.55
N ARG E 455 16.00 -2.29 -25.15
CA ARG E 455 16.39 -3.65 -25.43
C ARG E 455 17.64 -3.70 -26.28
N ASP E 456 17.81 -2.72 -27.17
CA ASP E 456 18.95 -2.70 -28.05
C ASP E 456 20.25 -2.58 -27.28
N ASN E 457 20.19 -1.98 -26.10
CA ASN E 457 21.39 -1.76 -25.34
C ASN E 457 21.91 -3.03 -24.73
N TRP E 458 21.08 -4.04 -24.53
CA TRP E 458 21.66 -5.22 -23.94
C TRP E 458 21.90 -6.21 -25.03
N ARG E 459 21.21 -6.06 -26.16
CA ARG E 459 21.47 -6.95 -27.26
C ARG E 459 22.91 -6.76 -27.69
N SER E 460 23.39 -5.55 -27.57
CA SER E 460 24.75 -5.20 -27.93
C SER E 460 25.80 -5.90 -27.07
N GLU E 461 25.44 -6.43 -25.90
CA GLU E 461 26.38 -7.14 -25.03
C GLU E 461 26.09 -8.64 -24.92
N LEU E 462 24.82 -9.00 -25.00
CA LEU E 462 24.37 -10.38 -24.82
C LEU E 462 24.32 -11.20 -26.09
N TYR E 463 24.73 -10.63 -27.20
CA TYR E 463 24.74 -11.33 -28.49
C TYR E 463 25.68 -12.53 -28.44
N LYS E 464 26.62 -12.51 -27.51
CA LYS E 464 27.58 -13.57 -27.37
C LYS E 464 27.07 -14.76 -26.61
N TYR E 465 25.92 -14.67 -25.93
CA TYR E 465 25.51 -15.78 -25.08
C TYR E 465 24.20 -16.46 -25.43
N LYS E 466 24.16 -17.77 -25.18
CA LYS E 466 22.95 -18.57 -25.36
C LYS E 466 22.68 -19.52 -24.18
N VAL E 467 21.41 -19.73 -23.86
CA VAL E 467 21.05 -20.65 -22.78
C VAL E 467 20.40 -21.92 -23.26
N VAL E 468 20.96 -23.04 -22.84
CA VAL E 468 20.42 -24.34 -23.21
C VAL E 468 20.21 -25.18 -21.98
N LYS E 469 19.38 -26.21 -22.10
CA LYS E 469 19.15 -27.12 -20.98
C LYS E 469 19.76 -28.46 -21.30
N ILE E 470 20.12 -29.16 -20.27
CA ILE E 470 20.72 -30.45 -20.41
C ILE E 470 19.65 -31.53 -20.40
N GLU E 471 19.75 -32.45 -21.35
CA GLU E 471 18.83 -33.58 -21.43
C GLU E 471 19.64 -34.87 -21.39
N PRO E 472 19.99 -35.37 -20.20
CA PRO E 472 20.93 -36.42 -19.95
C PRO E 472 20.49 -37.82 -20.33
N LEU E 473 19.22 -38.04 -20.69
CA LEU E 473 18.82 -39.39 -21.05
C LEU E 473 18.72 -39.63 -22.54
N GLY E 474 19.07 -40.84 -22.92
CA GLY E 474 18.91 -41.27 -24.30
C GLY E 474 19.26 -42.74 -24.44
N VAL E 475 19.09 -43.27 -25.65
CA VAL E 475 19.36 -44.67 -25.92
C VAL E 475 20.21 -44.89 -27.15
N ALA E 476 20.90 -46.03 -27.19
CA ALA E 476 21.71 -46.42 -28.35
C ALA E 476 21.95 -47.96 -28.39
N PRO E 477 22.25 -48.59 -29.58
CA PRO E 477 22.57 -50.01 -29.78
C PRO E 477 23.81 -50.59 -29.13
N THR E 478 23.64 -51.75 -28.48
CA THR E 478 24.71 -52.54 -27.88
C THR E 478 24.56 -54.02 -28.11
N ARG E 479 25.58 -54.78 -27.75
CA ARG E 479 25.47 -56.24 -27.85
C ARG E 479 25.13 -56.86 -26.50
N CYS E 480 25.01 -56.01 -25.52
CA CYS E 480 24.67 -56.35 -24.14
C CYS E 480 23.17 -56.23 -23.89
N LYS E 481 22.55 -57.29 -23.43
CA LYS E 481 21.12 -57.23 -23.12
C LYS E 481 20.98 -57.61 -21.66
N ARG E 482 19.87 -57.25 -21.02
CA ARG E 482 19.73 -57.55 -19.59
C ARG E 482 20.03 -59.00 -19.26
N ARG E 483 19.51 -59.92 -20.07
CA ARG E 483 19.75 -61.33 -19.87
C ARG E 483 20.50 -61.95 -21.03
N PHE F 11 32.95 -31.03 -17.58
CA PHE F 11 31.55 -30.97 -17.99
C PHE F 11 31.43 -30.57 -19.43
N LEU F 12 30.77 -31.42 -20.21
CA LEU F 12 30.57 -31.28 -21.64
C LEU F 12 31.85 -31.26 -22.44
N GLY F 13 32.96 -31.64 -21.83
CA GLY F 13 34.22 -31.67 -22.53
C GLY F 13 34.17 -32.61 -23.73
N ALA F 14 33.42 -33.68 -23.58
CA ALA F 14 33.28 -34.67 -24.62
C ALA F 14 32.01 -34.44 -25.43
N ALA F 15 31.36 -33.30 -25.29
CA ALA F 15 30.10 -33.10 -25.98
C ALA F 15 30.21 -33.26 -27.49
N GLY F 16 31.33 -32.85 -28.06
CA GLY F 16 31.54 -32.97 -29.49
C GLY F 16 32.30 -34.24 -29.85
N SER F 17 32.52 -35.12 -28.88
CA SER F 17 33.31 -36.31 -29.12
C SER F 17 32.50 -37.55 -29.32
N THR F 18 33.22 -38.63 -29.55
CA THR F 18 32.67 -39.94 -29.82
C THR F 18 31.83 -40.41 -28.67
N MET F 19 30.66 -40.95 -29.00
CA MET F 19 29.74 -41.38 -27.97
C MET F 19 30.32 -42.40 -27.03
N GLY F 20 31.14 -43.28 -27.56
CA GLY F 20 31.78 -44.33 -26.79
C GLY F 20 32.71 -43.72 -25.77
N ALA F 21 33.57 -42.83 -26.22
CA ALA F 21 34.54 -42.19 -25.34
C ALA F 21 33.84 -41.39 -24.24
N ALA F 22 32.72 -40.78 -24.60
CA ALA F 22 31.94 -39.93 -23.72
C ALA F 22 31.29 -40.72 -22.60
N SER F 23 31.29 -42.05 -22.71
CA SER F 23 30.68 -42.89 -21.70
C SER F 23 31.50 -42.82 -20.42
N MET F 24 32.72 -42.29 -20.52
CA MET F 24 33.61 -42.15 -19.41
C MET F 24 33.46 -40.83 -18.67
N THR F 25 32.53 -39.97 -19.11
CA THR F 25 32.32 -38.68 -18.49
C THR F 25 30.95 -38.58 -17.85
N LEU F 26 30.27 -39.69 -17.78
CA LEU F 26 28.90 -39.68 -17.31
C LEU F 26 28.79 -39.25 -15.84
N THR F 27 29.80 -39.51 -15.00
CA THR F 27 29.65 -39.14 -13.60
C THR F 27 29.55 -37.64 -13.38
N VAL F 28 30.28 -36.84 -14.16
CA VAL F 28 30.19 -35.40 -13.97
C VAL F 28 28.91 -34.88 -14.55
N GLN F 29 28.51 -35.46 -15.68
CA GLN F 29 27.32 -34.98 -16.33
C GLN F 29 26.13 -35.20 -15.43
N ALA F 30 26.13 -36.30 -14.69
CA ALA F 30 25.05 -36.58 -13.77
C ALA F 30 25.19 -35.81 -12.46
N ARG F 31 26.40 -35.68 -11.94
CA ARG F 31 26.60 -35.06 -10.64
C ARG F 31 26.18 -33.61 -10.59
N ASN F 32 26.42 -32.86 -11.66
CA ASN F 32 26.12 -31.45 -11.54
C ASN F 32 24.68 -31.10 -11.83
N LEU F 33 23.81 -32.10 -11.89
CA LEU F 33 22.41 -31.83 -12.04
C LEU F 33 21.88 -31.27 -10.73
N LEU F 34 22.55 -31.52 -9.61
CA LEU F 34 22.11 -30.97 -8.32
C LEU F 34 23.23 -30.10 -7.76
N GLN F 56 14.09 -12.89 1.09
CA GLN F 56 13.25 -11.71 1.25
C GLN F 56 11.91 -11.95 0.57
N LEU F 57 10.84 -11.29 1.02
CA LEU F 57 9.53 -11.51 0.39
C LEU F 57 9.36 -10.61 -0.81
N THR F 58 10.10 -10.93 -1.85
CA THR F 58 10.13 -10.14 -3.06
C THR F 58 9.86 -11.01 -4.28
N VAL F 59 9.64 -10.35 -5.41
CA VAL F 59 9.43 -11.06 -6.65
C VAL F 59 10.70 -11.78 -7.04
N TRP F 60 11.82 -11.11 -6.83
CA TRP F 60 13.11 -11.66 -7.18
C TRP F 60 13.27 -12.98 -6.40
N GLY F 61 12.96 -12.93 -5.10
CA GLY F 61 13.07 -14.08 -4.24
C GLY F 61 12.16 -15.24 -4.64
N ILE F 62 10.91 -14.94 -5.01
CA ILE F 62 10.03 -16.05 -5.38
C ILE F 62 10.50 -16.66 -6.68
N LYS F 63 11.01 -15.87 -7.62
CA LYS F 63 11.49 -16.48 -8.85
C LYS F 63 12.61 -17.45 -8.56
N GLN F 64 13.51 -17.09 -7.65
CA GLN F 64 14.60 -18.01 -7.36
C GLN F 64 14.10 -19.25 -6.66
N LEU F 65 13.10 -19.13 -5.80
CA LEU F 65 12.62 -20.32 -5.14
C LEU F 65 11.95 -21.22 -6.14
N GLN F 66 11.21 -20.63 -7.08
CA GLN F 66 10.51 -21.40 -8.08
C GLN F 66 11.52 -22.18 -8.91
N ALA F 67 12.64 -21.54 -9.23
CA ALA F 67 13.65 -22.21 -10.02
C ALA F 67 14.22 -23.41 -9.30
N ARG F 68 14.42 -23.29 -7.99
CA ARG F 68 14.98 -24.39 -7.24
C ARG F 68 14.04 -25.58 -7.23
N VAL F 69 12.75 -25.31 -7.10
CA VAL F 69 11.80 -26.38 -7.09
C VAL F 69 11.76 -27.09 -8.41
N LEU F 70 11.78 -26.33 -9.49
CA LEU F 70 11.72 -26.95 -10.80
C LEU F 70 12.95 -27.80 -11.06
N ALA F 71 14.11 -27.37 -10.59
CA ALA F 71 15.29 -28.19 -10.80
C ALA F 71 15.13 -29.53 -10.11
N VAL F 72 14.52 -29.52 -8.93
CA VAL F 72 14.29 -30.76 -8.23
C VAL F 72 13.35 -31.65 -9.00
N GLU F 73 12.28 -31.07 -9.54
CA GLU F 73 11.36 -31.88 -10.28
C GLU F 73 12.03 -32.53 -11.47
N ARG F 74 12.89 -31.81 -12.17
CA ARG F 74 13.52 -32.41 -13.33
C ARG F 74 14.37 -33.59 -12.91
N TYR F 75 15.11 -33.42 -11.83
CA TYR F 75 15.94 -34.49 -11.36
C TYR F 75 15.13 -35.72 -11.05
N LEU F 76 14.05 -35.52 -10.31
CA LEU F 76 13.26 -36.66 -9.90
C LEU F 76 12.60 -37.34 -11.06
N LYS F 77 12.15 -36.61 -12.06
CA LYS F 77 11.50 -37.29 -13.18
C LYS F 77 12.47 -38.22 -13.87
N ASP F 78 13.73 -37.82 -14.01
CA ASP F 78 14.65 -38.73 -14.67
C ASP F 78 14.92 -39.92 -13.78
N GLN F 79 14.99 -39.71 -12.48
CA GLN F 79 15.24 -40.84 -11.62
C GLN F 79 14.09 -41.80 -11.61
N GLN F 80 12.87 -41.29 -11.66
CA GLN F 80 11.71 -42.15 -11.65
C GLN F 80 11.69 -43.01 -12.88
N LEU F 81 12.06 -42.44 -14.00
CA LEU F 81 12.05 -43.19 -15.23
C LEU F 81 13.14 -44.27 -15.21
N LEU F 82 14.31 -43.94 -14.70
CA LEU F 82 15.34 -44.97 -14.61
C LEU F 82 14.89 -46.04 -13.67
N GLY F 83 14.18 -45.65 -12.62
CA GLY F 83 13.66 -46.59 -11.67
C GLY F 83 12.71 -47.59 -12.30
N ILE F 84 11.72 -47.10 -13.05
CA ILE F 84 10.74 -48.02 -13.61
C ILE F 84 11.37 -48.94 -14.64
N TRP F 85 12.39 -48.45 -15.32
CA TRP F 85 13.10 -49.23 -16.30
C TRP F 85 14.04 -50.25 -15.70
N GLY F 86 14.26 -50.21 -14.39
CA GLY F 86 15.20 -51.12 -13.76
C GLY F 86 16.64 -50.69 -13.95
N CYS F 87 16.86 -49.40 -14.16
CA CYS F 87 18.17 -48.84 -14.39
C CYS F 87 18.54 -47.84 -13.30
N SER F 88 17.94 -47.98 -12.12
CA SER F 88 18.15 -47.01 -11.04
C SER F 88 19.58 -46.92 -10.51
N GLY F 89 20.32 -47.99 -10.60
CA GLY F 89 21.69 -48.00 -10.11
C GLY F 89 22.69 -47.88 -11.22
N LYS F 90 22.23 -47.55 -12.43
CA LYS F 90 23.17 -47.59 -13.53
C LYS F 90 23.24 -46.33 -14.36
N LEU F 91 24.43 -46.05 -14.87
CA LEU F 91 24.57 -44.96 -15.82
C LEU F 91 24.44 -45.54 -17.21
N ILE F 92 24.85 -46.79 -17.34
CA ILE F 92 24.76 -47.52 -18.57
C ILE F 92 23.93 -48.75 -18.27
N CYS F 93 22.76 -48.86 -18.88
CA CYS F 93 21.88 -49.95 -18.54
C CYS F 93 21.41 -50.79 -19.72
N CYS F 94 21.80 -52.06 -19.70
CA CYS F 94 21.47 -52.97 -20.78
C CYS F 94 20.07 -53.48 -20.58
N THR F 95 19.22 -53.34 -21.57
CA THR F 95 17.85 -53.80 -21.42
C THR F 95 17.50 -54.72 -22.57
N ASN F 96 16.33 -55.29 -22.49
CA ASN F 96 15.80 -56.09 -23.57
C ASN F 96 15.18 -55.09 -24.54
N VAL F 97 14.62 -55.62 -25.64
CA VAL F 97 14.07 -54.89 -26.80
C VAL F 97 15.20 -54.61 -27.80
N PRO F 98 15.16 -55.20 -29.00
CA PRO F 98 16.12 -55.08 -30.09
C PRO F 98 15.99 -53.77 -30.81
N TRP F 99 16.98 -53.45 -31.63
CA TRP F 99 16.92 -52.28 -32.50
C TRP F 99 16.25 -52.49 -33.82
N ASN F 100 15.56 -51.45 -34.25
CA ASN F 100 14.86 -51.38 -35.52
C ASN F 100 15.73 -50.79 -36.60
N SER F 101 15.40 -51.11 -37.84
CA SER F 101 16.08 -50.54 -38.99
C SER F 101 15.54 -49.14 -39.23
N SER F 102 14.34 -48.89 -38.72
CA SER F 102 13.72 -47.59 -38.84
C SER F 102 14.33 -46.61 -37.84
N TRP F 103 14.94 -47.18 -36.81
CA TRP F 103 15.58 -46.43 -35.74
C TRP F 103 16.98 -46.11 -36.19
N SER F 104 17.69 -47.14 -36.66
CA SER F 104 19.04 -46.97 -37.16
C SER F 104 19.42 -48.01 -38.18
N ASN F 105 20.09 -47.56 -39.23
CA ASN F 105 20.59 -48.44 -40.24
C ASN F 105 22.11 -48.44 -40.25
N LYS F 106 22.69 -48.05 -39.13
CA LYS F 106 24.13 -48.01 -39.00
C LYS F 106 24.61 -49.08 -38.05
N SER F 107 25.80 -49.58 -38.31
CA SER F 107 26.40 -50.57 -37.43
C SER F 107 26.87 -49.89 -36.18
N GLN F 108 27.13 -50.69 -35.16
CA GLN F 108 27.59 -50.17 -33.88
C GLN F 108 28.99 -49.58 -34.00
N ASP F 109 29.68 -49.94 -35.06
CA ASP F 109 31.03 -49.48 -35.30
C ASP F 109 31.01 -48.03 -35.70
N GLU F 110 29.98 -47.59 -36.40
CA GLU F 110 29.91 -46.19 -36.77
C GLU F 110 29.43 -45.41 -35.56
N ILE F 111 28.43 -46.00 -34.92
CA ILE F 111 27.73 -45.38 -33.84
C ILE F 111 28.62 -45.08 -32.66
N TRP F 112 29.47 -46.01 -32.27
CA TRP F 112 30.33 -45.76 -31.13
C TRP F 112 31.75 -45.37 -31.47
N ASP F 113 32.03 -45.03 -32.73
CA ASP F 113 33.40 -44.67 -33.11
C ASP F 113 33.44 -43.31 -33.77
N ASN F 114 32.57 -43.08 -34.77
CA ASN F 114 32.63 -41.82 -35.49
C ASN F 114 31.56 -40.84 -35.02
N MET F 115 30.43 -41.36 -34.57
CA MET F 115 29.36 -40.47 -34.15
C MET F 115 29.53 -39.94 -32.75
N THR F 116 29.05 -38.72 -32.58
CA THR F 116 29.03 -38.01 -31.33
C THR F 116 27.62 -38.06 -30.76
N TRP F 117 27.45 -37.67 -29.49
CA TRP F 117 26.11 -37.71 -28.92
C TRP F 117 25.16 -36.70 -29.53
N MET F 118 25.67 -35.57 -29.99
CA MET F 118 24.76 -34.62 -30.58
C MET F 118 24.25 -35.21 -31.89
N GLU F 119 25.15 -35.86 -32.65
CA GLU F 119 24.73 -36.42 -33.93
C GLU F 119 23.79 -37.56 -33.74
N TRP F 120 24.02 -38.36 -32.72
CA TRP F 120 23.14 -39.46 -32.45
C TRP F 120 21.76 -38.96 -32.09
N ASP F 121 21.70 -37.94 -31.22
CA ASP F 121 20.42 -37.42 -30.80
C ASP F 121 19.64 -36.93 -32.00
N LYS F 122 20.33 -36.36 -32.99
CA LYS F 122 19.68 -35.88 -34.19
C LYS F 122 18.99 -36.98 -35.00
N GLU F 123 19.38 -38.24 -34.82
CA GLU F 123 18.82 -39.31 -35.63
C GLU F 123 17.74 -40.11 -34.92
N ILE F 124 17.85 -40.24 -33.61
CA ILE F 124 16.92 -41.09 -32.85
C ILE F 124 15.90 -40.26 -32.08
N ASN F 125 15.89 -38.97 -32.32
CA ASN F 125 15.04 -38.01 -31.64
C ASN F 125 13.55 -38.25 -31.81
N ASN F 126 13.16 -38.83 -32.92
CA ASN F 126 11.76 -39.09 -33.15
C ASN F 126 11.30 -40.48 -32.71
N TYR F 127 12.17 -41.25 -32.07
CA TYR F 127 11.79 -42.57 -31.59
C TYR F 127 11.86 -42.72 -30.10
N THR F 128 12.06 -41.62 -29.39
CA THR F 128 12.25 -41.72 -27.96
C THR F 128 11.00 -42.14 -27.23
N ASP F 129 9.84 -41.71 -27.71
CA ASP F 129 8.62 -42.08 -26.99
C ASP F 129 8.35 -43.55 -27.20
N ILE F 130 8.69 -44.01 -28.39
CA ILE F 130 8.47 -45.37 -28.77
C ILE F 130 9.33 -46.30 -27.95
N ILE F 131 10.60 -45.98 -27.85
CA ILE F 131 11.48 -46.84 -27.12
C ILE F 131 11.12 -46.85 -25.65
N TYR F 132 10.83 -45.69 -25.09
CA TYR F 132 10.53 -45.66 -23.68
C TYR F 132 9.31 -46.51 -23.37
N SER F 133 8.26 -46.43 -24.20
CA SER F 133 7.07 -47.22 -23.92
C SER F 133 7.35 -48.71 -23.99
N LEU F 134 8.20 -49.11 -24.94
CA LEU F 134 8.55 -50.51 -25.09
C LEU F 134 9.28 -51.03 -23.89
N ILE F 135 10.09 -50.18 -23.25
CA ILE F 135 10.80 -50.64 -22.09
C ILE F 135 9.89 -50.64 -20.88
N GLU F 136 9.14 -49.55 -20.68
CA GLU F 136 8.38 -49.44 -19.45
C GLU F 136 7.39 -50.56 -19.25
N GLU F 137 6.71 -51.00 -20.29
CA GLU F 137 5.79 -52.08 -20.00
C GLU F 137 6.43 -53.43 -20.05
N SER F 138 7.03 -53.76 -21.18
CA SER F 138 7.48 -55.12 -21.35
C SER F 138 8.53 -55.54 -20.36
N GLN F 139 9.44 -54.64 -20.03
CA GLN F 139 10.54 -55.06 -19.21
C GLN F 139 10.30 -54.83 -17.76
N ASN F 140 9.14 -54.31 -17.43
CA ASN F 140 8.85 -54.14 -16.05
C ASN F 140 8.01 -55.33 -15.67
N GLN F 141 7.06 -55.68 -16.54
CA GLN F 141 6.17 -56.75 -16.19
C GLN F 141 6.79 -58.11 -16.29
N GLN F 142 7.56 -58.37 -17.33
CA GLN F 142 8.03 -59.73 -17.42
C GLN F 142 9.01 -60.03 -16.30
N GLU F 143 9.84 -59.06 -15.99
CA GLU F 143 10.84 -59.26 -14.99
C GLU F 143 10.26 -59.34 -13.58
N LYS F 144 9.30 -58.49 -13.21
CA LYS F 144 8.86 -58.59 -11.82
C LYS F 144 7.98 -59.79 -11.60
N ASN F 145 7.28 -60.22 -12.64
CA ASN F 145 6.37 -61.32 -12.45
C ASN F 145 7.19 -62.58 -12.23
N GLU F 146 8.26 -62.72 -13.01
CA GLU F 146 9.09 -63.89 -12.86
C GLU F 146 9.84 -63.88 -11.55
N GLN F 147 10.25 -62.70 -11.07
CA GLN F 147 10.97 -62.67 -9.81
C GLN F 147 10.12 -63.14 -8.64
N GLU F 148 8.83 -62.76 -8.58
CA GLU F 148 8.02 -63.27 -7.46
C GLU F 148 7.87 -64.78 -7.58
N LEU F 149 7.66 -65.24 -8.81
CA LEU F 149 7.50 -66.66 -9.04
C LEU F 149 8.84 -67.36 -8.87
N GLN G 1 51.62 62.17 -26.34
CA GLN G 1 50.54 61.79 -25.42
C GLN G 1 49.23 62.37 -25.85
N VAL G 2 48.19 62.08 -25.08
CA VAL G 2 46.85 62.53 -25.42
C VAL G 2 46.28 63.49 -24.42
N HIS G 3 45.78 64.58 -24.95
CA HIS G 3 45.12 65.57 -24.14
C HIS G 3 43.70 65.77 -24.63
N LEU G 4 42.77 65.68 -23.69
CA LEU G 4 41.37 65.87 -24.00
C LEU G 4 40.94 67.19 -23.44
N GLN G 5 40.87 68.20 -24.28
CA GLN G 5 40.56 69.52 -23.74
C GLN G 5 39.11 69.83 -23.91
N GLU G 6 38.42 69.90 -22.81
CA GLU G 6 37.02 70.13 -22.92
C GLU G 6 36.63 71.58 -22.84
N SER G 7 35.51 71.87 -23.46
CA SER G 7 34.89 73.19 -23.46
C SER G 7 33.37 73.14 -23.48
N GLY G 8 32.74 74.09 -22.83
CA GLY G 8 31.29 74.15 -22.78
C GLY G 8 30.84 75.47 -22.17
N PRO G 9 29.53 75.71 -22.07
CA PRO G 9 28.91 76.95 -21.59
C PRO G 9 29.12 77.30 -20.14
N GLY G 10 29.44 76.33 -19.29
CA GLY G 10 29.63 76.61 -17.88
C GLY G 10 28.31 76.75 -17.14
N LEU G 11 27.59 77.82 -17.44
CA LEU G 11 26.32 78.08 -16.81
C LEU G 11 25.19 78.04 -17.80
N VAL G 12 24.21 77.19 -17.50
CA VAL G 12 23.06 77.02 -18.35
C VAL G 12 21.79 77.17 -17.52
N LYS G 13 20.66 77.36 -18.17
CA LYS G 13 19.41 77.46 -17.45
C LYS G 13 18.68 76.13 -17.52
N PRO G 14 17.73 75.88 -16.62
CA PRO G 14 16.88 74.74 -16.67
C PRO G 14 16.17 74.71 -18.01
N SER G 15 16.01 73.51 -18.53
CA SER G 15 15.36 73.17 -19.79
C SER G 15 16.17 73.54 -21.03
N GLU G 16 17.38 74.02 -20.84
CA GLU G 16 18.24 74.30 -21.98
C GLU G 16 18.99 73.05 -22.37
N THR G 17 19.52 73.04 -23.59
CA THR G 17 20.32 71.91 -24.01
C THR G 17 21.79 72.23 -23.80
N LEU G 18 22.48 71.30 -23.16
CA LEU G 18 23.87 71.39 -22.85
C LEU G 18 24.69 70.76 -23.96
N SER G 19 25.71 71.46 -24.40
CA SER G 19 26.58 70.93 -25.44
C SER G 19 28.02 71.04 -25.04
N LEU G 20 28.65 69.89 -24.84
CA LEU G 20 30.04 69.86 -24.43
C LEU G 20 30.91 69.33 -25.53
N THR G 21 32.03 69.98 -25.72
CA THR G 21 32.97 69.55 -26.74
C THR G 21 34.28 69.10 -26.18
N CYS G 22 34.71 67.93 -26.64
CA CYS G 22 36.01 67.41 -26.27
C CYS G 22 36.99 67.54 -27.43
N ASN G 23 37.98 68.39 -27.27
CA ASN G 23 38.95 68.61 -28.33
C ASN G 23 40.05 67.58 -28.19
N VAL G 24 40.03 66.58 -29.07
CA VAL G 24 40.95 65.49 -28.91
C VAL G 24 42.25 65.77 -29.65
N SER G 25 43.37 65.68 -28.94
CA SER G 25 44.65 65.90 -29.59
C SER G 25 45.69 64.88 -29.15
N GLY G 26 46.40 64.32 -30.13
CA GLY G 26 47.44 63.31 -29.89
C GLY G 26 46.97 61.90 -30.26
N THR G 27 45.70 61.79 -30.61
CA THR G 27 45.03 60.57 -31.01
C THR G 27 43.87 60.97 -31.87
N LEU G 28 43.38 60.08 -32.70
CA LEU G 28 42.21 60.42 -33.49
C LEU G 28 40.95 59.98 -32.81
N VAL G 29 39.89 60.68 -33.12
CA VAL G 29 38.59 60.36 -32.56
C VAL G 29 38.14 58.96 -32.96
N ARG G 30 38.60 58.48 -34.10
CA ARG G 30 38.25 57.15 -34.56
C ARG G 30 39.19 56.05 -34.03
N ASP G 31 40.18 56.42 -33.22
CA ASP G 31 41.15 55.45 -32.69
C ASP G 31 40.66 54.65 -31.50
N ASN G 32 39.71 55.17 -30.72
CA ASN G 32 39.29 54.50 -29.50
C ASN G 32 37.83 54.74 -29.22
N TYR G 33 37.36 54.14 -28.14
CA TYR G 33 36.01 54.35 -27.67
C TYR G 33 36.02 55.58 -26.84
N TRP G 34 35.01 56.41 -26.95
CA TRP G 34 34.98 57.56 -26.12
C TRP G 34 33.88 57.43 -25.14
N SER G 35 34.07 57.98 -23.97
CA SER G 35 33.00 57.91 -23.02
C SER G 35 32.92 59.14 -22.19
N TRP G 36 31.75 59.34 -21.64
CA TRP G 36 31.58 60.47 -20.78
C TRP G 36 31.14 60.04 -19.42
N ILE G 37 31.74 60.72 -18.47
CA ILE G 37 31.55 60.52 -17.05
C ILE G 37 31.20 61.84 -16.40
N ARG G 38 30.29 61.85 -15.45
CA ARG G 38 30.06 63.09 -14.75
C ARG G 38 30.13 62.86 -13.26
N GLN G 39 30.57 63.87 -12.52
CA GLN G 39 30.64 63.76 -11.09
C GLN G 39 30.01 64.94 -10.39
N PRO G 40 28.78 64.81 -9.90
CA PRO G 40 28.07 65.82 -9.18
C PRO G 40 28.87 66.08 -7.94
N LEU G 41 28.83 67.29 -7.43
CA LEU G 41 29.59 67.55 -6.23
C LEU G 41 29.01 66.77 -5.07
N GLY G 42 29.87 66.08 -4.32
CA GLY G 42 29.42 65.33 -3.17
C GLY G 42 28.97 63.92 -3.52
N LYS G 43 29.08 63.56 -4.78
CA LYS G 43 28.66 62.26 -5.23
C LYS G 43 29.80 61.46 -5.84
N GLN G 44 29.60 60.15 -5.94
CA GLN G 44 30.56 59.33 -6.62
C GLN G 44 30.19 59.54 -8.09
N PRO G 45 31.09 59.37 -9.05
CA PRO G 45 30.84 59.59 -10.46
C PRO G 45 29.85 58.61 -11.08
N GLU G 46 29.24 59.08 -12.16
CA GLU G 46 28.27 58.36 -12.98
C GLU G 46 28.72 58.26 -14.43
N TRP G 47 28.56 57.10 -15.02
CA TRP G 47 28.94 56.86 -16.40
C TRP G 47 27.74 57.19 -17.26
N ILE G 48 27.89 58.14 -18.18
CA ILE G 48 26.78 58.62 -18.98
C ILE G 48 26.51 57.70 -20.11
N GLY G 49 27.57 57.31 -20.77
CA GLY G 49 27.45 56.48 -21.95
C GLY G 49 28.76 56.45 -22.68
N TYR G 50 28.78 55.68 -23.75
CA TYR G 50 29.97 55.63 -24.56
C TYR G 50 29.56 55.67 -25.99
N VAL G 51 30.44 56.22 -26.79
CA VAL G 51 30.23 56.38 -28.18
C VAL G 51 31.42 55.88 -28.93
N HIS G 52 31.16 55.26 -30.05
CA HIS G 52 32.25 54.69 -30.79
C HIS G 52 32.02 54.65 -32.22
N ASP G 53 33.11 54.55 -32.91
CA ASP G 53 33.01 54.41 -34.33
C ASP G 53 32.52 52.99 -34.54
N SER G 54 32.31 52.62 -35.78
CA SER G 54 31.81 51.28 -36.15
C SER G 54 30.44 50.95 -35.53
N GLY G 55 29.72 51.96 -35.06
CA GLY G 55 28.39 51.81 -34.50
C GLY G 55 28.33 51.34 -33.05
N ASP G 56 29.47 51.15 -32.37
CA ASP G 56 29.37 50.61 -31.01
C ASP G 56 29.15 51.68 -29.95
N THR G 57 27.91 52.09 -29.85
CA THR G 57 27.48 53.15 -28.94
C THR G 57 26.38 52.64 -28.01
N ASN G 58 26.42 53.06 -26.75
CA ASN G 58 25.43 52.65 -25.75
C ASN G 58 25.29 53.75 -24.70
N TYR G 59 24.17 53.74 -24.01
CA TYR G 59 23.89 54.79 -23.03
C TYR G 59 23.44 54.31 -21.68
N ASN G 60 23.71 55.12 -20.67
CA ASN G 60 23.17 54.90 -19.36
C ASN G 60 21.68 54.97 -19.53
N PRO G 61 20.91 53.92 -19.26
CA PRO G 61 19.50 53.82 -19.52
C PRO G 61 18.70 54.86 -18.76
N SER G 62 19.26 55.44 -17.71
CA SER G 62 18.50 56.44 -16.97
C SER G 62 18.63 57.82 -17.58
N LEU G 63 19.60 57.97 -18.48
CA LEU G 63 19.86 59.25 -19.10
C LEU G 63 19.48 59.23 -20.56
N LYS G 64 19.56 58.06 -21.17
CA LYS G 64 19.41 57.82 -22.60
C LYS G 64 18.41 58.70 -23.32
N SER G 65 17.22 58.87 -22.78
CA SER G 65 16.18 59.61 -23.49
C SER G 65 16.48 61.08 -23.72
N ARG G 66 17.44 61.63 -22.99
CA ARG G 66 17.80 63.02 -23.11
C ARG G 66 19.20 63.22 -23.69
N VAL G 67 19.91 62.14 -24.00
CA VAL G 67 21.30 62.34 -24.40
C VAL G 67 21.72 61.73 -25.70
N HIS G 68 22.51 62.49 -26.42
CA HIS G 68 23.09 62.03 -27.66
C HIS G 68 24.59 62.27 -27.70
N LEU G 69 25.33 61.24 -28.08
CA LEU G 69 26.78 61.38 -28.20
C LEU G 69 27.21 61.19 -29.64
N SER G 70 28.24 61.90 -30.06
CA SER G 70 28.72 61.73 -31.43
C SER G 70 30.20 62.00 -31.65
N LEU G 71 30.72 61.47 -32.75
CA LEU G 71 32.12 61.69 -33.11
C LEU G 71 32.26 62.48 -34.40
N ASP G 72 32.97 63.59 -34.32
CA ASP G 72 33.23 64.44 -35.48
C ASP G 72 34.58 64.08 -36.08
N LYS G 73 34.56 63.34 -37.17
CA LYS G 73 35.77 62.79 -37.75
C LYS G 73 36.54 63.81 -38.55
N SER G 74 35.94 64.97 -38.77
CA SER G 74 36.59 66.02 -39.53
C SER G 74 37.40 66.87 -38.58
N LYS G 75 36.76 67.26 -37.47
CA LYS G 75 37.39 68.15 -36.50
C LYS G 75 38.04 67.39 -35.34
N ASN G 76 37.91 66.07 -35.31
CA ASN G 76 38.48 65.19 -34.31
C ASN G 76 37.94 65.54 -32.92
N LEU G 77 36.64 65.74 -32.86
CA LEU G 77 35.99 66.10 -31.62
C LEU G 77 35.02 65.04 -31.11
N VAL G 78 34.89 64.97 -29.81
CA VAL G 78 33.85 64.11 -29.24
C VAL G 78 32.79 65.03 -28.68
N SER G 79 31.55 64.84 -29.09
CA SER G 79 30.50 65.72 -28.63
C SER G 79 29.52 65.05 -27.67
N LEU G 80 29.06 65.85 -26.70
CA LEU G 80 27.98 65.43 -25.81
C LEU G 80 26.84 66.42 -25.84
N ARG G 81 25.64 65.92 -26.14
CA ARG G 81 24.44 66.73 -26.17
C ARG G 81 23.39 66.25 -25.19
N LEU G 82 23.12 67.06 -24.18
CA LEU G 82 22.14 66.68 -23.16
C LEU G 82 20.98 67.65 -23.17
N THR G 83 19.78 67.18 -23.37
CA THR G 83 18.68 68.12 -23.41
C THR G 83 17.85 68.00 -22.18
N GLY G 84 16.92 68.93 -21.98
CA GLY G 84 16.06 68.83 -20.82
C GLY G 84 16.87 69.01 -19.54
N VAL G 85 17.89 69.85 -19.58
CA VAL G 85 18.78 69.98 -18.44
C VAL G 85 18.15 70.56 -17.20
N THR G 86 18.41 69.91 -16.08
CA THR G 86 17.87 70.38 -14.81
C THR G 86 18.91 70.53 -13.73
N ALA G 87 18.48 70.96 -12.55
CA ALA G 87 19.40 71.22 -11.45
C ALA G 87 20.21 69.99 -11.06
N ALA G 88 19.60 68.83 -11.19
CA ALA G 88 20.19 67.56 -10.85
C ALA G 88 21.34 67.19 -11.77
N ASP G 89 21.46 67.88 -12.90
CA ASP G 89 22.48 67.57 -13.85
C ASP G 89 23.72 68.43 -13.61
N SER G 90 23.70 69.28 -12.59
CA SER G 90 24.91 70.05 -12.38
C SER G 90 25.98 69.06 -11.95
N ALA G 91 27.15 69.12 -12.57
CA ALA G 91 28.22 68.17 -12.29
C ALA G 91 29.49 68.57 -12.98
N ILE G 92 30.59 67.92 -12.61
CA ILE G 92 31.76 68.10 -13.43
C ILE G 92 31.69 67.04 -14.49
N TYR G 93 31.78 67.43 -15.73
CA TYR G 93 31.69 66.48 -16.82
C TYR G 93 33.05 66.17 -17.38
N TYR G 94 33.29 64.92 -17.73
CA TYR G 94 34.56 64.52 -18.29
C TYR G 94 34.48 63.72 -19.56
N CYS G 95 35.42 64.02 -20.42
CA CYS G 95 35.71 63.32 -21.65
C CYS G 95 36.80 62.33 -21.35
N ALA G 96 36.61 61.08 -21.76
CA ALA G 96 37.65 60.13 -21.48
C ALA G 96 37.83 59.10 -22.57
N THR G 97 39.07 58.62 -22.69
CA THR G 97 39.41 57.58 -23.62
C THR G 97 39.27 56.27 -22.92
N THR G 98 38.44 55.43 -23.50
CA THR G 98 38.08 54.14 -22.99
C THR G 98 38.83 53.01 -23.67
N LYS G 99 39.30 52.10 -22.83
CA LYS G 99 40.00 50.89 -23.21
C LYS G 99 39.17 49.76 -22.66
N HIS G 100 39.27 48.58 -23.26
CA HIS G 100 38.46 47.52 -22.75
C HIS G 100 39.12 46.20 -22.89
N GLY G 101 38.48 45.21 -22.32
CA GLY G 101 38.98 43.87 -22.40
C GLY G 101 37.84 42.91 -22.19
N ARG G 102 38.16 41.64 -22.12
CA ARG G 102 37.14 40.64 -21.97
C ARG G 102 37.50 39.68 -20.88
N ARG G 103 36.50 39.22 -20.18
CA ARG G 103 36.71 38.21 -19.19
C ARG G 103 35.92 36.99 -19.54
N ILE G 104 36.56 35.83 -19.48
CA ILE G 104 35.88 34.60 -19.79
C ILE G 104 35.67 33.86 -18.52
N TYR G 105 34.45 33.43 -18.24
CA TYR G 105 34.26 32.69 -17.02
C TYR G 105 33.91 31.25 -17.27
N GLY G 106 33.34 30.97 -18.42
CA GLY G 106 32.91 29.64 -18.77
C GLY G 106 33.42 29.25 -20.14
N VAL G 107 32.51 28.71 -20.95
CA VAL G 107 32.77 28.23 -22.29
C VAL G 107 32.56 29.35 -23.28
N VAL G 108 33.55 29.62 -24.12
CA VAL G 108 33.38 30.72 -25.06
C VAL G 108 32.31 30.45 -26.09
N ALA G 109 32.12 29.21 -26.45
CA ALA G 109 31.14 28.79 -27.43
C ALA G 109 29.72 29.05 -27.01
N PHE G 110 29.48 29.21 -25.73
CA PHE G 110 28.15 29.42 -25.22
C PHE G 110 27.99 30.86 -24.78
N LYS G 111 28.97 31.68 -25.15
CA LYS G 111 29.07 33.08 -24.78
C LYS G 111 29.12 33.30 -23.29
N GLU G 112 29.83 32.44 -22.55
CA GLU G 112 29.92 32.62 -21.10
C GLU G 112 31.04 33.57 -20.74
N TRP G 113 30.83 34.81 -21.14
CA TRP G 113 31.77 35.87 -20.98
C TRP G 113 31.17 37.24 -21.08
N PHE G 114 31.94 38.23 -20.68
CA PHE G 114 31.48 39.60 -20.82
C PHE G 114 32.59 40.60 -21.04
N THR G 115 32.21 41.73 -21.59
CA THR G 115 33.12 42.83 -21.81
C THR G 115 33.17 43.66 -20.58
N TYR G 116 34.33 44.13 -20.24
CA TYR G 116 34.44 45.08 -19.13
C TYR G 116 35.17 46.28 -19.68
N PHE G 117 34.94 47.43 -19.07
CA PHE G 117 35.57 48.65 -19.52
C PHE G 117 36.20 49.44 -18.43
N TYR G 118 37.19 50.22 -18.82
CA TYR G 118 37.84 51.16 -17.94
C TYR G 118 38.32 52.41 -18.68
N MET G 119 38.48 53.51 -17.95
CA MET G 119 38.95 54.75 -18.57
C MET G 119 40.39 55.04 -18.29
N ASP G 120 41.14 55.16 -19.36
CA ASP G 120 42.58 55.36 -19.33
C ASP G 120 42.99 56.83 -19.35
N VAL G 121 42.41 57.60 -20.25
CA VAL G 121 42.84 59.00 -20.34
C VAL G 121 41.68 59.90 -20.03
N TRP G 122 41.87 60.74 -19.04
CA TRP G 122 40.82 61.65 -18.64
C TRP G 122 41.24 63.05 -18.94
N GLY G 123 40.31 63.88 -19.35
CA GLY G 123 40.60 65.28 -19.56
C GLY G 123 40.43 65.99 -18.25
N LYS G 124 40.49 67.31 -18.28
CA LYS G 124 40.34 68.07 -17.05
C LYS G 124 38.89 68.13 -16.65
N GLY G 125 38.03 68.09 -17.64
CA GLY G 125 36.60 68.14 -17.44
C GLY G 125 36.12 69.57 -17.39
N THR G 126 34.81 69.74 -17.38
CA THR G 126 34.24 71.07 -17.30
C THR G 126 33.23 71.14 -16.19
N SER G 127 33.06 72.32 -15.65
CA SER G 127 32.07 72.49 -14.60
C SER G 127 30.79 73.00 -15.17
N VAL G 128 29.71 72.24 -15.01
CA VAL G 128 28.42 72.67 -15.51
C VAL G 128 27.44 72.90 -14.38
N THR G 129 26.94 74.12 -14.33
CA THR G 129 25.98 74.57 -13.33
C THR G 129 24.67 74.89 -14.00
N VAL G 130 23.58 74.39 -13.44
CA VAL G 130 22.29 74.68 -14.01
C VAL G 130 21.57 75.65 -13.08
N SER G 131 21.21 76.82 -13.57
CA SER G 131 20.59 77.83 -12.70
C SER G 131 19.37 77.29 -11.99
N ALA H 1 29.92 61.03 -0.88
CA ALA H 1 29.62 59.64 -1.14
C ALA H 1 30.58 58.65 -0.43
N PRO H 2 31.92 58.84 -0.44
CA PRO H 2 32.86 57.90 0.12
C PRO H 2 32.88 57.85 1.65
N THR H 3 33.35 56.73 2.17
CA THR H 3 33.59 56.51 3.61
C THR H 3 35.03 56.80 3.91
N PHE H 4 35.48 56.57 5.14
CA PHE H 4 36.86 56.96 5.47
C PHE H 4 37.71 55.90 6.11
N VAL H 5 38.99 55.90 5.75
CA VAL H 5 39.97 55.06 6.41
C VAL H 5 41.17 55.92 6.84
N SER H 6 41.60 55.75 8.09
CA SER H 6 42.74 56.50 8.63
C SER H 6 44.00 55.65 8.67
N VAL H 7 45.00 56.03 7.89
CA VAL H 7 46.25 55.25 7.80
C VAL H 7 47.48 56.12 8.05
N ALA H 8 48.33 55.74 9.00
CA ALA H 8 49.53 56.54 9.18
C ALA H 8 50.44 56.27 8.00
N PRO H 9 51.28 57.20 7.57
CA PRO H 9 52.16 56.94 6.47
C PRO H 9 53.02 55.77 6.86
N GLY H 10 53.17 54.86 5.92
CA GLY H 10 53.95 53.65 6.10
C GLY H 10 53.06 52.47 6.49
N GLN H 11 51.82 52.74 6.88
CA GLN H 11 50.89 51.69 7.24
C GLN H 11 50.11 51.31 6.01
N THR H 12 49.52 50.14 6.01
CA THR H 12 48.76 49.77 4.84
C THR H 12 47.34 50.28 4.91
N ALA H 13 46.68 50.32 3.76
CA ALA H 13 45.26 50.66 3.70
C ALA H 13 44.45 49.45 3.38
N ARG H 14 43.24 49.41 3.90
CA ARG H 14 42.29 48.36 3.57
C ARG H 14 41.00 48.98 3.08
N ILE H 15 40.89 49.11 1.77
CA ILE H 15 39.78 49.76 1.14
C ILE H 15 38.85 48.78 0.49
N THR H 16 37.60 48.83 0.85
CA THR H 16 36.67 47.88 0.26
C THR H 16 35.54 48.59 -0.42
N CYS H 17 34.90 47.90 -1.36
CA CYS H 17 33.75 48.46 -2.05
C CYS H 17 32.84 47.41 -2.67
N GLY H 18 31.63 47.85 -2.98
CA GLY H 18 30.68 47.02 -3.70
C GLY H 18 29.96 46.05 -2.80
N GLU H 19 29.15 45.23 -3.42
CA GLU H 19 28.36 44.21 -2.76
C GLU H 19 29.07 42.90 -2.95
N GLU H 20 28.53 41.84 -2.39
CA GLU H 20 29.14 40.54 -2.57
C GLU H 20 29.04 40.06 -4.01
N SER H 21 30.10 39.44 -4.50
CA SER H 21 30.05 38.90 -5.85
C SER H 21 29.12 37.72 -5.93
N LEU H 22 28.50 37.58 -7.10
CA LEU H 22 27.66 36.42 -7.31
C LEU H 22 28.32 35.46 -8.26
N GLY H 23 28.83 35.97 -9.37
CA GLY H 23 29.54 35.16 -10.33
C GLY H 23 30.93 35.72 -10.48
N SER H 24 31.59 35.43 -11.58
CA SER H 24 32.91 35.94 -11.74
C SER H 24 32.86 37.44 -11.79
N ARG H 25 33.84 38.06 -11.18
CA ARG H 25 33.86 39.51 -11.11
C ARG H 25 35.09 40.16 -11.70
N SER H 26 34.88 41.38 -12.20
CA SER H 26 35.95 42.20 -12.73
C SER H 26 35.84 43.61 -12.16
N VAL H 27 36.77 43.96 -11.31
CA VAL H 27 36.74 45.24 -10.63
C VAL H 27 37.67 46.25 -11.19
N ILE H 28 37.17 47.46 -11.41
CA ILE H 28 38.04 48.50 -11.87
C ILE H 28 38.19 49.54 -10.75
N TRP H 29 39.43 49.83 -10.35
CA TRP H 29 39.70 50.78 -9.28
C TRP H 29 40.23 52.10 -9.81
N TYR H 30 39.65 53.20 -9.34
CA TYR H 30 40.08 54.55 -9.72
C TYR H 30 40.52 55.41 -8.56
N GLN H 31 41.50 56.27 -8.82
CA GLN H 31 42.04 57.18 -7.82
C GLN H 31 41.68 58.62 -8.08
N GLN H 32 40.98 59.21 -7.13
CA GLN H 32 40.60 60.61 -7.22
C GLN H 32 41.29 61.50 -6.22
N ARG H 33 42.36 62.17 -6.64
CA ARG H 33 42.99 63.06 -5.69
C ARG H 33 42.11 64.30 -5.74
N PRO H 34 41.76 64.93 -4.63
CA PRO H 34 40.89 66.08 -4.64
C PRO H 34 41.41 67.15 -5.58
N GLY H 35 40.51 67.68 -6.38
CA GLY H 35 40.82 68.74 -7.33
C GLY H 35 41.36 68.24 -8.66
N GLN H 36 41.60 66.94 -8.78
CA GLN H 36 42.17 66.39 -10.00
C GLN H 36 41.18 65.60 -10.84
N ALA H 37 41.44 65.44 -12.12
CA ALA H 37 40.59 64.50 -12.82
C ALA H 37 40.98 63.13 -12.25
N PRO H 38 40.08 62.17 -12.11
CA PRO H 38 40.35 60.82 -11.63
C PRO H 38 41.13 60.03 -12.67
N SER H 39 41.83 58.99 -12.22
CA SER H 39 42.53 58.09 -13.15
C SER H 39 42.52 56.64 -12.68
N LEU H 40 42.85 55.73 -13.58
CA LEU H 40 42.86 54.30 -13.31
C LEU H 40 44.01 53.78 -12.49
N ILE H 41 43.71 52.95 -11.48
CA ILE H 41 44.73 52.33 -10.67
C ILE H 41 44.90 50.88 -11.12
N ILE H 42 43.78 50.16 -11.11
CA ILE H 42 43.70 48.73 -11.46
C ILE H 42 42.51 48.37 -12.32
N TYR H 43 42.73 47.51 -13.30
CA TYR H 43 41.64 46.98 -14.08
C TYR H 43 41.70 45.47 -14.00
N ASN H 44 40.58 44.82 -14.22
CA ASN H 44 40.56 43.38 -14.20
C ASN H 44 41.10 42.78 -12.91
N ASN H 45 40.72 43.36 -11.77
CA ASN H 45 41.08 42.87 -10.43
C ASN H 45 42.53 43.14 -10.02
N ASN H 46 43.51 42.69 -10.80
CA ASN H 46 44.93 42.97 -10.48
C ASN H 46 45.86 43.40 -11.60
N ASP H 47 45.36 43.92 -12.70
CA ASP H 47 46.22 44.37 -13.78
C ASP H 47 46.36 45.86 -13.69
N ARG H 48 47.57 46.35 -13.55
CA ARG H 48 47.68 47.79 -13.41
C ARG H 48 48.34 48.32 -14.66
N PRO H 49 48.02 49.52 -15.12
CA PRO H 49 48.63 50.18 -16.23
C PRO H 49 50.00 50.66 -15.80
N SER H 50 50.85 50.89 -16.76
CA SER H 50 52.16 51.40 -16.44
C SER H 50 52.02 52.72 -15.72
N GLY H 51 52.88 52.93 -14.73
CA GLY H 51 52.92 54.13 -13.94
C GLY H 51 52.33 53.91 -12.55
N ILE H 52 51.59 52.82 -12.38
CA ILE H 52 51.04 52.51 -11.07
C ILE H 52 52.02 51.61 -10.34
N PRO H 53 52.43 51.94 -9.11
CA PRO H 53 53.34 51.17 -8.30
C PRO H 53 52.65 49.91 -7.85
N ASP H 54 53.44 48.90 -7.54
CA ASP H 54 52.93 47.61 -7.17
C ASP H 54 52.57 47.50 -5.71
N ARG H 55 52.52 48.64 -5.05
CA ARG H 55 52.09 48.73 -3.69
C ARG H 55 50.57 48.60 -3.69
N PHE H 56 49.97 48.75 -4.87
CA PHE H 56 48.53 48.66 -5.04
C PHE H 56 48.14 47.34 -5.67
N SER H 57 47.39 46.55 -4.92
CA SER H 57 46.95 45.24 -5.37
C SER H 57 45.63 44.93 -4.73
N GLY H 58 44.91 43.94 -5.22
CA GLY H 58 43.65 43.67 -4.60
C GLY H 58 43.15 42.24 -4.70
N SER H 59 41.90 42.10 -4.35
CA SER H 59 41.25 40.83 -4.29
C SER H 59 41.05 40.23 -5.66
N PRO H 60 41.01 38.89 -5.76
CA PRO H 60 40.74 38.13 -6.96
C PRO H 60 39.28 38.22 -7.30
N GLY H 61 38.94 38.01 -8.56
CA GLY H 61 37.55 37.97 -8.98
C GLY H 61 36.97 36.58 -9.01
N SER H 62 37.75 35.62 -8.55
CA SER H 62 37.38 34.22 -8.56
C SER H 62 36.48 33.79 -7.42
N THR H 63 36.32 34.63 -6.43
CA THR H 63 35.52 34.24 -5.28
C THR H 63 34.10 34.69 -5.40
N PHE H 64 33.25 34.06 -4.59
CA PHE H 64 31.84 34.42 -4.57
C PHE H 64 31.51 34.76 -3.15
N GLY H 65 30.58 35.68 -2.92
CA GLY H 65 30.19 36.01 -1.56
C GLY H 65 31.16 36.99 -0.90
N THR H 66 32.09 37.53 -1.67
CA THR H 66 33.11 38.43 -1.17
C THR H 66 32.97 39.80 -1.80
N THR H 67 33.59 40.79 -1.18
CA THR H 67 33.55 42.15 -1.70
C THR H 67 34.87 42.51 -2.32
N ALA H 68 34.92 43.63 -3.04
CA ALA H 68 36.17 43.98 -3.65
C ALA H 68 37.07 44.61 -2.63
N THR H 69 38.35 44.29 -2.68
CA THR H 69 39.32 44.92 -1.78
C THR H 69 40.56 45.42 -2.47
N LEU H 70 40.97 46.62 -2.10
CA LEU H 70 42.22 47.23 -2.51
C LEU H 70 43.11 47.35 -1.30
N THR H 71 44.29 46.80 -1.38
CA THR H 71 45.20 46.89 -0.28
C THR H 71 46.33 47.77 -0.74
N ILE H 72 46.65 48.76 0.06
CA ILE H 72 47.75 49.62 -0.34
C ILE H 72 48.88 49.42 0.61
N THR H 73 49.99 48.97 0.10
CA THR H 73 51.15 48.71 0.92
C THR H 73 51.87 50.01 1.22
N SER H 74 52.27 50.20 2.47
CA SER H 74 53.07 51.37 2.83
C SER H 74 52.53 52.68 2.29
N VAL H 75 51.34 53.07 2.71
CA VAL H 75 50.69 54.26 2.19
C VAL H 75 51.53 55.52 2.34
N GLU H 76 51.62 56.28 1.25
CA GLU H 76 52.39 57.51 1.20
C GLU H 76 51.46 58.72 1.22
N ALA H 77 52.00 59.90 1.50
CA ALA H 77 51.17 61.12 1.49
C ALA H 77 50.53 61.37 0.13
N GLY H 78 51.19 60.97 -0.95
CA GLY H 78 50.67 61.21 -2.28
C GLY H 78 49.50 60.29 -2.62
N ASP H 79 49.22 59.32 -1.73
CA ASP H 79 48.14 58.39 -1.95
C ASP H 79 46.87 58.91 -1.32
N GLU H 80 46.90 60.09 -0.68
CA GLU H 80 45.63 60.58 -0.16
C GLU H 80 44.74 60.75 -1.37
N ALA H 81 43.59 60.11 -1.35
CA ALA H 81 42.67 60.15 -2.50
C ALA H 81 41.38 59.47 -2.19
N ASP H 82 40.38 59.71 -3.02
CA ASP H 82 39.16 58.93 -2.94
C ASP H 82 39.26 57.75 -3.89
N TYR H 83 39.16 56.56 -3.35
CA TYR H 83 39.28 55.36 -4.15
C TYR H 83 37.89 54.87 -4.49
N TYR H 84 37.62 54.73 -5.78
CA TYR H 84 36.30 54.33 -6.27
C TYR H 84 36.28 53.04 -7.04
N CYS H 85 35.14 52.36 -6.98
CA CYS H 85 35.02 51.12 -7.72
C CYS H 85 33.92 51.06 -8.72
N HIS H 86 34.25 50.47 -9.83
CA HIS H 86 33.31 50.19 -10.87
C HIS H 86 33.24 48.68 -10.94
N ILE H 87 32.08 48.13 -10.65
CA ILE H 87 31.99 46.69 -10.58
C ILE H 87 31.25 46.01 -11.70
N TRP H 88 31.91 45.09 -12.37
CA TRP H 88 31.26 44.30 -13.38
C TRP H 88 31.03 42.92 -12.72
N ASP H 89 29.88 42.31 -12.93
CA ASP H 89 29.56 41.00 -12.32
C ASP H 89 28.73 40.19 -13.27
N SER H 90 29.15 38.97 -13.57
CA SER H 90 28.47 38.16 -14.58
C SER H 90 27.02 37.88 -14.27
N ARG H 91 26.59 38.03 -13.02
CA ARG H 91 25.20 37.78 -12.69
C ARG H 91 24.40 39.03 -12.31
N ARG H 92 24.91 40.21 -12.63
CA ARG H 92 24.19 41.42 -12.30
C ARG H 92 24.11 42.33 -13.54
N PRO H 93 23.18 43.27 -13.61
CA PRO H 93 23.10 44.26 -14.66
C PRO H 93 24.35 45.09 -14.65
N THR H 94 24.69 45.65 -15.79
CA THR H 94 25.82 46.51 -15.84
C THR H 94 25.60 47.73 -15.01
N ASN H 95 26.60 48.03 -14.22
CA ASN H 95 26.56 49.18 -13.37
C ASN H 95 27.04 50.40 -14.09
N TRP H 96 26.12 51.31 -14.26
CA TRP H 96 26.38 52.55 -14.95
C TRP H 96 26.79 53.65 -14.01
N VAL H 97 26.81 53.32 -12.75
CA VAL H 97 27.17 54.27 -11.74
C VAL H 97 28.27 53.65 -10.94
N PHE H 98 29.19 54.45 -10.48
CA PHE H 98 30.25 53.93 -9.68
C PHE H 98 29.71 53.68 -8.30
N GLY H 99 30.31 52.75 -7.59
CA GLY H 99 29.89 52.54 -6.23
C GLY H 99 30.55 53.62 -5.39
N GLU H 100 30.05 53.79 -4.18
CA GLU H 100 30.64 54.76 -3.28
C GLU H 100 32.02 54.27 -2.91
N GLY H 101 32.96 55.17 -2.82
CA GLY H 101 34.32 54.82 -2.52
C GLY H 101 34.72 55.03 -1.08
N THR H 102 36.02 55.15 -0.90
CA THR H 102 36.65 55.39 0.39
C THR H 102 37.68 56.48 0.28
N THR H 103 37.69 57.38 1.23
CA THR H 103 38.73 58.38 1.28
C THR H 103 39.87 57.82 2.10
N LEU H 104 41.04 57.84 1.51
CA LEU H 104 42.20 57.41 2.22
C LEU H 104 42.88 58.61 2.76
N ILE H 105 42.91 58.67 4.07
CA ILE H 105 43.49 59.78 4.79
C ILE H 105 44.84 59.36 5.25
N VAL H 106 45.84 60.12 4.86
CA VAL H 106 47.17 59.80 5.29
C VAL H 106 47.37 60.67 6.51
N LEU H 107 47.76 60.10 7.62
CA LEU H 107 47.78 60.84 8.87
C LEU H 107 49.01 61.69 9.09
N SER H 108 49.93 61.64 8.14
CA SER H 108 51.18 62.40 8.19
C SER H 108 51.06 63.67 9.01
N GLU I 37 0.05 -72.45 3.41
CA GLU I 37 -0.23 -71.36 4.34
C GLU I 37 1.06 -70.69 4.75
N ASN I 38 2.11 -71.00 4.02
CA ASN I 38 3.42 -70.41 4.27
C ASN I 38 3.44 -69.03 3.64
N LEU I 39 2.72 -68.12 4.28
CA LEU I 39 2.51 -66.77 3.81
C LEU I 39 3.35 -65.72 4.52
N TRP I 40 4.09 -64.99 3.68
CA TRP I 40 5.06 -63.95 3.99
C TRP I 40 4.61 -62.57 3.52
N VAL I 41 5.10 -61.52 4.19
CA VAL I 41 4.76 -60.16 3.80
C VAL I 41 5.36 -59.70 2.49
N THR I 42 4.51 -59.12 1.63
CA THR I 42 4.95 -58.56 0.37
C THR I 42 4.60 -57.11 0.37
N VAL I 43 5.53 -56.30 -0.02
CA VAL I 43 5.30 -54.89 -0.15
C VAL I 43 4.90 -54.54 -1.56
N TYR I 44 3.81 -53.82 -1.71
CA TYR I 44 3.40 -53.40 -3.02
C TYR I 44 3.44 -51.91 -3.15
N TYR I 45 3.88 -51.47 -4.33
CA TYR I 45 3.88 -50.07 -4.65
C TYR I 45 3.22 -49.77 -5.96
N GLY I 46 2.24 -48.89 -5.90
CA GLY I 46 1.43 -48.53 -7.05
C GLY I 46 0.05 -49.13 -6.87
N VAL I 47 -0.31 -49.42 -5.64
CA VAL I 47 -1.58 -50.00 -5.36
C VAL I 47 -2.68 -48.99 -5.63
N PRO I 48 -3.70 -49.29 -6.46
CA PRO I 48 -4.76 -48.39 -6.86
C PRO I 48 -5.82 -48.15 -5.81
N VAL I 49 -5.43 -47.54 -4.70
CA VAL I 49 -6.37 -47.20 -3.65
C VAL I 49 -6.27 -45.74 -3.27
N TRP I 50 -7.31 -45.24 -2.59
CA TRP I 50 -7.35 -43.85 -2.20
C TRP I 50 -8.14 -43.54 -0.94
N LYS I 51 -7.88 -42.36 -0.42
CA LYS I 51 -8.58 -41.80 0.72
C LYS I 51 -9.06 -40.41 0.44
N ASP I 52 -10.11 -40.01 1.12
CA ASP I 52 -10.63 -38.66 0.93
C ASP I 52 -9.60 -37.64 1.31
N ALA I 53 -9.53 -36.54 0.56
CA ALA I 53 -8.52 -35.56 0.88
C ALA I 53 -8.91 -34.14 0.57
N GLU I 54 -8.26 -33.22 1.25
CA GLU I 54 -8.47 -31.82 1.01
C GLU I 54 -7.19 -31.17 0.51
N THR I 55 -7.19 -30.79 -0.75
CA THR I 55 -6.02 -30.18 -1.34
C THR I 55 -6.37 -28.98 -2.16
N THR I 56 -5.36 -28.40 -2.75
CA THR I 56 -5.52 -27.24 -3.60
C THR I 56 -5.64 -27.67 -5.03
N LEU I 57 -6.69 -27.23 -5.70
CA LEU I 57 -6.92 -27.55 -7.10
C LEU I 57 -6.46 -26.37 -7.91
N PHE I 58 -6.16 -26.59 -9.17
CA PHE I 58 -5.74 -25.47 -9.98
C PHE I 58 -6.69 -25.13 -11.09
N CYS I 59 -6.60 -23.87 -11.48
CA CYS I 59 -7.34 -23.31 -12.60
C CYS I 59 -6.89 -23.89 -13.91
N ALA I 60 -7.84 -24.20 -14.73
CA ALA I 60 -7.54 -24.56 -16.07
C ALA I 60 -8.63 -23.97 -16.93
N SER I 61 -8.31 -23.64 -18.16
CA SER I 61 -9.30 -23.06 -19.05
C SER I 61 -9.20 -23.64 -20.43
N ASP I 62 -10.31 -24.09 -20.98
CA ASP I 62 -10.30 -24.69 -22.29
C ASP I 62 -10.20 -23.65 -23.37
N ALA I 63 -10.78 -22.51 -23.09
CA ALA I 63 -10.77 -21.43 -24.01
C ALA I 63 -9.57 -20.53 -23.82
N LYS I 64 -8.92 -20.25 -24.94
CA LYS I 64 -7.81 -19.31 -25.06
C LYS I 64 -8.18 -18.39 -26.19
N ALA I 65 -9.50 -18.34 -26.42
CA ALA I 65 -10.17 -17.55 -27.45
C ALA I 65 -10.00 -16.06 -27.23
N TYR I 66 -9.95 -15.67 -25.97
CA TYR I 66 -9.81 -14.28 -25.60
C TYR I 66 -8.37 -13.85 -25.64
N ASP I 67 -8.19 -12.58 -25.90
CA ASP I 67 -6.91 -11.93 -25.94
C ASP I 67 -6.59 -11.34 -24.57
N THR I 68 -5.49 -10.59 -24.51
CA THR I 68 -4.99 -9.99 -23.28
C THR I 68 -5.41 -8.53 -23.18
N GLU I 69 -6.27 -8.10 -24.11
CA GLU I 69 -6.75 -6.73 -24.17
C GLU I 69 -8.13 -6.64 -23.52
N LYS I 70 -8.89 -7.76 -23.58
CA LYS I 70 -10.24 -7.86 -23.01
C LYS I 70 -10.17 -7.86 -21.49
N ARG I 71 -9.08 -8.38 -20.94
CA ARG I 71 -8.83 -8.40 -19.50
C ARG I 71 -9.93 -9.00 -18.66
N ASN I 72 -10.42 -10.16 -19.03
CA ASN I 72 -11.43 -10.79 -18.21
C ASN I 72 -10.79 -11.15 -16.89
N VAL I 73 -11.47 -10.94 -15.80
CA VAL I 73 -10.89 -11.28 -14.50
C VAL I 73 -10.54 -12.76 -14.40
N TRP I 74 -11.25 -13.65 -15.09
CA TRP I 74 -10.93 -15.05 -14.97
C TRP I 74 -9.94 -15.47 -16.03
N ALA I 75 -9.56 -14.54 -16.86
CA ALA I 75 -8.55 -14.76 -17.86
C ALA I 75 -7.28 -14.48 -17.12
N THR I 76 -6.89 -15.44 -16.29
CA THR I 76 -5.79 -15.18 -15.39
C THR I 76 -4.52 -15.00 -16.17
N HIS I 77 -4.43 -15.74 -17.28
CA HIS I 77 -3.26 -15.79 -18.15
C HIS I 77 -2.07 -16.26 -17.33
N CYS I 78 -2.38 -17.09 -16.34
CA CYS I 78 -1.43 -17.67 -15.44
C CYS I 78 -1.76 -19.12 -15.43
N CYS I 79 -3.02 -19.41 -15.78
CA CYS I 79 -3.41 -20.80 -15.70
C CYS I 79 -3.37 -21.50 -17.05
N VAL I 80 -3.10 -22.78 -16.94
CA VAL I 80 -2.90 -23.76 -17.99
C VAL I 80 -4.15 -24.00 -18.82
N PRO I 81 -4.02 -24.25 -20.14
CA PRO I 81 -5.11 -24.65 -20.98
C PRO I 81 -5.51 -26.05 -20.60
N THR I 82 -6.75 -26.40 -20.81
CA THR I 82 -7.14 -27.77 -20.56
C THR I 82 -6.75 -28.66 -21.71
N ASP I 83 -6.78 -29.95 -21.46
CA ASP I 83 -6.60 -30.95 -22.48
C ASP I 83 -7.89 -30.92 -23.29
N PRO I 84 -7.86 -30.64 -24.61
CA PRO I 84 -9.03 -30.53 -25.47
C PRO I 84 -9.76 -31.86 -25.61
N ASN I 85 -9.08 -32.96 -25.27
CA ASN I 85 -9.66 -34.28 -25.36
C ASN I 85 -9.37 -35.06 -24.08
N PRO I 86 -9.97 -34.68 -22.94
CA PRO I 86 -9.68 -35.20 -21.62
C PRO I 86 -10.14 -36.63 -21.55
N GLN I 87 -9.49 -37.41 -20.71
CA GLN I 87 -9.82 -38.81 -20.58
C GLN I 87 -10.61 -39.17 -19.34
N GLU I 88 -11.80 -39.65 -19.57
CA GLU I 88 -12.68 -40.10 -18.50
C GLU I 88 -12.61 -41.60 -18.41
N ILE I 89 -12.28 -42.10 -17.24
CA ILE I 89 -12.14 -43.53 -17.02
C ILE I 89 -13.17 -44.10 -16.08
N VAL I 90 -13.94 -45.05 -16.58
CA VAL I 90 -14.98 -45.62 -15.74
C VAL I 90 -14.41 -46.63 -14.80
N LEU I 91 -14.75 -46.53 -13.53
CA LEU I 91 -14.25 -47.47 -12.57
C LEU I 91 -15.35 -48.47 -12.30
N GLU I 92 -15.19 -49.66 -12.79
CA GLU I 92 -16.25 -50.61 -12.60
C GLU I 92 -16.14 -51.15 -11.21
N ASN I 93 -17.25 -51.59 -10.65
CA ASN I 93 -17.28 -52.23 -9.36
C ASN I 93 -16.71 -51.38 -8.22
N VAL I 94 -17.04 -50.10 -8.20
CA VAL I 94 -16.61 -49.28 -7.06
C VAL I 94 -17.87 -48.64 -6.53
N THR I 95 -17.87 -48.23 -5.27
CA THR I 95 -19.02 -47.54 -4.71
C THR I 95 -18.60 -46.37 -3.87
N GLU I 96 -18.31 -45.25 -4.50
CA GLU I 96 -17.81 -44.09 -3.78
C GLU I 96 -18.96 -43.32 -3.12
N ASN I 97 -18.77 -42.92 -1.87
CA ASN I 97 -19.74 -42.12 -1.13
C ASN I 97 -19.50 -40.63 -1.31
N PHE I 98 -20.46 -39.94 -1.91
CA PHE I 98 -20.35 -38.53 -2.21
C PHE I 98 -21.15 -37.73 -1.21
N ASN I 99 -20.72 -36.49 -0.98
CA ASN I 99 -21.44 -35.59 -0.09
C ASN I 99 -21.28 -34.14 -0.51
N MET I 100 -22.29 -33.55 -1.14
CA MET I 100 -22.16 -32.19 -1.63
C MET I 100 -22.12 -31.14 -0.52
N TRP I 101 -22.66 -31.47 0.65
CA TRP I 101 -22.82 -30.51 1.72
C TRP I 101 -21.55 -30.33 2.49
N LYS I 102 -20.70 -31.35 2.48
CA LYS I 102 -19.43 -31.29 3.19
C LYS I 102 -18.26 -31.19 2.23
N ASN I 103 -18.58 -31.03 0.96
CA ASN I 103 -17.60 -30.99 -0.11
C ASN I 103 -16.71 -29.78 0.03
N ASN I 104 -15.40 -29.98 0.02
CA ASN I 104 -14.48 -28.88 0.22
C ASN I 104 -14.15 -28.14 -1.08
N MET I 105 -14.66 -28.64 -2.19
CA MET I 105 -14.39 -27.99 -3.47
C MET I 105 -15.19 -26.71 -3.53
N VAL I 106 -16.33 -26.68 -2.82
CA VAL I 106 -17.18 -25.53 -2.85
C VAL I 106 -16.51 -24.40 -2.12
N GLU I 107 -15.94 -24.69 -0.96
CA GLU I 107 -15.31 -23.65 -0.20
C GLU I 107 -14.09 -23.15 -0.93
N GLN I 108 -13.35 -24.05 -1.58
CA GLN I 108 -12.19 -23.57 -2.26
C GLN I 108 -12.57 -22.68 -3.42
N MET I 109 -13.62 -23.04 -4.17
CA MET I 109 -14.02 -22.22 -5.28
C MET I 109 -14.45 -20.86 -4.79
N HIS I 110 -15.16 -20.83 -3.66
CA HIS I 110 -15.62 -19.59 -3.09
C HIS I 110 -14.46 -18.69 -2.78
N THR I 111 -13.46 -19.22 -2.10
CA THR I 111 -12.33 -18.42 -1.71
C THR I 111 -11.60 -17.86 -2.91
N ASP I 112 -11.39 -18.68 -3.94
CA ASP I 112 -10.66 -18.16 -5.09
C ASP I 112 -11.42 -17.08 -5.83
N ILE I 113 -12.74 -17.17 -5.90
CA ILE I 113 -13.49 -16.13 -6.54
C ILE I 113 -13.36 -14.83 -5.80
N ILE I 114 -13.44 -14.87 -4.48
CA ILE I 114 -13.33 -13.63 -3.73
C ILE I 114 -11.96 -13.05 -4.00
N SER I 115 -10.94 -13.91 -3.98
CA SER I 115 -9.60 -13.42 -4.19
C SER I 115 -9.42 -12.77 -5.53
N LEU I 116 -9.93 -13.37 -6.60
CA LEU I 116 -9.72 -12.73 -7.89
C LEU I 116 -10.37 -11.39 -7.98
N TRP I 117 -11.56 -11.23 -7.42
CA TRP I 117 -12.18 -9.92 -7.46
C TRP I 117 -11.36 -8.91 -6.72
N ASP I 118 -10.83 -9.25 -5.55
CA ASP I 118 -10.05 -8.25 -4.86
C ASP I 118 -8.76 -7.94 -5.59
N GLN I 119 -8.15 -8.95 -6.18
CA GLN I 119 -6.91 -8.68 -6.86
C GLN I 119 -7.10 -7.74 -8.04
N SER I 120 -8.19 -7.91 -8.80
CA SER I 120 -8.35 -7.04 -9.94
C SER I 120 -8.88 -5.67 -9.58
N LEU I 121 -9.59 -5.53 -8.47
CA LEU I 121 -10.09 -4.20 -8.11
C LEU I 121 -9.06 -3.38 -7.38
N LYS I 122 -8.21 -4.03 -6.59
CA LYS I 122 -7.21 -3.36 -5.80
C LYS I 122 -6.45 -2.19 -6.43
N PRO I 123 -5.84 -2.29 -7.63
CA PRO I 123 -5.02 -1.25 -8.24
C PRO I 123 -5.77 -0.02 -8.77
N CYS I 124 -7.09 -0.04 -8.81
CA CYS I 124 -7.79 1.06 -9.43
C CYS I 124 -8.15 2.20 -8.47
N VAL I 125 -8.57 3.29 -9.08
CA VAL I 125 -8.89 4.55 -8.46
C VAL I 125 -9.97 4.48 -7.41
N LYS I 126 -9.68 5.11 -6.28
CA LYS I 126 -10.57 5.19 -5.15
C LYS I 126 -11.50 6.35 -5.37
N LEU I 127 -12.71 6.25 -4.87
CA LEU I 127 -13.66 7.33 -5.01
C LEU I 127 -13.91 8.06 -3.73
N THR I 128 -13.02 7.91 -2.79
CA THR I 128 -13.15 8.57 -1.52
C THR I 128 -13.12 10.10 -1.66
N PRO I 129 -12.44 10.72 -2.66
CA PRO I 129 -12.49 12.14 -2.91
C PRO I 129 -13.89 12.64 -3.23
N LEU I 130 -14.83 11.74 -3.56
CA LEU I 130 -16.18 12.15 -3.88
C LEU I 130 -17.07 12.11 -2.66
N CYS I 131 -16.53 11.76 -1.51
CA CYS I 131 -17.35 11.72 -0.31
C CYS I 131 -17.51 13.11 0.28
N VAL I 132 -18.34 13.86 -0.40
CA VAL I 132 -18.63 15.25 -0.12
C VAL I 132 -20.11 15.42 -0.06
N THR I 133 -20.54 16.53 0.49
CA THR I 133 -21.94 16.82 0.43
C THR I 133 -22.33 16.98 -1.03
N LEU I 134 -23.40 16.32 -1.43
CA LEU I 134 -23.89 16.40 -2.78
C LEU I 134 -25.05 17.35 -2.84
N ASN I 135 -25.06 18.15 -3.86
CA ASN I 135 -26.15 19.07 -4.10
C ASN I 135 -27.06 18.48 -5.17
N CYS I 136 -28.26 18.04 -4.81
CA CYS I 136 -29.01 17.30 -5.82
C CYS I 136 -30.42 17.79 -6.08
N THR I 137 -30.81 17.67 -7.33
CA THR I 137 -32.18 17.91 -7.77
C THR I 137 -32.60 16.70 -8.60
N ASP I 138 -33.87 16.57 -8.88
CA ASP I 138 -34.33 15.45 -9.71
C ASP I 138 -34.02 15.66 -11.19
N VAL I 139 -33.87 14.57 -11.95
CA VAL I 139 -33.79 14.71 -13.40
C VAL I 139 -35.20 14.96 -13.85
N ASN I 140 -35.42 15.34 -15.10
CA ASN I 140 -36.78 15.62 -15.56
C ASN I 140 -37.59 14.38 -15.90
N ALA I 141 -37.78 13.53 -14.89
CA ALA I 141 -38.61 12.34 -15.01
C ALA I 141 -40.00 12.83 -14.73
N THR I 142 -40.45 13.66 -15.64
CA THR I 142 -41.66 14.43 -15.52
C THR I 142 -42.68 14.05 -16.50
N ASN I 143 -43.76 14.76 -16.43
CA ASN I 143 -44.90 14.61 -17.31
C ASN I 143 -44.53 14.00 -18.65
N GLU I 149 -38.36 10.71 -10.25
CA GLU I 149 -38.53 9.33 -9.82
C GLU I 149 -37.28 8.80 -9.12
N GLU I 150 -36.47 8.02 -9.85
CA GLU I 150 -35.29 7.43 -9.26
C GLU I 150 -33.94 7.94 -9.74
N ILE I 151 -33.89 8.89 -10.68
CA ILE I 151 -32.58 9.36 -11.10
C ILE I 151 -32.38 10.77 -10.61
N LYS I 152 -31.27 10.99 -9.92
CA LYS I 152 -30.95 12.29 -9.38
C LYS I 152 -29.83 12.93 -10.17
N ASN I 153 -29.88 14.25 -10.25
CA ASN I 153 -28.85 15.04 -10.89
C ASN I 153 -28.06 15.80 -9.84
N CYS I 154 -26.84 15.36 -9.57
CA CYS I 154 -26.12 15.95 -8.47
C CYS I 154 -24.89 16.73 -8.89
N SER I 155 -24.56 17.77 -8.14
CA SER I 155 -23.35 18.49 -8.39
C SER I 155 -22.39 18.31 -7.23
N PHE I 156 -21.12 18.41 -7.59
CA PHE I 156 -19.99 18.25 -6.69
C PHE I 156 -18.97 19.35 -6.80
N ASN I 157 -18.24 19.55 -5.72
CA ASN I 157 -17.04 20.35 -5.74
C ASN I 157 -15.83 19.42 -5.65
N ILE I 158 -15.07 19.26 -6.72
CA ILE I 158 -14.00 18.28 -6.65
C ILE I 158 -12.62 18.89 -6.83
N THR I 159 -11.62 18.17 -6.34
CA THR I 159 -10.23 18.56 -6.46
C THR I 159 -9.77 18.33 -7.89
N THR I 160 -9.03 19.28 -8.45
CA THR I 160 -8.50 19.14 -9.80
C THR I 160 -7.02 18.73 -9.69
N GLU I 161 -6.30 18.60 -10.80
CA GLU I 161 -4.93 18.13 -10.67
C GLU I 161 -4.05 19.04 -9.81
N LEU I 162 -4.39 20.32 -9.71
CA LEU I 162 -3.64 21.21 -8.86
C LEU I 162 -4.48 21.37 -7.63
N ARG I 163 -3.88 21.04 -6.51
CA ARG I 163 -4.53 20.94 -5.22
C ARG I 163 -5.22 22.20 -4.73
N ASP I 164 -4.76 23.37 -5.12
CA ASP I 164 -5.41 24.57 -4.64
C ASP I 164 -6.73 24.87 -5.37
N LYS I 165 -7.03 24.15 -6.45
CA LYS I 165 -8.24 24.45 -7.20
C LYS I 165 -9.28 23.36 -7.16
N LYS I 166 -10.54 23.81 -7.14
CA LYS I 166 -11.67 22.93 -7.21
C LYS I 166 -12.54 23.26 -8.40
N LYS I 167 -13.26 22.28 -8.88
CA LYS I 167 -14.16 22.44 -10.01
C LYS I 167 -15.55 21.96 -9.68
N LYS I 168 -16.55 22.61 -10.27
CA LYS I 168 -17.92 22.16 -10.09
C LYS I 168 -18.28 21.21 -11.21
N VAL I 169 -18.70 20.00 -10.86
CA VAL I 169 -19.04 19.01 -11.86
C VAL I 169 -20.40 18.39 -11.60
N TYR I 170 -20.96 17.76 -12.62
CA TYR I 170 -22.23 17.06 -12.50
C TYR I 170 -22.15 15.59 -12.83
N ALA I 171 -23.02 14.82 -12.20
CA ALA I 171 -23.17 13.39 -12.47
C ALA I 171 -24.57 12.94 -12.15
N LEU I 172 -25.03 11.89 -12.81
CA LEU I 172 -26.33 11.39 -12.44
C LEU I 172 -26.17 10.17 -11.57
N PHE I 173 -27.11 9.99 -10.66
CA PHE I 173 -27.09 8.82 -9.81
C PHE I 173 -28.43 8.16 -9.67
N TYR I 174 -28.39 6.89 -9.39
CA TYR I 174 -29.61 6.17 -9.12
C TYR I 174 -29.93 6.42 -7.67
N LYS I 175 -31.20 6.55 -7.34
CA LYS I 175 -31.63 6.81 -5.98
C LYS I 175 -31.07 5.83 -4.98
N LEU I 176 -30.91 4.58 -5.37
CA LEU I 176 -30.45 3.57 -4.45
C LEU I 176 -29.03 3.82 -3.93
N ASP I 177 -28.25 4.64 -4.64
CA ASP I 177 -26.88 4.93 -4.24
C ASP I 177 -26.74 6.28 -3.54
N VAL I 178 -27.85 6.98 -3.32
CA VAL I 178 -27.78 8.31 -2.72
C VAL I 178 -28.63 8.43 -1.48
N VAL I 179 -28.03 8.91 -0.41
CA VAL I 179 -28.71 9.05 0.86
C VAL I 179 -28.87 10.48 1.32
N PRO I 180 -30.07 10.96 1.65
CA PRO I 180 -30.29 12.30 2.15
C PRO I 180 -29.52 12.52 3.44
N ILE I 181 -28.99 13.71 3.60
CA ILE I 181 -28.29 14.10 4.81
C ILE I 181 -29.22 14.96 5.62
N ASP I 182 -29.75 15.96 4.93
CA ASP I 182 -30.62 16.98 5.45
C ASP I 182 -32.05 16.78 4.98
N ASP I 183 -32.94 17.67 5.41
CA ASP I 183 -34.32 17.68 4.92
C ASP I 183 -34.37 18.52 3.65
N ASN I 184 -33.28 19.22 3.42
CA ASN I 184 -33.03 20.07 2.27
C ASN I 184 -32.41 19.19 1.20
N ASN I 185 -32.11 19.73 0.06
CA ASN I 185 -31.52 18.90 -0.98
C ASN I 185 -30.02 18.73 -0.88
N SER I 186 -29.64 18.03 0.17
CA SER I 186 -28.28 17.74 0.58
C SER I 186 -28.20 16.27 0.86
N TYR I 187 -27.41 15.59 0.05
CA TYR I 187 -27.27 14.14 0.00
C TYR I 187 -25.83 13.67 0.06
N ARG I 188 -25.63 12.42 0.36
CA ARG I 188 -24.31 11.82 0.34
C ARG I 188 -24.31 10.52 -0.43
N LEU I 189 -23.14 10.08 -0.86
CA LEU I 189 -23.07 8.78 -1.47
C LEU I 189 -23.36 7.79 -0.35
N ILE I 190 -24.08 6.73 -0.69
CA ILE I 190 -24.53 5.76 0.30
C ILE I 190 -23.52 5.10 1.21
N ASN I 191 -22.29 4.85 0.78
CA ASN I 191 -21.36 4.21 1.70
C ASN I 191 -20.26 5.08 2.25
N CYS I 192 -20.34 6.39 2.10
CA CYS I 192 -19.22 7.18 2.61
C CYS I 192 -19.20 7.27 4.13
N ASN I 193 -20.28 6.89 4.76
CA ASN I 193 -20.38 6.93 6.20
C ASN I 193 -19.99 5.59 6.80
N THR I 194 -19.55 4.63 5.97
CA THR I 194 -19.14 3.37 6.54
C THR I 194 -17.76 2.93 6.08
N SER I 195 -17.39 3.23 4.83
CA SER I 195 -16.10 2.76 4.32
C SER I 195 -15.65 3.43 3.04
N ALA I 196 -14.52 2.97 2.55
CA ALA I 196 -14.00 3.43 1.28
C ALA I 196 -14.80 2.84 0.14
N ILE I 197 -14.89 3.58 -0.95
CA ILE I 197 -15.53 3.06 -2.15
C ILE I 197 -14.48 3.01 -3.24
N THR I 198 -14.32 1.86 -3.89
CA THR I 198 -13.31 1.68 -4.95
C THR I 198 -13.97 1.55 -6.31
N GLN I 199 -13.47 2.28 -7.31
CA GLN I 199 -14.04 2.16 -8.65
C GLN I 199 -13.58 0.92 -9.34
N ALA I 200 -14.51 0.21 -9.94
CA ALA I 200 -14.13 -0.96 -10.68
C ALA I 200 -13.30 -0.54 -11.83
N CYS I 201 -12.34 -1.37 -12.17
CA CYS I 201 -11.47 -1.03 -13.26
C CYS I 201 -12.29 -0.99 -14.54
N PRO I 202 -12.24 0.11 -15.31
CA PRO I 202 -13.05 0.37 -16.49
C PRO I 202 -12.80 -0.57 -17.65
N LYS I 203 -11.66 -1.25 -17.62
CA LYS I 203 -11.32 -2.15 -18.69
C LYS I 203 -11.36 -3.60 -18.29
N VAL I 204 -11.82 -3.92 -17.08
CA VAL I 204 -11.84 -5.32 -16.68
C VAL I 204 -13.19 -5.93 -16.91
N SER I 205 -13.19 -7.08 -17.55
CA SER I 205 -14.44 -7.76 -17.79
C SER I 205 -14.72 -8.77 -16.71
N PHE I 206 -15.97 -8.85 -16.32
CA PHE I 206 -16.38 -9.80 -15.31
C PHE I 206 -17.34 -10.81 -15.88
N GLU I 207 -17.27 -11.01 -17.18
CA GLU I 207 -18.12 -12.00 -17.82
C GLU I 207 -17.60 -13.41 -17.48
N PRO I 208 -18.40 -14.32 -16.94
CA PRO I 208 -17.99 -15.66 -16.59
C PRO I 208 -17.42 -16.48 -17.77
N ILE I 209 -16.30 -17.14 -17.50
CA ILE I 209 -15.60 -18.04 -18.39
C ILE I 209 -15.68 -19.37 -17.69
N PRO I 210 -16.09 -20.49 -18.28
CA PRO I 210 -16.15 -21.74 -17.57
C PRO I 210 -14.78 -22.06 -17.03
N ILE I 211 -14.67 -22.35 -15.75
CA ILE I 211 -13.37 -22.69 -15.20
C ILE I 211 -13.32 -24.12 -14.78
N HIS I 212 -12.26 -24.80 -15.19
CA HIS I 212 -12.08 -26.19 -14.87
C HIS I 212 -11.20 -26.28 -13.65
N TYR I 213 -11.55 -27.16 -12.72
CA TYR I 213 -10.71 -27.36 -11.55
C TYR I 213 -10.03 -28.67 -11.62
N CYS I 214 -8.71 -28.62 -11.63
CA CYS I 214 -7.95 -29.84 -11.84
C CYS I 214 -7.05 -30.17 -10.67
N ALA I 215 -6.90 -31.47 -10.41
CA ALA I 215 -6.09 -31.93 -9.29
C ALA I 215 -4.60 -31.95 -9.62
N PRO I 216 -3.73 -31.69 -8.64
CA PRO I 216 -2.29 -31.81 -8.72
C PRO I 216 -1.91 -33.27 -8.73
N ALA I 217 -0.71 -33.58 -9.19
CA ALA I 217 -0.29 -34.97 -9.21
C ALA I 217 -0.34 -35.56 -7.82
N GLY I 218 -0.80 -36.81 -7.77
CA GLY I 218 -0.94 -37.56 -6.54
C GLY I 218 -2.39 -37.57 -6.07
N PHE I 219 -3.20 -36.72 -6.70
CA PHE I 219 -4.61 -36.59 -6.40
C PHE I 219 -5.47 -36.92 -7.60
N ALA I 220 -6.71 -37.27 -7.32
CA ALA I 220 -7.63 -37.58 -8.40
C ALA I 220 -9.02 -37.07 -8.09
N ILE I 221 -9.75 -36.74 -9.14
CA ILE I 221 -11.11 -36.30 -8.99
C ILE I 221 -12.05 -37.37 -9.48
N LEU I 222 -12.98 -37.72 -8.61
CA LEU I 222 -13.97 -38.72 -8.92
C LEU I 222 -15.29 -38.04 -9.15
N LYS I 223 -16.09 -38.58 -10.06
CA LYS I 223 -17.39 -38.00 -10.28
C LYS I 223 -18.49 -39.04 -10.32
N CYS I 224 -19.66 -38.63 -9.89
CA CYS I 224 -20.81 -39.53 -9.90
C CYS I 224 -21.63 -39.36 -11.16
N ASN I 225 -21.95 -40.48 -11.80
CA ASN I 225 -22.73 -40.46 -13.02
C ASN I 225 -24.15 -40.99 -12.85
N ASP I 226 -24.63 -41.01 -11.62
CA ASP I 226 -25.99 -41.45 -11.31
C ASP I 226 -26.99 -40.33 -11.53
N LYS I 227 -27.84 -40.54 -12.52
CA LYS I 227 -28.79 -39.57 -13.02
C LYS I 227 -29.82 -39.10 -11.99
N LYS I 228 -30.11 -39.92 -10.98
CA LYS I 228 -31.12 -39.56 -9.98
C LYS I 228 -30.49 -39.21 -8.65
N PHE I 229 -29.18 -39.09 -8.64
CA PHE I 229 -28.45 -38.89 -7.42
C PHE I 229 -28.68 -37.54 -6.74
N ASN I 230 -28.97 -37.59 -5.45
CA ASN I 230 -29.15 -36.40 -4.64
C ASN I 230 -27.82 -36.03 -3.99
N GLY I 231 -27.85 -35.10 -3.06
CA GLY I 231 -26.60 -34.60 -2.51
C GLY I 231 -25.69 -35.60 -1.82
N THR I 232 -26.22 -36.64 -1.21
CA THR I 232 -25.35 -37.59 -0.52
C THR I 232 -25.66 -39.02 -0.84
N GLY I 233 -24.67 -39.88 -0.69
CA GLY I 233 -24.89 -41.31 -0.79
C GLY I 233 -23.91 -41.98 -1.72
N PRO I 234 -23.92 -43.32 -1.76
CA PRO I 234 -23.07 -44.12 -2.58
C PRO I 234 -23.49 -43.94 -3.99
N CYS I 235 -22.53 -43.81 -4.86
CA CYS I 235 -22.83 -43.72 -6.26
C CYS I 235 -22.37 -45.02 -6.88
N LYS I 236 -23.24 -45.67 -7.62
CA LYS I 236 -22.92 -46.97 -8.20
C LYS I 236 -22.23 -46.89 -9.55
N ASN I 237 -22.09 -45.69 -10.05
CA ASN I 237 -21.42 -45.47 -11.33
C ASN I 237 -20.46 -44.31 -11.18
N VAL I 238 -19.23 -44.63 -10.91
CA VAL I 238 -18.25 -43.61 -10.62
C VAL I 238 -17.12 -43.65 -11.59
N SER I 239 -16.78 -42.51 -12.12
CA SER I 239 -15.69 -42.42 -13.05
C SER I 239 -14.64 -41.49 -12.51
N THR I 240 -13.43 -41.64 -12.98
CA THR I 240 -12.37 -40.73 -12.59
C THR I 240 -12.02 -39.89 -13.78
N VAL I 241 -11.74 -38.64 -13.51
CA VAL I 241 -11.42 -37.73 -14.57
C VAL I 241 -10.13 -37.03 -14.29
N GLN I 242 -9.53 -36.51 -15.35
CA GLN I 242 -8.34 -35.73 -15.15
C GLN I 242 -8.74 -34.50 -14.37
N CYS I 243 -9.91 -33.96 -14.71
CA CYS I 243 -10.49 -32.84 -14.03
C CYS I 243 -11.93 -32.55 -14.36
N THR I 244 -12.52 -31.56 -13.70
CA THR I 244 -13.93 -31.24 -13.86
C THR I 244 -14.16 -30.54 -15.17
N HIS I 245 -15.44 -30.43 -15.53
CA HIS I 245 -15.82 -29.70 -16.70
C HIS I 245 -15.76 -28.26 -16.29
N GLY I 246 -15.99 -27.34 -17.21
CA GLY I 246 -15.89 -25.97 -16.77
C GLY I 246 -17.17 -25.53 -16.13
N ILE I 247 -17.05 -24.86 -15.01
CA ILE I 247 -18.19 -24.28 -14.34
C ILE I 247 -18.09 -22.78 -14.41
N LYS I 248 -19.11 -22.14 -14.95
CA LYS I 248 -19.07 -20.69 -15.02
C LYS I 248 -19.40 -20.10 -13.66
N PRO I 249 -18.64 -19.14 -13.16
CA PRO I 249 -18.86 -18.45 -11.91
C PRO I 249 -19.94 -17.41 -12.04
N VAL I 250 -21.16 -17.88 -12.25
CA VAL I 250 -22.30 -17.01 -12.43
C VAL I 250 -22.84 -16.62 -11.08
N VAL I 251 -23.05 -15.32 -10.89
CA VAL I 251 -23.55 -14.83 -9.63
C VAL I 251 -25.02 -14.51 -9.71
N SER I 252 -25.78 -15.05 -8.78
CA SER I 252 -27.21 -14.86 -8.70
C SER I 252 -27.70 -15.12 -7.28
N THR I 253 -28.97 -14.84 -7.03
CA THR I 253 -29.56 -15.08 -5.72
C THR I 253 -30.73 -16.01 -5.77
N GLN I 254 -31.90 -15.49 -6.01
CA GLN I 254 -33.11 -16.29 -5.95
C GLN I 254 -33.20 -17.36 -7.03
N LEU I 255 -32.71 -17.05 -8.21
CA LEU I 255 -32.73 -18.00 -9.30
C LEU I 255 -31.32 -18.35 -9.66
N LEU I 256 -31.11 -19.57 -10.09
CA LEU I 256 -29.81 -20.01 -10.54
C LEU I 256 -29.78 -19.93 -12.04
N LEU I 257 -28.86 -19.12 -12.54
CA LEU I 257 -28.75 -18.92 -13.97
C LEU I 257 -27.56 -19.60 -14.57
N ASN I 258 -27.72 -19.97 -15.82
CA ASN I 258 -26.66 -20.46 -16.69
C ASN I 258 -25.88 -21.64 -16.14
N GLY I 259 -26.54 -22.56 -15.47
CA GLY I 259 -25.87 -23.73 -14.96
C GLY I 259 -26.22 -24.94 -15.79
N SER I 260 -26.02 -26.10 -15.19
CA SER I 260 -26.33 -27.35 -15.86
C SER I 260 -27.74 -27.79 -15.53
N LEU I 261 -28.27 -28.71 -16.31
CA LEU I 261 -29.59 -29.27 -16.05
C LEU I 261 -29.54 -30.67 -15.52
N ALA I 262 -30.57 -31.01 -14.77
CA ALA I 262 -30.76 -32.36 -14.31
C ALA I 262 -31.07 -33.17 -15.56
N GLU I 263 -30.67 -34.42 -15.63
CA GLU I 263 -30.93 -35.16 -16.86
C GLU I 263 -32.33 -35.77 -17.02
N GLU I 264 -32.90 -36.30 -15.96
CA GLU I 264 -34.19 -37.00 -16.08
C GLU I 264 -35.40 -36.32 -15.47
N GLU I 265 -35.19 -35.64 -14.37
CA GLU I 265 -36.28 -35.04 -13.62
C GLU I 265 -35.74 -33.92 -12.81
N ILE I 266 -36.62 -33.17 -12.16
CA ILE I 266 -36.17 -32.13 -11.27
C ILE I 266 -35.63 -32.81 -10.04
N ILE I 267 -34.43 -32.44 -9.65
CA ILE I 267 -33.85 -33.07 -8.48
C ILE I 267 -33.69 -32.06 -7.41
N ILE I 268 -34.23 -32.40 -6.26
CA ILE I 268 -34.21 -31.47 -5.17
C ILE I 268 -33.20 -31.91 -4.15
N ARG I 269 -32.24 -31.07 -3.87
CA ARG I 269 -31.18 -31.45 -2.97
C ARG I 269 -31.17 -30.57 -1.74
N SER I 270 -31.14 -31.19 -0.57
CA SER I 270 -31.11 -30.42 0.68
C SER I 270 -30.30 -31.13 1.74
N GLU I 271 -29.50 -30.37 2.50
CA GLU I 271 -28.67 -30.95 3.56
C GLU I 271 -29.52 -31.65 4.60
N ASN I 272 -30.61 -31.00 4.93
CA ASN I 272 -31.58 -31.48 5.90
C ASN I 272 -32.95 -31.01 5.47
N ILE I 273 -33.71 -31.89 4.84
CA ILE I 273 -34.98 -31.53 4.25
C ILE I 273 -36.05 -31.14 5.25
N THR I 274 -35.83 -31.44 6.52
CA THR I 274 -36.81 -31.12 7.52
C THR I 274 -36.42 -29.87 8.28
N ASN I 275 -35.30 -29.27 7.90
CA ASN I 275 -34.85 -28.06 8.57
C ASN I 275 -35.15 -26.88 7.66
N ASN I 276 -36.11 -26.07 8.06
CA ASN I 276 -36.60 -24.98 7.23
C ASN I 276 -35.55 -23.92 6.94
N ALA I 277 -34.51 -23.88 7.79
CA ALA I 277 -33.44 -22.92 7.70
C ALA I 277 -32.41 -23.27 6.63
N LYS I 278 -32.49 -24.46 6.08
CA LYS I 278 -31.54 -24.86 5.06
C LYS I 278 -32.01 -24.43 3.71
N THR I 279 -31.06 -24.17 2.82
CA THR I 279 -31.41 -23.83 1.46
C THR I 279 -31.75 -25.10 0.73
N ILE I 280 -32.83 -25.09 0.01
CA ILE I 280 -33.19 -26.20 -0.80
C ILE I 280 -32.79 -25.85 -2.20
N ILE I 281 -31.96 -26.67 -2.80
CA ILE I 281 -31.48 -26.37 -4.12
C ILE I 281 -32.23 -27.20 -5.12
N VAL I 282 -32.91 -26.52 -6.02
CA VAL I 282 -33.69 -27.24 -6.99
C VAL I 282 -33.08 -27.14 -8.36
N GLN I 283 -32.71 -28.29 -8.91
CA GLN I 283 -32.13 -28.29 -10.23
C GLN I 283 -33.16 -28.70 -11.25
N LEU I 284 -33.37 -27.87 -12.24
CA LEU I 284 -34.37 -28.13 -13.23
C LEU I 284 -33.85 -29.06 -14.27
N ASN I 285 -34.75 -29.81 -14.89
CA ASN I 285 -34.40 -30.72 -15.98
C ASN I 285 -34.71 -30.08 -17.34
N GLU I 286 -35.11 -28.82 -17.32
CA GLU I 286 -35.39 -28.03 -18.51
C GLU I 286 -35.10 -26.57 -18.18
N SER I 287 -34.46 -25.86 -19.10
CA SER I 287 -34.16 -24.45 -18.86
C SER I 287 -35.32 -23.54 -19.23
N VAL I 288 -35.37 -22.36 -18.61
CA VAL I 288 -36.35 -21.34 -18.96
C VAL I 288 -35.63 -20.07 -19.38
N GLU I 289 -35.93 -19.54 -20.55
CA GLU I 289 -35.22 -18.34 -20.94
C GLU I 289 -35.72 -17.12 -20.24
N ILE I 290 -34.80 -16.28 -19.82
CA ILE I 290 -35.10 -15.01 -19.20
C ILE I 290 -34.42 -13.91 -20.01
N ASN I 291 -35.19 -12.94 -20.44
CA ASN I 291 -34.67 -11.83 -21.24
C ASN I 291 -34.62 -10.53 -20.48
N CYS I 292 -33.43 -10.02 -20.21
CA CYS I 292 -33.37 -8.82 -19.41
C CYS I 292 -32.77 -7.65 -20.17
N THR I 293 -33.27 -6.47 -19.89
CA THR I 293 -32.71 -5.30 -20.54
C THR I 293 -32.65 -4.05 -19.72
N ARG I 294 -31.78 -3.17 -20.19
CA ARG I 294 -31.59 -1.83 -19.67
C ARG I 294 -31.86 -0.92 -20.87
N PRO I 295 -33.10 -0.51 -21.08
CA PRO I 295 -33.61 0.18 -22.25
C PRO I 295 -33.11 1.60 -22.47
N ASN I 296 -32.53 2.21 -21.44
CA ASN I 296 -32.08 3.57 -21.56
C ASN I 296 -30.78 3.65 -22.31
N ASN I 297 -30.62 4.70 -23.10
CA ASN I 297 -29.36 4.94 -23.76
C ASN I 297 -28.48 5.78 -22.85
N ASN I 298 -27.53 5.13 -22.22
CA ASN I 298 -26.73 5.82 -21.25
C ASN I 298 -25.51 6.43 -21.92
N THR I 299 -24.94 7.40 -21.24
CA THR I 299 -23.70 8.01 -21.68
C THR I 299 -22.70 8.06 -20.54
N ARG I 300 -21.44 8.28 -20.86
CA ARG I 300 -20.41 8.35 -19.83
C ARG I 300 -19.63 9.65 -19.81
N LYS I 301 -19.44 10.18 -18.61
CA LYS I 301 -18.62 11.38 -18.44
C LYS I 301 -17.36 11.02 -17.69
N SER I 302 -16.23 11.34 -18.29
CA SER I 302 -14.97 11.03 -17.65
C SER I 302 -14.48 12.26 -16.90
N ILE I 303 -14.40 12.11 -15.58
CA ILE I 303 -14.04 13.21 -14.72
C ILE I 303 -12.72 13.00 -14.01
N ARG I 304 -11.84 13.95 -14.16
CA ARG I 304 -10.58 13.84 -13.46
C ARG I 304 -10.79 14.25 -12.04
N ILE I 305 -10.33 13.43 -11.09
CA ILE I 305 -10.47 13.79 -9.68
C ILE I 305 -9.10 13.84 -9.01
N GLY I 306 -8.06 13.86 -9.83
CA GLY I 306 -6.69 13.92 -9.36
C GLY I 306 -5.69 13.57 -10.49
N PRO I 307 -4.41 13.46 -10.18
CA PRO I 307 -3.31 13.24 -11.09
C PRO I 307 -3.32 11.84 -11.65
N GLY I 308 -4.13 11.63 -12.68
CA GLY I 308 -4.31 10.33 -13.31
C GLY I 308 -5.41 9.54 -12.65
N GLN I 309 -6.18 10.22 -11.83
CA GLN I 309 -7.26 9.62 -11.10
C GLN I 309 -8.57 9.88 -11.80
N TRP I 310 -9.06 8.90 -12.54
CA TRP I 310 -10.27 9.14 -13.29
C TRP I 310 -11.47 8.44 -12.73
N PHE I 311 -12.56 9.18 -12.70
CA PHE I 311 -13.86 8.73 -12.28
C PHE I 311 -14.84 8.68 -13.42
N TYR I 312 -15.58 7.59 -13.50
CA TYR I 312 -16.55 7.51 -14.56
C TYR I 312 -17.94 7.68 -14.05
N ALA I 313 -18.52 8.80 -14.42
CA ALA I 313 -19.82 9.21 -13.97
C ALA I 313 -20.88 8.88 -14.97
N THR I 314 -22.07 8.61 -14.47
CA THR I 314 -23.19 8.44 -15.36
C THR I 314 -23.40 9.77 -16.03
N GLY I 315 -23.49 9.74 -17.34
CA GLY I 315 -23.64 10.92 -18.13
C GLY I 315 -25.10 11.21 -18.40
N ASP I 316 -25.38 11.96 -19.43
CA ASP I 316 -26.73 12.36 -19.72
C ASP I 316 -27.54 11.17 -20.21
N ILE I 317 -28.86 11.23 -20.00
CA ILE I 317 -29.75 10.20 -20.53
C ILE I 317 -30.29 10.64 -21.86
N ILE I 318 -30.17 9.77 -22.85
CA ILE I 318 -30.64 10.07 -24.18
C ILE I 318 -31.91 9.35 -24.51
N GLY I 319 -32.86 10.10 -24.98
CA GLY I 319 -34.13 9.54 -25.34
C GLY I 319 -35.02 9.41 -24.14
N ASP I 320 -35.90 8.44 -24.17
CA ASP I 320 -36.90 8.30 -23.14
C ASP I 320 -36.30 7.75 -21.88
N ILE I 321 -36.92 8.03 -20.77
CA ILE I 321 -36.46 7.43 -19.55
C ILE I 321 -37.37 6.25 -19.33
N ARG I 322 -36.80 5.07 -19.34
CA ARG I 322 -37.52 3.83 -19.20
C ARG I 322 -36.97 2.97 -18.08
N GLN I 323 -37.81 2.10 -17.57
CA GLN I 323 -37.44 1.19 -16.50
C GLN I 323 -36.86 -0.13 -16.99
N ALA I 324 -35.80 -0.56 -16.32
CA ALA I 324 -35.14 -1.83 -16.61
C ALA I 324 -36.08 -2.96 -16.28
N HIS I 325 -35.99 -4.06 -17.02
CA HIS I 325 -36.90 -5.17 -16.78
C HIS I 325 -36.45 -6.53 -17.30
N CYS I 326 -37.09 -7.58 -16.78
CA CYS I 326 -36.89 -8.96 -17.26
C CYS I 326 -38.18 -9.62 -17.75
N ASN I 327 -38.06 -10.38 -18.83
CA ASN I 327 -39.16 -11.07 -19.49
C ASN I 327 -39.10 -12.59 -19.39
N ILE I 328 -40.09 -13.17 -18.70
CA ILE I 328 -40.21 -14.63 -18.52
C ILE I 328 -41.53 -15.12 -19.07
N SER I 329 -41.53 -16.11 -19.96
CA SER I 329 -42.82 -16.54 -20.49
C SER I 329 -43.67 -17.10 -19.36
N ARG I 330 -44.94 -16.71 -19.29
CA ARG I 330 -45.80 -17.20 -18.23
C ARG I 330 -46.03 -18.69 -18.28
N THR I 331 -46.16 -19.24 -19.48
CA THR I 331 -46.50 -20.65 -19.60
C THR I 331 -45.37 -21.55 -19.18
N LYS I 332 -44.14 -21.18 -19.50
CA LYS I 332 -43.00 -21.99 -19.12
C LYS I 332 -42.81 -21.90 -17.63
N TRP I 333 -43.02 -20.70 -17.09
CA TRP I 333 -42.86 -20.54 -15.66
C TRP I 333 -43.87 -21.38 -14.93
N ASN I 334 -45.14 -21.32 -15.32
CA ASN I 334 -46.10 -22.09 -14.59
C ASN I 334 -45.87 -23.57 -14.73
N LYS I 335 -45.50 -24.03 -15.93
CA LYS I 335 -45.29 -25.44 -16.09
C LYS I 335 -44.19 -25.89 -15.16
N THR I 336 -43.12 -25.10 -15.09
CA THR I 336 -41.99 -25.45 -14.27
C THR I 336 -42.37 -25.52 -12.82
N LEU I 337 -43.12 -24.55 -12.33
CA LEU I 337 -43.46 -24.52 -10.92
C LEU I 337 -44.44 -25.62 -10.56
N GLN I 338 -45.28 -26.02 -11.50
CA GLN I 338 -46.18 -27.13 -11.22
C GLN I 338 -45.35 -28.39 -11.00
N GLN I 339 -44.28 -28.55 -11.78
CA GLN I 339 -43.42 -29.70 -11.63
C GLN I 339 -42.56 -29.62 -10.39
N VAL I 340 -42.15 -28.42 -10.01
CA VAL I 340 -41.35 -28.32 -8.79
C VAL I 340 -42.21 -28.71 -7.61
N ALA I 341 -43.45 -28.19 -7.55
CA ALA I 341 -44.28 -28.58 -6.42
C ALA I 341 -44.56 -30.07 -6.46
N LYS I 342 -44.80 -30.63 -7.64
CA LYS I 342 -45.07 -32.06 -7.74
C LYS I 342 -43.95 -32.88 -7.15
N LYS I 343 -42.72 -32.51 -7.48
CA LYS I 343 -41.58 -33.25 -6.96
C LYS I 343 -41.40 -32.98 -5.46
N LEU I 344 -41.61 -31.74 -5.01
CA LEU I 344 -41.48 -31.45 -3.58
C LEU I 344 -42.49 -32.26 -2.77
N ARG I 345 -43.67 -32.47 -3.33
CA ARG I 345 -44.71 -33.23 -2.66
C ARG I 345 -44.26 -34.63 -2.30
N GLU I 346 -43.28 -35.19 -3.01
CA GLU I 346 -42.83 -36.55 -2.73
C GLU I 346 -42.13 -36.61 -1.38
N HIS I 347 -41.68 -35.46 -0.87
CA HIS I 347 -41.01 -35.40 0.40
C HIS I 347 -41.92 -34.93 1.51
N PHE I 348 -43.00 -34.22 1.16
CA PHE I 348 -43.85 -33.68 2.21
C PHE I 348 -45.25 -34.27 2.34
N ASN I 349 -45.85 -34.74 1.24
CA ASN I 349 -47.24 -35.21 1.24
C ASN I 349 -48.20 -34.15 1.78
N LYS I 350 -47.94 -32.91 1.40
CA LYS I 350 -48.71 -31.75 1.81
C LYS I 350 -48.96 -30.84 0.64
N THR I 351 -49.90 -29.93 0.80
CA THR I 351 -50.15 -28.97 -0.24
C THR I 351 -48.96 -28.05 -0.32
N ILE I 352 -48.47 -27.76 -1.51
CA ILE I 352 -47.34 -26.87 -1.65
C ILE I 352 -47.65 -25.60 -2.38
N ILE I 353 -47.31 -24.50 -1.73
CA ILE I 353 -47.52 -23.20 -2.32
C ILE I 353 -46.21 -22.44 -2.33
N PHE I 354 -46.14 -21.43 -3.18
CA PHE I 354 -44.95 -20.61 -3.22
C PHE I 354 -45.36 -19.21 -2.93
N ASN I 355 -44.50 -18.50 -2.24
CA ASN I 355 -44.75 -17.11 -1.91
C ASN I 355 -43.54 -16.25 -2.30
N PRO I 356 -43.72 -14.92 -2.44
CA PRO I 356 -42.69 -13.94 -2.69
C PRO I 356 -41.69 -13.88 -1.56
N SER I 357 -40.53 -13.30 -1.81
CA SER I 357 -39.56 -13.20 -0.77
C SER I 357 -40.17 -12.35 0.33
N SER I 358 -39.75 -12.58 1.57
CA SER I 358 -40.35 -11.93 2.73
C SER I 358 -39.90 -10.54 3.12
N GLY I 359 -38.70 -10.13 2.72
CA GLY I 359 -38.24 -8.82 3.15
C GLY I 359 -36.74 -8.79 3.37
N GLY I 360 -36.22 -7.61 3.69
CA GLY I 360 -34.79 -7.43 3.84
C GLY I 360 -34.24 -6.57 2.71
N ASP I 361 -32.93 -6.56 2.59
CA ASP I 361 -32.18 -5.75 1.63
C ASP I 361 -32.42 -6.26 0.20
N LEU I 362 -32.19 -5.41 -0.80
CA LEU I 362 -32.45 -5.86 -2.17
C LEU I 362 -31.64 -7.08 -2.53
N GLU I 363 -30.45 -7.19 -1.98
CA GLU I 363 -29.58 -8.31 -2.26
C GLU I 363 -30.23 -9.66 -1.95
N ILE I 364 -31.18 -9.68 -1.01
CA ILE I 364 -31.88 -10.91 -0.67
C ILE I 364 -33.30 -10.92 -1.24
N THR I 365 -33.97 -9.76 -1.26
CA THR I 365 -35.37 -9.73 -1.65
C THR I 365 -35.60 -9.80 -3.13
N THR I 366 -34.59 -9.47 -3.92
CA THR I 366 -34.71 -9.48 -5.37
C THR I 366 -33.77 -10.43 -6.08
N HIS I 367 -34.05 -10.61 -7.35
CA HIS I 367 -33.18 -11.41 -8.14
C HIS I 367 -32.04 -10.56 -8.57
N SER I 368 -30.98 -10.68 -7.81
CA SER I 368 -29.79 -9.91 -8.03
C SER I 368 -28.84 -10.64 -8.94
N PHE I 369 -28.47 -10.01 -10.03
CA PHE I 369 -27.54 -10.62 -10.96
C PHE I 369 -26.77 -9.58 -11.74
N ASN I 370 -25.66 -9.98 -12.31
CA ASN I 370 -24.92 -9.10 -13.16
C ASN I 370 -25.09 -9.47 -14.59
N CYS I 371 -25.28 -8.49 -15.43
CA CYS I 371 -25.31 -8.78 -16.85
C CYS I 371 -24.74 -7.65 -17.67
N GLY I 372 -23.69 -7.97 -18.39
CA GLY I 372 -23.05 -7.00 -19.24
C GLY I 372 -22.19 -6.07 -18.42
N GLY I 373 -22.01 -6.36 -17.14
CA GLY I 373 -21.28 -5.48 -16.26
C GLY I 373 -22.26 -4.63 -15.45
N GLU I 374 -23.54 -4.63 -15.80
CA GLU I 374 -24.50 -3.85 -15.03
C GLU I 374 -25.12 -4.70 -13.93
N PHE I 375 -25.49 -4.06 -12.82
CA PHE I 375 -26.10 -4.78 -11.69
C PHE I 375 -27.58 -4.57 -11.56
N PHE I 376 -28.31 -5.65 -11.76
CA PHE I 376 -29.76 -5.65 -11.76
C PHE I 376 -30.32 -6.28 -10.52
N TYR I 377 -31.40 -5.70 -10.02
CA TYR I 377 -32.15 -6.18 -8.88
C TYR I 377 -33.60 -6.32 -9.26
N CYS I 378 -33.99 -7.50 -9.72
CA CYS I 378 -35.32 -7.60 -10.28
C CYS I 378 -36.34 -8.18 -9.33
N ASN I 379 -37.53 -7.62 -9.40
CA ASN I 379 -38.64 -8.06 -8.57
C ASN I 379 -39.13 -9.43 -9.06
N THR I 380 -39.36 -10.36 -8.14
CA THR I 380 -39.81 -11.71 -8.48
C THR I 380 -41.21 -12.01 -7.91
N SER I 381 -41.92 -10.99 -7.48
CA SER I 381 -43.23 -11.21 -6.87
C SER I 381 -44.25 -11.80 -7.82
N GLU I 382 -44.09 -11.60 -9.11
CA GLU I 382 -45.04 -12.16 -10.05
C GLU I 382 -44.68 -13.55 -10.46
N LEU I 383 -43.56 -14.05 -9.94
CA LEU I 383 -43.15 -15.39 -10.29
C LEU I 383 -43.48 -16.32 -9.15
N PHE I 384 -43.14 -15.91 -7.94
CA PHE I 384 -43.38 -16.74 -6.77
C PHE I 384 -44.66 -16.36 -6.12
N ASN I 385 -45.74 -16.64 -6.83
CA ASN I 385 -47.07 -16.27 -6.40
C ASN I 385 -48.12 -16.95 -7.27
N THR I 391 -53.07 -16.62 -17.90
CA THR I 391 -53.06 -16.23 -19.30
C THR I 391 -51.84 -16.78 -20.04
N ASN I 392 -51.56 -16.23 -21.23
CA ASN I 392 -50.45 -16.67 -22.05
C ASN I 392 -49.44 -15.58 -22.42
N ASN I 393 -49.41 -14.54 -21.63
CA ASN I 393 -48.51 -13.42 -21.87
C ASN I 393 -47.14 -13.65 -21.26
N THR I 394 -46.29 -12.65 -21.39
CA THR I 394 -44.96 -12.66 -20.84
C THR I 394 -45.00 -11.93 -19.54
N ILE I 395 -44.37 -12.47 -18.51
CA ILE I 395 -44.36 -11.78 -17.25
C ILE I 395 -43.24 -10.77 -17.31
N THR I 396 -43.57 -9.51 -17.08
CA THR I 396 -42.55 -8.50 -17.11
C THR I 396 -42.24 -8.11 -15.68
N LEU I 397 -41.01 -8.26 -15.32
CA LEU I 397 -40.58 -7.93 -13.98
C LEU I 397 -39.85 -6.62 -14.01
N PRO I 398 -40.22 -5.63 -13.23
CA PRO I 398 -39.52 -4.38 -13.17
C PRO I 398 -38.22 -4.67 -12.48
N CYS I 399 -37.18 -3.97 -12.87
CA CYS I 399 -35.91 -4.10 -12.20
C CYS I 399 -35.34 -2.78 -11.77
N ARG I 400 -34.57 -2.82 -10.70
CA ARG I 400 -33.85 -1.65 -10.29
C ARG I 400 -32.38 -1.84 -10.57
N ILE I 401 -31.67 -0.74 -10.74
CA ILE I 401 -30.25 -0.77 -10.97
C ILE I 401 -29.49 0.05 -9.96
N LYS I 402 -28.39 -0.49 -9.48
CA LYS I 402 -27.57 0.28 -8.55
C LYS I 402 -26.11 0.09 -8.87
N GLN I 403 -25.31 1.13 -8.61
CA GLN I 403 -23.89 1.10 -8.88
C GLN I 403 -22.96 0.83 -7.70
N ILE I 404 -23.38 1.04 -6.45
CA ILE I 404 -22.42 0.81 -5.37
C ILE I 404 -22.73 -0.51 -4.69
N ILE I 405 -21.85 -1.47 -4.89
CA ILE I 405 -22.08 -2.84 -4.51
C ILE I 405 -21.22 -3.41 -3.39
N ASN I 406 -21.86 -3.98 -2.38
CA ASN I 406 -21.12 -4.71 -1.34
C ASN I 406 -21.24 -6.18 -1.67
N MET I 407 -20.22 -6.74 -2.29
CA MET I 407 -20.34 -8.12 -2.73
C MET I 407 -20.15 -9.09 -1.58
N TRP I 408 -20.91 -10.17 -1.59
CA TRP I 408 -20.83 -11.28 -0.64
C TRP I 408 -20.92 -10.86 0.80
N GLN I 409 -21.79 -9.89 1.06
CA GLN I 409 -22.03 -9.36 2.39
C GLN I 409 -20.79 -8.76 3.04
N ARG I 410 -19.77 -8.45 2.27
CA ARG I 410 -18.61 -7.88 2.92
C ARG I 410 -18.81 -6.41 3.04
N VAL I 411 -19.49 -6.05 4.09
CA VAL I 411 -19.84 -4.67 4.26
C VAL I 411 -18.58 -3.90 4.52
N GLY I 412 -18.43 -2.82 3.79
CA GLY I 412 -17.26 -1.97 3.90
C GLY I 412 -16.27 -2.17 2.76
N GLN I 413 -16.59 -3.06 1.82
CA GLN I 413 -15.72 -3.32 0.67
C GLN I 413 -16.42 -2.86 -0.61
N ALA I 414 -17.19 -1.79 -0.48
CA ALA I 414 -18.01 -1.29 -1.56
C ALA I 414 -17.25 -0.97 -2.83
N MET I 415 -17.84 -1.43 -3.92
CA MET I 415 -17.34 -1.23 -5.26
C MET I 415 -18.25 -0.36 -6.07
N TYR I 416 -17.68 0.54 -6.84
CA TYR I 416 -18.49 1.36 -7.72
C TYR I 416 -18.40 0.88 -9.14
N ALA I 417 -19.54 0.54 -9.68
CA ALA I 417 -19.59 0.06 -11.03
C ALA I 417 -19.79 1.25 -11.97
N PRO I 418 -18.86 1.54 -12.89
CA PRO I 418 -18.91 2.66 -13.79
C PRO I 418 -20.02 2.35 -14.76
N PRO I 419 -20.59 3.36 -15.41
CA PRO I 419 -21.63 3.24 -16.39
C PRO I 419 -21.11 2.64 -17.66
N ILE I 420 -22.01 1.98 -18.36
CA ILE I 420 -21.79 1.37 -19.65
C ILE I 420 -22.62 2.14 -20.65
N GLU I 421 -22.01 2.62 -21.72
CA GLU I 421 -22.72 3.42 -22.69
C GLU I 421 -23.58 2.57 -23.60
N GLY I 422 -24.67 3.16 -24.07
CA GLY I 422 -25.56 2.44 -24.98
C GLY I 422 -26.57 1.66 -24.19
N LYS I 423 -27.13 0.63 -24.81
CA LYS I 423 -28.20 -0.16 -24.20
C LYS I 423 -27.71 -1.57 -23.90
N ILE I 424 -28.36 -2.23 -22.96
CA ILE I 424 -27.96 -3.59 -22.61
C ILE I 424 -29.03 -4.63 -22.87
N ARG I 425 -28.62 -5.69 -23.56
CA ARG I 425 -29.50 -6.82 -23.83
C ARG I 425 -28.89 -8.10 -23.33
N CYS I 426 -29.64 -8.80 -22.49
CA CYS I 426 -29.18 -10.04 -21.89
C CYS I 426 -30.09 -11.21 -22.19
N THR I 427 -29.51 -12.36 -22.44
CA THR I 427 -30.29 -13.58 -22.56
C THR I 427 -29.70 -14.55 -21.58
N SER I 428 -30.48 -15.10 -20.69
CA SER I 428 -29.93 -16.06 -19.75
C SER I 428 -30.84 -17.26 -19.59
N ASN I 429 -30.29 -18.34 -19.07
CA ASN I 429 -31.08 -19.54 -18.83
C ASN I 429 -31.33 -19.80 -17.37
N ILE I 430 -32.57 -19.90 -16.98
CA ILE I 430 -32.83 -20.23 -15.60
C ILE I 430 -32.68 -21.73 -15.55
N THR I 431 -31.76 -22.21 -14.72
CA THR I 431 -31.48 -23.64 -14.60
C THR I 431 -31.84 -24.17 -13.23
N GLY I 432 -32.16 -23.29 -12.30
CA GLY I 432 -32.51 -23.75 -10.98
C GLY I 432 -33.05 -22.67 -10.07
N LEU I 433 -33.44 -23.10 -8.88
CA LEU I 433 -34.00 -22.22 -7.87
C LEU I 433 -33.41 -22.43 -6.50
N LEU I 434 -33.35 -21.38 -5.69
CA LEU I 434 -32.98 -21.58 -4.30
C LEU I 434 -34.17 -21.24 -3.45
N LEU I 435 -34.66 -22.21 -2.69
CA LEU I 435 -35.83 -22.03 -1.85
C LEU I 435 -35.59 -22.26 -0.37
N THR I 436 -36.34 -21.58 0.48
CA THR I 436 -36.29 -21.84 1.92
C THR I 436 -37.72 -22.08 2.37
N ARG I 437 -37.93 -22.60 3.58
CA ARG I 437 -39.30 -22.83 4.04
C ARG I 437 -39.69 -22.01 5.25
N ASP I 438 -40.98 -21.75 5.38
CA ASP I 438 -41.44 -21.05 6.56
C ASP I 438 -41.77 -22.03 7.67
N ASN I 442 -49.09 -27.80 10.22
CA ASN I 442 -49.78 -27.31 9.03
C ASN I 442 -49.94 -28.43 8.03
N ASN I 443 -50.88 -28.28 7.10
CA ASN I 443 -51.14 -29.27 6.06
C ASN I 443 -50.69 -28.74 4.71
N THR I 444 -50.15 -27.53 4.75
CA THR I 444 -49.62 -26.82 3.61
C THR I 444 -48.21 -26.33 3.93
N GLU I 445 -47.31 -26.53 2.99
CA GLU I 445 -45.94 -26.06 3.12
C GLU I 445 -45.75 -24.79 2.32
N THR I 446 -45.00 -23.84 2.85
CA THR I 446 -44.73 -22.61 2.11
C THR I 446 -43.27 -22.47 1.77
N PHE I 447 -43.02 -22.27 0.49
CA PHE I 447 -41.67 -22.08 -0.01
C PHE I 447 -41.51 -20.65 -0.50
N ARG I 448 -40.36 -20.08 -0.20
CA ARG I 448 -40.05 -18.73 -0.66
C ARG I 448 -38.66 -18.72 -1.26
N PRO I 449 -38.35 -17.81 -2.18
CA PRO I 449 -37.03 -17.61 -2.71
C PRO I 449 -36.00 -17.34 -1.62
N GLY I 450 -34.85 -17.96 -1.77
CA GLY I 450 -33.70 -17.91 -0.88
C GLY I 450 -32.53 -17.13 -1.48
N GLY I 451 -31.33 -17.69 -1.35
CA GLY I 451 -30.14 -17.01 -1.82
C GLY I 451 -29.40 -16.33 -0.70
N GLY I 452 -28.65 -15.30 -1.03
CA GLY I 452 -27.80 -14.59 -0.08
C GLY I 452 -26.42 -15.25 0.05
N ASP I 453 -26.40 -16.50 0.48
CA ASP I 453 -25.10 -17.17 0.59
C ASP I 453 -24.69 -17.76 -0.74
N MET I 454 -23.68 -17.15 -1.32
CA MET I 454 -23.15 -17.44 -2.62
C MET I 454 -22.62 -18.87 -2.73
N ARG I 455 -22.30 -19.49 -1.61
CA ARG I 455 -21.78 -20.85 -1.66
C ARG I 455 -22.76 -21.79 -2.32
N ASP I 456 -24.04 -21.56 -2.12
CA ASP I 456 -25.05 -22.45 -2.64
C ASP I 456 -25.03 -22.47 -4.15
N ASN I 457 -24.56 -21.40 -4.77
CA ASN I 457 -24.57 -21.33 -6.20
C ASN I 457 -23.55 -22.25 -6.82
N TRP I 458 -22.48 -22.59 -6.11
CA TRP I 458 -21.55 -23.46 -6.77
C TRP I 458 -21.77 -24.84 -6.27
N ARG I 459 -22.36 -24.94 -5.09
CA ARG I 459 -22.63 -26.23 -4.54
C ARG I 459 -23.54 -26.96 -5.48
N SER I 460 -24.44 -26.23 -6.11
CA SER I 460 -25.38 -26.75 -7.06
C SER I 460 -24.73 -27.35 -8.32
N GLU I 461 -23.46 -27.03 -8.60
CA GLU I 461 -22.75 -27.56 -9.76
C GLU I 461 -21.67 -28.57 -9.39
N LEU I 462 -21.09 -28.41 -8.21
CA LEU I 462 -20.00 -29.24 -7.71
C LEU I 462 -20.43 -30.48 -6.98
N TYR I 463 -21.72 -30.72 -6.91
CA TYR I 463 -22.28 -31.86 -6.21
C TYR I 463 -21.84 -33.17 -6.86
N LYS I 464 -21.41 -33.10 -8.10
CA LYS I 464 -20.99 -34.25 -8.84
C LYS I 464 -19.55 -34.64 -8.59
N TYR I 465 -18.75 -33.80 -7.92
CA TYR I 465 -17.32 -34.15 -7.81
C TYR I 465 -16.76 -34.33 -6.41
N LYS I 466 -15.80 -35.24 -6.30
CA LYS I 466 -15.08 -35.48 -5.05
C LYS I 466 -13.56 -35.60 -5.24
N VAL I 467 -12.79 -35.10 -4.27
CA VAL I 467 -11.33 -35.19 -4.35
C VAL I 467 -10.76 -36.22 -3.39
N VAL I 468 -9.94 -37.12 -3.95
CA VAL I 468 -9.30 -38.15 -3.15
C VAL I 468 -7.80 -38.15 -3.45
N LYS I 469 -7.02 -38.75 -2.56
CA LYS I 469 -5.58 -38.84 -2.79
C LYS I 469 -5.15 -40.27 -2.90
N ILE I 470 -4.13 -40.48 -3.69
CA ILE I 470 -3.62 -41.81 -3.90
C ILE I 470 -2.64 -42.19 -2.83
N GLU I 471 -2.83 -43.40 -2.31
CA GLU I 471 -1.95 -43.98 -1.30
C GLU I 471 -1.43 -45.31 -1.83
N PRO I 472 -0.37 -45.30 -2.64
CA PRO I 472 0.13 -46.39 -3.42
C PRO I 472 0.80 -47.51 -2.65
N LEU I 473 1.07 -47.35 -1.35
CA LEU I 473 1.73 -48.44 -0.63
C LEU I 473 0.80 -49.26 0.22
N GLY I 474 1.09 -50.54 0.28
CA GLY I 474 0.37 -51.45 1.15
C GLY I 474 1.01 -52.82 1.12
N VAL I 475 0.48 -53.74 1.92
CA VAL I 475 1.02 -55.08 2.01
C VAL I 475 -0.03 -56.14 1.90
N ALA I 476 0.40 -57.35 1.52
CA ALA I 476 -0.47 -58.52 1.42
C ALA I 476 0.38 -59.81 1.50
N PRO I 477 -0.16 -60.99 1.92
CA PRO I 477 0.52 -62.27 1.96
C PRO I 477 0.84 -62.95 0.64
N THR I 478 2.04 -63.52 0.56
CA THR I 478 2.53 -64.32 -0.56
C THR I 478 3.29 -65.55 -0.16
N ARG I 479 3.62 -66.39 -1.14
CA ARG I 479 4.44 -67.58 -0.84
C ARG I 479 5.92 -67.32 -1.09
N CYS I 480 6.19 -66.13 -1.59
CA CYS I 480 7.53 -65.64 -1.89
C CYS I 480 8.12 -64.85 -0.72
N LYS I 481 9.31 -65.25 -0.27
CA LYS I 481 9.97 -64.53 0.81
C LYS I 481 11.28 -64.04 0.23
N ARG I 482 11.89 -63.02 0.85
CA ARG I 482 13.11 -62.46 0.28
C ARG I 482 14.14 -63.52 -0.08
N ARG I 483 14.38 -64.47 0.81
CA ARG I 483 15.35 -65.52 0.53
C ARG I 483 14.67 -66.89 0.53
N PHE J 11 -5.13 -45.68 -15.74
CA PHE J 11 -5.05 -45.26 -14.35
C PHE J 11 -6.32 -45.60 -13.60
N LEU J 12 -6.17 -46.36 -12.54
CA LEU J 12 -7.25 -46.85 -11.69
C LEU J 12 -8.23 -47.73 -12.42
N GLY J 13 -7.90 -48.19 -13.61
CA GLY J 13 -8.81 -49.04 -14.35
C GLY J 13 -9.12 -50.32 -13.59
N ALA J 14 -8.14 -50.79 -12.84
CA ALA J 14 -8.28 -51.99 -12.06
C ALA J 14 -8.63 -51.69 -10.62
N ALA J 15 -9.01 -50.47 -10.29
CA ALA J 15 -9.26 -50.12 -8.89
C ALA J 15 -10.29 -51.02 -8.25
N GLY J 16 -11.30 -51.41 -9.00
CA GLY J 16 -12.36 -52.27 -8.50
C GLY J 16 -12.10 -53.74 -8.82
N SER J 17 -10.92 -54.07 -9.32
CA SER J 17 -10.63 -55.44 -9.72
C SER J 17 -9.79 -56.20 -8.74
N THR J 18 -9.55 -57.45 -9.10
CA THR J 18 -8.80 -58.42 -8.32
C THR J 18 -7.41 -57.91 -8.04
N MET J 19 -6.98 -58.05 -6.78
CA MET J 19 -5.69 -57.51 -6.44
C MET J 19 -4.55 -58.06 -7.24
N GLY J 20 -4.63 -59.33 -7.59
CA GLY J 20 -3.62 -59.99 -8.38
C GLY J 20 -3.55 -59.39 -9.78
N ALA J 21 -4.71 -59.29 -10.42
CA ALA J 21 -4.79 -58.74 -11.76
C ALA J 21 -4.32 -57.30 -11.81
N ALA J 22 -4.61 -56.58 -10.74
CA ALA J 22 -4.30 -55.17 -10.60
C ALA J 22 -2.80 -54.94 -10.50
N SER J 23 -2.02 -55.99 -10.31
CA SER J 23 -0.60 -55.83 -10.21
C SER J 23 -0.04 -55.40 -11.56
N MET J 24 -0.83 -55.58 -12.62
CA MET J 24 -0.37 -55.26 -13.95
C MET J 24 -0.47 -53.77 -14.23
N THR J 25 -1.01 -53.01 -13.29
CA THR J 25 -1.14 -51.57 -13.45
C THR J 25 -0.21 -50.84 -12.52
N LEU J 26 0.66 -51.54 -11.79
CA LEU J 26 1.46 -50.83 -10.82
C LEU J 26 2.35 -49.77 -11.45
N THR J 27 2.78 -50.01 -12.69
CA THR J 27 3.67 -49.08 -13.36
C THR J 27 3.02 -47.74 -13.66
N VAL J 28 1.74 -47.73 -14.02
CA VAL J 28 1.08 -46.47 -14.30
C VAL J 28 0.71 -45.78 -13.02
N GLN J 29 0.32 -46.57 -12.03
CA GLN J 29 -0.10 -45.98 -10.79
C GLN J 29 1.07 -45.26 -10.16
N ALA J 30 2.26 -45.80 -10.33
CA ALA J 30 3.45 -45.16 -9.81
C ALA J 30 3.92 -44.00 -10.69
N ARG J 31 3.87 -44.18 -12.01
CA ARG J 31 4.39 -43.16 -12.91
C ARG J 31 3.70 -41.82 -12.79
N ASN J 32 2.39 -41.81 -12.60
CA ASN J 32 1.74 -40.51 -12.62
C ASN J 32 1.77 -39.79 -11.30
N LEU J 33 2.59 -40.27 -10.37
CA LEU J 33 2.76 -39.55 -9.13
C LEU J 33 3.56 -38.29 -9.39
N LEU J 34 4.35 -38.24 -10.48
CA LEU J 34 5.12 -37.05 -10.81
C LEU J 34 4.68 -36.54 -12.18
N GLN J 56 3.65 -15.52 -10.73
CA GLN J 56 3.43 -14.17 -10.26
C GLN J 56 3.46 -14.15 -8.73
N LEU J 57 3.82 -13.02 -8.11
CA LEU J 57 3.85 -12.98 -6.65
C LEU J 57 2.51 -12.65 -6.06
N THR J 58 1.65 -13.63 -6.12
CA THR J 58 0.27 -13.55 -5.68
C THR J 58 -0.03 -14.70 -4.76
N VAL J 59 -1.18 -14.65 -4.11
CA VAL J 59 -1.58 -15.73 -3.24
C VAL J 59 -1.79 -16.98 -4.08
N TRP J 60 -2.39 -16.79 -5.25
CA TRP J 60 -2.66 -17.88 -6.14
C TRP J 60 -1.34 -18.57 -6.51
N GLY J 61 -0.34 -17.77 -6.84
CA GLY J 61 0.96 -18.27 -7.22
C GLY J 61 1.66 -19.04 -6.09
N ILE J 62 1.58 -18.54 -4.86
CA ILE J 62 2.25 -19.25 -3.79
C ILE J 62 1.53 -20.56 -3.51
N LYS J 63 0.20 -20.59 -3.63
CA LYS J 63 -0.48 -21.85 -3.40
C LYS J 63 -0.03 -22.89 -4.41
N GLN J 64 0.18 -22.48 -5.67
CA GLN J 64 0.63 -23.46 -6.63
C GLN J 64 2.04 -23.93 -6.34
N LEU J 65 2.88 -23.04 -5.82
CA LEU J 65 4.22 -23.49 -5.50
C LEU J 65 4.15 -24.47 -4.33
N GLN J 66 3.25 -24.22 -3.37
CA GLN J 66 3.13 -25.14 -2.25
C GLN J 66 2.72 -26.50 -2.75
N ALA J 67 1.83 -26.55 -3.74
CA ALA J 67 1.39 -27.81 -4.28
C ALA J 67 2.53 -28.58 -4.91
N ARG J 68 3.43 -27.87 -5.59
CA ARG J 68 4.53 -28.58 -6.19
C ARG J 68 5.41 -29.19 -5.13
N VAL J 69 5.65 -28.43 -4.07
CA VAL J 69 6.52 -28.91 -3.03
C VAL J 69 5.92 -30.06 -2.28
N LEU J 70 4.63 -30.01 -1.94
CA LEU J 70 4.12 -31.12 -1.17
C LEU J 70 4.05 -32.36 -2.03
N ALA J 71 3.82 -32.23 -3.34
CA ALA J 71 3.79 -33.42 -4.14
C ALA J 71 5.14 -34.11 -4.08
N VAL J 72 6.21 -33.31 -4.12
CA VAL J 72 7.54 -33.87 -4.04
C VAL J 72 7.79 -34.51 -2.71
N GLU J 73 7.40 -33.85 -1.63
CA GLU J 73 7.67 -34.45 -0.35
C GLU J 73 6.93 -35.76 -0.19
N ARG J 74 5.69 -35.85 -0.68
CA ARG J 74 4.98 -37.10 -0.54
C ARG J 74 5.67 -38.20 -1.33
N TYR J 75 6.13 -37.86 -2.52
CA TYR J 75 6.81 -38.84 -3.34
C TYR J 75 8.03 -39.37 -2.64
N LEU J 76 8.84 -38.47 -2.11
CA LEU J 76 10.05 -38.91 -1.48
C LEU J 76 9.80 -39.73 -0.25
N LYS J 77 8.80 -39.40 0.55
CA LYS J 77 8.59 -40.23 1.71
C LYS J 77 8.31 -41.68 1.32
N ASP J 78 7.55 -41.90 0.26
CA ASP J 78 7.32 -43.28 -0.13
C ASP J 78 8.59 -43.92 -0.65
N GLN J 79 9.40 -43.15 -1.37
CA GLN J 79 10.61 -43.75 -1.89
C GLN J 79 11.57 -44.10 -0.78
N GLN J 80 11.63 -43.26 0.25
CA GLN J 80 12.51 -43.52 1.35
C GLN J 80 12.12 -44.77 2.08
N LEU J 81 10.82 -44.97 2.24
CA LEU J 81 10.37 -46.13 2.95
C LEU J 81 10.68 -47.39 2.14
N LEU J 82 10.49 -47.35 0.83
CA LEU J 82 10.84 -48.50 0.03
C LEU J 82 12.33 -48.74 0.12
N GLY J 83 13.08 -47.65 0.19
CA GLY J 83 14.51 -47.74 0.31
C GLY J 83 14.94 -48.49 1.55
N ILE J 84 14.45 -48.08 2.71
CA ILE J 84 14.87 -48.72 3.95
C ILE J 84 14.42 -50.17 3.99
N TRP J 85 13.28 -50.47 3.40
CA TRP J 85 12.79 -51.83 3.37
C TRP J 85 13.54 -52.72 2.42
N GLY J 86 14.43 -52.16 1.58
CA GLY J 86 15.14 -52.96 0.60
C GLY J 86 14.30 -53.25 -0.62
N CYS J 87 13.31 -52.39 -0.89
CA CYS J 87 12.39 -52.57 -1.99
C CYS J 87 12.51 -51.42 -2.99
N SER J 88 13.64 -50.73 -3.01
CA SER J 88 13.81 -49.56 -3.85
C SER J 88 13.72 -49.81 -5.36
N GLY J 89 14.09 -51.00 -5.79
CA GLY J 89 14.05 -51.32 -7.20
C GLY J 89 12.85 -52.16 -7.57
N LYS J 90 11.88 -52.28 -6.68
CA LYS J 90 10.80 -53.19 -6.96
C LYS J 90 9.42 -52.61 -6.82
N LEU J 91 8.48 -53.10 -7.62
CA LEU J 91 7.09 -52.71 -7.41
C LEU J 91 6.45 -53.74 -6.52
N ILE J 92 6.96 -54.97 -6.62
CA ILE J 92 6.51 -56.07 -5.80
C ILE J 92 7.72 -56.55 -5.06
N CYS J 93 7.70 -56.46 -3.74
CA CYS J 93 8.87 -56.82 -2.97
C CYS J 93 8.62 -57.85 -1.89
N CYS J 94 9.25 -59.00 -2.06
CA CYS J 94 9.08 -60.09 -1.11
C CYS J 94 10.00 -59.85 0.05
N THR J 95 9.48 -59.86 1.26
CA THR J 95 10.30 -59.62 2.42
C THR J 95 10.14 -60.75 3.39
N ASN J 96 10.91 -60.71 4.44
CA ASN J 96 10.76 -61.67 5.52
C ASN J 96 9.64 -61.11 6.39
N VAL J 97 9.31 -61.84 7.47
CA VAL J 97 8.20 -61.60 8.39
C VAL J 97 6.95 -62.30 7.86
N PRO J 98 6.46 -63.35 8.52
CA PRO J 98 5.28 -64.14 8.20
C PRO J 98 4.01 -63.42 8.55
N TRP J 99 2.91 -63.89 8.00
CA TRP J 99 1.59 -63.38 8.36
C TRP J 99 0.95 -63.93 9.58
N ASN J 100 0.30 -63.01 10.26
CA ASN J 100 -0.48 -63.27 11.45
C ASN J 100 -1.92 -63.57 11.12
N SER J 101 -2.55 -64.33 12.00
CA SER J 101 -3.96 -64.66 11.90
C SER J 101 -4.76 -63.50 12.43
N SER J 102 -4.07 -62.66 13.22
CA SER J 102 -4.68 -61.48 13.81
C SER J 102 -4.75 -60.37 12.78
N TRP J 103 -4.02 -60.54 11.67
CA TRP J 103 -3.94 -59.57 10.59
C TRP J 103 -4.92 -60.02 9.54
N SER J 104 -4.80 -61.29 9.14
CA SER J 104 -5.72 -61.88 8.18
C SER J 104 -5.81 -63.38 8.34
N ASN J 105 -7.02 -63.90 8.27
CA ASN J 105 -7.23 -65.33 8.37
C ASN J 105 -7.78 -65.89 7.07
N LYS J 106 -7.57 -65.16 5.99
CA LYS J 106 -8.05 -65.61 4.70
C LYS J 106 -6.98 -66.36 3.95
N SER J 107 -7.41 -67.25 3.08
CA SER J 107 -6.47 -67.94 2.22
C SER J 107 -6.05 -67.02 1.10
N GLN J 108 -4.96 -67.37 0.44
CA GLN J 108 -4.42 -66.59 -0.66
C GLN J 108 -5.35 -66.65 -1.88
N ASP J 109 -6.27 -67.62 -1.86
CA ASP J 109 -7.20 -67.84 -2.94
C ASP J 109 -8.29 -66.78 -2.91
N GLU J 110 -8.60 -66.24 -1.74
CA GLU J 110 -9.58 -65.17 -1.77
C GLU J 110 -8.80 -63.91 -2.08
N ILE J 111 -7.67 -63.79 -1.40
CA ILE J 111 -6.90 -62.56 -1.43
C ILE J 111 -6.43 -62.19 -2.82
N TRP J 112 -5.92 -63.13 -3.59
CA TRP J 112 -5.42 -62.76 -4.90
C TRP J 112 -6.34 -63.13 -6.06
N ASP J 113 -7.60 -63.46 -5.78
CA ASP J 113 -8.49 -63.87 -6.85
C ASP J 113 -9.88 -63.25 -6.73
N ASN J 114 -10.44 -63.21 -5.52
CA ASN J 114 -11.79 -62.75 -5.32
C ASN J 114 -11.90 -61.35 -4.73
N MET J 115 -10.90 -60.96 -3.94
CA MET J 115 -10.91 -59.66 -3.30
C MET J 115 -10.13 -58.61 -4.08
N THR J 116 -10.66 -57.39 -4.07
CA THR J 116 -10.09 -56.22 -4.72
C THR J 116 -9.22 -55.40 -3.76
N TRP J 117 -8.43 -54.46 -4.29
CA TRP J 117 -7.56 -53.66 -3.41
C TRP J 117 -8.28 -52.73 -2.48
N MET J 118 -9.43 -52.21 -2.86
CA MET J 118 -10.09 -51.31 -1.94
C MET J 118 -10.55 -52.10 -0.74
N GLU J 119 -11.06 -53.32 -0.99
CA GLU J 119 -11.57 -54.14 0.09
C GLU J 119 -10.46 -54.64 0.96
N TRP J 120 -9.34 -54.96 0.37
CA TRP J 120 -8.21 -55.40 1.16
C TRP J 120 -7.77 -54.28 2.07
N ASP J 121 -7.66 -53.07 1.52
CA ASP J 121 -7.22 -51.95 2.31
C ASP J 121 -8.17 -51.71 3.47
N LYS J 122 -9.46 -51.93 3.26
CA LYS J 122 -10.41 -51.75 4.34
C LYS J 122 -10.13 -52.65 5.54
N GLU J 123 -9.52 -53.81 5.32
CA GLU J 123 -9.29 -54.73 6.42
C GLU J 123 -7.88 -54.65 7.00
N ILE J 124 -6.89 -54.37 6.17
CA ILE J 124 -5.50 -54.43 6.64
C ILE J 124 -4.95 -53.06 7.03
N ASN J 125 -5.80 -52.06 7.00
CA ASN J 125 -5.45 -50.68 7.31
C ASN J 125 -5.13 -50.49 8.77
N ASN J 126 -5.54 -51.44 9.57
CA ASN J 126 -5.34 -51.35 10.99
C ASN J 126 -4.03 -51.98 11.43
N TYR J 127 -3.28 -52.53 10.47
CA TYR J 127 -2.04 -53.21 10.79
C TYR J 127 -0.81 -52.58 10.18
N THR J 128 -0.97 -51.44 9.54
CA THR J 128 0.16 -50.83 8.84
C THR J 128 1.25 -50.42 9.78
N ASP J 129 0.86 -50.03 10.98
CA ASP J 129 1.82 -49.54 11.96
C ASP J 129 2.51 -50.68 12.66
N ILE J 130 2.11 -51.90 12.34
CA ILE J 130 2.72 -53.07 12.91
C ILE J 130 3.70 -53.60 11.90
N ILE J 131 3.21 -53.80 10.69
CA ILE J 131 4.00 -54.42 9.66
C ILE J 131 5.16 -53.56 9.21
N TYR J 132 4.94 -52.28 9.04
CA TYR J 132 6.02 -51.45 8.55
C TYR J 132 7.19 -51.47 9.51
N SER J 133 6.91 -51.40 10.80
CA SER J 133 7.94 -51.40 11.83
C SER J 133 8.69 -52.71 11.86
N LEU J 134 7.97 -53.81 11.67
CA LEU J 134 8.60 -55.11 11.69
C LEU J 134 9.57 -55.27 10.55
N ILE J 135 9.25 -54.71 9.39
CA ILE J 135 10.16 -54.85 8.28
C ILE J 135 11.31 -53.89 8.45
N GLU J 136 10.99 -52.66 8.75
CA GLU J 136 11.97 -51.61 8.77
C GLU J 136 13.15 -51.88 9.68
N GLU J 137 12.93 -52.37 10.88
CA GLU J 137 14.10 -52.60 11.69
C GLU J 137 14.73 -53.96 11.44
N SER J 138 13.95 -55.00 11.55
CA SER J 138 14.52 -56.32 11.54
C SER J 138 15.16 -56.71 10.24
N GLN J 139 14.59 -56.28 9.13
CA GLN J 139 15.09 -56.74 7.87
C GLN J 139 16.10 -55.82 7.27
N ASN J 140 16.43 -54.77 7.98
CA ASN J 140 17.44 -53.90 7.45
C ASN J 140 18.69 -54.18 8.26
N GLN J 141 18.55 -54.22 9.58
CA GLN J 141 19.74 -54.37 10.38
C GLN J 141 20.30 -55.78 10.34
N GLN J 142 19.45 -56.81 10.35
CA GLN J 142 20.03 -58.14 10.34
C GLN J 142 20.68 -58.40 9.02
N GLU J 143 20.05 -57.91 7.98
CA GLU J 143 20.49 -58.17 6.64
C GLU J 143 21.78 -57.44 6.30
N LYS J 144 21.90 -56.17 6.70
CA LYS J 144 23.12 -55.51 6.29
C LYS J 144 24.31 -55.98 7.10
N ASN J 145 24.06 -56.44 8.33
CA ASN J 145 25.16 -56.89 9.13
C ASN J 145 25.70 -58.18 8.52
N GLU J 146 24.82 -59.07 8.09
CA GLU J 146 25.30 -60.29 7.49
C GLU J 146 26.04 -60.01 6.19
N GLN J 147 25.57 -59.02 5.42
CA GLN J 147 26.23 -58.71 4.17
C GLN J 147 27.65 -58.19 4.35
N GLU J 148 27.89 -57.32 5.35
CA GLU J 148 29.26 -56.84 5.56
C GLU J 148 30.15 -58.02 5.94
N LEU J 149 29.61 -58.88 6.78
CA LEU J 149 30.32 -60.03 7.24
C LEU J 149 30.27 -61.13 6.19
N GLN K 1 -71.58 16.35 -40.29
CA GLN K 1 -70.64 17.41 -39.94
C GLN K 1 -71.16 18.31 -38.86
N VAL K 2 -70.41 18.42 -37.78
CA VAL K 2 -70.81 19.28 -36.68
C VAL K 2 -70.45 20.73 -37.00
N HIS K 3 -71.33 21.62 -36.63
CA HIS K 3 -71.07 23.02 -36.75
C HIS K 3 -71.02 23.61 -35.36
N LEU K 4 -69.95 24.33 -35.08
CA LEU K 4 -69.81 24.94 -33.77
C LEU K 4 -70.03 26.43 -33.91
N GLN K 5 -71.16 26.90 -33.44
CA GLN K 5 -71.47 28.31 -33.61
C GLN K 5 -71.33 29.05 -32.33
N GLU K 6 -70.36 29.91 -32.28
CA GLU K 6 -70.13 30.60 -31.05
C GLU K 6 -70.83 31.94 -30.96
N SER K 7 -71.07 32.34 -29.72
CA SER K 7 -71.66 33.61 -29.36
C SER K 7 -71.08 34.16 -28.06
N GLY K 8 -71.02 35.49 -27.96
CA GLY K 8 -70.51 36.13 -26.76
C GLY K 8 -70.75 37.63 -26.83
N PRO K 9 -70.42 38.39 -25.78
CA PRO K 9 -70.64 39.82 -25.63
C PRO K 9 -69.84 40.73 -26.54
N GLY K 10 -68.75 40.23 -27.09
CA GLY K 10 -67.90 41.04 -27.96
C GLY K 10 -67.01 41.98 -27.16
N LEU K 11 -67.63 42.96 -26.54
CA LEU K 11 -66.90 43.95 -25.77
C LEU K 11 -67.27 43.91 -24.31
N VAL K 12 -66.25 43.74 -23.48
CA VAL K 12 -66.40 43.66 -22.04
C VAL K 12 -65.47 44.66 -21.37
N LYS K 13 -65.71 44.94 -20.11
CA LYS K 13 -64.83 45.86 -19.39
C LYS K 13 -63.86 45.05 -18.54
N PRO K 14 -62.75 45.63 -18.12
CA PRO K 14 -61.85 45.03 -17.18
C PRO K 14 -62.61 44.68 -15.92
N SER K 15 -62.24 43.55 -15.36
CA SER K 15 -62.78 42.96 -14.14
C SER K 15 -64.17 42.37 -14.29
N GLU K 16 -64.70 42.36 -15.50
CA GLU K 16 -65.98 41.73 -15.73
C GLU K 16 -65.79 40.25 -15.99
N THR K 17 -66.86 39.50 -15.88
CA THR K 17 -66.77 38.08 -16.18
C THR K 17 -67.28 37.85 -17.59
N LEU K 18 -66.48 37.13 -18.36
CA LEU K 18 -66.76 36.79 -19.74
C LEU K 18 -67.45 35.45 -19.80
N SER K 19 -68.51 35.37 -20.59
CA SER K 19 -69.19 34.10 -20.76
C SER K 19 -69.46 33.84 -22.22
N LEU K 20 -68.82 32.81 -22.74
CA LEU K 20 -68.95 32.45 -24.13
C LEU K 20 -69.72 31.18 -24.29
N THR K 21 -70.53 31.13 -25.33
CA THR K 21 -71.31 29.94 -25.60
C THR K 21 -71.04 29.33 -26.94
N CYS K 22 -70.83 28.03 -26.94
CA CYS K 22 -70.67 27.28 -28.17
C CYS K 22 -71.89 26.43 -28.46
N ASN K 23 -72.64 26.79 -29.49
CA ASN K 23 -73.84 26.08 -29.85
C ASN K 23 -73.45 24.90 -30.73
N VAL K 24 -73.57 23.70 -30.18
CA VAL K 24 -73.13 22.54 -30.91
C VAL K 24 -74.28 21.96 -31.69
N SER K 25 -74.10 21.80 -32.99
CA SER K 25 -75.16 21.23 -33.79
C SER K 25 -74.65 20.17 -34.76
N GLY K 26 -75.28 19.00 -34.71
CA GLY K 26 -74.92 17.84 -35.55
C GLY K 26 -74.35 16.66 -34.75
N THR K 27 -73.87 16.94 -33.55
CA THR K 27 -73.34 15.95 -32.60
C THR K 27 -73.90 16.26 -31.24
N LEU K 28 -73.76 15.34 -30.30
CA LEU K 28 -74.23 15.58 -28.96
C LEU K 28 -73.04 16.11 -28.16
N VAL K 29 -73.27 17.07 -27.28
CA VAL K 29 -72.19 17.65 -26.53
C VAL K 29 -71.39 16.65 -25.69
N ARG K 30 -72.01 15.58 -25.24
CA ARG K 30 -71.26 14.63 -24.43
C ARG K 30 -70.55 13.55 -25.25
N ASP K 31 -70.61 13.65 -26.59
CA ASP K 31 -69.96 12.70 -27.49
C ASP K 31 -68.44 12.86 -27.55
N ASN K 32 -67.93 14.06 -27.32
CA ASN K 32 -66.52 14.30 -27.49
C ASN K 32 -65.90 15.15 -26.41
N TYR K 33 -64.62 15.37 -26.53
CA TYR K 33 -63.92 16.26 -25.62
C TYR K 33 -64.05 17.62 -26.20
N TRP K 34 -64.32 18.59 -25.39
CA TRP K 34 -64.38 19.92 -25.90
C TRP K 34 -63.24 20.70 -25.39
N SER K 35 -62.77 21.61 -26.20
CA SER K 35 -61.69 22.42 -25.71
C SER K 35 -61.81 23.81 -26.22
N TRP K 36 -61.15 24.69 -25.49
CA TRP K 36 -61.14 26.06 -25.91
C TRP K 36 -59.74 26.53 -26.12
N ILE K 37 -59.63 27.28 -27.19
CA ILE K 37 -58.40 27.86 -27.67
C ILE K 37 -58.59 29.35 -27.86
N ARG K 38 -57.59 30.15 -27.52
CA ARG K 38 -57.73 31.56 -27.83
C ARG K 38 -56.51 32.02 -28.58
N GLN K 39 -56.67 33.00 -29.45
CA GLN K 39 -55.56 33.52 -30.20
C GLN K 39 -55.51 35.03 -30.14
N PRO K 40 -54.67 35.62 -29.30
CA PRO K 40 -54.48 37.03 -29.16
C PRO K 40 -54.01 37.51 -30.49
N LEU K 41 -54.33 38.73 -30.86
CA LEU K 41 -53.91 39.19 -32.16
C LEU K 41 -52.40 39.28 -32.24
N GLY K 42 -51.84 38.70 -33.30
CA GLY K 42 -50.41 38.75 -33.51
C GLY K 42 -49.65 37.63 -32.79
N LYS K 43 -50.37 36.77 -32.10
CA LYS K 43 -49.75 35.69 -31.36
C LYS K 43 -50.19 34.33 -31.86
N GLN K 44 -49.44 33.30 -31.48
CA GLN K 44 -49.86 31.96 -31.80
C GLN K 44 -50.94 31.59 -30.78
N PRO K 45 -51.83 30.65 -31.08
CA PRO K 45 -52.88 30.21 -30.20
C PRO K 45 -52.40 29.63 -28.87
N GLU K 46 -53.23 29.82 -27.86
CA GLU K 46 -53.06 29.32 -26.51
C GLU K 46 -54.21 28.39 -26.16
N TRP K 47 -53.90 27.25 -25.58
CA TRP K 47 -54.90 26.27 -25.21
C TRP K 47 -55.38 26.58 -23.81
N ILE K 48 -56.67 26.86 -23.66
CA ILE K 48 -57.23 27.25 -22.38
C ILE K 48 -57.45 26.07 -21.51
N GLY K 49 -58.00 25.04 -22.09
CA GLY K 49 -58.31 23.84 -21.33
C GLY K 49 -59.30 22.97 -22.04
N TYR K 50 -59.54 21.81 -21.47
CA TYR K 50 -60.53 20.94 -22.05
C TYR K 50 -61.50 20.49 -21.00
N VAL K 51 -62.70 20.22 -21.45
CA VAL K 51 -63.81 19.78 -20.64
C VAL K 51 -64.45 18.58 -21.28
N HIS K 52 -64.91 17.66 -20.48
CA HIS K 52 -65.46 16.44 -20.99
C HIS K 52 -66.40 15.84 -20.02
N ASP K 53 -67.26 14.99 -20.51
CA ASP K 53 -68.13 14.32 -19.61
C ASP K 53 -67.28 13.30 -18.86
N SER K 54 -67.89 12.60 -17.94
CA SER K 54 -67.23 11.58 -17.11
C SER K 54 -66.10 12.17 -16.25
N GLY K 55 -66.12 13.48 -16.05
CA GLY K 55 -65.16 14.16 -15.20
C GLY K 55 -63.82 14.49 -15.85
N ASP K 56 -63.63 14.17 -17.15
CA ASP K 56 -62.29 14.42 -17.70
C ASP K 56 -62.10 15.86 -18.17
N THR K 57 -61.83 16.70 -17.19
CA THR K 57 -61.64 18.13 -17.37
C THR K 57 -60.27 18.50 -16.80
N ASN K 58 -59.55 19.33 -17.54
CA ASN K 58 -58.20 19.77 -17.18
C ASN K 58 -57.91 21.14 -17.78
N TYR K 59 -57.50 22.07 -16.93
CA TYR K 59 -57.28 23.45 -17.34
C TYR K 59 -55.83 23.85 -17.50
N ASN K 60 -55.61 24.81 -18.39
CA ASN K 60 -54.31 25.43 -18.51
C ASN K 60 -53.98 25.98 -17.14
N PRO K 61 -52.90 25.55 -16.48
CA PRO K 61 -52.56 25.90 -15.14
C PRO K 61 -52.35 27.39 -14.93
N SER K 62 -52.07 28.12 -16.00
CA SER K 62 -51.83 29.55 -15.84
C SER K 62 -53.14 30.34 -15.86
N LEU K 63 -54.21 29.69 -16.29
CA LEU K 63 -55.49 30.34 -16.40
C LEU K 63 -56.46 29.82 -15.36
N LYS K 64 -56.27 28.57 -14.98
CA LYS K 64 -57.14 27.79 -14.11
C LYS K 64 -57.90 28.56 -13.05
N SER K 65 -57.23 29.42 -12.30
CA SER K 65 -57.87 30.08 -11.18
C SER K 65 -59.00 31.02 -11.56
N ARG K 66 -59.09 31.41 -12.81
CA ARG K 66 -60.12 32.31 -13.26
C ARG K 66 -61.10 31.66 -14.23
N VAL K 67 -60.91 30.38 -14.56
CA VAL K 67 -61.74 29.79 -15.61
C VAL K 67 -62.52 28.55 -15.23
N HIS K 68 -63.76 28.53 -15.68
CA HIS K 68 -64.66 27.43 -15.48
C HIS K 68 -65.30 26.95 -16.79
N LEU K 69 -65.05 25.71 -17.17
CA LEU K 69 -65.62 25.17 -18.40
C LEU K 69 -66.71 24.18 -18.04
N SER K 70 -67.77 24.12 -18.84
CA SER K 70 -68.82 23.15 -18.56
C SER K 70 -69.63 22.71 -19.78
N LEU K 71 -70.31 21.56 -19.62
CA LEU K 71 -71.17 21.07 -20.70
C LEU K 71 -72.64 21.06 -20.30
N ASP K 72 -73.46 21.71 -21.11
CA ASP K 72 -74.90 21.74 -20.88
C ASP K 72 -75.54 20.64 -21.69
N LYS K 73 -75.91 19.55 -21.02
CA LYS K 73 -76.40 18.36 -21.69
C LYS K 73 -77.83 18.48 -22.13
N SER K 74 -78.50 19.56 -21.71
CA SER K 74 -79.88 19.77 -22.07
C SER K 74 -79.95 20.59 -23.35
N LYS K 75 -79.18 21.67 -23.37
CA LYS K 75 -79.19 22.60 -24.50
C LYS K 75 -78.10 22.29 -25.54
N ASN K 76 -77.26 21.30 -25.25
CA ASN K 76 -76.18 20.85 -26.11
C ASN K 76 -75.18 21.98 -26.37
N LEU K 77 -74.84 22.66 -25.30
CA LEU K 77 -73.91 23.77 -25.39
C LEU K 77 -72.61 23.53 -24.64
N VAL K 78 -71.55 24.13 -25.15
CA VAL K 78 -70.29 24.11 -24.39
C VAL K 78 -70.09 25.50 -23.87
N SER K 79 -69.90 25.62 -22.57
CA SER K 79 -69.74 26.94 -21.99
C SER K 79 -68.34 27.23 -21.52
N LEU K 80 -67.95 28.50 -21.68
CA LEU K 80 -66.70 29.00 -21.11
C LEU K 80 -66.93 30.23 -20.28
N ARG K 81 -66.51 30.18 -19.02
CA ARG K 81 -66.63 31.33 -18.16
C ARG K 81 -65.28 31.76 -17.61
N LEU K 82 -64.92 33.00 -17.89
CA LEU K 82 -63.65 33.55 -17.44
C LEU K 82 -63.87 34.77 -16.59
N THR K 83 -63.36 34.76 -15.37
CA THR K 83 -63.61 35.92 -14.54
C THR K 83 -62.34 36.73 -14.40
N GLY K 84 -62.44 37.91 -13.82
CA GLY K 84 -61.25 38.70 -13.62
C GLY K 84 -60.66 39.12 -14.96
N VAL K 85 -61.51 39.38 -15.94
CA VAL K 85 -61.01 39.67 -17.27
C VAL K 85 -60.20 40.95 -17.40
N THR K 86 -59.08 40.86 -18.07
CA THR K 86 -58.24 42.03 -18.26
C THR K 86 -57.84 42.26 -19.70
N ALA K 87 -57.09 43.32 -19.93
CA ALA K 87 -56.70 43.69 -21.29
C ALA K 87 -55.96 42.58 -22.02
N ALA K 88 -55.17 41.82 -21.27
CA ALA K 88 -54.36 40.73 -21.78
C ALA K 88 -55.20 39.57 -22.29
N ASP K 89 -56.47 39.55 -21.95
CA ASP K 89 -57.34 38.48 -22.35
C ASP K 89 -58.04 38.79 -23.66
N SER K 90 -57.76 39.95 -24.26
CA SER K 90 -58.42 40.19 -25.53
C SER K 90 -57.84 39.19 -26.51
N ALA K 91 -58.70 38.49 -27.22
CA ALA K 91 -58.26 37.45 -28.16
C ALA K 91 -59.41 36.95 -28.98
N ILE K 92 -59.11 36.18 -30.01
CA ILE K 92 -60.19 35.49 -30.67
C ILE K 92 -60.34 34.18 -29.95
N TYR K 93 -61.53 33.88 -29.50
CA TYR K 93 -61.76 32.64 -28.77
C TYR K 93 -62.41 31.62 -29.66
N TYR K 94 -62.02 30.36 -29.51
CA TYR K 94 -62.60 29.28 -30.28
C TYR K 94 -63.04 28.07 -29.48
N CYS K 95 -64.14 27.53 -29.94
CA CYS K 95 -64.74 26.28 -29.52
C CYS K 95 -64.26 25.21 -30.46
N ALA K 96 -63.79 24.10 -29.92
CA ALA K 96 -63.35 23.05 -30.83
C ALA K 96 -63.59 21.65 -30.30
N THR K 97 -63.71 20.71 -31.24
CA THR K 97 -63.84 19.31 -30.88
C THR K 97 -62.46 18.74 -30.85
N THR K 98 -62.19 18.07 -29.76
CA THR K 98 -60.92 17.47 -29.50
C THR K 98 -60.98 15.97 -29.62
N LYS K 99 -60.02 15.45 -30.35
CA LYS K 99 -59.82 14.03 -30.56
C LYS K 99 -58.46 13.70 -30.03
N HIS K 100 -58.23 12.46 -29.68
CA HIS K 100 -56.96 12.13 -29.10
C HIS K 100 -56.53 10.76 -29.44
N GLY K 101 -55.33 10.46 -29.01
CA GLY K 101 -54.77 9.17 -29.20
C GLY K 101 -53.70 8.97 -28.17
N ARG K 102 -53.00 7.86 -28.27
CA ARG K 102 -51.97 7.56 -27.30
C ARG K 102 -50.74 7.16 -28.02
N ARG K 103 -49.61 7.56 -27.48
CA ARG K 103 -48.38 7.12 -28.06
C ARG K 103 -47.63 6.33 -27.02
N ILE K 104 -47.08 5.21 -27.44
CA ILE K 104 -46.36 4.33 -26.55
C ILE K 104 -44.90 4.43 -26.84
N TYR K 105 -44.08 4.62 -25.82
CA TYR K 105 -42.66 4.70 -26.10
C TYR K 105 -41.87 3.64 -25.37
N GLY K 106 -42.56 2.84 -24.59
CA GLY K 106 -41.92 1.83 -23.78
C GLY K 106 -42.92 0.77 -23.36
N VAL K 107 -42.76 0.25 -22.16
CA VAL K 107 -43.58 -0.80 -21.63
C VAL K 107 -44.90 -0.25 -21.13
N VAL K 108 -45.99 -0.79 -21.60
CA VAL K 108 -47.28 -0.28 -21.19
C VAL K 108 -47.58 -0.54 -19.73
N ALA K 109 -47.06 -1.63 -19.21
CA ALA K 109 -47.24 -2.03 -17.83
C ALA K 109 -46.61 -1.07 -16.85
N PHE K 110 -45.66 -0.27 -17.29
CA PHE K 110 -44.97 0.65 -16.43
C PHE K 110 -45.45 2.07 -16.71
N LYS K 111 -46.52 2.17 -17.50
CA LYS K 111 -47.10 3.41 -17.96
C LYS K 111 -46.13 4.25 -18.78
N GLU K 112 -45.31 3.63 -19.62
CA GLU K 112 -44.38 4.41 -20.42
C GLU K 112 -45.03 4.90 -21.70
N TRP K 113 -45.97 5.79 -21.50
CA TRP K 113 -46.78 6.35 -22.55
C TRP K 113 -47.45 7.64 -22.17
N PHE K 114 -47.98 8.31 -23.18
CA PHE K 114 -48.73 9.52 -22.91
C PHE K 114 -49.84 9.77 -23.89
N THR K 115 -50.80 10.55 -23.44
CA THR K 115 -51.90 10.95 -24.28
C THR K 115 -51.50 12.17 -25.02
N TYR K 116 -51.89 12.26 -26.27
CA TYR K 116 -51.67 13.47 -27.03
C TYR K 116 -53.01 13.90 -27.56
N PHE K 117 -53.16 15.19 -27.80
CA PHE K 117 -54.42 15.70 -28.31
C PHE K 117 -54.27 16.61 -29.47
N TYR K 118 -55.33 16.66 -30.25
CA TYR K 118 -55.44 17.58 -31.36
C TYR K 118 -56.86 18.07 -31.58
N MET K 119 -57.00 19.22 -32.21
CA MET K 119 -58.33 19.77 -32.47
C MET K 119 -58.74 19.54 -33.89
N ASP K 120 -59.83 18.82 -34.04
CA ASP K 120 -60.36 18.40 -35.32
C ASP K 120 -61.34 19.39 -35.89
N VAL K 121 -62.31 19.83 -35.10
CA VAL K 121 -63.26 20.77 -35.68
C VAL K 121 -63.26 22.06 -34.92
N TRP K 122 -63.04 23.12 -35.65
CA TRP K 122 -63.00 24.43 -35.06
C TRP K 122 -64.20 25.20 -35.53
N GLY K 123 -64.75 26.02 -34.66
CA GLY K 123 -65.84 26.88 -35.06
C GLY K 123 -65.26 28.15 -35.61
N LYS K 124 -66.09 29.14 -35.84
CA LYS K 124 -65.60 30.39 -36.39
C LYS K 124 -64.89 31.20 -35.32
N GLY K 125 -65.32 31.03 -34.09
CA GLY K 125 -64.76 31.72 -32.97
C GLY K 125 -65.43 33.06 -32.78
N THR K 126 -65.07 33.73 -31.70
CA THR K 126 -65.62 35.05 -31.40
C THR K 126 -64.51 36.01 -31.08
N SER K 127 -64.76 37.28 -31.32
CA SER K 127 -63.79 38.28 -31.00
C SER K 127 -64.11 38.93 -29.69
N VAL K 128 -63.21 38.82 -28.73
CA VAL K 128 -63.43 39.42 -27.43
C VAL K 128 -62.42 40.51 -27.14
N THR K 129 -62.94 41.70 -26.93
CA THR K 129 -62.16 42.89 -26.63
C THR K 129 -62.42 43.35 -25.22
N VAL K 130 -61.36 43.63 -24.48
CA VAL K 130 -61.55 44.11 -23.13
C VAL K 130 -61.19 45.59 -23.09
N SER K 131 -62.14 46.43 -22.73
CA SER K 131 -61.89 47.88 -22.75
C SER K 131 -60.65 48.26 -21.97
N ALA L 1 -43.67 37.69 -34.45
CA ALA L 1 -43.66 36.41 -33.75
C ALA L 1 -43.29 35.23 -34.68
N PRO L 2 -43.92 35.03 -35.87
CA PRO L 2 -43.60 33.94 -36.77
C PRO L 2 -42.31 34.18 -37.51
N THR L 3 -41.76 33.12 -38.07
CA THR L 3 -40.64 33.26 -38.99
C THR L 3 -41.16 33.16 -40.40
N PHE L 4 -40.29 33.29 -41.39
CA PHE L 4 -40.79 33.29 -42.75
C PHE L 4 -40.11 32.41 -43.76
N VAL L 5 -40.94 31.89 -44.65
CA VAL L 5 -40.50 31.15 -45.81
C VAL L 5 -41.02 31.73 -47.11
N SER L 6 -40.11 32.02 -48.02
CA SER L 6 -40.47 32.52 -49.34
C SER L 6 -40.30 31.41 -50.35
N VAL L 7 -41.41 30.91 -50.90
CA VAL L 7 -41.35 29.79 -51.83
C VAL L 7 -42.15 30.09 -53.10
N ALA L 8 -41.57 29.82 -54.27
CA ALA L 8 -42.34 30.03 -55.49
C ALA L 8 -43.36 28.91 -55.58
N PRO L 9 -44.51 29.10 -56.18
CA PRO L 9 -45.45 28.04 -56.32
C PRO L 9 -44.79 26.95 -57.11
N GLY L 10 -44.97 25.74 -56.67
CA GLY L 10 -44.40 24.56 -57.29
C GLY L 10 -43.09 24.15 -56.62
N GLN L 11 -42.53 25.01 -55.78
CA GLN L 11 -41.31 24.69 -55.07
C GLN L 11 -41.67 24.11 -53.74
N THR L 12 -40.75 23.38 -53.14
CA THR L 12 -41.00 22.82 -51.84
C THR L 12 -40.69 23.82 -50.75
N ALA L 13 -41.14 23.53 -49.55
CA ALA L 13 -40.84 24.39 -48.41
C ALA L 13 -40.57 23.61 -47.14
N ARG L 14 -39.69 24.15 -46.31
CA ARG L 14 -39.37 23.52 -45.03
C ARG L 14 -39.76 24.39 -43.86
N ILE L 15 -40.69 23.91 -43.08
CA ILE L 15 -41.17 24.62 -41.92
C ILE L 15 -40.76 23.92 -40.66
N THR L 16 -40.06 24.64 -39.80
CA THR L 16 -39.63 24.02 -38.57
C THR L 16 -40.37 24.67 -37.44
N CYS L 17 -40.45 23.97 -36.31
CA CYS L 17 -41.15 24.49 -35.16
C CYS L 17 -40.78 23.81 -33.85
N GLY L 18 -40.58 24.61 -32.82
CA GLY L 18 -40.32 24.10 -31.48
C GLY L 18 -38.86 23.80 -31.18
N GLU L 19 -38.65 23.25 -29.99
CA GLU L 19 -37.35 22.90 -29.43
C GLU L 19 -36.96 21.51 -29.81
N GLU L 20 -35.79 21.06 -29.38
CA GLU L 20 -35.35 19.75 -29.73
C GLU L 20 -36.07 18.68 -28.92
N SER L 21 -36.21 17.51 -29.52
CA SER L 21 -36.81 16.38 -28.83
C SER L 21 -35.92 15.87 -27.75
N LEU L 22 -36.51 15.51 -26.61
CA LEU L 22 -35.71 14.92 -25.56
C LEU L 22 -35.93 13.43 -25.51
N GLY L 23 -37.13 13.04 -25.90
CA GLY L 23 -37.58 11.66 -25.86
C GLY L 23 -38.61 11.50 -26.95
N SER L 24 -39.43 10.48 -26.88
CA SER L 24 -40.37 10.29 -27.94
C SER L 24 -41.26 11.49 -28.05
N ARG L 25 -41.51 11.89 -29.28
CA ARG L 25 -42.29 13.09 -29.52
C ARG L 25 -43.48 12.87 -30.42
N SER L 26 -44.53 13.64 -30.16
CA SER L 26 -45.73 13.61 -30.96
C SER L 26 -46.11 15.02 -31.34
N VAL L 27 -45.95 15.32 -32.61
CA VAL L 27 -46.18 16.67 -33.10
C VAL L 27 -47.49 16.85 -33.79
N ILE L 28 -48.20 17.89 -33.42
CA ILE L 28 -49.44 18.18 -34.10
C ILE L 28 -49.27 19.46 -34.92
N TRP L 29 -49.57 19.42 -36.21
CA TRP L 29 -49.42 20.60 -37.06
C TRP L 29 -50.75 21.18 -37.46
N TYR L 30 -50.85 22.51 -37.36
CA TYR L 30 -52.06 23.24 -37.73
C TYR L 30 -51.82 24.29 -38.81
N GLN L 31 -52.84 24.49 -39.63
CA GLN L 31 -52.80 25.47 -40.72
C GLN L 31 -53.73 26.63 -40.50
N GLN L 32 -53.16 27.83 -40.42
CA GLN L 32 -53.94 29.04 -40.23
C GLN L 32 -53.95 29.95 -41.44
N ARG L 33 -54.98 29.87 -42.25
CA ARG L 33 -55.03 30.77 -43.39
C ARG L 33 -55.53 32.07 -42.78
N PRO L 34 -54.97 33.23 -43.10
CA PRO L 34 -55.39 34.48 -42.52
C PRO L 34 -56.88 34.67 -42.69
N GLY L 35 -57.52 35.09 -41.60
CA GLY L 35 -58.96 35.35 -41.58
C GLY L 35 -59.81 34.11 -41.32
N GLN L 36 -59.19 32.94 -41.28
CA GLN L 36 -59.94 31.71 -41.09
C GLN L 36 -59.75 31.09 -39.71
N ALA L 37 -60.67 30.25 -39.29
CA ALA L 37 -60.37 29.50 -38.09
C ALA L 37 -59.27 28.54 -38.52
N PRO L 38 -58.32 28.16 -37.67
CA PRO L 38 -57.26 27.22 -37.97
C PRO L 38 -57.81 25.80 -38.04
N SER L 39 -57.08 24.91 -38.70
CA SER L 39 -57.47 23.50 -38.75
C SER L 39 -56.26 22.57 -38.74
N LEU L 40 -56.50 21.29 -38.48
CA LEU L 40 -55.45 20.28 -38.40
C LEU L 40 -54.90 19.80 -39.72
N ILE L 41 -53.56 19.73 -39.82
CA ILE L 41 -52.92 19.22 -41.01
C ILE L 41 -52.46 17.79 -40.73
N ILE L 42 -51.68 17.66 -39.66
CA ILE L 42 -51.08 16.39 -39.23
C ILE L 42 -51.14 16.15 -37.73
N TYR L 43 -51.42 14.93 -37.35
CA TYR L 43 -51.36 14.57 -35.95
C TYR L 43 -50.42 13.38 -35.82
N ASN L 44 -49.84 13.21 -34.66
CA ASN L 44 -48.97 12.08 -34.43
C ASN L 44 -47.83 12.00 -35.44
N ASN L 45 -47.20 13.13 -35.75
CA ASN L 45 -46.05 13.24 -36.64
C ASN L 45 -46.34 13.07 -38.13
N ASN L 46 -46.96 11.96 -38.54
CA ASN L 46 -47.34 11.78 -39.94
C ASN L 46 -48.72 11.23 -40.28
N ASP L 47 -49.68 11.33 -39.39
CA ASP L 47 -51.01 10.85 -39.68
C ASP L 47 -51.88 12.02 -40.06
N ARG L 48 -52.43 12.02 -41.25
CA ARG L 48 -53.20 13.17 -41.63
C ARG L 48 -54.66 12.75 -41.67
N PRO L 49 -55.60 13.63 -41.34
CA PRO L 49 -57.01 13.39 -41.43
C PRO L 49 -57.41 13.44 -42.88
N SER L 50 -58.53 12.85 -43.20
CA SER L 50 -59.01 12.90 -44.55
C SER L 50 -59.20 14.34 -44.98
N GLY L 51 -58.85 14.62 -46.23
CA GLY L 51 -58.97 15.94 -46.82
C GLY L 51 -57.62 16.64 -46.93
N ILE L 52 -56.62 16.13 -46.22
CA ILE L 52 -55.29 16.71 -46.31
C ILE L 52 -54.51 15.97 -47.38
N PRO L 53 -53.90 16.67 -48.35
CA PRO L 53 -53.12 16.10 -49.43
C PRO L 53 -51.84 15.56 -48.87
N ASP L 54 -51.25 14.62 -49.59
CA ASP L 54 -50.04 13.96 -49.16
C ASP L 54 -48.77 14.69 -49.52
N ARG L 55 -48.94 15.94 -49.94
CA ARG L 55 -47.83 16.81 -50.21
C ARG L 55 -47.30 17.31 -48.88
N PHE L 56 -48.08 17.07 -47.82
CA PHE L 56 -47.71 17.46 -46.47
C PHE L 56 -47.32 16.27 -45.64
N SER L 57 -46.07 16.28 -45.20
CA SER L 57 -45.52 15.19 -44.39
C SER L 57 -44.46 15.76 -43.50
N GLY L 58 -43.99 15.01 -42.52
CA GLY L 58 -42.98 15.60 -41.67
C GLY L 58 -42.04 14.63 -41.01
N SER L 59 -41.31 15.17 -40.08
CA SER L 59 -40.30 14.45 -39.38
C SER L 59 -40.89 13.38 -38.48
N PRO L 60 -40.16 12.30 -38.21
CA PRO L 60 -40.50 11.23 -37.32
C PRO L 60 -40.36 11.71 -35.90
N GLY L 61 -41.07 11.08 -34.98
CA GLY L 61 -40.93 11.40 -33.57
C GLY L 61 -39.96 10.48 -32.85
N SER L 62 -39.27 9.65 -33.60
CA SER L 62 -38.34 8.67 -33.05
C SER L 62 -36.94 9.20 -32.78
N THR L 63 -36.64 10.38 -33.28
CA THR L 63 -35.32 10.92 -33.11
C THR L 63 -35.20 11.79 -31.89
N PHE L 64 -33.96 12.05 -31.47
CA PHE L 64 -33.76 12.92 -30.34
C PHE L 64 -32.80 13.99 -30.77
N GLY L 65 -32.93 15.20 -30.23
CA GLY L 65 -32.00 16.29 -30.57
C GLY L 65 -32.40 17.03 -31.85
N THR L 66 -33.46 16.56 -32.49
CA THR L 66 -33.98 17.10 -33.71
C THR L 66 -35.19 17.95 -33.40
N THR L 67 -35.63 18.75 -34.36
CA THR L 67 -36.80 19.58 -34.14
C THR L 67 -37.91 19.18 -35.06
N ALA L 68 -39.13 19.61 -34.75
CA ALA L 68 -40.22 19.21 -35.62
C ALA L 68 -40.07 19.86 -36.95
N THR L 69 -40.31 19.09 -38.01
CA THR L 69 -40.28 19.65 -39.35
C THR L 69 -41.48 19.22 -40.18
N LEU L 70 -42.05 20.19 -40.86
CA LEU L 70 -43.11 19.99 -41.83
C LEU L 70 -42.55 20.27 -43.20
N THR L 71 -42.67 19.32 -44.09
CA THR L 71 -42.18 19.52 -45.43
C THR L 71 -43.35 19.58 -46.36
N ILE L 72 -43.37 20.63 -47.17
CA ILE L 72 -44.46 20.76 -48.10
C ILE L 72 -43.92 20.61 -49.51
N THR L 73 -44.47 19.64 -50.22
CA THR L 73 -44.09 19.37 -51.58
C THR L 73 -44.89 20.24 -52.51
N SER L 74 -44.24 20.81 -53.53
CA SER L 74 -44.94 21.59 -54.54
C SER L 74 -45.95 22.58 -53.98
N VAL L 75 -45.48 23.55 -53.20
CA VAL L 75 -46.37 24.47 -52.52
C VAL L 75 -47.29 25.19 -53.48
N GLU L 76 -48.58 25.23 -53.15
CA GLU L 76 -49.59 25.88 -53.97
C GLU L 76 -49.98 27.22 -53.38
N ALA L 77 -50.62 28.08 -54.16
CA ALA L 77 -51.07 29.37 -53.63
C ALA L 77 -52.02 29.20 -52.45
N GLY L 78 -52.81 28.15 -52.43
CA GLY L 78 -53.77 27.93 -51.36
C GLY L 78 -53.11 27.50 -50.07
N ASP L 79 -51.80 27.25 -50.11
CA ASP L 79 -51.07 26.83 -48.94
C ASP L 79 -50.48 28.03 -48.21
N GLU L 80 -50.69 29.25 -48.74
CA GLU L 80 -50.20 30.37 -47.96
C GLU L 80 -50.92 30.29 -46.63
N ALA L 81 -50.17 30.26 -45.54
CA ALA L 81 -50.79 30.14 -44.22
C ALA L 81 -49.77 30.28 -43.13
N ASP L 82 -50.24 30.50 -41.92
CA ASP L 82 -49.38 30.42 -40.76
C ASP L 82 -49.40 29.00 -40.23
N TYR L 83 -48.25 28.36 -40.20
CA TYR L 83 -48.17 27.00 -39.73
C TYR L 83 -47.69 26.98 -38.31
N TYR L 84 -48.37 26.20 -37.47
CA TYR L 84 -47.98 26.09 -36.08
C TYR L 84 -47.83 24.69 -35.64
N CYS L 85 -46.94 24.46 -34.70
CA CYS L 85 -46.87 23.16 -34.11
C CYS L 85 -47.27 23.20 -32.67
N HIS L 86 -47.81 22.10 -32.22
CA HIS L 86 -48.14 21.86 -30.84
C HIS L 86 -47.34 20.63 -30.45
N ILE L 87 -46.47 20.79 -29.48
CA ILE L 87 -45.56 19.69 -29.16
C ILE L 87 -45.81 18.92 -27.89
N TRP L 88 -45.97 17.61 -28.02
CA TRP L 88 -46.05 16.77 -26.86
C TRP L 88 -44.69 16.08 -26.78
N ASP L 89 -44.12 15.94 -25.59
CA ASP L 89 -42.80 15.31 -25.42
C ASP L 89 -42.75 14.53 -24.13
N SER L 90 -42.27 13.30 -24.20
CA SER L 90 -42.27 12.41 -23.03
C SER L 90 -41.45 12.88 -21.84
N ARG L 91 -40.56 13.84 -22.02
CA ARG L 91 -39.75 14.33 -20.92
C ARG L 91 -39.99 15.81 -20.61
N ARG L 92 -41.12 16.34 -21.05
CA ARG L 92 -41.43 17.73 -20.77
C ARG L 92 -42.86 17.86 -20.26
N PRO L 93 -43.20 18.95 -19.56
CA PRO L 93 -44.52 19.31 -19.15
C PRO L 93 -45.37 19.51 -20.37
N THR L 94 -46.66 19.34 -20.23
CA THR L 94 -47.54 19.59 -21.34
C THR L 94 -47.47 21.01 -21.75
N ASN L 95 -47.35 21.21 -23.04
CA ASN L 95 -47.33 22.53 -23.59
C ASN L 95 -48.72 23.00 -23.85
N TRP L 96 -49.09 24.02 -23.12
CA TRP L 96 -50.41 24.59 -23.19
C TRP L 96 -50.48 25.71 -24.17
N VAL L 97 -49.37 26.02 -24.77
CA VAL L 97 -49.28 27.10 -25.71
C VAL L 97 -48.70 26.53 -26.97
N PHE L 98 -49.16 27.01 -28.09
CA PHE L 98 -48.63 26.55 -29.35
C PHE L 98 -47.23 27.12 -29.50
N GLY L 99 -46.40 26.46 -30.28
CA GLY L 99 -45.06 26.96 -30.49
C GLY L 99 -45.11 28.12 -31.44
N GLU L 100 -43.96 28.74 -31.69
CA GLU L 100 -43.95 29.89 -32.55
C GLU L 100 -44.00 29.36 -33.96
N GLY L 101 -44.86 29.91 -34.79
CA GLY L 101 -45.04 29.38 -36.12
C GLY L 101 -44.22 30.03 -37.22
N THR L 102 -44.61 29.68 -38.42
CA THR L 102 -44.00 30.15 -39.65
C THR L 102 -45.03 30.63 -40.63
N THR L 103 -44.79 31.75 -41.28
CA THR L 103 -45.69 32.16 -42.32
C THR L 103 -45.10 31.65 -43.62
N LEU L 104 -45.88 30.89 -44.32
CA LEU L 104 -45.45 30.37 -45.59
C LEU L 104 -46.01 31.27 -46.63
N ILE L 105 -45.12 31.92 -47.37
CA ILE L 105 -45.51 32.87 -48.38
C ILE L 105 -45.29 32.30 -49.75
N VAL L 106 -46.35 32.28 -50.52
CA VAL L 106 -46.23 31.74 -51.85
C VAL L 106 -45.96 32.95 -52.72
N LEU L 107 -44.92 32.88 -53.53
CA LEU L 107 -44.47 34.06 -54.26
C LEU L 107 -45.22 34.33 -55.56
N SER L 108 -46.17 33.48 -55.88
CA SER L 108 -46.99 33.58 -57.07
C SER L 108 -47.05 35.00 -57.63
C1 NAG M . -5.59 23.01 48.09
C2 NAG M . -4.05 23.19 47.94
C3 NAG M . -3.57 22.52 49.22
C4 NAG M . -4.17 23.18 50.46
C5 NAG M . -5.68 23.20 50.36
C6 NAG M . -6.28 24.10 51.41
C7 NAG M . -2.55 23.01 46.05
C8 NAG M . -2.10 22.22 44.87
N2 NAG M . -3.53 22.50 46.78
O3 NAG M . -2.15 22.62 49.28
O4 NAG M . -3.90 22.13 51.40
O5 NAG M . -6.17 23.77 49.14
O6 NAG M . -5.55 25.31 51.48
O7 NAG M . -2.04 24.09 46.34
C1 NAG M . -3.57 22.56 52.77
C2 NAG M . -2.19 21.98 53.09
C3 NAG M . -1.85 22.39 54.51
C4 NAG M . -1.90 23.91 54.55
C5 NAG M . -3.30 24.39 54.21
C6 NAG M . -3.42 25.90 54.18
C7 NAG M . -1.28 19.76 52.65
C8 NAG M . -1.54 18.29 52.68
N2 NAG M . -2.28 20.53 53.02
O3 NAG M . -0.53 21.91 54.83
O4 NAG M . -1.59 24.32 55.86
O5 NAG M . -3.61 23.97 52.89
O6 NAG M . -3.19 26.35 52.86
O7 NAG M . -0.20 20.22 52.30
C1 BMA M . -0.17 24.71 56.00
C2 BMA M . -0.13 26.22 56.20
C3 BMA M . 1.28 26.74 56.40
C4 BMA M . 1.74 25.98 57.66
C5 BMA M . 1.70 24.44 57.49
C6 BMA M . 2.01 23.74 58.80
O2 BMA M . -0.88 26.57 57.36
O3 BMA M . 1.19 28.14 56.69
O4 BMA M . 3.07 26.37 57.98
O5 BMA M . 0.34 24.11 57.16
O6 BMA M . 1.79 22.31 58.76
C1 MAN M . 0.34 21.87 58.72
C2 MAN M . -0.20 21.20 59.97
C3 MAN M . 0.35 19.84 60.27
C4 MAN M . 0.06 19.03 59.00
C5 MAN M . 0.68 19.68 57.78
C6 MAN M . 0.40 18.86 56.55
O2 MAN M . -1.60 21.05 59.81
O3 MAN M . -0.60 19.48 61.26
O4 MAN M . 0.57 17.71 59.12
O5 MAN M . 0.10 21.01 57.59
O6 MAN M . 0.89 17.54 56.73
C1 MAN M . -0.20 18.52 62.28
C2 MAN M . -1.36 17.51 62.40
C3 MAN M . -2.66 18.26 62.68
C4 MAN M . -2.47 19.02 63.98
C5 MAN M . -1.25 19.94 63.87
C6 MAN M . -0.99 20.64 65.18
O2 MAN M . -1.10 16.61 63.47
O3 MAN M . -3.73 17.32 62.82
O4 MAN M . -3.60 19.85 64.18
O5 MAN M . -0.05 19.21 63.54
O6 MAN M . -2.16 20.54 66.00
C1 MAN M . -1.94 20.13 67.44
C2 MAN M . -2.95 19.01 67.83
C3 MAN M . -4.39 19.53 67.67
C4 MAN M . -4.56 20.72 68.61
C5 MAN M . -3.52 21.76 68.22
C6 MAN M . -3.63 22.99 69.09
O2 MAN M . -2.73 18.64 69.17
O3 MAN M . -5.33 18.51 68.01
O4 MAN M . -5.87 21.24 68.43
O5 MAN M . -2.16 21.25 68.31
O6 MAN M . -3.27 22.77 70.44
C1 MAN M . 1.43 29.20 55.62
C2 MAN M . 0.20 30.14 55.42
C3 MAN M . -0.87 29.47 54.54
C4 MAN M . -0.19 29.17 53.20
C5 MAN M . 0.98 28.21 53.41
C6 MAN M . 1.69 27.99 52.10
O2 MAN M . 0.52 31.37 54.76
O3 MAN M . -1.97 30.35 54.34
O4 MAN M . -1.11 28.61 52.27
O5 MAN M . 1.94 28.80 54.33
O6 MAN M . 0.75 27.65 51.08
C1 MAN M . 1.13 32.49 55.57
C2 MAN M . 0.36 32.86 56.89
C3 MAN M . -1.08 33.30 56.62
C4 MAN M . -0.97 34.50 55.70
C5 MAN M . -0.22 34.10 54.43
C6 MAN M . -0.20 35.30 53.52
O2 MAN M . 1.04 33.95 57.50
O3 MAN M . -1.67 33.73 57.85
O4 MAN M . -2.26 34.96 55.34
O5 MAN M . 1.13 33.66 54.74
O6 MAN M . -1.55 35.67 53.24
C1 NAG N . 29.39 -43.96 27.99
C2 NAG N . 28.42 -44.98 27.28
C3 NAG N . 28.03 -46.06 28.29
C4 NAG N . 29.33 -46.77 28.70
C5 NAG N . 30.26 -45.71 29.30
C6 NAG N . 31.59 -46.30 29.70
C7 NAG N . 27.25 -43.96 25.46
C8 NAG N . 26.09 -43.24 24.86
N2 NAG N . 27.25 -44.29 26.75
O3 NAG N . 27.12 -46.97 27.69
O4 NAG N . 29.04 -47.74 29.73
O5 NAG N . 30.57 -44.65 28.39
O6 NAG N . 32.65 -45.43 29.31
O7 NAG N . 28.21 -44.27 24.79
C1 NAG N . 29.41 -49.15 29.34
C2 NAG N . 29.86 -49.93 30.61
C3 NAG N . 30.23 -51.35 30.20
C4 NAG N . 29.01 -51.99 29.55
C5 NAG N . 28.61 -51.16 28.33
C6 NAG N . 27.37 -51.75 27.70
C7 NAG N . 31.06 -48.97 32.47
C8 NAG N . 32.32 -48.31 32.96
N2 NAG N . 31.01 -49.30 31.20
O3 NAG N . 30.65 -52.11 31.34
O4 NAG N . 29.33 -53.32 29.15
O5 NAG N . 28.30 -49.80 28.73
O6 NAG N . 27.54 -53.15 27.47
O7 NAG N . 30.12 -49.20 33.23
C1 NAG O . -9.32 26.85 22.84
C2 NAG O . -9.06 26.73 24.38
C3 NAG O . -9.89 27.77 25.11
C4 NAG O . -9.40 29.11 24.56
C5 NAG O . -9.61 29.19 23.03
C6 NAG O . -9.07 30.49 22.49
C7 NAG O . -10.01 24.40 24.49
C8 NAG O . -9.84 23.10 25.19
N2 NAG O . -9.23 25.38 24.94
O3 NAG O . -9.66 27.68 26.52
O4 NAG O . -9.91 30.26 25.29
O5 NAG O . -8.88 28.13 22.37
O6 NAG O . -8.51 30.31 21.20
O7 NAG O . -10.83 24.54 23.58
C1 NAG O . -11.40 30.50 25.19
C2 NAG O . -11.92 30.95 26.58
C3 NAG O . -13.43 31.17 26.49
C4 NAG O . -13.66 32.25 25.44
C5 NAG O . -13.10 31.78 24.10
C6 NAG O . -13.29 32.84 23.05
C7 NAG O . -11.07 30.28 28.73
C8 NAG O . -10.78 29.17 29.70
N2 NAG O . -11.62 29.96 27.59
O3 NAG O . -13.95 31.59 27.76
O4 NAG O . -15.05 32.49 25.31
O5 NAG O . -11.68 31.51 24.23
O6 NAG O . -14.64 33.26 22.99
O7 NAG O . -10.79 31.46 29.00
C1 NAG P . -10.37 25.09 14.83
C2 NAG P . -11.84 25.55 14.52
C3 NAG P . -11.84 27.06 14.63
C4 NAG P . -11.45 27.44 16.06
C5 NAG P . -10.07 26.84 16.34
C6 NAG P . -9.63 27.15 17.73
C7 NAG P . -13.30 24.31 13.07
C8 NAG P . -13.61 23.82 11.71
N2 NAG P . -12.26 25.10 13.21
O3 NAG P . -13.14 27.55 14.28
O4 NAG P . -11.32 28.87 16.14
O5 NAG P . -10.01 25.39 16.18
O6 NAG P . -8.44 26.45 18.05
O7 NAG P . -13.99 23.99 14.05
C1 NAG P . -12.39 29.51 16.96
C2 NAG P . -12.18 31.04 16.96
C3 NAG P . -13.29 31.71 17.77
C4 NAG P . -14.60 31.35 17.09
C5 NAG P . -14.78 29.83 17.08
C6 NAG P . -16.05 29.45 16.35
C7 NAG P . -10.12 32.31 17.12
C8 NAG P . -8.82 32.50 17.82
N2 NAG P . -10.89 31.33 17.55
O3 NAG P . -13.10 33.12 17.79
O4 NAG P . -15.68 31.96 17.80
O5 NAG P . -13.68 29.23 16.39
O6 NAG P . -17.07 30.41 16.58
O7 NAG P . -10.48 33.02 16.19
C1 NAG Q . 32.13 -19.84 33.67
C2 NAG Q . 32.68 -20.85 32.58
C3 NAG Q . 34.06 -21.32 33.07
C4 NAG Q . 34.96 -20.08 33.15
C5 NAG Q . 34.37 -19.15 34.21
C6 NAG Q . 35.22 -17.91 34.36
C7 NAG Q . 31.86 -23.07 31.81
C8 NAG Q . 30.59 -23.81 31.57
N2 NAG Q . 31.71 -21.91 32.41
O3 NAG Q . 34.68 -22.28 32.20
O4 NAG Q . 36.31 -20.49 33.49
O5 NAG Q . 33.05 -18.75 33.82
O6 NAG Q . 34.81 -17.15 35.48
O7 NAG Q . 32.93 -23.56 31.49
C1 NAG Q . 37.44 -20.35 32.46
C2 NAG Q . 37.07 -19.94 30.97
C3 NAG Q . 38.38 -19.93 30.15
C4 NAG Q . 39.33 -18.92 30.77
C5 NAG Q . 39.60 -19.35 32.20
C6 NAG Q . 40.59 -18.44 32.89
C7 NAG Q . 35.39 -20.54 29.35
C8 NAG Q . 34.40 -21.55 28.84
N2 NAG Q . 36.14 -20.88 30.38
O3 NAG Q . 38.12 -19.57 28.80
O4 NAG Q . 40.54 -18.89 30.04
O5 NAG Q . 38.38 -19.41 32.98
O6 NAG Q . 41.77 -18.32 32.13
O7 NAG Q . 35.50 -19.43 28.83
C1 NAG R . 21.31 -34.64 33.05
C2 NAG R . 20.93 -34.89 34.55
C3 NAG R . 19.77 -35.89 34.51
C4 NAG R . 18.60 -35.30 33.75
C5 NAG R . 19.09 -34.97 32.34
C6 NAG R . 18.03 -34.29 31.55
C7 NAG R . 22.89 -34.73 35.92
C8 NAG R . 24.09 -35.39 36.49
N2 NAG R . 22.08 -35.47 35.21
O3 NAG R . 19.36 -36.19 35.86
O4 NAG R . 17.60 -36.32 33.59
O5 NAG R . 20.21 -34.07 32.35
O6 NAG R . 18.36 -34.26 30.17
O7 NAG R . 22.65 -33.53 36.10
C1 NAG R . 16.30 -35.99 34.24
C2 NAG R . 15.20 -36.90 33.62
C3 NAG R . 13.88 -36.57 34.33
C4 NAG R . 14.07 -36.83 35.83
C5 NAG R . 15.18 -35.93 36.35
C6 NAG R . 15.41 -36.18 37.82
C7 NAG R . 15.45 -37.41 31.25
C8 NAG R . 15.30 -36.91 29.84
N2 NAG R . 15.08 -36.58 32.21
O3 NAG R . 12.83 -37.39 33.82
O4 NAG R . 12.85 -36.54 36.51
O5 NAG R . 16.41 -36.20 35.65
O6 NAG R . 14.17 -36.18 38.52
O7 NAG R . 15.87 -38.54 31.51
C1 NAG S . 3.28 -12.49 34.02
C2 NAG S . 2.56 -11.45 33.09
C3 NAG S . 1.25 -11.10 33.77
C4 NAG S . 0.38 -12.32 34.01
C5 NAG S . 1.24 -13.26 34.86
C6 NAG S . 0.48 -14.50 35.26
C7 NAG S . 3.93 -9.78 31.99
C8 NAG S . 4.68 -8.51 32.13
N2 NAG S . 3.35 -10.25 33.07
O3 NAG S . 0.55 -10.19 32.92
O4 NAG S . -0.72 -11.92 34.83
O5 NAG S . 2.48 -13.64 34.25
O6 NAG S . -0.15 -15.11 34.16
O7 NAG S . 3.84 -10.38 30.92
C1 NAG S . -2.03 -12.08 34.15
C2 NAG S . -3.14 -11.88 35.19
C3 NAG S . -4.46 -12.12 34.52
C4 NAG S . -4.63 -11.10 33.39
C5 NAG S . -3.44 -11.28 32.44
C6 NAG S . -3.50 -10.27 31.33
C7 NAG S . -2.87 -12.36 37.52
C8 NAG S . -2.60 -13.35 38.59
N2 NAG S . -2.94 -12.79 36.29
O3 NAG S . -5.52 -11.97 35.47
O4 NAG S . -5.81 -11.48 32.70
O5 NAG S . -2.17 -11.12 33.10
O6 NAG S . -3.11 -8.97 31.78
O7 NAG S . -3.04 -11.16 37.76
C1 BMA S . -6.88 -10.45 32.74
C2 BMA S . -7.92 -10.84 31.65
C3 BMA S . -9.05 -9.82 31.64
C4 BMA S . -9.67 -9.86 33.03
C5 BMA S . -8.61 -9.49 34.08
C6 BMA S . -9.23 -9.54 35.46
O2 BMA S . -8.43 -12.13 31.94
O3 BMA S . -10.03 -10.21 30.66
O4 BMA S . -10.74 -8.92 33.09
O5 BMA S . -7.52 -10.44 34.02
O6 BMA S . -9.30 -10.89 35.94
C1 MAN S . -10.29 -9.15 29.63
C2 MAN S . -11.42 -9.60 28.66
C3 MAN S . -10.93 -10.85 27.91
C4 MAN S . -9.70 -10.48 27.09
C5 MAN S . -8.66 -10.01 28.08
C6 MAN S . -7.39 -9.63 27.35
O2 MAN S . -11.69 -8.52 27.76
O3 MAN S . -11.95 -11.40 27.06
O4 MAN S . -9.21 -11.66 26.47
O5 MAN S . -9.10 -8.88 28.85
O6 MAN S . -7.02 -10.67 26.45
C1 MAN S . -13.15 -8.38 27.45
C2 MAN S . -13.35 -7.44 26.23
C3 MAN S . -12.85 -6.02 26.57
C4 MAN S . -13.68 -5.55 27.77
C5 MAN S . -13.45 -6.51 28.94
C6 MAN S . -14.25 -6.05 30.14
O2 MAN S . -14.72 -7.40 25.89
O3 MAN S . -13.05 -5.15 25.45
O4 MAN S . -13.35 -4.22 28.14
O5 MAN S . -13.87 -7.85 28.57
O6 MAN S . -14.28 -4.64 30.19
C1 MAN S . -10.46 -11.14 36.85
C2 MAN S . -10.07 -12.15 37.96
C3 MAN S . -9.69 -13.50 37.35
C4 MAN S . -10.91 -14.00 36.59
C5 MAN S . -11.27 -12.97 35.52
C6 MAN S . -12.47 -13.46 34.76
O2 MAN S . -11.17 -12.32 38.84
O3 MAN S . -9.34 -14.42 38.38
O4 MAN S . -10.61 -15.24 35.98
O5 MAN S . -11.58 -11.69 36.11
O6 MAN S . -12.14 -14.66 34.06
C1 MAN S . -13.29 -15.24 33.32
C2 MAN S . -12.92 -16.65 32.78
C3 MAN S . -11.78 -16.54 31.76
C4 MAN S . -12.29 -15.64 30.63
C5 MAN S . -12.62 -14.27 31.21
C6 MAN S . -13.10 -13.36 30.11
O2 MAN S . -14.07 -17.23 32.17
O3 MAN S . -11.46 -17.84 31.25
O4 MAN S . -11.31 -15.50 29.61
O5 MAN S . -13.66 -14.41 32.22
O6 MAN S . -12.49 -13.70 28.87
C1 NAG T . 0.36 -8.90 45.33
C2 NAG T . 0.83 -8.78 46.81
C3 NAG T . 0.71 -10.16 47.45
C4 NAG T . -0.76 -10.59 47.36
C5 NAG T . -1.13 -10.63 45.87
C6 NAG T . -2.55 -11.09 45.67
C7 NAG T . 2.56 -7.16 47.31
C8 NAG T . 3.98 -6.73 47.12
N2 NAG T . 2.21 -8.32 46.82
O3 NAG T . 1.14 -10.09 48.81
O4 NAG T . -0.92 -11.91 47.88
O5 NAG T . -1.00 -9.34 45.25
O6 NAG T . -3.44 -10.42 46.53
O7 NAG T . 1.72 -6.47 47.91
C1 NAG T . -1.70 -11.93 49.15
C2 NAG T . -2.25 -13.35 49.38
C3 NAG T . -3.02 -13.37 50.70
C4 NAG T . -2.04 -12.97 51.81
C5 NAG T . -1.50 -11.57 51.51
C6 NAG T . -0.49 -11.18 52.57
C7 NAG T . -2.89 -14.64 47.44
C8 NAG T . -3.88 -14.84 46.33
N2 NAG T . -3.15 -13.68 48.29
O3 NAG T . -3.54 -14.67 50.94
O4 NAG T . -2.71 -12.99 53.06
O5 NAG T . -0.84 -11.57 50.23
O6 NAG T . -0.66 -11.95 53.74
O7 NAG T . -1.90 -15.36 47.54
C1 NAG U . -16.12 3.01 35.65
C2 NAG U . -16.53 1.77 36.52
C3 NAG U . -17.68 1.05 35.83
C4 NAG U . -18.83 2.03 35.69
C5 NAG U . -18.36 3.21 34.84
C6 NAG U . -19.48 4.20 34.59
C7 NAG U . -14.74 0.70 37.71
C8 NAG U . -13.60 -0.26 37.64
N2 NAG U . -15.42 0.85 36.60
O3 NAG U . -18.09 -0.08 36.61
O4 NAG U . -19.95 1.41 35.06
O5 NAG U . -17.26 3.88 35.50
O6 NAG U . -20.02 4.69 35.81
O7 NAG U . -15.05 1.31 38.73
C1 NAG U . -21.13 1.39 35.96
C2 NAG U . -22.40 1.00 35.16
C3 NAG U . -23.59 1.06 36.11
C4 NAG U . -23.35 0.05 37.24
C5 NAG U . -22.05 0.47 37.95
C6 NAG U . -21.70 -0.50 39.05
C7 NAG U . -22.39 1.59 32.82
C8 NAG U . -22.62 2.63 31.79
N2 NAG U . -22.59 1.93 34.07
O3 NAG U . -24.77 0.72 35.37
O4 NAG U . -24.44 0.13 38.19
O5 NAG U . -20.94 0.47 37.03
O6 NAG U . -22.60 -0.38 40.15
O7 NAG U . -22.02 0.45 32.53
C1 BMA U . -25.25 -1.12 38.21
C2 BMA U . -26.20 -1.09 39.44
C3 BMA U . -27.02 -2.38 39.47
C4 BMA U . -27.81 -2.44 38.16
C5 BMA U . -26.84 -2.44 36.98
C6 BMA U . -27.62 -2.46 35.68
O2 BMA U . -27.07 0.03 39.33
O3 BMA U . -27.90 -2.37 40.58
O4 BMA U . -28.59 -3.63 38.15
O5 BMA U . -26.03 -1.24 37.02
O6 BMA U . -26.76 -2.41 34.55
C1 MAN U . -27.51 -2.55 33.26
C2 MAN U . -26.55 -2.64 32.06
C3 MAN U . -25.76 -1.33 31.89
C4 MAN U . -26.79 -0.21 31.68
C5 MAN U . -27.71 -0.17 32.90
C6 MAN U . -28.70 0.95 32.75
O2 MAN U . -27.29 -2.88 30.88
O3 MAN U . -24.88 -1.41 30.76
O4 MAN U . -26.16 1.04 31.52
O5 MAN U . -28.40 -1.44 33.06
O6 MAN U . -28.03 2.14 32.33
C1 NAG V . 0.58 -0.88 47.33
C2 NAG V . -0.91 -1.10 46.95
C3 NAG V . -1.64 0.15 47.37
C4 NAG V . -1.43 0.36 48.87
C5 NAG V . 0.06 0.51 49.12
C6 NAG V . 0.31 0.79 50.58
C7 NAG V . -1.07 -2.41 44.94
C8 NAG V . -0.96 -2.47 43.45
N2 NAG V . -0.97 -1.23 45.51
O3 NAG V . -3.04 -0.03 47.15
O4 NAG V . -2.00 1.61 49.27
O5 NAG V . 0.77 -0.69 48.74
O6 NAG V . 1.67 0.66 50.91
O7 NAG V . -1.27 -3.42 45.61
C1 NAG V . -3.36 1.47 49.85
C2 NAG V . -3.48 2.36 51.10
C3 NAG V . -4.86 2.13 51.68
C4 NAG V . -5.90 2.53 50.64
C5 NAG V . -5.66 1.69 49.40
C6 NAG V . -6.61 2.10 48.32
C7 NAG V . -1.91 2.90 52.82
C8 NAG V . -0.91 2.44 53.82
N2 NAG V . -2.50 2.00 52.09
O3 NAG V . -4.94 2.92 52.85
O4 NAG V . -7.16 2.07 51.09
O5 NAG V . -4.34 1.85 48.88
O6 NAG V . -7.08 0.98 47.60
O7 NAG V . -2.16 4.09 52.69
C1 BMA V . -8.03 3.13 51.61
C2 BMA V . -9.46 2.56 51.65
C3 BMA V . -10.39 3.59 52.25
C4 BMA V . -9.89 3.86 53.67
C5 BMA V . -8.46 4.41 53.57
C6 BMA V . -7.90 4.65 54.95
O2 BMA V . -9.45 1.38 52.43
O3 BMA V . -11.71 3.03 52.24
O4 BMA V . -10.72 4.78 54.33
O5 BMA V . -7.61 3.45 52.93
O6 BMA V . -7.94 3.43 55.69
C1 MAN V . -12.77 4.06 52.11
C2 MAN V . -14.13 3.38 52.04
C3 MAN V . -14.22 2.60 50.72
C4 MAN V . -14.05 3.57 49.56
C5 MAN V . -12.69 4.19 49.70
C6 MAN V . -12.45 5.18 48.61
O2 MAN V . -15.19 4.35 52.16
O3 MAN V . -15.49 1.95 50.62
O4 MAN V . -14.13 2.88 48.33
O5 MAN V . -12.59 4.89 50.96
O6 MAN V . -12.91 4.68 47.36
C1 MAN V . -15.99 4.11 53.41
C2 MAN V . -17.34 4.89 53.36
C3 MAN V . -17.03 6.38 53.35
C4 MAN V . -16.28 6.69 54.65
C5 MAN V . -14.97 5.90 54.64
C6 MAN V . -14.19 6.22 55.89
O2 MAN V . -18.09 4.61 54.54
O3 MAN V . -18.24 7.17 53.28
O4 MAN V . -15.98 8.06 54.73
O5 MAN V . -15.26 4.49 54.58
O6 MAN V . -14.17 7.63 56.10
C1 MAN V . -18.84 3.32 54.47
C2 MAN V . -20.32 3.57 54.11
C3 MAN V . -20.98 4.41 55.20
C4 MAN V . -20.87 3.61 56.51
C5 MAN V . -19.39 3.38 56.80
C6 MAN V . -19.23 2.60 58.09
O2 MAN V . -20.99 2.33 53.96
O3 MAN V . -22.35 4.62 54.88
O4 MAN V . -21.47 4.33 57.56
O5 MAN V . -18.77 2.63 55.73
O6 MAN V . -20.04 3.17 59.11
C1 MAN V . -7.09 3.45 56.91
C2 MAN V . -7.07 2.04 57.52
C3 MAN V . -8.50 1.64 57.90
C4 MAN V . -9.00 2.66 58.93
C5 MAN V . -8.95 4.05 58.28
C6 MAN V . -9.44 5.10 59.24
O2 MAN V . -6.26 2.04 58.68
O3 MAN V . -8.52 0.32 58.45
O4 MAN V . -10.35 2.36 59.27
O5 MAN V . -7.60 4.38 57.87
O6 MAN V . -8.60 5.18 60.39
C1 MAN V . -9.63 -0.52 57.89
C2 MAN V . -9.73 -1.88 58.62
C3 MAN V . -8.46 -2.71 58.35
C4 MAN V . -8.36 -2.91 56.84
C5 MAN V . -8.27 -1.53 56.18
C6 MAN V . -8.16 -1.70 54.69
O2 MAN V . -10.86 -2.60 58.12
O3 MAN V . -8.54 -3.96 59.02
O4 MAN V . -7.19 -3.65 56.51
O5 MAN V . -9.45 -0.75 56.48
O6 MAN V . -7.17 -2.68 54.38
C1 MAN V . -9.34 5.30 61.69
C2 MAN V . -10.04 6.69 61.83
C3 MAN V . -8.99 7.80 61.83
C4 MAN V . -8.07 7.54 63.02
C5 MAN V . -7.43 6.17 62.84
C6 MAN V . -6.51 5.90 64.00
O2 MAN V . -10.75 6.71 63.06
O3 MAN V . -9.63 9.08 61.96
O4 MAN V . -7.06 8.53 63.09
O5 MAN V . -8.44 5.13 62.78
O6 MAN V . -5.75 7.06 64.30
C1 NAG W . 12.39 8.80 40.46
C2 NAG W . 13.01 9.63 39.27
C3 NAG W . 14.16 10.42 39.88
C4 NAG W . 13.66 11.31 41.00
C5 NAG W . 13.01 10.41 42.04
C6 NAG W . 12.49 11.21 43.22
C7 NAG W . 12.91 8.38 37.20
C8 NAG W . 13.58 7.40 36.28
N2 NAG W . 13.55 8.71 38.29
O3 NAG W . 14.78 11.22 38.87
O4 NAG W . 14.78 11.94 41.64
O5 NAG W . 11.91 9.65 41.50
O6 NAG W . 11.53 10.47 43.94
O7 NAG W . 11.80 8.87 36.95
C1 NAG W . 14.74 13.42 41.53
C2 NAG W . 15.67 14.04 42.60
C3 NAG W . 15.59 15.55 42.46
C4 NAG W . 16.08 15.96 41.06
C5 NAG W . 15.16 15.25 40.05
C6 NAG W . 15.62 15.52 38.64
C7 NAG W . 16.00 13.03 44.77
C8 NAG W . 15.41 12.66 46.09
N2 NAG W . 15.21 13.64 43.91
O3 NAG W . 16.39 16.15 43.48
O4 NAG W . 15.92 17.38 40.90
O5 NAG W . 15.17 13.81 40.22
O6 NAG W . 15.36 16.85 38.26
O7 NAG W . 17.17 12.76 44.50
C1 BMA W . 17.23 18.09 40.81
C2 BMA W . 16.97 19.59 40.47
C3 BMA W . 18.31 20.32 40.38
C4 BMA W . 18.99 20.19 41.74
C5 BMA W . 19.20 18.71 42.05
C6 BMA W . 19.84 18.56 43.41
O2 BMA W . 16.17 20.17 41.48
O3 BMA W . 18.09 21.70 40.07
O4 BMA W . 20.24 20.85 41.71
O5 BMA W . 17.92 18.02 42.06
O6 BMA W . 21.01 19.36 43.53
C1 NAG X . 5.86 -16.53 40.57
C2 NAG X . 4.54 -16.97 39.88
C3 NAG X . 3.70 -17.76 40.88
C4 NAG X . 4.53 -18.98 41.30
C5 NAG X . 5.82 -18.45 41.95
C6 NAG X . 6.67 -19.59 42.46
C7 NAG X . 3.74 -15.37 38.25
C8 NAG X . 3.15 -14.01 38.03
N2 NAG X . 3.83 -15.76 39.49
O3 NAG X . 2.47 -18.17 40.26
O4 NAG X . 3.79 -19.79 42.23
O5 NAG X . 6.62 -17.67 41.01
O6 NAG X . 7.03 -20.47 41.41
O7 NAG X . 4.11 -16.09 37.32
C1 NAG X . 3.47 -21.13 41.65
C2 NAG X . 2.95 -22.09 42.75
C3 NAG X . 2.68 -23.44 42.08
C4 NAG X . 1.59 -23.26 41.01
C5 NAG X . 2.16 -22.26 40.00
C6 NAG X . 1.15 -21.99 38.92
C7 NAG X . 3.77 -21.93 45.02
C8 NAG X . 4.91 -22.12 45.96
N2 NAG X . 3.97 -22.24 43.76
O3 NAG X . 2.27 -24.41 43.06
O4 NAG X . 1.40 -24.53 40.34
O5 NAG X . 2.47 -20.99 40.63
O6 NAG X . 0.98 -23.16 38.14
O7 NAG X . 2.67 -21.51 45.41
C1 BMA X . 0.06 -25.19 40.59
C2 BMA X . 0.28 -26.73 40.61
C3 BMA X . -1.07 -27.43 40.77
C4 BMA X . -1.68 -26.95 42.08
C5 BMA X . -1.83 -25.43 42.02
C6 BMA X . -2.43 -24.94 43.32
O2 BMA X . 1.14 -27.04 41.70
O3 BMA X . -0.88 -28.85 40.79
O4 BMA X . -2.94 -27.56 42.26
O5 BMA X . -0.55 -24.80 41.82
O6 BMA X . -3.66 -25.59 43.58
C1 NAG Y . 11.08 17.53 16.13
C2 NAG Y . 11.00 18.60 17.27
C3 NAG Y . 12.37 18.88 17.84
C4 NAG Y . 12.89 17.56 18.42
C5 NAG Y . 12.96 16.56 17.25
C6 NAG Y . 13.48 15.23 17.71
C7 NAG Y . 9.67 20.64 17.40
C8 NAG Y . 9.19 21.86 16.68
N2 NAG Y . 10.48 19.86 16.72
O3 NAG Y . 12.29 19.87 18.86
O4 NAG Y . 14.18 17.78 19.02
O5 NAG Y . 11.66 16.34 16.69
O6 NAG Y . 13.78 14.40 16.60
O7 NAG Y . 9.33 20.39 18.56
C1 NAG Y . 14.23 17.64 20.54
C2 NAG Y . 14.85 18.94 21.15
C3 NAG Y . 14.98 18.74 22.66
C4 NAG Y . 13.58 18.50 23.21
C5 NAG Y . 13.02 17.25 22.56
C6 NAG Y . 11.64 16.98 23.09
C7 NAG Y . 16.70 20.37 20.56
C8 NAG Y . 18.05 20.49 19.95
N2 NAG Y . 16.15 19.17 20.56
O3 NAG Y . 15.55 19.91 23.27
O4 NAG Y . 13.61 18.33 24.62
O5 NAG Y . 12.95 17.42 21.13
O6 NAG Y . 11.58 17.37 24.46
O7 NAG Y . 16.11 21.33 21.06
C1 NAG Z . 37.00 -7.47 27.61
C2 NAG Z . 38.17 -8.50 27.81
C3 NAG Z . 39.40 -7.63 28.07
C4 NAG Z . 39.75 -6.66 26.93
C5 NAG Z . 38.48 -5.79 26.76
C6 NAG Z . 38.52 -4.90 25.55
C7 NAG Z . 37.31 -10.42 29.04
C8 NAG Z . 37.01 -11.02 30.38
N2 NAG Z . 37.91 -9.26 29.03
O3 NAG Z . 40.53 -8.48 28.30
O4 NAG Z . 40.88 -5.95 27.49
O5 NAG Z . 37.29 -6.58 26.53
O6 NAG Z . 37.22 -4.82 24.97
O7 NAG Z . 37.01 -11.00 27.99
C1 NAG Z . 41.58 -5.01 26.56
C2 NAG Z . 43.01 -4.73 27.11
C3 NAG Z . 43.68 -3.69 26.21
C4 NAG Z . 43.74 -4.28 24.81
C5 NAG Z . 42.32 -4.59 24.35
C6 NAG Z . 42.33 -5.19 22.96
C7 NAG Z . 43.82 -4.48 29.38
C8 NAG Z . 43.61 -3.93 30.74
N2 NAG Z . 42.91 -4.23 28.47
O3 NAG Z . 45.00 -3.41 26.69
O4 NAG Z . 44.36 -3.36 23.93
O5 NAG Z . 41.67 -5.53 25.24
O6 NAG Z . 43.12 -4.39 22.07
O7 NAG Z . 44.82 -5.16 29.09
C1 NAG AA . 24.41 43.05 -21.13
C2 NAG AA . 23.80 42.83 -22.54
C3 NAG AA . 25.04 42.69 -23.38
C4 NAG AA . 25.93 43.93 -23.26
C5 NAG AA . 26.31 44.14 -21.80
C6 NAG AA . 27.11 45.40 -21.55
C7 NAG AA . 21.90 41.52 -23.26
C8 NAG AA . 21.19 40.21 -23.24
N2 NAG AA . 23.03 41.60 -22.59
O3 NAG AA . 24.63 42.46 -24.73
O4 NAG AA . 27.17 43.57 -23.88
O5 NAG AA . 25.13 44.27 -20.99
O6 NAG AA . 27.95 45.73 -22.63
O7 NAG AA . 21.46 42.48 -23.89
C1 NAG AA . 27.48 44.27 -25.14
C2 NAG AA . 27.43 43.26 -26.32
C3 NAG AA . 27.91 44.02 -27.55
C4 NAG AA . 26.96 45.19 -27.74
C5 NAG AA . 27.00 46.09 -26.51
C6 NAG AA . 26.08 47.28 -26.62
C7 NAG AA . 27.97 40.90 -26.27
C8 NAG AA . 28.99 39.86 -25.94
N2 NAG AA . 28.31 42.15 -26.03
O3 NAG AA . 27.90 43.15 -28.68
O4 NAG AA . 27.48 45.99 -28.77
O5 NAG AA . 26.61 45.37 -25.36
O6 NAG AA . 24.71 46.93 -26.55
O7 NAG AA . 26.88 40.60 -26.77
C1 BMA AA . 26.84 45.76 -30.06
C2 BMA AA . 26.19 47.09 -30.47
C3 BMA AA . 25.56 47.01 -31.85
C4 BMA AA . 26.75 46.66 -32.77
C5 BMA AA . 27.41 45.33 -32.36
C6 BMA AA . 28.69 45.11 -33.16
O2 BMA AA . 27.20 48.09 -30.54
O3 BMA AA . 25.04 48.31 -32.17
O4 BMA AA . 26.28 46.56 -34.11
O5 BMA AA . 27.84 45.47 -31.00
O6 BMA AA . 29.52 44.05 -32.64
C1 MAN AA . 30.33 44.38 -31.39
C2 MAN AA . 31.76 44.80 -31.64
C3 MAN AA . 32.70 43.76 -32.17
C4 MAN AA . 32.61 42.64 -31.11
C5 MAN AA . 31.16 42.18 -30.94
C6 MAN AA . 31.08 41.06 -29.94
O2 MAN AA . 32.27 45.21 -30.38
O3 MAN AA . 33.88 44.56 -32.12
O4 MAN AA . 33.37 41.51 -31.49
O5 MAN AA . 30.33 43.27 -30.48
O6 MAN AA . 31.87 39.96 -30.38
C1 MAN AA . 35.16 43.94 -32.51
C2 MAN AA . 35.98 43.64 -31.23
C3 MAN AA . 36.14 44.91 -30.39
C4 MAN AA . 36.87 45.92 -31.27
C5 MAN AA . 36.08 46.15 -32.55
C6 MAN AA . 36.82 47.07 -33.48
O2 MAN AA . 37.27 43.17 -31.61
O3 MAN AA . 36.96 44.58 -29.26
O4 MAN AA . 36.91 47.15 -30.55
O5 MAN AA . 35.88 44.91 -33.30
O6 MAN AA . 37.74 47.86 -32.72
C1 MAN AA . 39.04 48.19 -33.39
C2 MAN AA . 40.22 47.94 -32.41
C3 MAN AA . 40.08 48.85 -31.19
C4 MAN AA . 40.11 50.29 -31.69
C5 MAN AA . 38.95 50.48 -32.66
C6 MAN AA . 38.89 51.88 -33.16
O2 MAN AA . 41.44 48.22 -33.08
O3 MAN AA . 41.17 48.64 -30.28
O4 MAN AA . 39.96 51.15 -30.57
O5 MAN AA . 39.05 49.57 -33.79
O6 MAN AA . 39.92 52.22 -34.07
C1 MAN AA . 23.56 48.62 -32.02
C2 MAN AA . 23.29 49.82 -31.04
C3 MAN AA . 23.34 49.36 -29.58
C4 MAN AA . 22.28 48.26 -29.42
C5 MAN AA . 22.60 47.09 -30.33
C6 MAN AA . 21.52 46.06 -30.20
O2 MAN AA . 21.98 50.40 -31.21
O3 MAN AA . 23.04 50.47 -28.72
O4 MAN AA . 22.22 47.81 -28.07
O5 MAN AA . 22.64 47.55 -31.71
O6 MAN AA . 21.29 45.75 -28.84
C1 MAN AA . 21.82 51.47 -32.26
C2 MAN AA . 22.81 52.69 -32.16
C3 MAN AA . 22.72 53.40 -30.81
C4 MAN AA . 21.28 53.88 -30.71
C5 MAN AA . 20.34 52.69 -30.83
C6 MAN AA . 18.95 53.21 -30.64
O2 MAN AA . 22.49 53.62 -33.18
O3 MAN AA . 23.59 54.53 -30.81
O4 MAN AA . 21.06 54.52 -29.46
O5 MAN AA . 20.49 52.01 -32.11
O6 MAN AA . 18.88 53.77 -29.34
C1 NAG BA . 37.55 -33.26 -32.65
C2 NAG BA . 37.93 -34.01 -31.33
C3 NAG BA . 39.45 -34.26 -31.35
C4 NAG BA . 39.75 -35.14 -32.56
C5 NAG BA . 39.27 -34.39 -33.81
C6 NAG BA . 39.48 -35.19 -35.07
C7 NAG BA . 36.38 -33.58 -29.57
C8 NAG BA . 35.89 -32.83 -28.37
N2 NAG BA . 37.52 -33.26 -30.15
O3 NAG BA . 39.84 -34.92 -30.13
O4 NAG BA . 41.17 -35.33 -32.67
O5 NAG BA . 37.86 -34.09 -33.78
O6 NAG BA . 38.34 -35.09 -35.91
O7 NAG BA . 35.73 -34.50 -30.04
C1 NAG BA . 41.59 -36.77 -32.62
C2 NAG BA . 42.86 -36.98 -33.50
C3 NAG BA . 43.26 -38.45 -33.43
C4 NAG BA . 43.55 -38.79 -31.98
C5 NAG BA . 42.29 -38.53 -31.15
C6 NAG BA . 42.55 -38.83 -29.70
C7 NAG BA . 43.28 -35.80 -35.57
C8 NAG BA . 42.86 -35.53 -36.98
N2 NAG BA . 42.56 -36.64 -34.87
O3 NAG BA . 44.43 -38.67 -34.23
O4 NAG BA . 43.93 -40.15 -31.87
O5 NAG BA . 41.89 -37.14 -31.27
O6 NAG BA . 43.14 -40.11 -29.55
O7 NAG BA . 44.28 -35.25 -35.08
C1 NAG CA . 3.99 35.62 -6.69
C2 NAG CA . 5.12 36.14 -7.65
C3 NAG CA . 5.32 37.63 -7.42
C4 NAG CA . 3.95 38.25 -7.77
C5 NAG CA . 2.84 37.68 -6.86
C6 NAG CA . 1.49 38.24 -7.23
C7 NAG CA . 6.89 34.74 -6.56
C8 NAG CA . 8.13 33.96 -6.85
N2 NAG CA . 6.39 35.41 -7.58
O3 NAG CA . 6.32 38.13 -8.30
O4 NAG CA . 3.97 39.70 -7.83
O5 NAG CA . 2.74 36.24 -7.02
O6 NAG CA . 0.47 37.28 -7.09
O7 NAG CA . 6.40 34.75 -5.41
C1 NAG CA . 4.25 40.41 -6.54
C2 NAG CA . 5.17 41.62 -6.82
C3 NAG CA . 5.47 42.33 -5.50
C4 NAG CA . 4.14 42.80 -4.92
C5 NAG CA . 3.23 41.58 -4.70
C6 NAG CA . 1.90 42.01 -4.18
C7 NAG CA . 6.89 41.76 -8.51
C8 NAG CA . 8.16 41.21 -9.07
N2 NAG CA . 6.41 41.19 -7.43
O3 NAG CA . 6.34 43.45 -5.72
O4 NAG CA . 4.35 43.46 -3.69
O5 NAG CA . 3.02 40.89 -5.96
O6 NAG CA . 2.05 42.85 -3.04
O7 NAG CA . 6.31 42.71 -9.04
C1 NAG DA . -0.68 30.83 -1.68
C2 NAG DA . -0.67 31.65 -0.34
C3 NAG DA . -1.46 32.92 -0.59
C4 NAG DA . -0.74 33.70 -1.68
C5 NAG DA . -0.66 32.80 -2.92
C6 NAG DA . 0.06 33.53 -4.03
C7 NAG DA . -0.50 30.62 1.82
C8 NAG DA . -1.12 29.76 2.86
N2 NAG DA . -1.22 30.87 0.75
O3 NAG DA . -1.57 33.65 0.63
O4 NAG DA . -1.55 34.84 -2.05
O5 NAG DA . 0.03 31.55 -2.70
O6 NAG DA . 0.31 32.66 -5.11
O7 NAG DA . 0.63 31.07 1.96
C1 NAG DA . -0.96 36.14 -1.60
C2 NAG DA . -1.93 37.29 -1.98
C3 NAG DA . -1.34 38.62 -1.51
C4 NAG DA . -1.18 38.52 0.01
C5 NAG DA . -0.24 37.37 0.35
C6 NAG DA . -0.12 37.22 1.85
C7 NAG DA . -3.23 37.61 -3.98
C8 NAG DA . -3.27 37.59 -5.48
N2 NAG DA . -2.09 37.30 -3.41
O3 NAG DA . -2.21 39.69 -1.85
O4 NAG DA . -0.64 39.74 0.50
O5 NAG DA . -0.79 36.14 -0.17
O6 NAG DA . -0.20 38.48 2.49
O7 NAG DA . -4.22 37.91 -3.31
C1 NAG EA . 26.60 -12.34 -41.04
C2 NAG EA . 26.24 -13.87 -40.90
C3 NAG EA . 26.42 -14.51 -42.28
C4 NAG EA . 25.43 -13.83 -43.23
C5 NAG EA . 25.80 -12.36 -43.32
C6 NAG EA . 24.86 -11.62 -44.23
C7 NAG EA . 27.28 -15.71 -39.58
C8 NAG EA . 27.97 -15.94 -38.28
N2 NAG EA . 27.09 -14.44 -39.87
O3 NAG EA . 26.19 -15.92 -42.30
O4 NAG EA . 25.50 -14.45 -44.53
O5 NAG EA . 25.72 -11.75 -42.01
O6 NAG EA . 25.43 -10.40 -44.68
O7 NAG EA . 26.97 -16.65 -40.30
C1 NAG EA . 24.35 -15.35 -45.03
C2 NAG EA . 23.11 -15.62 -44.08
C3 NAG EA . 22.14 -16.55 -44.81
C4 NAG EA . 21.68 -15.87 -46.10
C5 NAG EA . 22.93 -15.63 -46.95
C6 NAG EA . 22.58 -14.99 -48.28
C7 NAG EA . 22.80 -16.20 -41.75
C8 NAG EA . 23.34 -16.87 -40.51
N2 NAG EA . 23.53 -16.27 -42.84
O3 NAG EA . 21.01 -16.83 -44.00
O4 NAG EA . 20.78 -16.72 -46.80
O5 NAG EA . 23.87 -14.78 -46.26
O6 NAG EA . 21.59 -15.75 -48.95
O7 NAG EA . 21.71 -15.62 -41.76
C1 NAG FA . 38.37 -20.39 -29.45
C2 NAG FA . 39.74 -19.72 -29.79
C3 NAG FA . 40.70 -20.06 -28.64
C4 NAG FA . 40.12 -19.52 -27.33
C5 NAG FA . 38.75 -20.15 -27.15
C6 NAG FA . 38.09 -19.60 -25.92
C7 NAG FA . 40.05 -19.64 -32.17
C8 NAG FA . 40.49 -20.33 -33.41
N2 NAG FA . 40.22 -20.28 -31.04
O3 NAG FA . 41.98 -19.50 -28.87
O4 NAG FA . 40.92 -20.01 -26.25
O5 NAG FA . 37.85 -19.87 -28.24
O6 NAG FA . 36.78 -20.10 -25.79
O7 NAG FA . 39.53 -18.52 -32.19
C1 NAG FA . 41.59 -18.92 -25.47
C2 NAG FA . 42.01 -19.48 -24.08
C3 NAG FA . 42.73 -18.37 -23.34
C4 NAG FA . 43.94 -17.93 -24.17
C5 NAG FA . 43.44 -17.42 -25.52
C6 NAG FA . 44.62 -17.00 -26.37
C7 NAG FA . 40.54 -21.11 -23.00
C8 NAG FA . 39.25 -21.33 -22.27
N2 NAG FA . 40.82 -19.87 -23.35
O3 NAG FA . 43.16 -18.83 -22.06
O4 NAG FA . 44.63 -16.90 -23.48
O5 NAG FA . 42.71 -18.47 -26.21
O6 NAG FA . 45.50 -16.18 -25.64
O7 NAG FA . 41.32 -22.03 -23.24
C1 NAG GA . 31.60 4.69 -17.44
C2 NAG GA . 30.54 5.35 -16.52
C3 NAG GA . 31.23 6.46 -15.76
C4 NAG GA . 32.40 5.92 -14.94
C5 NAG GA . 33.33 5.25 -15.94
C6 NAG GA . 34.60 4.74 -15.32
C7 NAG GA . 28.29 5.64 -17.37
C8 NAG GA . 27.39 6.42 -18.28
N2 NAG GA . 29.55 5.98 -17.36
O3 NAG GA . 30.28 7.06 -14.88
O4 NAG GA . 33.12 7.06 -14.43
O5 NAG GA . 32.70 4.18 -16.68
O6 NAG GA . 34.35 3.85 -14.25
O7 NAG GA . 27.88 4.73 -16.65
C1 NAG GA . 33.09 7.13 -12.95
C2 NAG GA . 34.10 8.20 -12.49
C3 NAG GA . 34.14 8.19 -10.99
C4 NAG GA . 32.75 8.55 -10.47
C5 NAG GA . 31.77 7.51 -11.03
C6 NAG GA . 30.36 7.81 -10.60
C7 NAG GA . 36.09 8.71 -13.74
C8 NAG GA . 37.37 8.24 -14.34
N2 NAG GA . 35.39 7.85 -13.05
O3 NAG GA . 35.10 9.16 -10.54
O4 NAG GA . 32.78 8.36 -9.06
O5 NAG GA . 31.79 7.46 -12.47
O6 NAG GA . 29.79 8.84 -11.40
O7 NAG GA . 35.71 9.87 -13.88
C1 BMA GA . 32.60 9.63 -8.29
C2 BMA GA . 32.29 9.22 -6.83
C3 BMA GA . 32.09 10.47 -5.98
C4 BMA GA . 33.40 11.27 -6.08
C5 BMA GA . 33.67 11.63 -7.54
C6 BMA GA . 34.97 12.39 -7.63
O2 BMA GA . 33.37 8.46 -6.31
O3 BMA GA . 31.87 10.08 -4.63
O4 BMA GA . 33.29 12.45 -5.31
O5 BMA GA . 33.79 10.42 -8.33
O6 BMA GA . 36.09 11.52 -7.43
C1 MAN GA . 30.66 10.69 -4.03
C2 MAN GA . 30.55 10.30 -2.52
C3 MAN GA . 30.35 8.78 -2.43
C4 MAN GA . 29.03 8.45 -3.14
C5 MAN GA . 29.19 8.85 -4.60
C6 MAN GA . 27.94 8.49 -5.36
O2 MAN GA . 29.41 10.98 -1.97
O3 MAN GA . 30.35 8.31 -1.09
O4 MAN GA . 28.73 7.07 -3.05
O5 MAN GA . 29.45 10.28 -4.71
O6 MAN GA . 27.53 7.19 -4.99
C1 MAN GA . 29.66 11.47 -0.57
C2 MAN GA . 28.31 11.77 0.13
C3 MAN GA . 27.57 12.90 -0.60
C4 MAN GA . 28.50 14.12 -0.55
C5 MAN GA . 29.81 13.78 -1.25
C6 MAN GA . 30.73 14.97 -1.24
O2 MAN GA . 28.55 12.14 1.48
O3 MAN GA . 26.33 13.18 0.05
O4 MAN GA . 27.90 15.24 -1.18
O5 MAN GA . 30.46 12.66 -0.58
O6 MAN GA . 29.98 16.15 -1.48
C1 MAN GA . 37.30 12.20 -6.84
C2 MAN GA . 38.59 11.69 -7.53
C3 MAN GA . 38.77 10.19 -7.30
C4 MAN GA . 38.85 9.99 -5.79
C5 MAN GA . 37.57 10.51 -5.15
C6 MAN GA . 37.63 10.31 -3.66
O2 MAN GA . 39.70 12.39 -6.99
O3 MAN GA . 39.96 9.73 -7.93
O4 MAN GA . 39.01 8.61 -5.50
O5 MAN GA . 37.38 11.93 -5.44
O6 MAN GA . 37.66 8.91 -3.37
C1 MAN GA . 37.75 8.63 -1.91
C2 MAN GA . 38.19 7.15 -1.68
C3 MAN GA . 37.12 6.20 -2.20
C4 MAN GA . 35.83 6.51 -1.44
C5 MAN GA . 35.44 7.97 -1.71
C6 MAN GA . 34.16 8.30 -0.97
O2 MAN GA . 38.38 6.94 -0.29
O3 MAN GA . 37.51 4.84 -1.98
O4 MAN GA . 34.77 5.67 -1.85
O5 MAN GA . 36.50 8.85 -1.25
O6 MAN GA . 33.24 7.22 -1.07
C1 NAG HA . 38.84 13.94 -20.78
C2 NAG HA . 39.72 14.57 -21.90
C3 NAG HA . 41.04 13.83 -21.92
C4 NAG HA . 41.69 14.00 -20.55
C5 NAG HA . 40.75 13.40 -19.51
C6 NAG HA . 41.31 13.48 -18.11
C7 NAG HA . 38.60 15.44 -23.87
C8 NAG HA . 37.77 15.14 -25.08
N2 NAG HA . 39.01 14.41 -23.17
O3 NAG HA . 41.87 14.36 -22.96
O4 NAG HA . 42.92 13.27 -20.47
O5 NAG HA . 39.48 14.07 -19.50
O6 NAG HA . 41.82 14.78 -17.85
O7 NAG HA . 38.92 16.58 -23.54
C1 NAG HA . 44.12 14.16 -20.41
C2 NAG HA . 45.31 13.34 -19.85
C3 NAG HA . 46.53 14.26 -19.81
C4 NAG HA . 46.80 14.72 -21.25
C5 NAG HA . 45.58 15.48 -21.76
C6 NAG HA . 45.80 15.91 -23.19
C7 NAG HA . 44.86 11.65 -18.19
C8 NAG HA . 44.46 11.34 -16.78
N2 NAG HA . 44.97 12.92 -18.51
O3 NAG HA . 47.65 13.55 -19.30
O4 NAG HA . 47.94 15.56 -21.26
O5 NAG HA . 44.42 14.63 -21.73
O6 NAG HA . 47.18 15.91 -23.51
O7 NAG HA . 45.06 10.75 -19.01
C1 NAG IA . 29.77 25.31 -3.56
C2 NAG IA . 31.27 24.88 -3.44
C3 NAG IA . 31.55 24.43 -2.02
C4 NAG IA . 31.23 25.60 -1.09
C5 NAG IA . 29.76 25.96 -1.26
C6 NAG IA . 29.34 27.07 -0.31
C7 NAG IA . 32.23 23.89 -5.41
C8 NAG IA . 32.40 22.65 -6.23
N2 NAG IA . 31.53 23.76 -4.32
O3 NAG IA . 32.92 24.07 -1.88
O4 NAG IA . 31.48 25.23 0.27
O5 NAG IA . 29.50 26.37 -2.63
O6 NAG IA . 30.14 28.23 -0.49
O7 NAG IA . 32.73 24.97 -5.72
C1 NAG IA . 32.53 26.12 0.86
C2 NAG IA . 32.57 25.92 2.39
C3 NAG IA . 33.61 26.87 2.97
C4 NAG IA . 34.98 26.51 2.36
C5 NAG IA . 34.85 26.65 0.83
C6 NAG IA . 36.13 26.26 0.15
C7 NAG IA . 30.48 25.28 3.43
C8 NAG IA . 29.17 25.73 3.98
N2 NAG IA . 31.27 26.23 2.95
O3 NAG IA . 33.64 26.72 4.39
O4 NAG IA . 35.97 27.43 2.85
O5 NAG IA . 33.81 25.81 0.31
O6 NAG IA . 37.15 27.22 0.38
O7 NAG IA . 30.82 24.10 3.42
C1 BMA IA . 36.99 26.77 3.71
C2 BMA IA . 38.18 27.73 3.94
C3 BMA IA . 39.22 27.04 4.82
C4 BMA IA . 38.54 26.69 6.14
C5 BMA IA . 37.36 25.76 5.87
C6 BMA IA . 36.64 25.43 7.17
O2 BMA IA . 37.71 28.91 4.59
O3 BMA IA . 40.32 27.91 5.04
O4 BMA IA . 39.47 26.04 6.99
O5 BMA IA . 36.42 26.42 4.97
O6 BMA IA . 35.49 24.62 6.95
C1 MAN IA . 34.86 24.20 8.24
C2 MAN IA . 33.70 23.19 8.00
C3 MAN IA . 32.56 23.85 7.20
C4 MAN IA . 32.08 25.04 8.04
C5 MAN IA . 33.25 26.00 8.25
C6 MAN IA . 32.78 27.20 9.02
O2 MAN IA . 33.21 22.74 9.25
O3 MAN IA . 31.50 22.92 7.01
O4 MAN IA . 31.02 25.72 7.39
O5 MAN IA . 34.34 25.34 8.95
O6 MAN IA . 31.57 27.70 8.46
C1 NAG JA . 35.62 21.17 -23.18
C2 NAG JA . 35.78 21.41 -21.64
C3 NAG JA . 35.57 22.89 -21.43
C4 NAG JA . 36.58 23.66 -22.25
C5 NAG JA . 36.40 23.30 -23.71
C6 NAG JA . 37.37 24.06 -24.58
C7 NAG JA . 35.03 19.51 -20.39
C8 NAG JA . 33.90 18.69 -19.86
N2 NAG JA . 34.76 20.65 -20.96
O3 NAG JA . 35.76 23.18 -20.04
O4 NAG JA . 36.33 25.06 -22.15
O5 NAG JA . 36.60 21.90 -23.93
O6 NAG JA . 37.72 23.31 -25.72
O7 NAG JA . 36.20 19.13 -20.29
C1 NAG JA . 37.24 25.75 -21.21
C2 NAG JA . 37.68 27.10 -21.81
C3 NAG JA . 38.66 27.73 -20.87
C4 NAG JA . 37.98 27.96 -19.53
C5 NAG JA . 37.47 26.61 -19.04
C6 NAG JA . 36.71 26.80 -17.76
C7 NAG JA . 38.08 27.76 -24.07
C8 NAG JA . 38.78 27.53 -25.37
N2 NAG JA . 38.31 26.92 -23.10
O3 NAG JA . 39.08 28.94 -21.47
O4 NAG JA . 38.97 28.30 -18.58
O5 NAG JA . 36.58 25.98 -19.97
O6 NAG JA . 37.04 25.80 -16.81
O7 NAG JA . 37.32 28.70 -23.92
C1 BMA JA . 38.99 29.73 -18.23
C2 BMA JA . 39.79 29.85 -16.93
C3 BMA JA . 39.93 31.32 -16.56
C4 BMA JA . 40.67 32.00 -17.72
C5 BMA JA . 39.83 31.83 -18.99
C6 BMA JA . 40.54 32.44 -20.17
O2 BMA JA . 41.07 29.28 -17.14
O3 BMA JA . 40.66 31.40 -15.34
O4 BMA JA . 40.87 33.36 -17.44
O5 BMA JA . 39.65 30.43 -19.27
O6 BMA JA . 41.82 31.84 -20.31
C1 MAN JA . 40.25 32.54 -14.50
C2 MAN JA . 41.10 32.56 -13.23
C3 MAN JA . 40.73 31.36 -12.37
C4 MAN JA . 39.24 31.42 -12.03
C5 MAN JA . 38.49 31.36 -13.34
C6 MAN JA . 37.02 31.42 -13.09
O2 MAN JA . 40.93 33.80 -12.53
O3 MAN JA . 41.50 31.35 -11.17
O4 MAN JA . 38.88 30.33 -11.21
O5 MAN JA . 38.85 32.50 -14.15
O6 MAN JA . 36.68 30.85 -11.84
C1 MAN JA . 42.25 34.50 -12.39
C2 MAN JA . 42.19 35.62 -11.32
C3 MAN JA . 41.20 36.68 -11.76
C4 MAN JA . 41.74 37.23 -13.09
C5 MAN JA . 41.78 36.12 -14.11
C6 MAN JA . 42.27 36.65 -15.43
O2 MAN JA . 43.47 36.23 -11.18
O3 MAN JA . 41.07 37.74 -10.80
O4 MAN JA . 40.89 38.26 -13.58
O5 MAN JA . 42.67 35.08 -13.64
O6 MAN JA . 41.53 37.82 -15.77
C1 MAN JA . 44.42 35.44 -10.32
C2 MAN JA . 44.47 36.05 -8.90
C3 MAN JA . 45.02 37.47 -8.96
C4 MAN JA . 46.41 37.39 -9.57
C5 MAN JA . 46.30 36.79 -10.97
C6 MAN JA . 47.66 36.70 -11.61
O2 MAN JA . 45.29 35.23 -8.08
O3 MAN JA . 45.09 38.01 -7.64
O4 MAN JA . 46.99 38.68 -9.65
O5 MAN JA . 45.73 35.45 -10.89
O6 MAN JA . 48.37 37.93 -11.46
C1 MAN JA . 42.45 32.10 -21.63
C2 MAN JA . 43.75 31.26 -21.73
C3 MAN JA . 44.70 31.68 -20.61
C4 MAN JA . 45.02 33.16 -20.82
C5 MAN JA . 43.70 33.93 -20.75
C6 MAN JA . 43.95 35.41 -20.94
O2 MAN JA . 44.34 31.48 -22.99
O3 MAN JA . 45.90 30.88 -20.67
O4 MAN JA . 45.87 33.60 -19.78
O5 MAN JA . 42.77 33.49 -21.77
O6 MAN JA . 44.48 35.68 -22.23
C1 MAN JA . 46.32 30.40 -19.32
C2 MAN JA . 47.69 29.69 -19.39
C3 MAN JA . 47.59 28.42 -20.25
C4 MAN JA . 46.56 27.51 -19.58
C5 MAN JA . 45.23 28.26 -19.54
C6 MAN JA . 44.18 27.37 -18.90
O2 MAN JA . 48.10 29.33 -18.08
O3 MAN JA . 48.86 27.76 -20.31
O4 MAN JA . 46.40 26.31 -20.34
O5 MAN JA . 45.35 29.48 -18.78
O6 MAN JA . 44.23 26.07 -19.48
C1 MAN JA . 45.62 36.67 -22.22
C2 MAN JA . 45.13 38.11 -21.90
C3 MAN JA . 44.14 38.58 -22.97
C4 MAN JA . 44.90 38.56 -24.30
C5 MAN JA . 45.36 37.13 -24.57
C6 MAN JA . 46.11 37.10 -25.88
O2 MAN JA . 46.26 38.96 -21.88
O3 MAN JA . 43.71 39.91 -22.67
O4 MAN JA . 44.05 38.99 -25.36
O5 MAN JA . 46.25 36.67 -23.51
O6 MAN JA . 45.41 37.86 -26.85
C1 NAG KA . 20.88 21.16 -31.43
C2 NAG KA . 19.32 21.01 -31.54
C3 NAG KA . 18.96 21.46 -32.94
C4 NAG KA . 19.41 22.90 -33.17
C5 NAG KA . 20.92 22.93 -32.96
C6 NAG KA . 21.49 24.30 -33.20
C7 NAG KA . 18.58 19.08 -30.27
C8 NAG KA . 18.30 17.61 -30.26
N2 NAG KA . 18.97 19.61 -31.39
O3 NAG KA . 17.55 21.38 -33.12
O4 NAG KA . 19.18 23.25 -34.53
O5 NAG KA . 21.29 22.51 -31.64
O6 NAG KA . 22.78 24.42 -32.59
O7 NAG KA . 18.46 19.78 -29.25
C1 NAG KA . 18.23 24.40 -34.65
C2 NAG KA . 18.37 25.02 -36.06
C3 NAG KA . 17.40 26.21 -36.13
C4 NAG KA . 15.97 25.68 -35.93
C5 NAG KA . 15.93 25.01 -34.54
C6 NAG KA . 14.57 24.39 -34.29
C7 NAG KA . 20.48 25.08 -37.23
C8 NAG KA . 21.86 25.63 -37.30
N2 NAG KA . 19.73 25.50 -36.25
O3 NAG KA . 17.54 26.85 -37.40
O4 NAG KA . 15.06 26.80 -35.92
O5 NAG KA . 16.90 23.94 -34.45
O6 NAG KA . 13.59 25.38 -34.06
O7 NAG KA . 20.07 24.27 -38.06
C1 BMA KA . 14.14 26.82 -37.10
C2 BMA KA . 13.09 27.95 -36.93
C3 BMA KA . 12.17 27.97 -38.14
C4 BMA KA . 13.03 28.23 -39.37
C5 BMA KA . 14.06 27.10 -39.49
C6 BMA KA . 14.96 27.35 -40.68
O2 BMA KA . 13.76 29.19 -36.81
O3 BMA KA . 11.20 29.02 -37.99
O4 BMA KA . 12.22 28.25 -40.53
O5 BMA KA . 14.88 27.06 -38.30
O6 BMA KA . 14.19 27.57 -41.86
C1 NAG LA . 38.06 3.55 -22.23
C2 NAG LA . 38.21 3.39 -20.69
C3 NAG LA . 39.68 3.56 -20.32
C4 NAG LA . 40.45 2.46 -21.08
C5 NAG LA . 40.22 2.68 -22.58
C6 NAG LA . 41.00 1.68 -23.40
C7 NAG LA . 36.30 4.21 -19.45
C8 NAG LA . 35.53 5.41 -19.02
N2 NAG LA . 37.42 4.44 -20.07
O3 NAG LA . 39.85 3.43 -18.91
O4 NAG LA . 41.86 2.54 -20.77
O5 NAG LA . 38.81 2.55 -22.94
O6 NAG LA . 40.63 0.34 -23.09
O7 NAG LA . 35.92 3.06 -19.22
C1 NAG LA . 42.32 1.34 -20.02
C2 NAG LA . 43.87 1.29 -19.96
C3 NAG LA . 44.25 0.01 -19.20
C4 NAG LA . 43.70 0.07 -17.78
C5 NAG LA . 42.18 0.19 -17.93
C6 NAG LA . 41.52 0.28 -16.58
C7 NAG LA . 45.21 2.14 -21.77
C8 NAG LA . 45.66 1.99 -23.18
N2 NAG LA . 44.39 1.24 -21.31
O3 NAG LA . 45.69 -0.14 -19.18
O4 NAG LA . 44.00 -1.17 -17.11
O5 NAG LA . 41.80 1.36 -18.69
O6 NAG LA . 41.69 -0.94 -15.88
O7 NAG LA . 45.59 3.10 -21.07
C1 BMA LA . 44.99 -1.06 -15.97
C2 BMA LA . 45.85 -2.35 -15.95
C3 BMA LA . 46.80 -2.31 -14.76
C4 BMA LA . 47.68 -1.09 -14.93
C5 BMA LA . 46.80 0.16 -14.98
C6 BMA LA . 47.65 1.39 -15.16
O2 BMA LA . 46.58 -2.43 -17.17
O3 BMA LA . 47.60 -3.50 -14.72
O4 BMA LA . 48.58 -0.98 -13.84
O5 BMA LA . 45.86 0.07 -16.09
O6 BMA LA . 48.62 1.48 -14.12
C1 NAG MA . -1.87 17.15 -19.81
C2 NAG MA . -1.65 18.58 -20.43
C3 NAG MA . -1.81 18.52 -21.94
C4 NAG MA . -0.78 17.55 -22.48
C5 NAG MA . -1.09 16.18 -21.85
C6 NAG MA . -0.14 15.11 -22.34
C7 NAG MA . -2.30 20.77 -19.63
C8 NAG MA . -3.38 21.61 -19.02
N2 NAG MA . -2.60 19.51 -19.89
O3 NAG MA . -1.62 19.82 -22.50
O4 NAG MA . -0.87 17.50 -23.92
O5 NAG MA . -0.96 16.24 -20.40
O6 NAG MA . -0.58 13.83 -21.92
O7 NAG MA . -1.18 21.22 -19.87
C1 NAG MA . 0.32 18.08 -24.66
C2 NAG MA . -0.18 19.16 -25.66
C3 NAG MA . 1.01 19.67 -26.48
C4 NAG MA . 2.01 20.27 -25.49
C5 NAG MA . 2.43 19.19 -24.51
C6 NAG MA . 3.42 19.77 -23.53
C7 NAG MA . -2.04 19.29 -27.20
C8 NAG MA . -3.00 18.59 -28.10
N2 NAG MA . -1.16 18.56 -26.56
O3 NAG MA . 0.60 20.66 -27.42
O4 NAG MA . 3.14 20.79 -26.16
O5 NAG MA . 1.30 18.67 -23.79
O6 NAG MA . 4.23 20.74 -24.19
O7 NAG MA . -2.07 20.52 -27.05
C1 NAG NA . 13.30 -7.46 -44.23
C2 NAG NA . 13.57 -8.69 -45.18
C3 NAG NA . 12.92 -8.31 -46.50
C4 NAG NA . 11.41 -8.06 -46.40
C5 NAG NA . 11.27 -6.92 -45.36
C6 NAG NA . 9.84 -6.64 -44.98
C7 NAG NA . 15.73 -9.73 -44.79
C8 NAG NA . 17.20 -9.65 -45.01
N2 NAG NA . 15.01 -8.80 -45.37
O3 NAG NA . 13.14 -9.35 -47.45
O4 NAG NA . 11.07 -7.65 -47.75
O5 NAG NA . 11.89 -7.23 -44.09
O6 NAG NA . 9.76 -6.30 -43.59
O7 NAG NA . 15.21 -10.63 -44.12
C1 NAG NA . 9.60 -7.62 -48.06
C2 NAG NA . 9.41 -7.74 -49.59
C3 NAG NA . 7.92 -7.60 -49.91
C4 NAG NA . 7.19 -8.72 -49.18
C5 NAG NA . 7.46 -8.58 -47.68
C6 NAG NA . 6.77 -9.69 -46.91
C7 NAG NA . 10.68 -6.86 -51.45
C8 NAG NA . 11.45 -5.72 -52.04
N2 NAG NA . 10.16 -6.69 -50.25
O3 NAG NA . 7.70 -7.71 -51.32
O4 NAG NA . 5.81 -8.64 -49.43
O5 NAG NA . 8.88 -8.66 -47.40
O6 NAG NA . 5.40 -9.77 -47.28
O7 NAG NA . 10.54 -7.93 -52.06
C1 NAG OA . -48.81 14.82 -16.46
C2 NAG OA . -49.23 13.99 -15.21
C3 NAG OA . -50.21 13.03 -15.84
C4 NAG OA . -51.37 13.76 -16.52
C5 NAG OA . -50.81 14.76 -17.53
C6 NAG OA . -51.89 15.69 -17.99
C7 NAG OA . -47.92 13.23 -13.34
C8 NAG OA . -46.71 12.49 -12.85
N2 NAG OA . -48.10 13.29 -14.63
O3 NAG OA . -50.73 12.18 -14.80
O4 NAG OA . -51.86 12.70 -17.36
O5 NAG OA . -49.84 15.65 -16.99
O6 NAG OA . -52.65 16.15 -16.88
O7 NAG OA . -48.71 13.77 -12.54
C1 NAG OA . -53.32 12.62 -17.52
C2 NAG OA . -53.78 11.30 -16.90
C3 NAG OA . -55.28 11.18 -17.13
C4 NAG OA . -55.90 12.41 -16.48
C5 NAG OA . -55.37 13.68 -17.14
C6 NAG OA . -55.91 14.95 -16.54
C7 NAG OA . -52.39 9.29 -16.97
C8 NAG OA . -51.75 8.26 -17.83
N2 NAG OA . -53.10 10.21 -17.59
O3 NAG OA . -55.76 9.97 -16.53
O4 NAG OA . -57.29 12.37 -16.66
O5 NAG OA . -53.96 13.74 -16.94
O6 NAG OA . -55.06 15.41 -15.51
O7 NAG OA . -52.25 9.30 -15.75
C1 BMA OA . -57.99 11.81 -15.48
C2 BMA OA . -58.80 12.94 -14.85
C3 BMA OA . -59.60 12.47 -13.63
C4 BMA OA . -60.51 11.38 -14.24
C5 BMA OA . -59.72 10.25 -14.90
C6 BMA OA . -60.65 9.29 -15.65
O2 BMA OA . -59.74 13.42 -15.79
O3 BMA OA . -60.39 13.57 -13.18
O4 BMA OA . -61.32 10.85 -13.22
O5 BMA OA . -58.90 10.83 -15.92
O6 BMA OA . -59.97 8.32 -16.46
C1 MAN OA . -59.35 8.84 -17.75
C2 MAN OA . -60.13 8.53 -19.02
C3 MAN OA . -60.17 7.09 -19.44
C4 MAN OA . -58.68 6.71 -19.53
C5 MAN OA . -57.96 6.96 -18.21
C6 MAN OA . -56.52 6.53 -18.32
O2 MAN OA . -59.51 9.25 -20.08
O3 MAN OA . -60.68 7.31 -20.74
O4 MAN OA . -58.56 5.33 -19.85
O5 MAN OA . -58.01 8.37 -17.89
O6 MAN OA . -56.44 5.15 -18.62
C1 MAN OA . -61.36 6.18 -21.41
C2 MAN OA . -60.62 5.96 -22.76
C3 MAN OA . -60.62 7.27 -23.55
C4 MAN OA . -62.09 7.66 -23.79
C5 MAN OA . -62.79 7.79 -22.44
C6 MAN OA . -64.25 8.12 -22.64
O2 MAN OA . -61.30 4.96 -23.49
O3 MAN OA . -59.96 7.05 -24.81
O4 MAN OA . -62.08 8.92 -24.42
O5 MAN OA . -62.72 6.56 -21.67
O6 MAN OA . -64.75 7.44 -23.80
C1 MAN OA . -66.21 7.16 -23.76
C2 MAN OA . -66.63 6.28 -24.95
C3 MAN OA . -66.39 7.02 -26.28
C4 MAN OA . -67.25 8.29 -26.26
C5 MAN OA . -66.79 9.11 -25.05
C6 MAN OA . -67.59 10.36 -24.93
O2 MAN OA . -68.01 5.97 -24.82
O3 MAN OA . -66.76 6.19 -27.39
O4 MAN OA . -67.06 9.00 -27.49
O5 MAN OA . -66.96 8.38 -23.81
O6 MAN OA . -68.94 10.17 -25.31
C1 MAN OA . -59.96 14.45 -12.01
C2 MAN OA . -59.79 15.96 -12.40
C3 MAN OA . -58.44 16.21 -13.09
C4 MAN OA . -57.36 15.77 -12.08
C5 MAN OA . -57.50 14.29 -11.76
C6 MAN OA . -56.50 13.92 -10.71
O2 MAN OA . -59.82 16.84 -11.27
O3 MAN OA . -58.28 17.59 -13.39
O4 MAN OA . -56.06 16.03 -12.59
O5 MAN OA . -58.83 14.05 -11.21
O6 MAN OA . -55.22 14.38 -11.06
C1 MAN OA . -61.17 17.28 -10.74
C2 MAN OA . -62.13 17.95 -11.79
C3 MAN OA . -61.51 19.20 -12.41
C4 MAN OA . -61.23 20.14 -11.24
C5 MAN OA . -60.31 19.46 -10.25
C6 MAN OA . -60.02 20.44 -9.15
O2 MAN OA . -63.31 18.34 -11.11
O3 MAN OA . -62.46 19.82 -13.28
O4 MAN OA . -60.60 21.33 -11.71
O5 MAN OA . -60.92 18.24 -9.71
O6 MAN OA . -59.42 21.59 -9.74
C1 NAG PA . -16.45 -56.21 -12.14
C2 NAG PA . -15.15 -56.38 -13.00
C3 NAG PA . -15.50 -57.17 -14.26
C4 NAG PA . -16.00 -58.55 -13.81
C5 NAG PA . -17.23 -58.32 -12.91
C6 NAG PA . -17.78 -59.61 -12.36
C7 NAG PA . -13.57 -54.64 -12.56
C8 NAG PA . -12.94 -53.32 -12.82
N2 NAG PA . -14.56 -55.08 -13.31
O3 NAG PA . -14.33 -57.30 -15.09
O4 NAG PA . -16.43 -59.30 -14.97
O5 NAG PA . -16.92 -57.51 -11.75
O6 NAG PA . -16.76 -60.33 -11.68
O7 NAG PA . -13.17 -55.36 -11.64
C1 NAG PA . -15.68 -60.59 -15.13
C2 NAG PA . -16.54 -61.62 -15.92
C3 NAG PA . -15.75 -62.92 -16.07
C4 NAG PA . -14.47 -62.59 -16.83
C5 NAG PA . -13.68 -61.58 -16.03
C6 NAG PA . -12.41 -61.21 -16.76
C7 NAG PA . -18.95 -61.79 -15.72
C8 NAG PA . -20.12 -62.05 -14.83
N2 NAG PA . -17.76 -61.89 -15.19
O3 NAG PA . -16.53 -63.87 -16.79
O4 NAG PA . -13.71 -63.78 -16.98
O5 NAG PA . -14.45 -60.36 -15.84
O6 NAG PA . -11.71 -62.38 -17.18
O7 NAG PA . -19.10 -61.48 -16.91
C1 NAG QA . -27.18 23.70 -5.29
C2 NAG QA . -28.54 23.17 -5.84
C3 NAG QA . -29.37 24.35 -6.34
C4 NAG QA . -29.56 25.23 -5.10
C5 NAG QA . -28.20 25.68 -4.53
C6 NAG QA . -28.40 26.50 -3.28
C7 NAG QA . -27.45 21.83 -7.67
C8 NAG QA . -27.59 20.56 -8.45
N2 NAG QA . -28.45 22.10 -6.84
O3 NAG QA . -30.62 23.87 -6.83
O4 NAG QA . -30.51 26.30 -5.30
O5 NAG QA . -27.40 24.55 -4.15
O6 NAG QA . -27.42 26.20 -2.30
O7 NAG QA . -26.46 22.57 -7.83
C1 NAG QA . -30.10 27.36 -6.29
C2 NAG QA . -31.34 27.77 -7.13
C3 NAG QA . -30.91 28.82 -8.16
C4 NAG QA . -30.38 30.01 -7.36
C5 NAG QA . -29.19 29.56 -6.52
C6 NAG QA . -28.66 30.71 -5.70
C7 NAG QA . -33.16 26.30 -7.76
C8 NAG QA . -33.60 25.06 -8.49
N2 NAG QA . -31.87 26.61 -7.82
O3 NAG QA . -32.03 29.21 -8.95
O4 NAG QA . -29.96 31.03 -8.26
O5 NAG QA . -29.60 28.51 -5.60
O6 NAG QA . -28.33 31.81 -6.54
O7 NAG QA . -33.96 26.99 -7.12
C1 NAG RA . -19.25 23.96 -3.08
C2 NAG RA . -18.74 25.23 -3.83
C3 NAG RA . -19.42 26.43 -3.18
C4 NAG RA . -20.93 26.28 -3.38
C5 NAG RA . -21.34 24.95 -2.75
C6 NAG RA . -22.81 24.73 -2.91
C7 NAG RA . -16.55 25.33 -4.84
C8 NAG RA . -15.07 25.35 -4.66
N2 NAG RA . -17.28 25.33 -3.75
O3 NAG RA . -18.91 27.62 -3.77
O4 NAG RA . -21.59 27.32 -2.65
O5 NAG RA . -20.66 23.79 -3.29
O6 NAG RA . -23.21 23.52 -2.28
O7 NAG RA . -17.07 25.32 -5.96
C1 NAG RA . -22.22 28.34 -3.55
C2 NAG RA . -22.88 29.44 -2.67
C3 NAG RA . -23.53 30.49 -3.57
C4 NAG RA . -22.40 31.09 -4.42
C5 NAG RA . -21.76 29.98 -5.25
C6 NAG RA . -20.60 30.53 -6.05
C7 NAG RA . -24.11 29.21 -0.60
C8 NAG RA . -25.17 28.48 0.16
N2 NAG RA . -23.90 28.81 -1.83
O3 NAG RA . -24.14 31.50 -2.78
O4 NAG RA . -22.94 32.08 -5.28
O5 NAG RA . -21.23 28.96 -4.37
O6 NAG RA . -20.84 31.88 -6.43
O7 NAG RA . -23.48 30.14 -0.11
C1 NAG SA . -31.59 -39.45 -1.51
C2 NAG SA . -30.43 -40.42 -1.06
C3 NAG SA . -31.10 -41.69 -0.50
C4 NAG SA . -31.94 -41.26 0.71
C5 NAG SA . -33.03 -40.32 0.21
C6 NAG SA . -33.89 -39.86 1.37
C7 NAG SA . -28.63 -41.58 -2.35
C8 NAG SA . -27.74 -41.37 -3.53
N2 NAG SA . -29.56 -40.67 -2.21
O3 NAG SA . -30.17 -42.70 -0.10
O4 NAG SA . -32.50 -42.43 1.35
O5 NAG SA . -32.43 -39.16 -0.38
O6 NAG SA . -35.03 -39.15 0.89
O7 NAG SA . -28.50 -42.57 -1.64
C1 NAG SA . -32.01 -42.86 2.75
C2 NAG SA . -30.77 -42.12 3.38
C3 NAG SA . -30.47 -42.78 4.74
C4 NAG SA . -31.70 -42.63 5.63
C5 NAG SA . -32.85 -43.33 4.93
C6 NAG SA . -34.11 -43.29 5.77
C7 NAG SA . -28.59 -41.37 2.64
C8 NAG SA . -27.44 -41.53 1.68
N2 NAG SA . -29.59 -42.23 2.53
O3 NAG SA . -29.34 -42.16 5.37
O4 NAG SA . -31.46 -43.23 6.89
O5 NAG SA . -33.12 -42.75 3.63
O6 NAG SA . -33.88 -43.79 7.07
O7 NAG SA . -28.61 -40.49 3.50
C1 NAG TA . -21.80 -44.71 -16.18
C2 NAG TA . -22.87 -44.96 -17.29
C3 NAG TA . -22.09 -45.02 -18.61
C4 NAG TA . -21.33 -43.72 -18.83
C5 NAG TA . -20.41 -43.52 -17.65
C6 NAG TA . -19.68 -42.21 -17.74
C7 NAG TA . -24.70 -46.26 -16.44
C8 NAG TA . -25.25 -47.61 -16.15
N2 NAG TA . -23.54 -46.21 -17.04
O3 NAG TA . -22.98 -45.25 -19.70
O4 NAG TA . -20.46 -43.91 -19.97
O5 NAG TA . -21.11 -43.48 -16.39
O6 NAG TA . -18.60 -42.16 -16.81
O7 NAG TA . -25.29 -45.23 -16.14
C1 NAG TA . -20.78 -43.00 -21.11
C2 NAG TA . -19.56 -42.99 -22.07
C3 NAG TA . -19.92 -42.08 -23.24
C4 NAG TA . -21.17 -42.62 -23.92
C5 NAG TA . -22.32 -42.64 -22.91
C6 NAG TA . -23.56 -43.20 -23.53
C7 NAG TA . -17.36 -43.19 -21.03
C8 NAG TA . -16.29 -42.50 -20.24
N2 NAG TA . -18.42 -42.46 -21.35
O3 NAG TA . -18.83 -42.04 -24.18
O4 NAG TA . -21.51 -41.80 -25.02
O5 NAG TA . -21.96 -43.46 -21.77
O6 NAG TA . -23.79 -42.60 -24.80
O7 NAG TA . -17.26 -44.36 -21.38
C1 NAG UA . -25.65 -16.65 -19.68
C2 NAG UA . -25.03 -15.27 -19.29
C3 NAG UA . -25.34 -14.31 -20.41
C4 NAG UA . -24.80 -14.81 -21.75
C5 NAG UA . -25.43 -16.17 -21.96
C6 NAG UA . -25.04 -16.77 -23.30
C7 NAG UA . -25.17 -14.60 -16.96
C8 NAG UA . -26.04 -14.08 -15.88
N2 NAG UA . -25.73 -14.79 -18.12
O3 NAG UA . -24.75 -13.05 -20.11
O4 NAG UA . -25.31 -13.94 -22.77
O5 NAG UA . -25.13 -17.12 -20.94
O6 NAG UA . -23.64 -16.72 -23.51
O7 NAG UA . -23.98 -14.86 -16.77
C1 NAG UA . -24.25 -13.21 -23.49
C2 NAG UA . -24.88 -12.56 -24.74
C3 NAG UA . -23.79 -11.86 -25.51
C4 NAG UA . -23.18 -10.79 -24.62
C5 NAG UA . -22.66 -11.46 -23.36
C6 NAG UA . -22.11 -10.44 -22.40
C7 NAG UA . -26.78 -13.44 -25.88
C8 NAG UA . -27.40 -14.55 -26.66
N2 NAG UA . -25.52 -13.57 -25.53
O3 NAG UA . -24.33 -11.28 -26.70
O4 NAG UA . -22.07 -10.28 -25.35
O5 NAG UA . -23.68 -12.19 -22.67
O6 NAG UA . -23.16 -9.72 -21.74
O7 NAG UA . -27.41 -12.43 -25.58
C1 BMA UA . -22.18 -8.84 -25.70
C2 BMA UA . -20.76 -8.37 -26.11
C3 BMA UA . -20.79 -6.89 -26.47
C4 BMA UA . -21.78 -6.77 -27.64
C5 BMA UA . -23.16 -7.26 -27.20
C6 BMA UA . -24.12 -7.15 -28.36
O2 BMA UA . -20.32 -9.13 -27.22
O3 BMA UA . -19.48 -6.48 -26.91
O4 BMA UA . -21.86 -5.41 -28.04
O5 BMA UA . -23.08 -8.65 -26.79
O6 BMA UA . -23.98 -8.24 -29.26
C1 MAN UA . -18.95 -5.32 -26.12
C2 MAN UA . -17.58 -4.88 -26.69
C3 MAN UA . -16.58 -6.02 -26.47
C4 MAN UA . -16.45 -6.28 -24.98
C5 MAN UA . -17.82 -6.68 -24.49
C6 MAN UA . -17.75 -6.99 -23.02
O2 MAN UA . -17.15 -3.71 -25.98
O3 MAN UA . -15.31 -5.75 -27.05
O4 MAN UA . -15.56 -7.37 -24.79
O5 MAN UA . -18.81 -5.64 -24.72
O6 MAN UA . -16.65 -7.85 -22.80
C1 MAN UA . -16.46 -2.72 -26.87
C2 MAN UA . -15.71 -1.66 -26.01
C3 MAN UA . -16.71 -0.85 -25.19
C4 MAN UA . -17.65 -0.18 -26.19
C5 MAN UA . -18.36 -1.26 -26.99
C6 MAN UA . -19.32 -0.62 -27.97
O2 MAN UA . -14.97 -0.80 -26.87
O3 MAN UA . -16.02 0.14 -24.42
O4 MAN UA . -18.60 0.64 -25.52
O5 MAN UA . -17.39 -2.05 -27.72
O6 MAN UA . -19.95 0.49 -27.37
C1 MAN UA . -24.26 -7.90 -30.70
C2 MAN UA . -24.93 -9.09 -31.42
C3 MAN UA . -23.99 -10.30 -31.43
C4 MAN UA . -22.73 -9.87 -32.19
C5 MAN UA . -22.12 -8.69 -31.46
C6 MAN UA . -20.88 -8.25 -32.19
O2 MAN UA . -25.25 -8.71 -32.74
O3 MAN UA . -24.61 -11.40 -32.10
O4 MAN UA . -21.81 -10.95 -32.23
O5 MAN UA . -23.05 -7.57 -31.40
O6 MAN UA . -19.91 -9.30 -32.13
C1 MAN UA . -18.66 -8.97 -32.87
C2 MAN UA . -17.75 -10.23 -32.98
C3 MAN UA . -17.29 -10.66 -31.58
C4 MAN UA . -16.52 -9.49 -30.98
C5 MAN UA . -17.45 -8.29 -30.89
C6 MAN UA . -16.73 -7.12 -30.28
O2 MAN UA . -16.63 -9.93 -33.79
O3 MAN UA . -16.45 -11.82 -31.68
O4 MAN UA . -16.02 -9.80 -29.69
O5 MAN UA . -17.93 -7.92 -32.22
O6 MAN UA . -15.73 -7.56 -29.37
C1 NAG VA . -35.92 -13.69 -25.63
C2 NAG VA . -37.40 -14.07 -25.93
C3 NAG VA . -37.38 -15.18 -26.97
C4 NAG VA . -36.67 -14.65 -28.21
C5 NAG VA . -35.25 -14.25 -27.80
C6 NAG VA . -34.45 -13.75 -28.97
C7 NAG VA . -39.01 -13.87 -24.13
C8 NAG VA . -39.46 -14.34 -22.78
N2 NAG VA . -38.02 -14.53 -24.69
O3 NAG VA . -38.72 -15.58 -27.27
O4 NAG VA . -36.56 -15.68 -29.20
O5 NAG VA . -35.26 -13.23 -26.80
O6 NAG VA . -35.19 -12.81 -29.74
O7 NAG VA . -39.53 -12.93 -24.72
C1 NAG VA . -37.41 -15.42 -30.40
C2 NAG VA . -36.88 -16.25 -31.58
C3 NAG VA . -37.77 -16.00 -32.79
C4 NAG VA . -39.19 -16.42 -32.42
C5 NAG VA . -39.66 -15.58 -31.22
C6 NAG VA . -41.04 -16.02 -30.80
C7 NAG VA . -34.49 -16.62 -31.73
C8 NAG VA . -33.14 -16.03 -32.02
N2 NAG VA . -35.53 -15.82 -31.87
O3 NAG VA . -37.31 -16.76 -33.91
O4 NAG VA . -40.06 -16.21 -33.52
O5 NAG VA . -38.75 -15.79 -30.11
O6 NAG VA . -41.70 -16.70 -31.84
O7 NAG VA . -34.62 -17.79 -31.37
C1 NAG WA . -26.97 6.88 -27.64
C2 NAG WA . -27.11 6.02 -28.94
C3 NAG WA . -25.88 6.22 -29.80
C4 NAG WA . -25.78 7.70 -30.13
C5 NAG WA . -25.65 8.48 -28.84
C6 NAG WA . -25.47 9.97 -29.07
C7 NAG WA . -28.28 3.94 -28.69
C8 NAG WA . -28.22 2.52 -28.26
N2 NAG WA . -27.18 4.62 -28.59
O3 NAG WA . -25.99 5.46 -31.01
O4 NAG WA . -24.63 7.96 -30.96
O5 NAG WA . -26.82 8.26 -28.01
O6 NAG WA . -26.54 10.50 -29.84
O7 NAG WA . -29.31 4.46 -29.12
C1 NAG WA . -25.04 8.52 -32.27
C2 NAG WA . -23.80 9.06 -33.01
C3 NAG WA . -24.26 9.69 -34.33
C4 NAG WA . -24.94 8.58 -35.17
C5 NAG WA . -26.12 8.04 -34.34
C6 NAG WA . -26.80 6.90 -35.07
C7 NAG WA . -22.00 9.86 -31.61
C8 NAG WA . -21.44 10.98 -30.81
N2 NAG WA . -23.16 10.07 -32.20
O3 NAG WA . -23.13 10.21 -35.02
O4 NAG WA . -25.44 9.16 -36.39
O5 NAG WA . -25.68 7.52 -33.07
O6 NAG WA . -27.51 7.38 -36.20
O7 NAG WA . -21.41 8.78 -31.74
C1 BMA WA . -24.73 8.63 -37.59
C2 BMA WA . -25.50 9.05 -38.87
C3 BMA WA . -24.76 8.50 -40.10
C4 BMA WA . -23.37 9.10 -40.09
C5 BMA WA . -22.64 8.70 -38.80
C6 BMA WA . -21.27 9.32 -38.77
O2 BMA WA . -25.57 10.46 -38.95
O3 BMA WA . -25.46 8.87 -41.28
O4 BMA WA . -22.65 8.62 -41.21
O5 BMA WA . -23.40 9.17 -37.65
O6 BMA WA . -20.57 9.02 -37.56
C1 MAN WA . -19.17 9.53 -37.57
C2 MAN WA . -18.39 9.07 -36.31
C3 MAN WA . -19.01 9.66 -35.04
C4 MAN WA . -18.93 11.19 -35.19
C5 MAN WA . -19.72 11.59 -36.43
C6 MAN WA . -19.70 13.08 -36.57
O2 MAN WA . -17.05 9.48 -36.42
O3 MAN WA . -18.27 9.24 -33.90
O4 MAN WA . -19.48 11.84 -34.06
O5 MAN WA . -19.15 10.97 -37.62
O6 MAN WA . -20.03 13.69 -35.32
C1 NAG XA . -40.84 -7.75 -22.66
C2 NAG XA . -39.96 -6.98 -23.69
C3 NAG XA . -40.59 -5.62 -23.84
C4 NAG XA . -42.03 -5.79 -24.29
C5 NAG XA . -42.78 -6.60 -23.27
C6 NAG XA . -44.22 -6.73 -23.65
C7 NAG XA . -37.65 -7.62 -23.44
C8 NAG XA . -36.37 -7.53 -22.67
N2 NAG XA . -38.64 -6.85 -23.09
O3 NAG XA . -39.88 -4.89 -24.85
O4 NAG XA . -42.70 -4.52 -24.32
O5 NAG XA . -42.19 -7.91 -23.13
O6 NAG XA . -44.89 -7.73 -22.90
O7 NAG XA . -37.78 -8.40 -24.39
C1 NAG XA . -42.72 -3.91 -25.67
C2 NAG XA . -44.10 -3.31 -25.94
C3 NAG XA . -44.09 -2.76 -27.35
C4 NAG XA . -43.01 -1.68 -27.43
C5 NAG XA . -41.69 -2.31 -27.05
C6 NAG XA . -40.62 -1.25 -27.04
C7 NAG XA . -46.30 -4.06 -25.34
C8 NAG XA . -47.30 -5.15 -25.31
N2 NAG XA . -45.13 -4.31 -25.85
O3 NAG XA . -45.38 -2.24 -27.61
O4 NAG XA . -42.82 -1.38 -28.80
O5 NAG XA . -41.72 -2.90 -25.74
O6 NAG XA . -39.41 -1.75 -27.60
O7 NAG XA . -46.56 -2.94 -24.89
C1 BMA XA . -43.41 -0.10 -29.21
C2 BMA XA . -42.75 0.30 -30.54
C3 BMA XA . -43.39 1.58 -31.05
C4 BMA XA . -44.87 1.27 -31.27
C5 BMA XA . -45.47 0.87 -29.92
C6 BMA XA . -46.93 0.55 -30.06
O2 BMA XA . -42.94 -0.75 -31.47
O3 BMA XA . -42.73 1.97 -32.26
O4 BMA XA . -45.54 2.39 -31.80
O5 BMA XA . -44.80 -0.30 -29.41
O6 BMA XA . -47.09 -0.47 -31.03
C1 MAN XA . -42.66 3.44 -32.38
C2 MAN XA . -42.05 3.81 -33.73
C3 MAN XA . -40.58 3.43 -33.72
C4 MAN XA . -39.87 4.15 -32.59
C5 MAN XA . -40.53 3.70 -31.31
C6 MAN XA . -39.88 4.37 -30.13
O2 MAN XA . -42.28 5.18 -34.05
O3 MAN XA . -39.98 3.80 -34.97
O4 MAN XA . -38.50 3.84 -32.57
O5 MAN XA . -41.92 4.04 -31.32
O6 MAN XA . -38.54 4.73 -30.42
C1 MAN XA . -43.03 5.30 -35.34
C2 MAN XA . -42.86 6.71 -35.96
C3 MAN XA . -43.54 7.73 -35.03
C4 MAN XA . -45.01 7.33 -34.93
C5 MAN XA . -45.10 5.94 -34.33
C6 MAN XA . -46.54 5.54 -34.20
O2 MAN XA . -43.49 6.75 -37.24
O3 MAN XA . -43.39 9.06 -35.55
O4 MAN XA . -45.73 8.24 -34.11
O5 MAN XA . -44.42 5.00 -35.17
O6 MAN XA . -47.29 6.60 -33.61
C1 MAN XA . -42.65 6.16 -38.33
C2 MAN XA . -41.93 7.27 -39.12
C3 MAN XA . -42.97 8.15 -39.83
C4 MAN XA . -43.77 7.23 -40.75
C5 MAN XA . -44.45 6.17 -39.91
C6 MAN XA . -45.27 5.26 -40.78
O2 MAN XA . -41.06 6.68 -40.08
O3 MAN XA . -42.28 9.15 -40.60
O4 MAN XA . -44.74 7.98 -41.45
O5 MAN XA . -43.46 5.38 -39.21
O6 MAN XA . -46.08 6.01 -41.67
C1 MAN XA . -48.42 -1.13 -30.98
C2 MAN XA . -48.41 -2.35 -31.94
C3 MAN XA . -48.12 -1.86 -33.36
C4 MAN XA . -49.24 -0.90 -33.74
C5 MAN XA . -49.24 0.25 -32.75
C6 MAN XA . -50.33 1.24 -33.08
O2 MAN XA . -49.66 -2.99 -31.90
O3 MAN XA . -48.07 -2.99 -34.26
O4 MAN XA . -49.00 -0.40 -35.05
O5 MAN XA . -49.44 -0.22 -31.40
O6 MAN XA . -51.62 0.66 -32.93
C1 MAN XA . -46.90 -2.91 -35.20
C2 MAN XA . -46.96 -4.04 -36.25
C3 MAN XA . -46.83 -5.41 -35.58
C4 MAN XA . -45.48 -5.42 -34.85
C5 MAN XA . -45.47 -4.29 -33.82
C6 MAN XA . -44.16 -4.28 -33.09
O2 MAN XA . -45.90 -3.87 -37.18
O3 MAN XA . -46.88 -6.45 -36.55
O4 MAN XA . -45.29 -6.65 -34.18
O5 MAN XA . -45.66 -3.01 -34.48
O6 MAN XA . -43.84 -5.60 -32.67
C1 MAN XA . -52.58 1.01 -34.04
C2 MAN XA . -53.00 2.50 -33.99
C3 MAN XA . -53.75 2.78 -32.67
C4 MAN XA . -54.97 1.87 -32.66
C5 MAN XA . -54.50 0.42 -32.73
C6 MAN XA . -55.69 -0.49 -32.71
O2 MAN XA . -53.87 2.76 -35.08
O3 MAN XA . -54.14 4.16 -32.63
O4 MAN XA . -55.71 2.06 -31.46
O5 MAN XA . -53.74 0.19 -33.95
O6 MAN XA . -56.62 -0.05 -31.73
C1 NAG YA . -42.33 -6.05 -6.03
C2 NAG YA . -41.83 -5.51 -4.64
C3 NAG YA . -43.02 -5.65 -3.70
C4 NAG YA . -44.21 -4.85 -4.21
C5 NAG YA . -44.55 -5.41 -5.59
C6 NAG YA . -45.74 -4.71 -6.19
C7 NAG YA . -39.50 -6.11 -4.37
C8 NAG YA . -38.52 -7.10 -3.82
N2 NAG YA . -40.76 -6.37 -4.15
O3 NAG YA . -42.66 -5.18 -2.39
O4 NAG YA . -45.35 -5.12 -3.38
O5 NAG YA . -43.45 -5.30 -6.51
O6 NAG YA . -45.77 -4.91 -7.59
O7 NAG YA . -39.16 -5.11 -4.99
C1 NAG YA . -45.84 -3.90 -2.68
C2 NAG YA . -47.29 -4.13 -2.22
C3 NAG YA . -47.76 -2.85 -1.52
C4 NAG YA . -46.86 -2.60 -0.30
C5 NAG YA . -45.43 -2.46 -0.82
C6 NAG YA . -44.45 -2.30 0.32
C7 NAG YA . -48.88 -5.46 -3.47
C8 NAG YA . -49.69 -5.61 -4.71
N2 NAG YA . -48.14 -4.39 -3.37
O3 NAG YA . -49.13 -3.01 -1.13
O4 NAG YA . -47.26 -1.36 0.31
O5 NAG YA . -45.01 -3.64 -1.56
O6 NAG YA . -44.59 -1.02 0.93
O7 NAG YA . -48.91 -6.31 -2.57
C1 BMA YA . -47.86 -1.55 1.67
C2 BMA YA . -48.06 -0.16 2.34
C3 BMA YA . -48.69 -0.35 3.72
C4 BMA YA . -50.03 -1.06 3.51
C5 BMA YA . -49.79 -2.41 2.84
C6 BMA YA . -51.10 -3.11 2.58
O2 BMA YA . -48.93 0.63 1.52
O3 BMA YA . -48.89 0.92 4.34
O4 BMA YA . -50.65 -1.27 4.77
O5 BMA YA . -49.13 -2.20 1.56
O6 BMA YA . -51.87 -3.18 3.77
C1 NAG ZA . -30.56 -22.31 -22.82
C2 NAG ZA . -29.37 -21.78 -23.68
C3 NAG ZA . -29.67 -22.06 -25.15
C4 NAG ZA . -29.82 -23.57 -25.29
C5 NAG ZA . -31.00 -24.01 -24.41
C6 NAG ZA . -31.27 -25.48 -24.56
C7 NAG ZA . -28.33 -19.80 -22.73
C8 NAG ZA . -28.48 -18.34 -22.44
N2 NAG ZA . -29.29 -20.35 -23.44
O3 NAG ZA . -28.58 -21.56 -25.96
O4 NAG ZA . -30.08 -23.92 -26.67
O5 NAG ZA . -30.74 -23.72 -23.00
O6 NAG ZA . -30.13 -26.26 -24.19
O7 NAG ZA . -27.36 -20.46 -22.35
C1 NAG ZA . -28.96 -24.71 -27.26
C2 NAG ZA . -29.38 -25.32 -28.63
C3 NAG ZA . -28.19 -26.13 -29.14
C4 NAG ZA . -26.98 -25.20 -29.35
C5 NAG ZA . -26.68 -24.60 -27.97
C6 NAG ZA . -25.53 -23.64 -28.08
C7 NAG ZA . -31.66 -25.98 -29.03
C8 NAG ZA . -32.76 -26.94 -28.72
N2 NAG ZA . -30.52 -26.18 -28.42
O3 NAG ZA . -28.54 -26.79 -30.36
O4 NAG ZA . -25.85 -26.00 -29.76
O5 NAG ZA . -27.81 -23.86 -27.45
O6 NAG ZA . -24.35 -24.35 -28.39
O7 NAG ZA . -31.82 -25.06 -29.83
C1 BMA ZA . -25.39 -25.77 -31.18
C2 BMA ZA . -24.88 -27.12 -31.75
C3 BMA ZA . -24.32 -26.90 -33.15
C4 BMA ZA . -25.45 -26.35 -34.01
C5 BMA ZA . -25.95 -25.04 -33.39
C6 BMA ZA . -27.08 -24.48 -34.22
O2 BMA ZA . -25.97 -28.03 -31.79
O3 BMA ZA . -23.85 -28.14 -33.70
O4 BMA ZA . -24.98 -26.11 -35.32
O5 BMA ZA . -26.42 -25.27 -32.03
O6 BMA ZA . -26.66 -24.30 -35.57
C1 NAG AB . -24.20 5.13 8.53
C2 NAG AB . -25.53 5.95 8.54
C3 NAG AB . -26.51 5.38 9.55
C4 NAG AB . -26.79 3.96 9.07
C5 NAG AB . -25.47 3.19 9.12
C6 NAG AB . -25.64 1.75 8.73
C7 NAG AB . -25.93 8.34 8.38
C8 NAG AB . -25.49 9.71 8.78
N2 NAG AB . -25.26 7.34 8.90
O3 NAG AB . -27.71 6.16 9.58
O4 NAG AB . -27.81 3.37 9.92
O5 NAG AB . -24.52 3.78 8.20
O6 NAG AB . -24.41 1.05 8.89
O7 NAG AB . -26.87 8.17 7.60
C1 NAG AB . -29.05 2.86 9.21
C2 NAG AB . -30.32 3.40 9.93
C3 NAG AB . -31.56 2.80 9.25
C4 NAG AB . -31.54 3.24 7.79
C5 NAG AB . -30.27 2.71 7.16
C6 NAG AB . -30.24 3.12 5.71
C7 NAG AB . -30.96 3.67 12.24
C8 NAG AB . -30.85 3.19 13.65
N2 NAG AB . -30.27 3.02 11.32
O3 NAG AB . -32.76 3.26 9.89
O4 NAG AB . -32.66 2.73 7.10
O5 NAG AB . -29.11 3.24 7.83
O6 NAG AB . -31.55 3.08 5.17
O7 NAG AB . -31.66 4.64 11.94
C1 NAG BB . -32.65 -31.69 10.76
C2 NAG BB . -32.80 -33.24 11.04
C3 NAG BB . -33.74 -33.30 12.24
C4 NAG BB . -33.25 -32.58 13.51
C5 NAG BB . -33.04 -31.11 13.04
C6 NAG BB . -32.35 -30.25 14.08
C7 NAG BB . -32.82 -34.43 8.92
C8 NAG BB . -33.65 -34.91 7.77
N2 NAG BB . -33.46 -33.86 9.91
O3 NAG BB . -33.97 -34.68 12.57
O4 NAG BB . -34.37 -32.76 14.40
O5 NAG BB . -32.15 -31.01 11.91
O6 NAG BB . -31.47 -29.34 13.43
O7 NAG BB . -31.60 -34.55 8.93
C1 NAG BB . -34.16 -32.30 15.80
C2 NAG BB . -35.18 -33.00 16.73
C3 NAG BB . -35.04 -32.45 18.14
C4 NAG BB . -33.60 -32.75 18.59
C5 NAG BB . -32.64 -32.08 17.61
C6 NAG BB . -31.21 -32.35 18.02
C7 NAG BB . -37.49 -33.63 16.35
C8 NAG BB . -38.83 -33.26 15.79
N2 NAG BB . -36.53 -32.75 16.23
O3 NAG BB . -35.96 -33.07 19.03
O4 NAG BB . -33.41 -32.24 19.91
O5 NAG BB . -32.83 -32.57 16.26
O6 NAG BB . -31.01 -32.05 19.40
O7 NAG BB . -37.30 -34.71 16.92
C1 NAG CB . 18.40 -20.38 45.99
C2 NAG CB . 19.09 -19.58 47.14
C3 NAG CB . 19.25 -20.54 48.33
C4 NAG CB . 17.84 -21.00 48.73
C5 NAG CB . 17.19 -21.71 47.55
C6 NAG CB . 15.79 -22.15 47.91
C7 NAG CB . 20.59 -17.83 46.37
C8 NAG CB . 21.97 -17.42 46.02
N2 NAG CB . 20.40 -19.08 46.73
O3 NAG CB . 19.90 -19.89 49.42
O4 NAG CB . 17.94 -21.88 49.84
O5 NAG CB . 17.09 -20.83 46.41
O6 NAG CB . 15.77 -22.80 49.16
O7 NAG CB . 19.64 -17.05 46.33
C1 NAG DB . 18.69 6.59 48.42
C2 NAG DB . 19.34 6.02 49.73
C3 NAG DB . 19.41 7.17 50.73
C4 NAG DB . 20.27 8.26 50.11
C5 NAG DB . 19.63 8.72 48.80
C6 NAG DB . 20.45 9.80 48.16
C7 NAG DB . 19.01 3.71 50.36
C8 NAG DB . 18.09 2.63 50.82
N2 NAG DB . 18.52 4.92 50.23
O3 NAG DB . 20.00 6.71 51.96
O4 NAG DB . 20.36 9.36 51.00
O5 NAG DB . 19.50 7.63 47.86
O6 NAG DB . 20.66 10.88 49.07
O7 NAG DB . 20.20 3.47 50.12
C1 NAG EB . 48.27 -42.28 0.38
C2 NAG EB . 47.68 -42.93 -0.91
C3 NAG EB . 48.76 -43.03 -1.98
C4 NAG EB . 49.18 -41.57 -2.24
C5 NAG EB . 49.72 -40.95 -0.94
C6 NAG EB . 50.17 -39.55 -1.21
C7 NAG EB . 45.85 -44.51 -0.70
C8 NAG EB . 45.33 -45.79 -0.10
N2 NAG EB . 47.12 -44.24 -0.53
O3 NAG EB . 48.23 -43.61 -3.17
O4 NAG EB . 50.19 -41.53 -3.23
O5 NAG EB . 48.70 -40.93 0.10
O6 NAG EB . 50.74 -39.45 -2.51
O7 NAG EB . 45.11 -43.75 -1.33
C1 NAG FB . 40.38 -1.90 -35.14
C2 NAG FB . 40.55 -0.95 -36.38
C3 NAG FB . 41.93 -1.21 -36.96
C4 NAG FB . 42.96 -0.89 -35.87
C5 NAG FB . 42.70 -1.81 -34.67
C6 NAG FB . 43.67 -1.51 -33.55
C7 NAG FB . 38.47 -0.45 -37.53
C8 NAG FB . 37.51 -0.80 -38.63
N2 NAG FB . 39.54 -1.22 -37.40
O3 NAG FB . 42.16 -0.39 -38.11
O4 NAG FB . 44.26 -1.10 -36.37
O5 NAG FB . 41.37 -1.61 -34.15
O6 NAG FB . 44.98 -1.29 -34.06
O7 NAG FB . 38.28 0.50 -36.77
C1 NAG GB . 26.22 20.63 -40.32
C2 NAG GB . 27.32 20.53 -41.43
C3 NAG GB . 27.38 21.89 -42.13
C4 NAG GB . 26.00 22.14 -42.74
C5 NAG GB . 24.96 22.15 -41.63
C6 NAG GB . 23.58 22.40 -42.20
C7 NAG GB . 29.25 19.10 -41.13
C8 NAG GB . 30.50 18.81 -40.39
N2 NAG GB . 28.59 20.20 -40.81
O3 NAG GB . 28.37 21.86 -43.17
O4 NAG GB . 25.99 23.39 -43.40
O5 NAG GB . 24.93 20.89 -40.90
O6 NAG GB . 23.57 23.59 -42.96
O7 NAG GB . 28.83 18.34 -42.02
C1 NAG HB . 10.24 -51.75 -36.14
C2 NAG HB . 9.75 -52.57 -34.90
C3 NAG HB . 8.65 -53.54 -35.32
C4 NAG HB . 7.53 -52.65 -35.87
C5 NAG HB . 8.06 -51.81 -37.05
C6 NAG HB . 6.96 -50.92 -37.59
C7 NAG HB . 11.35 -52.84 -33.11
C8 NAG HB . 12.65 -53.40 -32.64
N2 NAG HB . 10.90 -53.23 -34.30
O3 NAG HB . 8.19 -54.31 -34.20
O4 NAG HB . 6.45 -53.45 -36.30
O5 NAG HB . 9.15 -50.95 -36.64
O6 NAG HB . 5.69 -51.35 -37.14
O7 NAG HB . 10.70 -52.05 -32.43
C1 NAG IB . -37.77 -33.51 -17.93
C2 NAG IB . -39.29 -33.49 -17.57
C3 NAG IB . -39.98 -34.52 -18.46
C4 NAG IB . -39.74 -34.10 -19.92
C5 NAG IB . -38.23 -34.08 -20.19
C6 NAG IB . -37.94 -33.65 -21.60
C7 NAG IB . -39.74 -32.88 -15.26
C8 NAG IB . -40.02 -33.32 -13.86
N2 NAG IB . -39.52 -33.82 -16.17
O3 NAG IB . -41.38 -34.58 -18.19
O4 NAG IB . -40.37 -35.03 -20.79
O5 NAG IB . -37.57 -33.15 -19.30
O6 NAG IB . -38.75 -34.38 -22.51
O7 NAG IB . -39.72 -31.68 -15.59
C1 NAG JB . -50.39 -12.65 -6.26
C2 NAG JB . -51.51 -13.66 -6.67
C3 NAG JB . -52.85 -12.94 -6.56
C4 NAG JB . -53.00 -12.49 -5.11
C5 NAG JB . -51.84 -11.56 -4.75
C6 NAG JB . -51.96 -11.11 -3.31
C7 NAG JB . -51.06 -15.39 -8.30
C8 NAG JB . -50.75 -15.75 -9.71
N2 NAG JB . -51.26 -14.12 -8.03
O3 NAG JB . -53.92 -13.81 -6.92
O4 NAG JB . -54.23 -11.79 -4.95
O5 NAG JB . -50.56 -12.22 -4.90
O6 NAG JB . -53.23 -10.51 -3.10
O7 NAG JB . -51.14 -16.25 -7.42
C1 NAG KB . 0.69 -62.01 15.85
C2 NAG KB . 2.23 -62.31 15.77
C3 NAG KB . 2.69 -62.81 17.13
C4 NAG KB . 2.39 -61.68 18.12
C5 NAG KB . 0.89 -61.37 18.13
C6 NAG KB . 0.58 -60.25 19.09
C7 NAG KB . 3.05 -62.94 13.57
C8 NAG KB . 3.08 -63.97 12.49
N2 NAG KB . 2.45 -63.28 14.71
O3 NAG KB . 4.09 -63.09 17.11
O4 NAG KB . 2.80 -62.07 19.43
O5 NAG KB . 0.45 -60.96 16.81
O6 NAG KB . 1.17 -60.49 20.36
O7 NAG KB . 3.55 -61.83 13.42
#